data_6ZIP
#
_entry.id   6ZIP
#
_cell.length_a   76.873
_cell.length_b   94.838
_cell.length_c   116.106
_cell.angle_alpha   90.212
_cell.angle_beta   90.241
_cell.angle_gamma   91.456
#
_symmetry.space_group_name_H-M   'P 1'
#
loop_
_entity.id
_entity.type
_entity.pdbx_description
1 polymer 'Two-domain laccase'
2 non-polymer 'COPPER (II) ION'
3 non-polymer GLYCEROL
4 non-polymer 'OXYGEN MOLECULE'
5 non-polymer 'PEROXIDE ION'
6 water water
#
_entity_poly.entity_id   1
_entity_poly.type   'polypeptide(L)'
_entity_poly.pdbx_seq_one_letter_code
;MDRRGFNRRVLLGGVAATTSLSIAPEAVSAPESAGTAAAAGAAPAGGEVRRVTMYAERLAGGQMGYGLEKGKASIPGPLI
ELNEGDTLHVEFENTMDVPVSLHVHGLDYEISSDGTKQNKSHVEPGGTRTYTWRTHEPGRRADGTWRAGSAGYWHYHDHV
VGTEHGTGGIRNGLYGPVIVRRKGDVLPDATHTIVFNDMTINNRPAHTGPNFEATVGDRVEIVMITHGEYYHTFHMHGHA
WADNRTGMLTGPDDPSQVIDNKICGPADSFGFQIIAGEGVGAGAWMYHCHVQSHSDMGMVGLFLVKKPDGTIPGYDPQEH
AH
;
_entity_poly.pdbx_strand_id   A,B,C,D,E,F,G,H,I,J,K,L
#
loop_
_chem_comp.id
_chem_comp.type
_chem_comp.name
_chem_comp.formula
CU non-polymer 'COPPER (II) ION' 'Cu 2'
GOL non-polymer GLYCEROL 'C3 H8 O3'
OXY non-polymer 'OXYGEN MOLECULE' O2
PER non-polymer 'PEROXIDE ION' 'O2 -2'
#
# COMPACT_ATOMS: atom_id res chain seq x y z
N ALA A 40 -30.76 25.56 -28.63
CA ALA A 40 -30.81 26.35 -29.85
C ALA A 40 -29.65 27.37 -29.89
N GLY A 41 -29.53 28.08 -31.00
CA GLY A 41 -28.53 29.12 -31.15
C GLY A 41 -27.65 28.91 -32.37
N ALA A 42 -26.88 29.95 -32.69
CA ALA A 42 -25.91 29.87 -33.77
C ALA A 42 -24.66 30.67 -33.39
N ALA A 43 -23.55 30.35 -34.05
CA ALA A 43 -22.26 30.96 -33.69
C ALA A 43 -22.17 32.39 -34.23
N PRO A 44 -21.78 33.35 -33.39
CA PRO A 44 -21.56 34.72 -33.88
C PRO A 44 -20.29 34.82 -34.70
N ALA A 45 -20.27 35.80 -35.61
CA ALA A 45 -19.03 36.17 -36.27
C ALA A 45 -17.97 36.51 -35.24
N GLY A 46 -16.75 36.02 -35.46
CA GLY A 46 -15.68 36.16 -34.49
C GLY A 46 -14.75 37.30 -34.83
N GLY A 47 -13.82 37.56 -33.90
CA GLY A 47 -12.87 38.64 -34.07
C GLY A 47 -12.51 39.27 -32.74
N GLU A 48 -12.95 38.66 -31.64
CA GLU A 48 -12.63 39.13 -30.31
C GLU A 48 -11.23 38.68 -29.87
N VAL A 49 -10.57 39.51 -29.07
CA VAL A 49 -9.32 39.13 -28.41
C VAL A 49 -9.67 38.60 -27.02
N ARG A 50 -9.26 37.38 -26.71
CA ARG A 50 -9.53 36.75 -25.43
C ARG A 50 -8.24 36.37 -24.72
N ARG A 51 -8.28 36.41 -23.38
CA ARG A 51 -7.21 35.97 -22.52
C ARG A 51 -7.77 34.94 -21.56
N VAL A 52 -6.96 33.93 -21.25
CA VAL A 52 -7.39 32.88 -20.33
C VAL A 52 -6.16 32.38 -19.61
N THR A 53 -6.33 32.03 -18.34
CA THR A 53 -5.24 31.47 -17.57
C THR A 53 -5.28 29.96 -17.72
N MET A 54 -4.11 29.35 -17.90
CA MET A 54 -4.01 27.89 -17.97
C MET A 54 -2.87 27.40 -17.11
N TYR A 55 -3.10 26.27 -16.44
CA TYR A 55 -2.12 25.68 -15.54
C TYR A 55 -1.90 24.23 -15.91
N ALA A 56 -0.64 23.79 -15.89
CA ALA A 56 -0.30 22.38 -15.87
C ALA A 56 -0.03 21.98 -14.43
N GLU A 57 -0.76 20.96 -13.95
CA GLU A 57 -0.69 20.53 -12.56
C GLU A 57 -0.57 19.02 -12.49
N ARG A 58 0.25 18.54 -11.56
CA ARG A 58 0.18 17.12 -11.20
C ARG A 58 -1.19 16.84 -10.60
N LEU A 59 -1.75 15.68 -10.97
CA LEU A 59 -2.93 15.09 -10.34
C LEU A 59 -2.56 13.74 -9.73
N ALA A 60 -3.51 13.13 -9.02
CA ALA A 60 -3.23 11.87 -8.36
C ALA A 60 -2.98 10.77 -9.37
N GLY A 61 -2.19 9.78 -8.95
CA GLY A 61 -1.89 8.65 -9.78
C GLY A 61 -0.80 8.91 -10.79
N GLY A 62 0.09 9.86 -10.53
CA GLY A 62 1.12 10.18 -11.51
C GLY A 62 0.60 10.84 -12.76
N GLN A 63 -0.65 11.28 -12.74
CA GLN A 63 -1.26 11.93 -13.87
C GLN A 63 -0.98 13.43 -13.82
N MET A 64 -1.07 14.04 -14.99
CA MET A 64 -0.89 15.48 -15.18
C MET A 64 -2.04 16.00 -16.02
N GLY A 65 -2.43 17.25 -15.74
CA GLY A 65 -3.61 17.79 -16.38
C GLY A 65 -3.50 19.29 -16.51
N TYR A 66 -4.29 19.81 -17.44
CA TYR A 66 -4.45 21.23 -17.64
C TYR A 66 -5.74 21.70 -16.94
N GLY A 67 -5.74 22.97 -16.52
CA GLY A 67 -6.91 23.57 -15.95
C GLY A 67 -6.88 25.07 -16.17
N LEU A 68 -8.07 25.66 -16.12
CA LEU A 68 -8.22 27.11 -16.20
C LEU A 68 -7.98 27.78 -14.86
N GLU A 69 -8.05 27.03 -13.78
CA GLU A 69 -7.90 27.53 -12.44
C GLU A 69 -7.04 26.65 -11.60
N LYS A 70 -6.09 27.20 -10.86
CA LYS A 70 -5.25 26.42 -9.97
C LYS A 70 -6.10 25.53 -9.06
N GLY A 71 -5.68 24.28 -8.92
CA GLY A 71 -6.42 23.29 -8.17
C GLY A 71 -7.58 22.64 -8.89
N LYS A 72 -7.82 22.97 -10.16
CA LYS A 72 -8.99 22.47 -10.87
C LYS A 72 -8.62 21.93 -12.25
N ALA A 73 -7.43 21.39 -12.39
CA ALA A 73 -7.07 20.68 -13.60
C ALA A 73 -7.93 19.42 -13.73
N SER A 74 -8.08 18.96 -14.96
CA SER A 74 -8.99 17.90 -15.35
C SER A 74 -8.38 17.13 -16.51
N ILE A 75 -8.78 15.87 -16.67
CA ILE A 75 -8.41 15.09 -17.85
C ILE A 75 -9.71 14.57 -18.47
N PRO A 76 -10.02 14.92 -19.73
CA PRO A 76 -9.31 15.86 -20.61
C PRO A 76 -9.29 17.28 -20.01
N GLY A 77 -8.36 18.11 -20.49
CA GLY A 77 -8.30 19.49 -20.09
C GLY A 77 -9.55 20.27 -20.48
N PRO A 78 -9.59 21.54 -20.08
CA PRO A 78 -10.79 22.36 -20.30
C PRO A 78 -11.07 22.56 -21.78
N LEU A 79 -12.35 22.59 -22.12
CA LEU A 79 -12.75 22.86 -23.50
C LEU A 79 -12.52 24.33 -23.82
N ILE A 80 -11.86 24.58 -24.94
CA ILE A 80 -11.58 25.93 -25.43
C ILE A 80 -12.49 26.15 -26.62
N GLU A 81 -13.35 27.16 -26.56
CA GLU A 81 -14.28 27.51 -27.63
C GLU A 81 -13.95 28.89 -28.18
N LEU A 82 -13.78 28.97 -29.49
CA LEU A 82 -13.39 30.19 -30.19
C LEU A 82 -14.24 30.31 -31.45
N ASN A 83 -14.55 31.53 -31.84
CA ASN A 83 -15.18 31.78 -33.13
C ASN A 83 -14.15 32.29 -34.13
N GLU A 84 -14.27 31.83 -35.37
CA GLU A 84 -13.29 32.16 -36.40
C GLU A 84 -12.95 33.65 -36.40
N GLY A 85 -11.67 33.93 -36.23
CA GLY A 85 -11.16 35.28 -36.17
C GLY A 85 -10.73 35.68 -34.78
N ASP A 86 -11.19 34.95 -33.76
CA ASP A 86 -10.78 35.23 -32.39
C ASP A 86 -9.28 35.03 -32.23
N THR A 87 -8.73 35.74 -31.28
CA THR A 87 -7.37 35.54 -30.82
C THR A 87 -7.46 35.14 -29.36
N LEU A 88 -6.69 34.13 -28.98
CA LEU A 88 -6.67 33.67 -27.60
C LEU A 88 -5.24 33.76 -27.08
N HIS A 89 -5.04 34.56 -26.04
CA HIS A 89 -3.76 34.63 -25.35
C HIS A 89 -3.87 33.76 -24.12
N VAL A 90 -3.14 32.63 -24.13
CA VAL A 90 -3.18 31.68 -23.04
C VAL A 90 -2.02 32.03 -22.12
N GLU A 91 -2.30 32.54 -20.94
CA GLU A 91 -1.26 32.82 -19.96
C GLU A 91 -1.09 31.52 -19.25
N PHE A 92 0.00 30.86 -19.55
CA PHE A 92 0.24 29.50 -19.13
C PHE A 92 1.24 29.43 -17.98
N GLU A 93 0.90 28.67 -16.94
CA GLU A 93 1.82 28.44 -15.83
C GLU A 93 2.05 26.96 -15.64
N ASN A 94 3.32 26.58 -15.46
CA ASN A 94 3.71 25.21 -15.16
C ASN A 94 3.92 25.08 -13.66
N THR A 95 2.98 24.44 -12.98
CA THR A 95 3.09 24.29 -11.54
C THR A 95 3.78 22.98 -11.15
N MET A 96 4.45 22.31 -12.09
CA MET A 96 5.07 21.02 -11.85
C MET A 96 6.57 21.16 -11.65
N ASP A 97 7.21 20.06 -11.23
CA ASP A 97 8.66 20.03 -11.08
C ASP A 97 9.39 19.63 -12.36
N VAL A 98 8.68 19.45 -13.48
CA VAL A 98 9.31 19.03 -14.73
C VAL A 98 8.83 19.99 -15.80
N PRO A 99 9.56 20.13 -16.89
CA PRO A 99 9.09 21.01 -17.97
C PRO A 99 7.84 20.45 -18.61
N VAL A 100 7.02 21.35 -19.16
CA VAL A 100 5.77 21.02 -19.83
C VAL A 100 5.63 21.96 -21.02
N SER A 101 4.73 21.60 -21.94
CA SER A 101 4.46 22.49 -23.07
C SER A 101 2.98 22.44 -23.43
N LEU A 102 2.56 23.42 -24.23
CA LEU A 102 1.20 23.52 -24.73
C LEU A 102 1.31 23.68 -26.23
N HIS A 103 0.74 22.74 -26.98
CA HIS A 103 0.86 22.70 -28.44
C HIS A 103 -0.50 22.40 -29.04
N VAL A 104 -0.92 23.20 -30.03
CA VAL A 104 -2.30 23.07 -30.51
C VAL A 104 -2.30 22.63 -31.97
N HIS A 105 -3.29 21.83 -32.32
CA HIS A 105 -3.57 21.40 -33.68
C HIS A 105 -4.54 22.37 -34.33
N GLY A 106 -4.27 22.75 -35.58
CA GLY A 106 -5.30 23.40 -36.38
C GLY A 106 -5.35 24.92 -36.32
N LEU A 107 -5.01 25.53 -35.20
CA LEU A 107 -5.11 26.97 -35.10
C LEU A 107 -3.85 27.63 -35.68
N ASP A 108 -3.88 28.94 -35.81
CA ASP A 108 -2.71 29.67 -36.29
C ASP A 108 -1.90 30.11 -35.09
N TYR A 109 -0.62 29.78 -35.11
CA TYR A 109 0.32 30.24 -34.11
C TYR A 109 1.66 30.50 -34.79
N GLU A 110 2.39 31.49 -34.30
CA GLU A 110 3.74 31.60 -34.80
C GLU A 110 4.61 30.58 -34.09
N ILE A 111 5.79 30.31 -34.67
CA ILE A 111 6.65 29.26 -34.14
C ILE A 111 7.00 29.45 -32.66
N SER A 112 6.88 30.67 -32.12
CA SER A 112 7.23 30.88 -30.73
C SER A 112 6.13 30.42 -29.77
N SER A 113 4.94 30.09 -30.29
CA SER A 113 3.86 29.46 -29.53
C SER A 113 3.66 28.02 -29.98
N ASP A 114 4.74 27.43 -30.50
CA ASP A 114 4.77 26.05 -30.98
C ASP A 114 4.64 25.04 -29.85
N GLY A 115 5.16 25.35 -28.67
CA GLY A 115 5.11 24.38 -27.62
C GLY A 115 6.09 23.24 -27.77
N THR A 116 7.14 23.42 -28.56
CA THR A 116 8.15 22.40 -28.73
C THR A 116 9.43 22.85 -28.05
N LYS A 117 10.18 21.90 -27.51
CA LYS A 117 11.49 22.27 -27.00
C LYS A 117 12.42 22.58 -28.15
N GLN A 118 12.17 21.95 -29.31
CA GLN A 118 12.97 22.16 -30.50
C GLN A 118 12.96 23.62 -30.93
N ASN A 119 11.88 24.36 -30.65
CA ASN A 119 11.79 25.79 -30.92
C ASN A 119 11.81 26.63 -29.66
N LYS A 120 12.20 26.05 -28.53
CA LYS A 120 12.40 26.77 -27.27
C LYS A 120 11.12 27.46 -26.78
N SER A 121 9.97 26.79 -26.94
CA SER A 121 8.68 27.33 -26.50
C SER A 121 7.99 26.43 -25.47
N HIS A 122 8.74 25.56 -24.81
CA HIS A 122 8.28 24.85 -23.64
C HIS A 122 8.43 25.75 -22.42
N VAL A 123 7.93 25.26 -21.27
CA VAL A 123 7.86 26.05 -20.04
C VAL A 123 8.61 25.30 -18.94
N GLU A 124 9.65 25.95 -18.41
N GLU A 124 9.66 25.93 -18.42
CA GLU A 124 10.47 25.39 -17.34
CA GLU A 124 10.47 25.28 -17.39
C GLU A 124 9.64 25.14 -16.08
C GLU A 124 9.67 25.15 -16.09
N PRO A 125 10.11 24.27 -15.19
CA PRO A 125 9.34 24.06 -13.94
C PRO A 125 9.16 25.34 -13.17
N GLY A 126 7.91 25.60 -12.77
CA GLY A 126 7.52 26.84 -12.11
C GLY A 126 7.43 28.05 -13.03
N GLY A 127 7.72 27.88 -14.33
CA GLY A 127 7.75 29.02 -15.22
C GLY A 127 6.38 29.40 -15.76
N THR A 128 6.35 30.57 -16.41
CA THR A 128 5.16 31.05 -17.07
C THR A 128 5.54 31.50 -18.48
N ARG A 129 4.52 31.61 -19.33
CA ARG A 129 4.67 32.03 -20.70
C ARG A 129 3.28 32.22 -21.28
N THR A 130 3.16 33.17 -22.22
CA THR A 130 1.90 33.42 -22.90
C THR A 130 1.97 32.79 -24.27
N TYR A 131 1.15 31.76 -24.48
CA TYR A 131 0.98 31.18 -25.81
C TYR A 131 -0.16 31.92 -26.48
N THR A 132 0.03 32.28 -27.75
CA THR A 132 -0.96 33.01 -28.52
C THR A 132 -1.43 32.17 -29.68
N TRP A 133 -2.73 31.95 -29.75
CA TRP A 133 -3.40 31.29 -30.86
C TRP A 133 -4.26 32.32 -31.58
N ARG A 134 -4.26 32.24 -32.90
CA ARG A 134 -5.10 33.05 -33.75
C ARG A 134 -5.92 32.13 -34.64
N THR A 135 -7.07 32.62 -35.07
CA THR A 135 -7.91 31.89 -36.01
C THR A 135 -8.36 32.85 -37.08
N HIS A 136 -8.80 32.29 -38.20
CA HIS A 136 -9.17 33.08 -39.36
C HIS A 136 -10.47 32.57 -39.96
N GLU A 137 -11.18 33.47 -40.65
CA GLU A 137 -12.33 33.14 -41.47
C GLU A 137 -11.87 32.57 -42.80
N PRO A 138 -12.74 31.84 -43.51
CA PRO A 138 -12.43 31.47 -44.89
C PRO A 138 -12.56 32.69 -45.78
N GLY A 139 -12.08 32.55 -47.00
CA GLY A 139 -12.13 33.69 -47.90
C GLY A 139 -11.38 33.42 -49.18
N ARG A 140 -11.66 34.27 -50.15
CA ARG A 140 -11.07 34.19 -51.47
C ARG A 140 -9.71 34.87 -51.45
N ARG A 141 -8.67 34.15 -51.86
CA ARG A 141 -7.34 34.73 -52.00
C ARG A 141 -7.24 35.53 -53.31
N ALA A 142 -6.21 36.37 -53.37
CA ALA A 142 -5.97 37.17 -54.58
C ALA A 142 -5.73 36.29 -55.79
N ASP A 143 -4.90 35.25 -55.65
CA ASP A 143 -4.74 34.28 -56.72
C ASP A 143 -6.03 33.56 -57.09
N GLY A 144 -7.13 33.80 -56.37
CA GLY A 144 -8.42 33.23 -56.72
C GLY A 144 -8.79 31.95 -56.01
N THR A 145 -7.83 31.29 -55.35
CA THR A 145 -8.12 30.04 -54.67
C THR A 145 -8.91 30.32 -53.41
N TRP A 146 -9.44 29.26 -52.80
CA TRP A 146 -10.23 29.40 -51.59
C TRP A 146 -9.43 28.98 -50.36
N ARG A 147 -9.22 29.92 -49.43
CA ARG A 147 -8.52 29.66 -48.17
C ARG A 147 -9.52 29.14 -47.13
N ALA A 148 -9.31 27.92 -46.67
CA ALA A 148 -10.23 27.36 -45.68
C ALA A 148 -10.11 28.10 -44.35
N GLY A 149 -11.20 28.10 -43.60
CA GLY A 149 -11.17 28.71 -42.29
C GLY A 149 -10.55 27.77 -41.25
N SER A 150 -10.44 28.29 -40.01
CA SER A 150 -9.95 27.52 -38.88
C SER A 150 -11.02 26.65 -38.23
N ALA A 151 -12.28 26.82 -38.58
CA ALA A 151 -13.36 26.09 -37.92
C ALA A 151 -13.13 24.59 -37.97
N GLY A 152 -13.30 23.94 -36.82
CA GLY A 152 -13.26 22.49 -36.76
C GLY A 152 -13.14 21.98 -35.34
N TYR A 153 -12.92 20.67 -35.24
CA TYR A 153 -12.72 19.97 -33.98
C TYR A 153 -11.23 19.69 -33.85
N TRP A 154 -10.60 20.34 -32.87
CA TRP A 154 -9.15 20.35 -32.70
C TRP A 154 -8.79 20.00 -31.25
N HIS A 155 -7.52 20.12 -30.91
CA HIS A 155 -7.07 19.70 -29.59
C HIS A 155 -5.69 20.28 -29.33
N TYR A 156 -5.35 20.36 -28.05
CA TYR A 156 -4.03 20.76 -27.59
C TYR A 156 -3.47 19.63 -26.74
N HIS A 157 -2.13 19.53 -26.70
CA HIS A 157 -1.53 18.49 -25.86
C HIS A 157 -0.09 18.87 -25.55
N ASP A 158 0.47 18.20 -24.55
CA ASP A 158 1.88 18.39 -24.19
C ASP A 158 2.81 17.85 -25.29
N HIS A 159 3.99 18.47 -25.38
CA HIS A 159 4.99 18.09 -26.35
C HIS A 159 6.37 17.82 -25.75
N VAL A 160 6.54 17.90 -24.43
CA VAL A 160 7.90 17.78 -23.90
C VAL A 160 8.02 16.83 -22.71
N VAL A 161 6.91 16.34 -22.15
CA VAL A 161 7.03 15.48 -20.97
C VAL A 161 7.33 14.05 -21.42
N GLY A 162 8.39 13.48 -20.85
CA GLY A 162 8.81 12.13 -21.18
C GLY A 162 9.68 12.00 -22.41
N THR A 163 9.23 12.56 -23.54
CA THR A 163 10.01 12.65 -24.77
C THR A 163 9.84 14.04 -25.37
N GLU A 164 10.59 14.32 -26.43
CA GLU A 164 10.44 15.58 -27.14
C GLU A 164 9.22 15.62 -28.07
N HIS A 165 8.36 14.60 -28.00
CA HIS A 165 7.05 14.61 -28.61
C HIS A 165 5.91 14.48 -27.57
N GLY A 166 6.21 14.68 -26.29
CA GLY A 166 5.15 14.64 -25.29
C GLY A 166 4.54 13.28 -25.03
N THR A 167 5.29 12.19 -25.29
CA THR A 167 4.71 10.86 -25.11
C THR A 167 4.34 10.61 -23.64
N GLY A 168 5.17 11.04 -22.70
CA GLY A 168 4.83 10.86 -21.29
C GLY A 168 3.68 11.76 -20.83
N GLY A 169 3.67 13.02 -21.30
CA GLY A 169 2.66 13.95 -20.84
C GLY A 169 1.30 13.66 -21.41
N ILE A 170 1.25 13.23 -22.66
CA ILE A 170 0.01 12.72 -23.24
C ILE A 170 -0.48 11.52 -22.47
N ARG A 171 0.43 10.60 -22.14
CA ARG A 171 0.06 9.38 -21.45
C ARG A 171 -0.44 9.70 -20.03
N ASN A 172 0.10 10.75 -19.41
CA ASN A 172 -0.31 11.16 -18.08
C ASN A 172 -1.60 11.99 -18.08
N GLY A 173 -2.04 12.50 -19.23
CA GLY A 173 -3.33 13.16 -19.30
C GLY A 173 -3.34 14.58 -19.83
N LEU A 174 -2.20 15.04 -20.37
CA LEU A 174 -2.08 16.43 -20.83
C LEU A 174 -2.59 16.52 -22.25
N TYR A 175 -3.92 16.61 -22.38
CA TYR A 175 -4.57 16.84 -23.66
C TYR A 175 -5.95 17.45 -23.38
N GLY A 176 -6.45 18.19 -24.34
CA GLY A 176 -7.75 18.82 -24.20
C GLY A 176 -8.37 19.21 -25.54
N PRO A 177 -9.69 19.42 -25.55
CA PRO A 177 -10.40 19.77 -26.78
C PRO A 177 -10.42 21.26 -27.07
N VAL A 178 -10.36 21.57 -28.37
CA VAL A 178 -10.56 22.92 -28.91
C VAL A 178 -11.62 22.84 -30.01
N ILE A 179 -12.68 23.63 -29.87
CA ILE A 179 -13.69 23.79 -30.93
C ILE A 179 -13.58 25.21 -31.46
N VAL A 180 -13.45 25.34 -32.78
CA VAL A 180 -13.49 26.63 -33.45
C VAL A 180 -14.72 26.63 -34.34
N ARG A 181 -15.58 27.62 -34.14
CA ARG A 181 -16.87 27.67 -34.83
C ARG A 181 -16.84 28.68 -35.96
N ARG A 182 -17.50 28.33 -37.07
CA ARG A 182 -17.81 29.25 -38.15
C ARG A 182 -19.12 29.98 -37.86
N LYS A 183 -19.20 31.24 -38.29
CA LYS A 183 -20.42 32.01 -38.08
C LYS A 183 -21.61 31.28 -38.68
N GLY A 184 -22.68 31.21 -37.91
CA GLY A 184 -23.86 30.47 -38.31
C GLY A 184 -23.91 29.04 -37.84
N ASP A 185 -22.79 28.48 -37.38
CA ASP A 185 -22.73 27.11 -36.88
C ASP A 185 -23.79 26.87 -35.81
N VAL A 186 -24.46 25.72 -35.90
CA VAL A 186 -25.49 25.37 -34.93
C VAL A 186 -24.85 25.12 -33.57
N LEU A 187 -25.44 25.71 -32.51
CA LEU A 187 -24.83 25.43 -31.23
C LEU A 187 -25.58 24.32 -30.51
N PRO A 188 -24.90 23.53 -29.68
CA PRO A 188 -25.53 22.39 -29.01
C PRO A 188 -26.07 22.73 -27.62
N ASP A 189 -26.84 21.80 -27.06
CA ASP A 189 -27.24 21.93 -25.67
C ASP A 189 -26.18 21.43 -24.71
N ALA A 190 -25.24 20.60 -25.19
CA ALA A 190 -24.19 20.06 -24.35
C ALA A 190 -23.11 19.50 -25.26
N THR A 191 -21.89 19.49 -24.75
CA THR A 191 -20.72 19.01 -25.48
C THR A 191 -19.98 18.05 -24.58
N HIS A 192 -19.67 16.87 -25.09
CA HIS A 192 -18.93 15.88 -24.33
C HIS A 192 -17.68 15.49 -25.11
N THR A 193 -16.56 15.34 -24.39
CA THR A 193 -15.29 15.05 -25.03
C THR A 193 -14.89 13.63 -24.69
N ILE A 194 -14.60 12.83 -25.72
CA ILE A 194 -14.27 11.42 -25.56
C ILE A 194 -12.89 11.21 -26.16
N VAL A 195 -11.93 10.89 -25.32
CA VAL A 195 -10.56 10.73 -25.80
C VAL A 195 -10.19 9.27 -25.64
N PHE A 196 -9.84 8.65 -26.77
CA PHE A 196 -9.25 7.31 -26.76
C PHE A 196 -7.75 7.49 -26.56
N ASN A 197 -7.26 7.27 -25.33
CA ASN A 197 -5.84 7.49 -25.03
C ASN A 197 -5.20 6.14 -24.71
N ASP A 198 -4.40 5.64 -25.65
CA ASP A 198 -3.95 4.25 -25.65
C ASP A 198 -5.16 3.38 -25.44
N MET A 199 -5.21 2.60 -24.35
CA MET A 199 -6.32 1.69 -24.10
C MET A 199 -7.30 2.22 -23.05
N THR A 200 -7.35 3.54 -22.83
CA THR A 200 -8.33 4.08 -21.90
C THR A 200 -9.26 5.02 -22.65
N ILE A 201 -10.34 5.41 -21.97
CA ILE A 201 -11.13 6.56 -22.38
C ILE A 201 -10.93 7.63 -21.32
N ASN A 202 -10.36 8.78 -21.72
CA ASN A 202 -10.13 9.90 -20.80
C ASN A 202 -9.30 9.48 -19.60
N ASN A 203 -8.34 8.55 -19.81
CA ASN A 203 -7.44 8.09 -18.77
C ASN A 203 -8.18 7.36 -17.66
N ARG A 204 -9.44 6.94 -17.87
CA ARG A 204 -10.21 6.26 -16.85
C ARG A 204 -9.87 4.78 -16.79
N PRO A 205 -9.99 4.15 -15.61
CA PRO A 205 -9.75 2.71 -15.51
C PRO A 205 -10.71 1.92 -16.38
N ALA A 206 -10.29 0.68 -16.65
CA ALA A 206 -11.06 -0.21 -17.52
C ALA A 206 -12.50 -0.32 -17.06
N HIS A 207 -13.44 -0.10 -17.98
CA HIS A 207 -14.86 -0.32 -17.71
C HIS A 207 -15.41 0.70 -16.72
N THR A 208 -15.00 1.95 -16.84
CA THR A 208 -15.49 2.93 -15.87
C THR A 208 -15.93 4.19 -16.58
N GLY A 209 -16.62 4.01 -17.70
CA GLY A 209 -17.17 5.14 -18.40
C GLY A 209 -16.08 5.87 -19.12
N PRO A 210 -16.25 7.17 -19.32
CA PRO A 210 -17.32 7.93 -18.68
C PRO A 210 -18.69 7.73 -19.33
N ASN A 211 -19.75 7.86 -18.54
CA ASN A 211 -21.09 7.94 -19.09
C ASN A 211 -21.49 9.40 -19.23
N PHE A 212 -22.42 9.63 -20.15
CA PHE A 212 -22.96 10.96 -20.39
C PHE A 212 -24.47 10.85 -20.47
N GLU A 213 -25.15 11.87 -20.01
CA GLU A 213 -26.60 11.89 -19.92
C GLU A 213 -27.19 12.94 -20.84
N ALA A 214 -28.33 12.61 -21.42
CA ALA A 214 -29.09 13.59 -22.15
C ALA A 214 -30.57 13.25 -22.01
N THR A 215 -31.42 14.20 -22.39
CA THR A 215 -32.84 13.96 -22.57
C THR A 215 -33.14 13.80 -24.05
N VAL A 216 -34.08 12.90 -24.38
CA VAL A 216 -34.52 12.73 -25.77
C VAL A 216 -34.77 14.08 -26.40
N GLY A 217 -34.23 14.29 -27.60
CA GLY A 217 -34.36 15.54 -28.29
C GLY A 217 -33.25 16.54 -28.04
N ASP A 218 -32.52 16.44 -26.91
CA ASP A 218 -31.35 17.30 -26.68
C ASP A 218 -30.41 17.24 -27.87
N ARG A 219 -29.85 18.40 -28.25
CA ARG A 219 -28.85 18.44 -29.31
C ARG A 219 -27.47 18.29 -28.66
N VAL A 220 -26.83 17.13 -28.85
CA VAL A 220 -25.64 16.74 -28.12
C VAL A 220 -24.43 16.79 -29.05
N GLU A 221 -23.37 17.44 -28.59
CA GLU A 221 -22.13 17.54 -29.35
C GLU A 221 -21.08 16.63 -28.74
N ILE A 222 -20.43 15.84 -29.59
CA ILE A 222 -19.36 14.92 -29.21
C ILE A 222 -18.07 15.41 -29.83
N VAL A 223 -17.07 15.64 -29.00
CA VAL A 223 -15.72 15.84 -29.49
C VAL A 223 -14.97 14.54 -29.23
N MET A 224 -14.41 14.00 -30.27
CA MET A 224 -13.62 12.78 -30.20
CA MET A 224 -13.66 12.74 -30.22
C MET A 224 -12.08 12.82 -30.68
N ILE A 225 -11.22 12.51 -29.73
CA ILE A 225 -9.79 12.68 -29.89
C ILE A 225 -9.13 11.34 -29.59
N THR A 226 -8.05 11.04 -30.31
CA THR A 226 -7.30 9.81 -30.07
C THR A 226 -5.87 10.17 -29.77
N HIS A 227 -5.20 9.32 -28.99
CA HIS A 227 -3.83 9.58 -28.59
C HIS A 227 -3.11 8.27 -28.36
N GLY A 228 -1.79 8.29 -28.49
CA GLY A 228 -0.94 7.22 -28.00
C GLY A 228 -0.38 6.34 -29.12
N GLU A 229 -0.55 5.02 -28.98
CA GLU A 229 0.09 4.07 -29.89
C GLU A 229 -0.86 3.32 -30.81
N TYR A 230 -2.15 3.31 -30.52
CA TYR A 230 -3.08 2.35 -31.13
C TYR A 230 -4.09 3.03 -32.04
N TYR A 231 -4.46 2.34 -33.11
CA TYR A 231 -5.62 2.72 -33.90
C TYR A 231 -6.88 2.20 -33.20
N HIS A 232 -7.98 2.95 -33.31
CA HIS A 232 -9.26 2.52 -32.74
C HIS A 232 -10.37 2.69 -33.76
N THR A 233 -11.55 2.13 -33.42
CA THR A 233 -12.77 2.49 -34.14
C THR A 233 -13.83 2.91 -33.15
N PHE A 234 -14.27 4.16 -33.27
CA PHE A 234 -15.27 4.74 -32.40
C PHE A 234 -16.67 4.47 -32.96
N HIS A 235 -17.55 3.93 -32.10
CA HIS A 235 -18.90 3.47 -32.45
C HIS A 235 -19.91 3.91 -31.39
N MET A 236 -21.04 4.46 -31.85
CA MET A 236 -22.18 4.80 -31.01
C MET A 236 -23.37 3.91 -31.39
N HIS A 237 -23.91 3.16 -30.43
CA HIS A 237 -25.18 2.51 -30.70
C HIS A 237 -26.29 3.54 -30.85
N GLY A 238 -27.17 3.31 -31.83
CA GLY A 238 -28.41 4.07 -31.94
C GLY A 238 -28.31 5.43 -32.57
N HIS A 239 -27.11 5.90 -32.91
CA HIS A 239 -26.90 7.27 -33.39
C HIS A 239 -25.85 7.26 -34.50
N ALA A 240 -26.12 7.93 -35.60
CA ALA A 240 -25.20 8.06 -36.71
C ALA A 240 -24.91 9.53 -36.97
N TRP A 241 -23.81 9.82 -37.67
CA TRP A 241 -23.49 11.22 -37.95
C TRP A 241 -22.90 11.28 -39.35
N ALA A 242 -22.71 12.51 -39.84
CA ALA A 242 -22.10 12.71 -41.16
C ALA A 242 -20.61 12.90 -41.00
N ASP A 243 -19.85 12.25 -41.88
CA ASP A 243 -18.40 12.34 -41.83
C ASP A 243 -17.94 13.57 -42.58
N ASN A 244 -18.12 14.73 -41.95
CA ASN A 244 -17.68 16.00 -42.54
C ASN A 244 -17.29 16.94 -41.40
N ARG A 245 -17.17 18.24 -41.69
CA ARG A 245 -16.62 19.16 -40.69
C ARG A 245 -17.51 19.28 -39.45
N THR A 246 -18.82 19.41 -39.62
CA THR A 246 -19.69 19.63 -38.47
C THR A 246 -20.33 18.35 -37.94
N GLY A 247 -20.21 17.25 -38.67
CA GLY A 247 -20.94 16.04 -38.39
C GLY A 247 -22.39 16.04 -38.80
N MET A 248 -22.86 17.10 -39.47
CA MET A 248 -24.22 17.18 -40.00
C MET A 248 -24.17 17.45 -41.50
N LEU A 249 -24.96 16.72 -42.27
CA LEU A 249 -25.08 17.04 -43.69
C LEU A 249 -25.48 18.51 -43.86
N THR A 250 -24.87 19.17 -44.84
CA THR A 250 -25.22 20.58 -45.08
C THR A 250 -26.62 20.76 -45.63
N GLY A 251 -27.17 19.73 -46.28
CA GLY A 251 -28.45 19.80 -46.93
C GLY A 251 -28.57 18.60 -47.85
N PRO A 252 -29.60 18.57 -48.69
CA PRO A 252 -29.74 17.43 -49.62
C PRO A 252 -28.60 17.28 -50.62
N ASP A 253 -27.72 18.27 -50.80
CA ASP A 253 -26.64 18.15 -51.78
C ASP A 253 -25.34 17.59 -51.20
N ASP A 254 -25.31 17.37 -49.91
CA ASP A 254 -24.08 16.97 -49.23
C ASP A 254 -23.85 15.48 -49.45
N PRO A 255 -22.75 15.09 -50.09
CA PRO A 255 -22.49 13.67 -50.35
C PRO A 255 -21.71 12.92 -49.28
N SER A 256 -21.36 13.57 -48.15
CA SER A 256 -20.61 12.90 -47.09
C SER A 256 -21.28 11.60 -46.65
N GLN A 257 -20.47 10.57 -46.48
CA GLN A 257 -21.00 9.30 -45.98
C GLN A 257 -21.59 9.50 -44.58
N VAL A 258 -22.66 8.77 -44.32
CA VAL A 258 -23.29 8.74 -43.02
C VAL A 258 -22.85 7.45 -42.35
N ILE A 259 -22.32 7.56 -41.13
CA ILE A 259 -21.63 6.46 -40.49
C ILE A 259 -22.02 6.43 -39.01
N ASP A 260 -21.81 5.27 -38.41
CA ASP A 260 -21.83 5.16 -36.95
C ASP A 260 -20.55 4.53 -36.42
N ASN A 261 -19.49 4.46 -37.24
CA ASN A 261 -18.29 3.72 -36.89
C ASN A 261 -17.13 4.39 -37.63
N LYS A 262 -16.08 4.78 -36.92
CA LYS A 262 -15.02 5.56 -37.58
C LYS A 262 -13.65 5.16 -37.07
N ILE A 263 -12.76 4.77 -37.99
CA ILE A 263 -11.40 4.47 -37.59
C ILE A 263 -10.71 5.78 -37.29
N CYS A 264 -9.80 5.75 -36.31
CA CYS A 264 -9.12 6.96 -35.90
C CYS A 264 -7.80 6.54 -35.25
N GLY A 265 -6.80 7.42 -35.33
CA GLY A 265 -5.50 7.09 -34.80
C GLY A 265 -4.91 8.25 -34.01
N PRO A 266 -3.73 8.03 -33.45
CA PRO A 266 -3.09 9.06 -32.59
C PRO A 266 -3.14 10.45 -33.18
N ALA A 267 -3.77 11.35 -32.44
CA ALA A 267 -3.90 12.79 -32.68
C ALA A 267 -4.96 13.11 -33.72
N ASP A 268 -5.73 12.13 -34.18
CA ASP A 268 -6.91 12.45 -34.96
C ASP A 268 -7.93 13.15 -34.07
N SER A 269 -8.73 14.03 -34.67
CA SER A 269 -9.77 14.68 -33.89
C SER A 269 -10.94 14.93 -34.82
N PHE A 270 -12.15 14.64 -34.35
CA PHE A 270 -13.34 14.94 -35.13
C PHE A 270 -14.48 15.20 -34.18
N GLY A 271 -15.55 15.79 -34.70
CA GLY A 271 -16.73 16.02 -33.90
C GLY A 271 -17.99 15.85 -34.71
N PHE A 272 -19.10 15.75 -33.99
CA PHE A 272 -20.42 15.70 -34.60
C PHE A 272 -21.47 16.15 -33.60
N GLN A 273 -22.67 16.39 -34.11
CA GLN A 273 -23.84 16.70 -33.30
C GLN A 273 -24.95 15.73 -33.65
N ILE A 274 -25.60 15.17 -32.64
CA ILE A 274 -26.71 14.25 -32.82
C ILE A 274 -27.87 14.74 -31.98
N ILE A 275 -29.08 14.31 -32.34
CA ILE A 275 -30.27 14.56 -31.54
C ILE A 275 -30.47 13.33 -30.65
N ALA A 276 -30.37 13.50 -29.33
CA ALA A 276 -30.43 12.36 -28.40
C ALA A 276 -31.67 11.53 -28.64
N GLY A 277 -31.48 10.24 -28.86
CA GLY A 277 -32.60 9.33 -29.06
C GLY A 277 -33.37 9.46 -30.35
N GLU A 278 -32.97 10.36 -31.25
CA GLU A 278 -33.72 10.59 -32.49
C GLU A 278 -33.93 9.30 -33.26
N GLY A 279 -35.21 8.98 -33.50
CA GLY A 279 -35.60 7.76 -34.17
C GLY A 279 -35.47 6.49 -33.36
N VAL A 280 -34.99 6.55 -32.11
CA VAL A 280 -34.65 5.30 -31.42
C VAL A 280 -35.14 5.32 -29.98
N GLY A 281 -35.30 6.53 -29.41
CA GLY A 281 -35.89 6.67 -28.09
C GLY A 281 -34.88 6.64 -26.96
N ALA A 282 -35.41 6.55 -25.74
CA ALA A 282 -34.60 6.56 -24.53
C ALA A 282 -33.91 5.21 -24.32
N GLY A 283 -32.83 5.25 -23.56
CA GLY A 283 -32.16 4.03 -23.16
C GLY A 283 -30.70 4.25 -22.85
N ALA A 284 -30.07 3.18 -22.39
CA ALA A 284 -28.64 3.16 -22.08
C ALA A 284 -27.92 2.72 -23.35
N TRP A 285 -27.60 3.70 -24.20
CA TRP A 285 -27.00 3.48 -25.52
C TRP A 285 -25.48 3.38 -25.41
N MET A 286 -24.93 2.19 -25.68
CA MET A 286 -23.49 2.01 -25.55
C MET A 286 -22.72 2.81 -26.59
N TYR A 287 -21.56 3.35 -26.18
CA TYR A 287 -20.51 3.72 -27.13
C TYR A 287 -19.23 3.01 -26.73
N HIS A 288 -18.39 2.69 -27.70
CA HIS A 288 -17.18 1.93 -27.40
C HIS A 288 -16.26 1.92 -28.61
N CYS A 289 -14.97 1.61 -28.35
CA CYS A 289 -14.11 1.14 -29.41
C CYS A 289 -14.61 -0.20 -29.90
N HIS A 290 -14.65 -0.36 -31.22
CA HIS A 290 -15.15 -1.61 -31.73
C HIS A 290 -14.06 -2.64 -32.00
N VAL A 291 -12.77 -2.27 -31.88
CA VAL A 291 -11.70 -3.27 -31.84
C VAL A 291 -12.09 -4.21 -30.70
N GLN A 292 -12.20 -5.50 -31.03
CA GLN A 292 -12.95 -6.42 -30.17
C GLN A 292 -12.30 -6.58 -28.79
N SER A 293 -10.98 -6.78 -28.73
CA SER A 293 -10.32 -6.90 -27.43
C SER A 293 -10.36 -5.60 -26.66
N HIS A 294 -10.35 -4.47 -27.38
CA HIS A 294 -10.42 -3.18 -26.72
C HIS A 294 -11.74 -2.99 -25.96
N SER A 295 -12.87 -3.31 -26.61
CA SER A 295 -14.15 -3.26 -25.90
C SER A 295 -14.18 -4.28 -24.76
N ASP A 296 -13.68 -5.49 -25.03
CA ASP A 296 -13.64 -6.52 -24.01
C ASP A 296 -12.81 -6.10 -22.79
N MET A 297 -11.77 -5.29 -22.99
CA MET A 297 -10.94 -4.91 -21.86
C MET A 297 -11.18 -3.48 -21.39
N GLY A 298 -12.34 -2.91 -21.69
CA GLY A 298 -12.75 -1.79 -20.88
C GLY A 298 -13.10 -0.52 -21.59
N MET A 299 -12.81 -0.44 -22.90
CA MET A 299 -12.99 0.78 -23.68
C MET A 299 -14.46 0.94 -24.09
N VAL A 300 -15.34 1.02 -23.08
CA VAL A 300 -16.78 1.10 -23.25
C VAL A 300 -17.34 2.19 -22.33
N GLY A 301 -18.40 2.85 -22.78
CA GLY A 301 -19.12 3.77 -21.92
C GLY A 301 -20.57 3.86 -22.36
N LEU A 302 -21.33 4.72 -21.69
CA LEU A 302 -22.78 4.79 -21.88
C LEU A 302 -23.25 6.19 -22.17
N PHE A 303 -24.15 6.32 -23.14
CA PHE A 303 -24.85 7.56 -23.50
C PHE A 303 -26.28 7.34 -23.03
N LEU A 304 -26.55 7.73 -21.79
CA LEU A 304 -27.82 7.52 -21.12
C LEU A 304 -28.81 8.57 -21.61
N VAL A 305 -29.77 8.16 -22.42
CA VAL A 305 -30.76 9.07 -22.97
C VAL A 305 -32.05 8.88 -22.17
N LYS A 306 -32.46 9.94 -21.49
CA LYS A 306 -33.59 9.89 -20.57
C LYS A 306 -34.86 10.36 -21.25
N LYS A 307 -35.98 9.74 -20.89
CA LYS A 307 -37.27 10.34 -21.19
C LYS A 307 -37.40 11.68 -20.44
N PRO A 308 -38.32 12.54 -20.87
CA PRO A 308 -38.55 13.80 -20.15
C PRO A 308 -38.76 13.65 -18.65
N ASP A 309 -39.41 12.58 -18.19
CA ASP A 309 -39.58 12.40 -16.76
C ASP A 309 -38.30 11.93 -16.08
N GLY A 310 -37.18 11.82 -16.80
CA GLY A 310 -35.92 11.44 -16.19
C GLY A 310 -35.61 9.96 -16.20
N THR A 311 -36.49 9.12 -16.74
CA THR A 311 -36.30 7.68 -16.64
C THR A 311 -35.59 7.12 -17.87
N ILE A 312 -34.96 5.97 -17.68
CA ILE A 312 -34.19 5.30 -18.71
C ILE A 312 -34.69 3.86 -18.75
N PRO A 313 -35.63 3.53 -19.62
CA PRO A 313 -36.28 2.22 -19.56
C PRO A 313 -35.29 1.09 -19.82
N GLY A 314 -35.30 0.10 -18.93
CA GLY A 314 -34.48 -1.08 -19.12
C GLY A 314 -33.02 -0.89 -18.75
N TYR A 315 -32.71 0.14 -17.98
CA TYR A 315 -31.34 0.39 -17.54
C TYR A 315 -31.17 -0.14 -16.12
N ASP A 316 -30.14 -0.98 -15.93
CA ASP A 316 -29.96 -1.78 -14.72
C ASP A 316 -28.50 -2.12 -14.54
N PRO A 317 -27.70 -1.24 -13.93
CA PRO A 317 -26.35 -1.68 -13.56
C PRO A 317 -26.32 -2.40 -12.21
N ALA B 40 -3.57 32.43 -60.51
CA ALA B 40 -2.84 31.22 -60.17
C ALA B 40 -2.88 30.22 -61.33
N GLY B 41 -1.69 29.85 -61.83
CA GLY B 41 -1.61 29.00 -63.01
C GLY B 41 -2.27 27.66 -62.81
N ALA B 42 -2.77 27.10 -63.91
CA ALA B 42 -3.66 25.94 -63.85
C ALA B 42 -3.23 24.86 -64.84
N ALA B 43 -3.69 23.65 -64.54
CA ALA B 43 -3.45 22.52 -65.42
C ALA B 43 -4.23 22.69 -66.72
N PRO B 44 -3.65 22.32 -67.87
CA PRO B 44 -4.39 22.37 -69.13
C PRO B 44 -5.22 21.10 -69.28
N ALA B 45 -6.09 21.09 -70.29
CA ALA B 45 -6.74 19.83 -70.61
C ALA B 45 -5.68 18.85 -71.09
N GLY B 46 -5.90 17.56 -70.82
CA GLY B 46 -4.97 16.54 -71.19
C GLY B 46 -5.23 15.99 -72.58
N GLY B 47 -4.46 14.98 -72.94
CA GLY B 47 -4.68 14.27 -74.18
C GLY B 47 -3.39 14.02 -74.93
N GLU B 48 -2.26 14.38 -74.32
CA GLU B 48 -0.96 14.10 -74.94
C GLU B 48 -0.56 12.66 -74.69
N VAL B 49 0.14 12.08 -75.66
CA VAL B 49 0.74 10.76 -75.51
C VAL B 49 2.20 10.94 -75.10
N ARG B 50 2.54 10.61 -73.87
CA ARG B 50 3.91 10.77 -73.37
C ARG B 50 4.61 9.42 -73.32
N ARG B 51 5.93 9.46 -73.42
CA ARG B 51 6.78 8.28 -73.41
C ARG B 51 7.98 8.60 -72.54
N VAL B 52 8.33 7.69 -71.64
CA VAL B 52 9.56 7.80 -70.85
C VAL B 52 10.22 6.43 -70.82
N THR B 53 11.48 6.41 -70.42
CA THR B 53 12.15 5.16 -70.10
C THR B 53 12.27 5.09 -68.59
N MET B 54 12.09 3.89 -68.05
CA MET B 54 12.28 3.69 -66.63
C MET B 54 13.09 2.42 -66.43
N TYR B 55 13.96 2.44 -65.44
CA TYR B 55 14.77 1.30 -65.09
C TYR B 55 14.54 0.96 -63.63
N ALA B 56 14.60 -0.32 -63.29
CA ALA B 56 14.77 -0.76 -61.92
C ALA B 56 16.25 -1.09 -61.73
N GLU B 57 16.85 -0.61 -60.65
CA GLU B 57 18.26 -0.81 -60.39
C GLU B 57 18.47 -1.09 -58.91
N ARG B 58 19.45 -1.95 -58.62
CA ARG B 58 19.95 -2.09 -57.26
C ARG B 58 20.66 -0.80 -56.84
N LEU B 59 20.48 -0.43 -55.58
CA LEU B 59 21.11 0.76 -55.01
C LEU B 59 21.90 0.36 -53.78
N ALA B 60 22.72 1.28 -53.29
CA ALA B 60 23.55 0.99 -52.12
C ALA B 60 22.68 0.60 -50.93
N GLY B 61 23.25 -0.22 -50.06
CA GLY B 61 22.51 -0.67 -48.89
C GLY B 61 21.49 -1.75 -49.16
N GLY B 62 21.69 -2.55 -50.21
CA GLY B 62 20.74 -3.59 -50.53
C GLY B 62 19.37 -3.04 -50.87
N GLN B 63 19.34 -1.91 -51.54
CA GLN B 63 18.10 -1.24 -51.88
C GLN B 63 17.79 -1.45 -53.35
N MET B 64 16.59 -1.05 -53.73
CA MET B 64 16.17 -1.08 -55.12
C MET B 64 15.37 0.17 -55.37
N GLY B 65 15.55 0.75 -56.56
CA GLY B 65 14.83 1.95 -56.92
C GLY B 65 14.55 2.04 -58.41
N TYR B 66 13.63 2.94 -58.72
CA TYR B 66 13.26 3.34 -60.06
C TYR B 66 13.98 4.63 -60.43
N GLY B 67 14.29 4.78 -61.72
CA GLY B 67 14.75 6.05 -62.26
C GLY B 67 14.47 6.15 -63.74
N LEU B 68 14.50 7.38 -64.24
CA LEU B 68 14.26 7.62 -65.67
C LEU B 68 15.52 7.50 -66.51
N GLU B 69 16.69 7.47 -65.90
CA GLU B 69 17.95 7.27 -66.59
C GLU B 69 18.76 6.21 -65.87
N LYS B 70 19.45 5.37 -66.65
CA LYS B 70 20.31 4.33 -66.11
C LYS B 70 21.29 4.94 -65.12
N GLY B 71 21.40 4.32 -63.94
CA GLY B 71 22.29 4.82 -62.93
C GLY B 71 21.81 6.00 -62.14
N LYS B 72 20.54 6.39 -62.29
CA LYS B 72 19.96 7.53 -61.58
C LYS B 72 18.70 7.18 -60.81
N ALA B 73 18.56 5.91 -60.41
CA ALA B 73 17.37 5.52 -59.65
C ALA B 73 17.35 6.23 -58.30
N SER B 74 16.16 6.40 -57.76
CA SER B 74 15.94 7.06 -56.49
C SER B 74 14.87 6.32 -55.72
N ILE B 75 14.78 6.65 -54.44
CA ILE B 75 13.73 6.19 -53.52
C ILE B 75 13.23 7.46 -52.81
N PRO B 76 12.01 7.92 -53.04
CA PRO B 76 10.96 7.34 -53.88
C PRO B 76 11.33 7.51 -55.36
N GLY B 77 10.74 6.72 -56.24
CA GLY B 77 11.00 6.83 -57.65
C GLY B 77 10.63 8.19 -58.19
N PRO B 78 10.96 8.45 -59.45
CA PRO B 78 10.67 9.76 -60.02
C PRO B 78 9.18 10.04 -60.04
N LEU B 79 8.84 11.29 -59.79
CA LEU B 79 7.44 11.68 -59.84
C LEU B 79 6.95 11.75 -61.28
N ILE B 80 5.89 11.01 -61.58
CA ILE B 80 5.24 11.07 -62.88
C ILE B 80 4.00 11.94 -62.73
N GLU B 81 3.88 12.97 -63.57
CA GLU B 81 2.71 13.84 -63.60
C GLU B 81 2.01 13.72 -64.94
N LEU B 82 0.69 13.58 -64.90
CA LEU B 82 -0.14 13.49 -66.09
C LEU B 82 -1.31 14.44 -65.96
N ASN B 83 -1.78 14.87 -67.13
CA ASN B 83 -3.01 15.62 -67.27
C ASN B 83 -4.11 14.63 -67.66
N GLU B 84 -5.32 14.85 -67.15
CA GLU B 84 -6.43 13.91 -67.36
C GLU B 84 -6.67 13.66 -68.85
N GLY B 85 -6.54 12.40 -69.27
CA GLY B 85 -6.68 12.04 -70.67
C GLY B 85 -5.37 11.73 -71.38
N ASP B 86 -4.24 12.14 -70.82
CA ASP B 86 -2.95 11.73 -71.36
C ASP B 86 -2.78 10.21 -71.27
N THR B 87 -1.90 9.70 -72.12
CA THR B 87 -1.41 8.33 -72.06
C THR B 87 0.09 8.38 -71.76
N LEU B 88 0.56 7.41 -70.98
CA LEU B 88 2.00 7.25 -70.75
C LEU B 88 2.40 5.85 -71.17
N HIS B 89 3.38 5.76 -72.07
CA HIS B 89 4.05 4.51 -72.41
C HIS B 89 5.36 4.49 -71.67
N VAL B 90 5.61 3.46 -70.87
CA VAL B 90 6.84 3.38 -70.07
C VAL B 90 7.72 2.29 -70.64
N GLU B 91 8.82 2.69 -71.27
CA GLU B 91 9.81 1.75 -71.80
C GLU B 91 10.69 1.30 -70.64
N PHE B 92 10.36 0.14 -70.08
CA PHE B 92 10.88 -0.32 -68.80
C PHE B 92 11.97 -1.35 -68.99
N GLU B 93 13.06 -1.23 -68.22
CA GLU B 93 14.12 -2.22 -68.28
C GLU B 93 14.48 -2.68 -66.86
N ASN B 94 14.69 -3.98 -66.71
CA ASN B 94 15.06 -4.56 -65.44
C ASN B 94 16.57 -4.85 -65.43
N THR B 95 17.34 -3.99 -64.78
CA THR B 95 18.79 -4.16 -64.72
C THR B 95 19.23 -5.07 -63.57
N MET B 96 18.30 -5.77 -62.94
CA MET B 96 18.54 -6.56 -61.73
C MET B 96 18.55 -8.06 -62.03
N ASP B 97 19.06 -8.81 -61.05
CA ASP B 97 19.18 -10.26 -61.10
C ASP B 97 17.95 -11.01 -60.53
N VAL B 98 16.83 -10.32 -60.34
CA VAL B 98 15.56 -10.95 -59.95
C VAL B 98 14.42 -10.28 -60.71
N PRO B 99 13.32 -10.99 -60.90
CA PRO B 99 12.16 -10.36 -61.56
C PRO B 99 11.66 -9.16 -60.77
N VAL B 100 11.22 -8.14 -61.50
CA VAL B 100 10.65 -6.92 -60.93
C VAL B 100 9.40 -6.61 -61.75
N SER B 101 8.63 -5.62 -61.29
CA SER B 101 7.49 -5.21 -62.09
C SER B 101 7.15 -3.76 -61.80
N LEU B 102 6.15 -3.25 -62.52
CA LEU B 102 5.64 -1.90 -62.37
C LEU B 102 4.12 -2.00 -62.31
N HIS B 103 3.55 -1.70 -61.15
CA HIS B 103 2.11 -1.69 -60.95
C HIS B 103 1.69 -0.29 -60.51
N VAL B 104 0.63 0.25 -61.09
CA VAL B 104 0.16 1.59 -60.75
C VAL B 104 -1.22 1.52 -60.12
N HIS B 105 -1.45 2.39 -59.13
CA HIS B 105 -2.75 2.61 -58.55
C HIS B 105 -3.48 3.72 -59.31
N GLY B 106 -4.80 3.56 -59.48
CA GLY B 106 -5.66 4.64 -59.89
C GLY B 106 -5.81 4.86 -61.38
N LEU B 107 -4.86 4.40 -62.18
CA LEU B 107 -4.82 4.74 -63.60
C LEU B 107 -5.40 3.60 -64.43
N ASP B 108 -5.84 3.90 -65.64
CA ASP B 108 -6.38 2.85 -66.48
C ASP B 108 -5.26 2.06 -67.14
N TYR B 109 -5.34 0.74 -67.07
CA TYR B 109 -4.40 -0.12 -67.78
C TYR B 109 -5.09 -1.45 -68.01
N GLU B 110 -4.74 -2.12 -69.11
CA GLU B 110 -5.21 -3.47 -69.34
C GLU B 110 -4.40 -4.46 -68.50
N ILE B 111 -4.88 -5.70 -68.39
CA ILE B 111 -4.13 -6.69 -67.62
C ILE B 111 -2.72 -6.92 -68.15
N SER B 112 -2.49 -6.60 -69.44
CA SER B 112 -1.18 -6.69 -70.04
C SER B 112 -0.18 -5.74 -69.39
N SER B 113 -0.66 -4.69 -68.71
CA SER B 113 0.21 -3.79 -67.96
C SER B 113 -0.16 -3.78 -66.48
N ASP B 114 -0.86 -4.82 -66.01
CA ASP B 114 -1.20 -5.01 -64.59
C ASP B 114 0.05 -5.06 -63.73
N GLY B 115 1.13 -5.66 -64.24
CA GLY B 115 2.38 -5.73 -63.50
C GLY B 115 2.47 -6.84 -62.48
N THR B 116 1.89 -8.00 -62.76
CA THR B 116 1.83 -9.10 -61.81
C THR B 116 2.28 -10.39 -62.48
N LYS B 117 2.78 -11.34 -61.67
CA LYS B 117 3.01 -12.69 -62.20
C LYS B 117 1.70 -13.39 -62.51
N GLN B 118 0.60 -12.90 -61.92
CA GLN B 118 -0.73 -13.45 -62.19
C GLN B 118 -1.14 -13.23 -63.65
N ASN B 119 -1.04 -11.99 -64.14
CA ASN B 119 -1.30 -11.69 -65.53
C ASN B 119 -0.03 -11.67 -66.38
N LYS B 120 0.98 -12.43 -65.97
CA LYS B 120 2.28 -12.55 -66.63
C LYS B 120 2.72 -11.23 -67.25
N SER B 121 2.68 -10.16 -66.44
CA SER B 121 3.15 -8.85 -66.88
C SER B 121 4.31 -8.37 -66.01
N HIS B 122 5.10 -9.28 -65.46
CA HIS B 122 6.35 -8.88 -64.82
C HIS B 122 7.47 -8.85 -65.86
N VAL B 123 8.67 -8.47 -65.41
CA VAL B 123 9.84 -8.33 -66.28
C VAL B 123 10.96 -9.21 -65.73
N GLU B 124 11.39 -10.18 -66.53
CA GLU B 124 12.47 -11.08 -66.14
C GLU B 124 13.79 -10.31 -65.93
N PRO B 125 14.77 -10.92 -65.26
CA PRO B 125 16.06 -10.23 -65.06
C PRO B 125 16.74 -9.88 -66.38
N GLY B 126 17.19 -8.64 -66.49
CA GLY B 126 17.71 -8.14 -67.75
C GLY B 126 16.65 -7.82 -68.77
N GLY B 127 15.44 -8.35 -68.62
CA GLY B 127 14.39 -8.15 -69.61
C GLY B 127 13.91 -6.71 -69.73
N THR B 128 13.06 -6.51 -70.73
CA THR B 128 12.41 -5.25 -71.05
C THR B 128 10.94 -5.49 -71.28
N ARG B 129 10.18 -4.39 -71.28
CA ARG B 129 8.73 -4.39 -71.46
C ARG B 129 8.24 -2.95 -71.57
N THR B 130 7.15 -2.73 -72.27
CA THR B 130 6.58 -1.38 -72.39
C THR B 130 5.25 -1.41 -71.65
N TYR B 131 5.18 -0.66 -70.55
CA TYR B 131 3.97 -0.48 -69.78
C TYR B 131 3.21 0.74 -70.27
N THR B 132 1.90 0.60 -70.39
CA THR B 132 1.03 1.66 -70.85
C THR B 132 -0.01 2.00 -69.80
N TRP B 133 -0.08 3.28 -69.42
CA TRP B 133 -1.12 3.79 -68.56
C TRP B 133 -1.97 4.78 -69.34
N ARG B 134 -3.27 4.79 -69.03
CA ARG B 134 -4.19 5.78 -69.59
C ARG B 134 -4.94 6.48 -68.48
N THR B 135 -5.41 7.69 -68.79
CA THR B 135 -6.21 8.45 -67.87
C THR B 135 -7.42 8.94 -68.63
N HIS B 136 -8.47 9.32 -67.92
CA HIS B 136 -9.66 9.83 -68.57
C HIS B 136 -10.21 11.01 -67.80
N GLU B 137 -10.95 11.85 -68.53
CA GLU B 137 -11.70 12.94 -67.92
C GLU B 137 -13.03 12.41 -67.37
N PRO B 138 -13.69 13.16 -66.49
CA PRO B 138 -15.00 12.74 -66.01
C PRO B 138 -16.10 13.12 -66.99
N GLY B 139 -17.26 12.48 -66.82
CA GLY B 139 -18.40 12.83 -67.66
C GLY B 139 -19.61 11.97 -67.34
N ARG B 140 -20.76 12.42 -67.88
CA ARG B 140 -22.03 11.72 -67.71
C ARG B 140 -22.06 10.47 -68.61
N ARG B 141 -22.45 9.35 -68.01
CA ARG B 141 -22.64 8.08 -68.71
C ARG B 141 -24.03 8.03 -69.35
N ALA B 142 -24.19 7.07 -70.27
CA ALA B 142 -25.50 6.67 -70.78
C ALA B 142 -26.59 6.69 -69.72
N ASP B 143 -26.43 5.87 -68.67
CA ASP B 143 -27.44 5.69 -67.63
C ASP B 143 -27.60 6.91 -66.72
N GLY B 144 -27.06 8.06 -67.12
CA GLY B 144 -27.13 9.26 -66.32
C GLY B 144 -26.22 9.30 -65.10
N THR B 145 -25.46 8.26 -64.83
CA THR B 145 -24.54 8.30 -63.71
C THR B 145 -23.23 8.97 -64.11
N TRP B 146 -22.52 9.49 -63.12
CA TRP B 146 -21.34 10.31 -63.34
C TRP B 146 -20.08 9.46 -63.21
N ARG B 147 -19.28 9.43 -64.27
CA ARG B 147 -18.01 8.75 -64.25
C ARG B 147 -16.93 9.69 -63.73
N ALA B 148 -16.25 9.25 -62.69
CA ALA B 148 -15.13 10.02 -62.16
C ALA B 148 -13.95 9.97 -63.10
N GLY B 149 -13.22 11.08 -63.17
CA GLY B 149 -11.96 11.11 -63.87
C GLY B 149 -10.88 10.35 -63.11
N SER B 150 -9.68 10.36 -63.69
CA SER B 150 -8.49 9.77 -63.10
C SER B 150 -7.78 10.72 -62.13
N ALA B 151 -8.26 11.95 -61.96
CA ALA B 151 -7.45 12.94 -61.23
C ALA B 151 -7.33 12.53 -59.77
N GLY B 152 -6.15 12.77 -59.22
CA GLY B 152 -5.89 12.42 -57.83
C GLY B 152 -4.41 12.17 -57.63
N TYR B 153 -4.08 11.87 -56.38
CA TYR B 153 -2.71 11.54 -55.99
C TYR B 153 -2.59 10.03 -55.91
N TRP B 154 -1.74 9.45 -56.76
CA TRP B 154 -1.62 8.01 -56.90
C TRP B 154 -0.17 7.57 -56.73
N HIS B 155 0.15 6.33 -57.05
CA HIS B 155 1.50 5.86 -56.84
C HIS B 155 1.69 4.58 -57.64
N TYR B 156 2.96 4.22 -57.84
CA TYR B 156 3.32 2.96 -58.47
C TYR B 156 4.30 2.21 -57.58
N HIS B 157 4.29 0.88 -57.69
CA HIS B 157 5.27 0.11 -56.95
C HIS B 157 5.48 -1.23 -57.61
N ASP B 158 6.52 -1.91 -57.16
CA ASP B 158 6.78 -3.29 -57.56
C ASP B 158 5.72 -4.23 -57.01
N HIS B 159 5.43 -5.28 -57.73
CA HIS B 159 4.49 -6.27 -57.29
C HIS B 159 5.06 -7.65 -57.27
N VAL B 160 6.33 -7.80 -57.53
CA VAL B 160 6.88 -9.11 -57.68
C VAL B 160 8.08 -9.56 -56.86
N VAL B 161 8.83 -8.64 -56.34
CA VAL B 161 10.00 -9.01 -55.60
C VAL B 161 9.61 -9.50 -54.24
N GLY B 162 10.28 -10.55 -53.79
CA GLY B 162 9.98 -11.14 -52.49
C GLY B 162 8.77 -12.04 -52.48
N THR B 163 7.59 -11.48 -52.84
CA THR B 163 6.34 -12.21 -52.98
C THR B 163 5.61 -11.68 -54.20
N GLU B 164 4.45 -12.29 -54.48
CA GLU B 164 3.52 -11.85 -55.51
C GLU B 164 2.79 -10.56 -55.17
N HIS B 165 3.03 -9.99 -54.00
CA HIS B 165 2.48 -8.68 -53.65
C HIS B 165 3.57 -7.64 -53.49
N GLY B 166 4.80 -7.96 -53.90
CA GLY B 166 5.88 -7.01 -53.94
C GLY B 166 6.44 -6.61 -52.59
N THR B 167 6.22 -7.42 -51.55
CA THR B 167 6.66 -7.03 -50.21
C THR B 167 8.14 -6.70 -50.17
N GLY B 168 8.96 -7.56 -50.80
CA GLY B 168 10.40 -7.32 -50.82
C GLY B 168 10.75 -6.10 -51.64
N GLY B 169 10.10 -5.91 -52.78
CA GLY B 169 10.39 -4.75 -53.61
C GLY B 169 10.01 -3.46 -52.91
N ILE B 170 8.80 -3.41 -52.34
CA ILE B 170 8.35 -2.22 -51.65
C ILE B 170 9.28 -1.90 -50.49
N ARG B 171 9.61 -2.92 -49.68
CA ARG B 171 10.55 -2.70 -48.58
CA ARG B 171 10.56 -2.73 -48.59
C ARG B 171 11.88 -2.17 -49.10
N ASN B 172 12.36 -2.69 -50.25
CA ASN B 172 13.62 -2.23 -50.80
C ASN B 172 13.57 -0.80 -51.37
N GLY B 173 12.38 -0.27 -51.68
CA GLY B 173 12.28 1.13 -52.12
C GLY B 173 11.76 1.28 -53.55
N LEU B 174 11.12 0.22 -54.03
CA LEU B 174 10.55 0.23 -55.37
C LEU B 174 9.16 0.85 -55.30
N TYR B 175 9.11 2.17 -55.23
CA TYR B 175 7.82 2.86 -55.16
C TYR B 175 8.03 4.30 -55.58
N GLY B 176 6.97 4.90 -56.10
CA GLY B 176 7.01 6.31 -56.44
C GLY B 176 5.65 6.89 -56.67
N PRO B 177 5.58 8.22 -56.70
CA PRO B 177 4.30 8.92 -56.82
C PRO B 177 3.86 9.18 -58.25
N VAL B 178 2.55 9.32 -58.41
CA VAL B 178 1.92 9.73 -59.66
C VAL B 178 0.86 10.76 -59.35
N ILE B 179 0.92 11.92 -60.01
CA ILE B 179 -0.12 12.94 -59.89
C ILE B 179 -0.86 13.00 -61.22
N VAL B 180 -2.17 12.81 -61.20
CA VAL B 180 -3.00 13.06 -62.37
C VAL B 180 -3.80 14.32 -62.09
N ARG B 181 -3.61 15.35 -62.93
CA ARG B 181 -4.26 16.63 -62.78
C ARG B 181 -5.50 16.73 -63.65
N ARG B 182 -6.55 17.35 -63.12
CA ARG B 182 -7.74 17.73 -63.86
C ARG B 182 -7.56 19.13 -64.44
N LYS B 183 -8.16 19.37 -65.61
CA LYS B 183 -8.09 20.67 -66.22
C LYS B 183 -8.54 21.75 -65.24
N GLY B 184 -7.71 22.79 -65.07
CA GLY B 184 -7.99 23.89 -64.16
C GLY B 184 -7.51 23.70 -62.74
N ASP B 185 -7.00 22.51 -62.38
CA ASP B 185 -6.38 22.31 -61.08
C ASP B 185 -5.26 23.31 -60.85
N VAL B 186 -5.15 23.81 -59.61
CA VAL B 186 -4.11 24.80 -59.31
C VAL B 186 -2.75 24.11 -59.24
N LEU B 187 -1.74 24.72 -59.88
CA LEU B 187 -0.38 24.22 -60.04
C LEU B 187 0.52 24.77 -58.93
N PRO B 188 1.38 23.94 -58.34
CA PRO B 188 2.23 24.39 -57.24
C PRO B 188 3.59 24.92 -57.69
N ASP B 189 4.25 25.64 -56.77
CA ASP B 189 5.63 26.03 -57.03
C ASP B 189 6.59 24.87 -56.85
N ALA B 190 6.22 23.85 -56.07
CA ALA B 190 7.06 22.68 -55.88
C ALA B 190 6.23 21.55 -55.30
N THR B 191 6.65 20.32 -55.59
CA THR B 191 6.00 19.12 -55.09
C THR B 191 6.98 18.30 -54.28
N HIS B 192 6.53 17.75 -53.15
CA HIS B 192 7.39 16.95 -52.29
C HIS B 192 6.66 15.67 -51.93
N THR B 193 7.35 14.54 -52.04
CA THR B 193 6.77 13.23 -51.78
C THR B 193 7.27 12.68 -50.46
N ILE B 194 6.34 12.29 -49.61
CA ILE B 194 6.63 11.76 -48.29
C ILE B 194 6.04 10.36 -48.27
N VAL B 195 6.89 9.34 -48.19
CA VAL B 195 6.42 7.96 -48.11
C VAL B 195 6.75 7.41 -46.72
N PHE B 196 5.73 6.92 -46.01
CA PHE B 196 5.90 6.18 -44.76
C PHE B 196 6.00 4.71 -45.13
N ASN B 197 7.22 4.18 -45.14
CA ASN B 197 7.48 2.81 -45.59
C ASN B 197 7.91 1.99 -44.38
N ASP B 198 7.01 1.17 -43.88
CA ASP B 198 7.19 0.49 -42.60
C ASP B 198 7.57 1.55 -41.57
N MET B 199 8.72 1.45 -40.95
CA MET B 199 9.09 2.42 -39.93
C MET B 199 10.04 3.50 -40.44
N THR B 200 10.14 3.69 -41.76
CA THR B 200 10.98 4.75 -42.34
C THR B 200 10.15 5.82 -43.04
N ILE B 201 10.78 6.97 -43.27
CA ILE B 201 10.35 7.91 -44.30
C ILE B 201 11.30 7.76 -45.47
N ASN B 202 10.76 7.40 -46.63
CA ASN B 202 11.53 7.33 -47.88
C ASN B 202 12.78 6.45 -47.69
N ASN B 203 12.63 5.37 -46.92
CA ASN B 203 13.67 4.38 -46.64
C ASN B 203 14.86 4.96 -45.87
N ARG B 204 14.69 6.08 -45.26
CA ARG B 204 15.85 6.70 -44.63
C ARG B 204 16.04 6.15 -43.23
N PRO B 205 17.27 6.22 -42.70
CA PRO B 205 17.48 5.92 -41.27
C PRO B 205 16.73 6.88 -40.35
N ALA B 206 16.49 6.42 -39.11
CA ALA B 206 15.68 7.21 -38.18
C ALA B 206 16.31 8.56 -37.91
N HIS B 207 15.47 9.60 -37.81
CA HIS B 207 15.88 10.97 -37.53
C HIS B 207 16.77 11.58 -38.61
N THR B 208 16.65 11.15 -39.87
CA THR B 208 17.34 11.83 -40.97
C THR B 208 16.38 12.63 -41.86
N GLY B 209 15.19 12.93 -41.39
CA GLY B 209 14.27 13.69 -42.20
C GLY B 209 13.53 12.78 -43.15
N PRO B 210 13.48 13.15 -44.45
CA PRO B 210 14.04 14.34 -45.11
C PRO B 210 13.40 15.65 -44.70
N ASN B 211 14.12 16.76 -44.86
CA ASN B 211 13.55 18.08 -44.71
C ASN B 211 13.23 18.66 -46.07
N PHE B 212 12.30 19.60 -46.11
CA PHE B 212 11.94 20.29 -47.35
C PHE B 212 11.94 21.79 -47.12
N GLU B 213 12.55 22.53 -48.04
CA GLU B 213 12.68 23.97 -47.95
C GLU B 213 11.63 24.68 -48.79
N ALA B 214 11.12 25.77 -48.27
CA ALA B 214 10.26 26.67 -49.01
C ALA B 214 10.46 28.07 -48.45
N THR B 215 9.86 29.04 -49.12
CA THR B 215 9.81 30.44 -48.71
C THR B 215 8.37 30.74 -48.36
N VAL B 216 8.13 31.62 -47.37
CA VAL B 216 6.77 32.01 -47.02
C VAL B 216 6.06 32.51 -48.26
N GLY B 217 4.84 32.03 -48.47
CA GLY B 217 4.04 32.42 -49.60
C GLY B 217 4.05 31.41 -50.71
N ASP B 218 5.06 30.54 -50.74
CA ASP B 218 5.12 29.49 -51.75
C ASP B 218 3.91 28.56 -51.65
N ARG B 219 3.37 28.17 -52.81
CA ARG B 219 2.34 27.15 -52.88
C ARG B 219 3.02 25.79 -52.97
N VAL B 220 2.96 25.01 -51.91
CA VAL B 220 3.73 23.78 -51.82
C VAL B 220 2.76 22.62 -51.91
N GLU B 221 3.16 21.60 -52.65
CA GLU B 221 2.33 20.42 -52.85
C GLU B 221 2.99 19.26 -52.13
N ILE B 222 2.20 18.56 -51.29
CA ILE B 222 2.67 17.38 -50.57
C ILE B 222 1.99 16.17 -51.18
N VAL B 223 2.77 15.17 -51.52
CA VAL B 223 2.26 13.86 -51.88
C VAL B 223 2.62 12.93 -50.74
N MET B 224 1.62 12.31 -50.14
CA MET B 224 1.79 11.33 -49.05
CA MET B 224 1.79 11.38 -49.01
C MET B 224 1.25 9.85 -49.22
N ILE B 225 2.22 8.95 -49.25
CA ILE B 225 2.04 7.55 -49.59
C ILE B 225 2.53 6.74 -48.40
N THR B 226 1.84 5.63 -48.12
CA THR B 226 2.17 4.72 -47.04
C THR B 226 2.34 3.33 -47.63
N HIS B 227 3.28 2.58 -47.06
CA HIS B 227 3.61 1.27 -47.59
C HIS B 227 4.01 0.35 -46.44
N GLY B 228 3.83 -0.94 -46.65
CA GLY B 228 4.38 -1.90 -45.70
C GLY B 228 3.38 -2.60 -44.83
N GLU B 229 3.61 -2.58 -43.50
CA GLU B 229 2.89 -3.41 -42.55
C GLU B 229 2.04 -2.64 -41.54
N TYR B 230 2.31 -1.36 -41.31
CA TYR B 230 1.77 -0.65 -40.15
C TYR B 230 0.91 0.51 -40.58
N TYR B 231 0.00 0.91 -39.71
CA TYR B 231 -0.69 2.16 -39.90
C TYR B 231 0.14 3.31 -39.31
N HIS B 232 -0.21 4.53 -39.70
CA HIS B 232 0.49 5.74 -39.29
C HIS B 232 -0.55 6.85 -39.23
N THR B 233 -0.16 7.99 -38.68
CA THR B 233 -0.98 9.20 -38.74
C THR B 233 -0.05 10.32 -39.16
N PHE B 234 -0.24 10.83 -40.38
CA PHE B 234 0.60 11.91 -40.88
C PHE B 234 0.17 13.23 -40.27
N HIS B 235 1.13 13.98 -39.69
CA HIS B 235 0.82 15.28 -39.12
C HIS B 235 1.80 16.36 -39.58
N MET B 236 1.28 17.55 -39.91
CA MET B 236 2.09 18.70 -40.28
C MET B 236 1.83 19.83 -39.30
N HIS B 237 2.87 20.29 -38.61
CA HIS B 237 2.74 21.46 -37.76
C HIS B 237 2.40 22.68 -38.59
N GLY B 238 1.56 23.57 -38.02
CA GLY B 238 1.28 24.88 -38.53
C GLY B 238 0.55 24.95 -39.87
N HIS B 239 0.25 23.84 -40.51
CA HIS B 239 -0.38 23.85 -41.81
C HIS B 239 -1.48 22.80 -41.85
N ALA B 240 -2.67 23.20 -42.24
CA ALA B 240 -3.80 22.29 -42.38
C ALA B 240 -4.22 22.19 -43.85
N TRP B 241 -5.07 21.22 -44.16
CA TRP B 241 -5.54 21.00 -45.52
C TRP B 241 -6.91 20.33 -45.46
N ALA B 242 -7.58 20.28 -46.62
CA ALA B 242 -8.94 19.77 -46.72
C ALA B 242 -8.93 18.28 -47.07
N ASP B 243 -9.70 17.48 -46.34
CA ASP B 243 -9.76 16.05 -46.62
C ASP B 243 -10.62 15.80 -47.85
N ASN B 244 -10.07 16.13 -49.03
CA ASN B 244 -10.78 15.88 -50.30
C ASN B 244 -9.77 15.60 -51.41
N ARG B 245 -10.26 15.56 -52.66
CA ARG B 245 -9.38 15.16 -53.78
C ARG B 245 -8.13 16.02 -53.84
N THR B 246 -8.26 17.33 -53.73
CA THR B 246 -7.14 18.23 -53.98
C THR B 246 -6.46 18.73 -52.72
N GLY B 247 -7.02 18.48 -51.54
CA GLY B 247 -6.48 19.14 -50.37
C GLY B 247 -6.88 20.60 -50.23
N MET B 248 -7.74 21.09 -51.10
CA MET B 248 -8.19 22.47 -51.07
C MET B 248 -9.70 22.46 -51.20
N LEU B 249 -10.36 23.36 -50.50
CA LEU B 249 -11.81 23.38 -50.57
C LEU B 249 -12.24 24.03 -51.88
N THR B 250 -13.32 23.49 -52.49
CA THR B 250 -13.80 24.02 -53.77
C THR B 250 -14.27 25.46 -53.63
N GLY B 251 -14.75 25.85 -52.45
CA GLY B 251 -15.41 27.11 -52.25
C GLY B 251 -16.16 27.09 -50.94
N PRO B 252 -17.08 28.04 -50.75
CA PRO B 252 -17.83 28.10 -49.48
C PRO B 252 -18.87 27.01 -49.28
N ASP B 253 -19.04 26.08 -50.23
CA ASP B 253 -20.04 25.01 -50.12
C ASP B 253 -19.41 23.63 -49.94
N ASP B 254 -18.07 23.53 -49.90
CA ASP B 254 -17.37 22.27 -49.74
C ASP B 254 -17.35 21.87 -48.27
N PRO B 255 -18.04 20.80 -47.86
CA PRO B 255 -18.14 20.47 -46.44
C PRO B 255 -17.06 19.53 -45.89
N SER B 256 -16.07 19.16 -46.71
CA SER B 256 -14.95 18.32 -46.28
C SER B 256 -14.30 18.86 -45.02
N GLN B 257 -13.89 17.94 -44.13
CA GLN B 257 -13.28 18.35 -42.87
C GLN B 257 -11.89 18.92 -43.12
N VAL B 258 -11.57 20.03 -42.46
CA VAL B 258 -10.22 20.57 -42.51
C VAL B 258 -9.40 19.89 -41.41
N ILE B 259 -8.26 19.30 -41.78
CA ILE B 259 -7.47 18.47 -40.89
C ILE B 259 -6.01 18.88 -40.95
N ASP B 260 -5.27 18.50 -39.90
CA ASP B 260 -3.81 18.49 -39.97
C ASP B 260 -3.23 17.13 -39.59
N ASN B 261 -4.07 16.11 -39.51
CA ASN B 261 -3.70 14.82 -38.97
C ASN B 261 -4.56 13.81 -39.70
N LYS B 262 -3.95 12.70 -40.16
CA LYS B 262 -4.69 11.77 -41.00
C LYS B 262 -4.14 10.36 -40.85
N ILE B 263 -4.99 9.41 -40.47
CA ILE B 263 -4.60 8.01 -40.42
C ILE B 263 -4.44 7.46 -41.84
N CYS B 264 -3.43 6.62 -42.05
CA CYS B 264 -3.22 6.01 -43.36
C CYS B 264 -2.58 4.64 -43.19
N GLY B 265 -2.86 3.78 -44.16
CA GLY B 265 -2.39 2.41 -44.13
C GLY B 265 -1.65 2.06 -45.41
N PRO B 266 -1.14 0.84 -45.46
CA PRO B 266 -0.31 0.44 -46.62
C PRO B 266 -1.03 0.63 -47.95
N ALA B 267 -0.38 1.38 -48.84
CA ALA B 267 -0.80 1.74 -50.19
C ALA B 267 -1.87 2.84 -50.21
N ASP B 268 -2.16 3.49 -49.08
CA ASP B 268 -2.94 4.72 -49.12
C ASP B 268 -2.10 5.80 -49.78
N SER B 269 -2.77 6.71 -50.48
CA SER B 269 -2.13 7.87 -51.09
C SER B 269 -3.10 9.05 -51.02
N PHE B 270 -2.56 10.22 -50.72
CA PHE B 270 -3.35 11.44 -50.75
C PHE B 270 -2.40 12.61 -50.92
N GLY B 271 -2.94 13.77 -51.23
CA GLY B 271 -2.06 14.91 -51.36
C GLY B 271 -2.79 16.19 -51.11
N PHE B 272 -2.03 17.28 -51.13
CA PHE B 272 -2.62 18.57 -50.83
C PHE B 272 -1.61 19.66 -51.18
N GLN B 273 -2.12 20.88 -51.29
CA GLN B 273 -1.29 22.07 -51.43
C GLN B 273 -1.55 23.00 -50.24
N ILE B 274 -0.47 23.60 -49.75
CA ILE B 274 -0.55 24.61 -48.69
C ILE B 274 0.24 25.83 -49.14
N ILE B 275 -0.18 26.99 -48.66
CA ILE B 275 0.66 28.18 -48.73
C ILE B 275 1.63 28.13 -47.55
N ALA B 276 2.93 28.07 -47.84
CA ALA B 276 3.91 27.88 -46.77
C ALA B 276 3.91 29.09 -45.83
N GLY B 277 3.74 28.81 -44.54
CA GLY B 277 3.71 29.84 -43.53
C GLY B 277 2.45 30.67 -43.43
N GLU B 278 1.39 30.32 -44.17
CA GLU B 278 0.21 31.19 -44.19
C GLU B 278 -0.45 31.20 -42.83
N GLY B 279 -0.63 32.41 -42.27
CA GLY B 279 -1.19 32.55 -40.96
C GLY B 279 -0.22 32.31 -39.82
N VAL B 280 0.99 31.80 -40.09
CA VAL B 280 1.86 31.32 -39.01
C VAL B 280 3.29 31.85 -39.13
N GLY B 281 3.75 32.15 -40.35
CA GLY B 281 5.06 32.76 -40.53
C GLY B 281 6.16 31.75 -40.74
N ALA B 282 7.37 32.27 -40.95
CA ALA B 282 8.54 31.43 -41.19
C ALA B 282 8.86 30.56 -39.96
N GLY B 283 9.76 29.61 -40.15
CA GLY B 283 10.15 28.73 -39.07
C GLY B 283 10.39 27.33 -39.55
N ALA B 284 10.97 26.52 -38.68
CA ALA B 284 11.21 25.11 -38.95
C ALA B 284 9.98 24.33 -38.48
N TRP B 285 9.14 23.94 -39.42
CA TRP B 285 7.84 23.38 -39.11
C TRP B 285 7.92 21.86 -39.20
N MET B 286 7.67 21.20 -38.08
CA MET B 286 7.79 19.75 -38.03
C MET B 286 6.66 19.08 -38.81
N TYR B 287 7.00 17.96 -39.42
CA TYR B 287 6.02 16.97 -39.83
C TYR B 287 6.50 15.64 -39.28
N HIS B 288 5.56 14.72 -39.04
CA HIS B 288 5.93 13.46 -38.41
C HIS B 288 4.74 12.51 -38.44
N CYS B 289 5.05 11.23 -38.24
CA CYS B 289 4.01 10.31 -37.81
C CYS B 289 3.63 10.62 -36.36
N HIS B 290 2.33 10.69 -36.09
CA HIS B 290 1.91 11.07 -34.74
C HIS B 290 1.71 9.89 -33.79
N VAL B 291 1.91 8.66 -34.26
CA VAL B 291 1.99 7.50 -33.38
C VAL B 291 3.19 7.68 -32.47
N GLN B 292 2.95 7.66 -31.15
CA GLN B 292 3.94 8.28 -30.28
C GLN B 292 5.29 7.58 -30.38
N SER B 293 5.30 6.24 -30.37
CA SER B 293 6.56 5.54 -30.48
C SER B 293 7.17 5.70 -31.86
N HIS B 294 6.37 6.01 -32.87
CA HIS B 294 6.98 6.24 -34.18
C HIS B 294 7.71 7.57 -34.23
N SER B 295 7.12 8.64 -33.72
CA SER B 295 7.84 9.89 -33.68
C SER B 295 9.09 9.76 -32.82
N ASP B 296 8.94 9.19 -31.61
CA ASP B 296 10.09 9.08 -30.71
C ASP B 296 11.25 8.34 -31.38
N MET B 297 10.95 7.41 -32.27
CA MET B 297 11.94 6.58 -32.91
C MET B 297 12.38 7.13 -34.27
N GLY B 298 11.93 8.34 -34.64
CA GLY B 298 12.55 9.08 -35.72
C GLY B 298 11.77 9.26 -37.01
N MET B 299 10.48 8.92 -37.03
CA MET B 299 9.62 9.25 -38.17
C MET B 299 9.20 10.72 -38.15
N VAL B 300 10.22 11.59 -38.29
CA VAL B 300 10.08 13.03 -38.15
C VAL B 300 10.93 13.71 -39.22
N GLY B 301 10.40 14.79 -39.79
CA GLY B 301 11.16 15.63 -40.70
C GLY B 301 10.82 17.10 -40.46
N LEU B 302 11.40 17.97 -41.29
CA LEU B 302 11.21 19.41 -41.13
C LEU B 302 10.72 20.02 -42.43
N PHE B 303 9.68 20.84 -42.33
CA PHE B 303 9.22 21.72 -43.39
C PHE B 303 9.83 23.08 -43.06
N LEU B 304 10.99 23.36 -43.66
CA LEU B 304 11.77 24.56 -43.35
C LEU B 304 11.22 25.71 -44.16
N VAL B 305 10.45 26.58 -43.53
CA VAL B 305 9.84 27.71 -44.22
C VAL B 305 10.67 28.96 -43.95
N LYS B 306 11.24 29.54 -44.99
CA LYS B 306 12.18 30.63 -44.82
C LYS B 306 11.51 31.99 -45.08
N LYS B 307 12.00 33.03 -44.37
CA LYS B 307 11.66 34.40 -44.70
C LYS B 307 12.22 34.75 -46.08
N PRO B 308 11.73 35.82 -46.70
CA PRO B 308 12.25 36.17 -48.03
C PRO B 308 13.77 36.23 -48.12
N ASP B 309 14.46 36.54 -47.02
CA ASP B 309 15.92 36.60 -47.09
C ASP B 309 16.57 35.23 -46.89
N GLY B 310 15.80 34.15 -46.89
CA GLY B 310 16.36 32.82 -46.77
C GLY B 310 16.67 32.34 -45.37
N THR B 311 16.51 33.18 -44.34
CA THR B 311 16.76 32.76 -42.95
C THR B 311 15.53 32.06 -42.37
N ILE B 312 15.75 31.32 -41.28
CA ILE B 312 14.68 30.65 -40.55
C ILE B 312 14.77 31.04 -39.08
N PRO B 313 13.80 31.78 -38.56
CA PRO B 313 13.82 32.14 -37.14
C PRO B 313 13.94 30.91 -36.26
N GLY B 314 14.88 30.95 -35.30
CA GLY B 314 15.00 29.90 -34.31
C GLY B 314 15.44 28.55 -34.81
N TYR B 315 16.06 28.48 -35.99
CA TYR B 315 16.56 27.21 -36.52
C TYR B 315 18.06 27.27 -36.73
N ASP B 316 18.71 26.12 -36.46
CA ASP B 316 20.16 25.93 -36.47
C ASP B 316 20.58 25.13 -37.70
N PRO B 317 20.95 25.78 -38.83
CA PRO B 317 21.43 25.06 -40.01
C PRO B 317 22.90 24.65 -39.89
N GLY C 41 -33.14 -1.00 -62.72
CA GLY C 41 -33.59 0.37 -62.67
C GLY C 41 -32.97 1.16 -61.52
N ALA C 42 -33.74 2.05 -60.91
CA ALA C 42 -33.34 2.79 -59.71
C ALA C 42 -34.20 2.34 -58.54
N ALA C 43 -33.84 2.84 -57.30
CA ALA C 43 -34.59 2.36 -56.15
C ALA C 43 -35.85 3.20 -55.92
N PRO C 44 -36.93 2.58 -55.45
CA PRO C 44 -38.16 3.30 -55.15
C PRO C 44 -38.14 3.96 -53.78
N ALA C 45 -39.02 4.94 -53.61
CA ALA C 45 -39.32 5.40 -52.27
C ALA C 45 -39.83 4.22 -51.44
N GLY C 46 -39.40 4.16 -50.19
CA GLY C 46 -39.72 3.04 -49.33
C GLY C 46 -40.92 3.33 -48.44
N GLY C 47 -41.15 2.42 -47.49
CA GLY C 47 -42.29 2.55 -46.60
C GLY C 47 -43.10 1.28 -46.51
N GLU C 48 -42.51 0.15 -46.92
CA GLU C 48 -43.13 -1.16 -46.81
C GLU C 48 -42.74 -1.81 -45.49
N VAL C 49 -43.65 -2.58 -44.92
CA VAL C 49 -43.39 -3.35 -43.71
C VAL C 49 -42.98 -4.74 -44.15
N ARG C 50 -41.70 -5.05 -44.03
CA ARG C 50 -41.16 -6.31 -44.48
C ARG C 50 -40.92 -7.23 -43.29
N ARG C 51 -41.04 -8.53 -43.53
CA ARG C 51 -40.72 -9.55 -42.55
C ARG C 51 -39.71 -10.51 -43.17
N VAL C 52 -38.83 -11.03 -42.33
CA VAL C 52 -37.92 -12.12 -42.67
C VAL C 52 -37.73 -12.96 -41.43
N THR C 53 -37.44 -14.24 -41.62
CA THR C 53 -37.02 -15.07 -40.51
C THR C 53 -35.56 -15.42 -40.67
N MET C 54 -34.83 -15.37 -39.56
CA MET C 54 -33.40 -15.56 -39.56
C MET C 54 -33.03 -16.51 -38.45
N TYR C 55 -32.16 -17.46 -38.76
CA TYR C 55 -31.70 -18.45 -37.81
C TYR C 55 -30.22 -18.25 -37.54
N ALA C 56 -29.80 -18.62 -36.35
CA ALA C 56 -28.39 -18.74 -36.00
C ALA C 56 -28.08 -20.21 -35.80
N GLU C 57 -27.16 -20.75 -36.58
CA GLU C 57 -26.78 -22.14 -36.42
C GLU C 57 -25.28 -22.26 -36.21
N ARG C 58 -24.88 -23.39 -35.62
CA ARG C 58 -23.48 -23.78 -35.71
C ARG C 58 -23.20 -24.27 -37.11
N LEU C 59 -21.94 -24.13 -37.52
CA LEU C 59 -21.47 -24.62 -38.80
C LEU C 59 -20.21 -25.46 -38.55
N ALA C 60 -19.60 -25.92 -39.64
CA ALA C 60 -18.50 -26.87 -39.52
C ALA C 60 -17.37 -26.32 -38.65
N GLY C 61 -16.88 -27.16 -37.75
CA GLY C 61 -15.65 -26.86 -37.04
C GLY C 61 -15.62 -25.57 -36.24
N GLY C 62 -16.63 -25.35 -35.39
CA GLY C 62 -16.65 -24.22 -34.49
C GLY C 62 -17.21 -22.95 -35.07
N GLN C 63 -17.39 -22.87 -36.38
CA GLN C 63 -17.97 -21.65 -36.94
C GLN C 63 -19.46 -21.60 -36.59
N MET C 64 -20.05 -20.42 -36.82
CA MET C 64 -21.46 -20.16 -36.56
C MET C 64 -21.94 -19.16 -37.60
N GLY C 65 -23.23 -19.23 -37.92
CA GLY C 65 -23.70 -18.35 -38.98
C GLY C 65 -25.18 -18.06 -38.87
N TYR C 66 -25.60 -17.01 -39.56
CA TYR C 66 -26.99 -16.69 -39.77
C TYR C 66 -27.50 -17.25 -41.10
N GLY C 67 -28.80 -17.55 -41.16
CA GLY C 67 -29.43 -18.06 -42.36
C GLY C 67 -30.89 -17.66 -42.42
N LEU C 68 -31.45 -17.78 -43.63
CA LEU C 68 -32.87 -17.52 -43.84
C LEU C 68 -33.74 -18.76 -43.62
N GLU C 69 -33.16 -19.95 -43.69
CA GLU C 69 -33.81 -21.20 -43.35
C GLU C 69 -32.75 -22.07 -42.70
N LYS C 70 -33.19 -23.04 -41.90
CA LYS C 70 -32.17 -23.79 -41.19
C LYS C 70 -31.42 -24.71 -42.14
N GLY C 71 -30.20 -25.06 -41.72
CA GLY C 71 -29.30 -25.83 -42.55
C GLY C 71 -28.74 -24.97 -43.66
N LYS C 72 -29.13 -23.71 -43.71
CA LYS C 72 -28.69 -22.86 -44.81
C LYS C 72 -27.96 -21.62 -44.32
N ALA C 73 -27.45 -21.66 -43.10
CA ALA C 73 -26.63 -20.57 -42.60
C ALA C 73 -25.41 -20.39 -43.50
N SER C 74 -25.06 -19.13 -43.78
CA SER C 74 -23.90 -18.79 -44.60
C SER C 74 -23.02 -17.80 -43.84
N ILE C 75 -21.76 -17.71 -44.27
CA ILE C 75 -20.85 -16.68 -43.79
C ILE C 75 -20.30 -15.92 -44.99
N PRO C 76 -20.59 -14.62 -45.16
CA PRO C 76 -21.43 -13.83 -44.27
C PRO C 76 -22.88 -14.22 -44.42
N GLY C 77 -23.74 -13.76 -43.49
CA GLY C 77 -25.14 -14.08 -43.55
C GLY C 77 -25.84 -13.43 -44.72
N PRO C 78 -27.14 -13.67 -44.83
CA PRO C 78 -27.89 -13.18 -46.00
C PRO C 78 -27.89 -11.66 -46.07
N LEU C 79 -27.79 -11.16 -47.30
CA LEU C 79 -27.94 -9.74 -47.57
C LEU C 79 -29.37 -9.31 -47.27
N ILE C 80 -29.51 -8.22 -46.53
CA ILE C 80 -30.79 -7.59 -46.29
C ILE C 80 -30.75 -6.26 -47.02
N GLU C 81 -31.76 -6.01 -47.85
CA GLU C 81 -31.90 -4.75 -48.55
C GLU C 81 -33.22 -4.11 -48.18
N LEU C 82 -33.19 -2.81 -47.89
CA LEU C 82 -34.38 -2.04 -47.63
C LEU C 82 -34.31 -0.71 -48.38
N ASN C 83 -35.49 -0.12 -48.57
CA ASN C 83 -35.59 1.25 -49.05
C ASN C 83 -35.87 2.15 -47.86
N GLU C 84 -35.28 3.34 -47.86
CA GLU C 84 -35.51 4.28 -46.77
C GLU C 84 -37.00 4.47 -46.53
N GLY C 85 -37.42 4.36 -45.26
CA GLY C 85 -38.81 4.29 -44.91
C GLY C 85 -39.29 2.89 -44.58
N ASP C 86 -38.69 1.85 -45.17
CA ASP C 86 -39.10 0.48 -44.86
C ASP C 86 -38.89 0.15 -43.38
N THR C 87 -39.72 -0.76 -42.88
CA THR C 87 -39.55 -1.39 -41.58
C THR C 87 -39.33 -2.88 -41.80
N LEU C 88 -38.42 -3.47 -41.04
CA LEU C 88 -38.17 -4.91 -41.12
C LEU C 88 -38.35 -5.54 -39.74
N HIS C 89 -39.22 -6.56 -39.67
CA HIS C 89 -39.36 -7.39 -38.46
C HIS C 89 -38.63 -8.69 -38.72
N VAL C 90 -37.56 -8.92 -37.97
CA VAL C 90 -36.77 -10.14 -38.12
C VAL C 90 -37.30 -11.12 -37.09
N GLU C 91 -38.03 -12.15 -37.56
N GLU C 91 -37.99 -12.17 -37.55
CA GLU C 91 -38.41 -13.29 -36.73
CA GLU C 91 -38.44 -13.23 -36.65
C GLU C 91 -37.18 -14.15 -36.49
C GLU C 91 -37.24 -14.16 -36.45
N PHE C 92 -36.49 -13.91 -35.37
CA PHE C 92 -35.20 -14.56 -35.15
C PHE C 92 -35.36 -15.82 -34.32
N GLU C 93 -34.56 -16.83 -34.64
CA GLU C 93 -34.53 -18.03 -33.81
C GLU C 93 -33.09 -18.50 -33.62
N ASN C 94 -32.71 -18.71 -32.37
CA ASN C 94 -31.41 -19.27 -32.01
C ASN C 94 -31.53 -20.77 -31.98
N THR C 95 -30.85 -21.47 -32.89
CA THR C 95 -30.87 -22.92 -32.87
C THR C 95 -29.68 -23.53 -32.13
N MET C 96 -28.81 -22.71 -31.53
CA MET C 96 -27.59 -23.24 -30.91
C MET C 96 -27.79 -23.49 -29.42
N ASP C 97 -26.78 -24.12 -28.83
CA ASP C 97 -26.77 -24.43 -27.40
C ASP C 97 -26.23 -23.28 -26.53
N VAL C 98 -25.76 -22.18 -27.12
CA VAL C 98 -25.32 -21.01 -26.37
C VAL C 98 -26.18 -19.82 -26.80
N PRO C 99 -26.23 -18.79 -25.99
CA PRO C 99 -26.98 -17.58 -26.37
C PRO C 99 -26.33 -16.87 -27.56
N VAL C 100 -27.13 -16.05 -28.22
CA VAL C 100 -26.73 -15.29 -29.41
C VAL C 100 -27.61 -14.04 -29.46
N SER C 101 -27.22 -13.05 -30.26
CA SER C 101 -28.09 -11.91 -30.50
C SER C 101 -27.88 -11.39 -31.93
N LEU C 102 -28.72 -10.43 -32.28
CA LEU C 102 -28.63 -9.75 -33.58
C LEU C 102 -28.56 -8.26 -33.31
N HIS C 103 -27.44 -7.64 -33.67
CA HIS C 103 -27.25 -6.23 -33.47
C HIS C 103 -26.88 -5.59 -34.80
N VAL C 104 -27.50 -4.45 -35.12
CA VAL C 104 -27.33 -3.84 -36.43
C VAL C 104 -26.76 -2.43 -36.28
N HIS C 105 -25.92 -2.04 -37.24
CA HIS C 105 -25.38 -0.69 -37.36
C HIS C 105 -26.27 0.20 -38.21
N GLY C 106 -26.35 1.49 -37.84
CA GLY C 106 -26.97 2.46 -38.73
C GLY C 106 -28.50 2.55 -38.79
N LEU C 107 -29.21 1.45 -38.57
CA LEU C 107 -30.66 1.51 -38.68
C LEU C 107 -31.29 2.03 -37.37
N ASP C 108 -32.57 2.43 -37.46
CA ASP C 108 -33.34 2.81 -36.29
C ASP C 108 -33.87 1.56 -35.60
N TYR C 109 -33.67 1.47 -34.29
CA TYR C 109 -34.29 0.41 -33.51
C TYR C 109 -34.48 0.94 -32.10
N GLU C 110 -35.36 0.31 -31.34
CA GLU C 110 -35.48 0.73 -29.96
C GLU C 110 -34.49 -0.04 -29.11
N ILE C 111 -34.31 0.45 -27.88
CA ILE C 111 -33.41 -0.20 -26.94
C ILE C 111 -33.77 -1.68 -26.81
N SER C 112 -35.06 -2.01 -26.91
CA SER C 112 -35.53 -3.40 -26.84
C SER C 112 -35.03 -4.25 -27.99
N SER C 113 -34.61 -3.65 -29.11
CA SER C 113 -34.06 -4.39 -30.24
C SER C 113 -32.54 -4.26 -30.31
N ASP C 114 -31.90 -3.92 -29.18
CA ASP C 114 -30.46 -3.70 -29.12
C ASP C 114 -29.65 -4.91 -29.56
N GLY C 115 -30.13 -6.11 -29.26
CA GLY C 115 -29.30 -7.28 -29.44
C GLY C 115 -28.13 -7.35 -28.48
N THR C 116 -28.24 -6.75 -27.31
CA THR C 116 -27.18 -6.82 -26.30
C THR C 116 -27.72 -7.49 -25.05
N LYS C 117 -26.88 -8.35 -24.47
CA LYS C 117 -27.11 -8.86 -23.13
C LYS C 117 -27.37 -7.72 -22.16
N GLN C 118 -26.57 -6.64 -22.28
CA GLN C 118 -26.67 -5.49 -21.39
C GLN C 118 -28.10 -5.03 -21.23
N ASN C 119 -28.83 -4.89 -22.33
CA ASN C 119 -30.24 -4.54 -22.30
C ASN C 119 -31.17 -5.75 -22.36
N LYS C 120 -30.65 -6.95 -22.09
CA LYS C 120 -31.46 -8.18 -21.99
C LYS C 120 -32.27 -8.46 -23.27
N SER C 121 -31.77 -8.02 -24.42
CA SER C 121 -32.42 -8.32 -25.70
C SER C 121 -31.60 -9.31 -26.51
N HIS C 122 -30.95 -10.25 -25.83
CA HIS C 122 -30.33 -11.39 -26.46
C HIS C 122 -31.33 -12.55 -26.49
N VAL C 123 -30.91 -13.66 -27.07
CA VAL C 123 -31.79 -14.80 -27.29
C VAL C 123 -31.16 -16.03 -26.70
N GLU C 124 -31.84 -16.63 -25.71
CA GLU C 124 -31.39 -17.83 -25.02
C GLU C 124 -31.35 -19.02 -25.97
N PRO C 125 -30.58 -20.05 -25.64
CA PRO C 125 -30.47 -21.21 -26.54
C PRO C 125 -31.84 -21.78 -26.90
N GLY C 126 -32.09 -21.94 -28.20
CA GLY C 126 -33.37 -22.45 -28.65
C GLY C 126 -34.50 -21.44 -28.63
N GLY C 127 -34.24 -20.22 -28.16
CA GLY C 127 -35.28 -19.23 -27.97
C GLY C 127 -35.60 -18.51 -29.25
N THR C 128 -36.64 -17.67 -29.17
CA THR C 128 -37.05 -16.85 -30.30
C THR C 128 -37.32 -15.44 -29.82
N ARG C 129 -37.30 -14.53 -30.78
CA ARG C 129 -37.48 -13.11 -30.54
C ARG C 129 -37.65 -12.43 -31.89
N THR C 130 -38.38 -11.32 -31.89
CA THR C 130 -38.54 -10.50 -33.07
C THR C 130 -37.81 -9.19 -32.83
N TYR C 131 -36.81 -8.92 -33.66
CA TYR C 131 -36.09 -7.65 -33.70
C TYR C 131 -36.76 -6.79 -34.75
N THR C 132 -36.90 -5.51 -34.46
CA THR C 132 -37.51 -4.59 -35.39
C THR C 132 -36.53 -3.48 -35.74
N TRP C 133 -36.23 -3.37 -37.03
CA TRP C 133 -35.39 -2.31 -37.56
C TRP C 133 -36.25 -1.36 -38.39
N ARG C 134 -36.08 -0.06 -38.17
CA ARG C 134 -36.76 0.96 -38.96
C ARG C 134 -35.73 1.79 -39.71
N THR C 135 -36.18 2.42 -40.79
CA THR C 135 -35.32 3.30 -41.58
C THR C 135 -36.10 4.57 -41.88
N HIS C 136 -35.38 5.62 -42.28
CA HIS C 136 -36.02 6.91 -42.50
C HIS C 136 -35.34 7.62 -43.66
N GLU C 137 -36.08 8.50 -44.29
CA GLU C 137 -35.56 9.32 -45.36
C GLU C 137 -34.97 10.59 -44.78
N PRO C 138 -34.11 11.30 -45.53
CA PRO C 138 -33.66 12.61 -45.08
C PRO C 138 -34.79 13.63 -45.18
N GLY C 139 -34.63 14.71 -44.46
CA GLY C 139 -35.55 15.82 -44.56
C GLY C 139 -35.17 16.86 -43.54
N ARG C 140 -35.78 18.04 -43.68
CA ARG C 140 -35.52 19.12 -42.76
C ARG C 140 -36.24 18.86 -41.43
N ARG C 141 -35.50 19.05 -40.33
CA ARG C 141 -36.02 18.91 -38.98
C ARG C 141 -36.91 20.08 -38.61
N ALA C 142 -37.56 19.96 -37.45
CA ALA C 142 -38.25 21.09 -36.87
C ALA C 142 -37.30 22.25 -36.62
N ASP C 143 -36.08 21.97 -36.14
CA ASP C 143 -35.11 23.02 -35.83
C ASP C 143 -34.40 23.59 -37.07
N GLY C 144 -34.76 23.17 -38.28
CA GLY C 144 -34.24 23.78 -39.47
C GLY C 144 -32.97 23.19 -40.02
N THR C 145 -32.30 22.30 -39.27
CA THR C 145 -31.15 21.56 -39.77
C THR C 145 -31.61 20.42 -40.67
N TRP C 146 -30.66 19.81 -41.36
CA TRP C 146 -30.94 18.69 -42.26
C TRP C 146 -30.65 17.39 -41.54
N ARG C 147 -31.65 16.50 -41.47
CA ARG C 147 -31.49 15.18 -40.89
C ARG C 147 -31.12 14.18 -41.98
N ALA C 148 -30.03 13.46 -41.76
CA ALA C 148 -29.59 12.42 -42.68
C ALA C 148 -30.58 11.26 -42.73
N GLY C 149 -30.70 10.67 -43.90
CA GLY C 149 -31.49 9.47 -44.02
C GLY C 149 -30.69 8.26 -43.65
N SER C 150 -31.37 7.11 -43.59
CA SER C 150 -30.73 5.85 -43.17
C SER C 150 -29.88 5.22 -44.25
N ALA C 151 -29.87 5.76 -45.47
CA ALA C 151 -29.26 5.04 -46.58
C ALA C 151 -27.77 4.88 -46.38
N GLY C 152 -27.26 3.70 -46.70
CA GLY C 152 -25.85 3.44 -46.54
C GLY C 152 -25.56 1.97 -46.64
N TYR C 153 -24.30 1.66 -46.47
CA TYR C 153 -23.83 0.29 -46.44
C TYR C 153 -23.53 -0.04 -45.01
N TRP C 154 -24.24 -1.02 -44.46
CA TRP C 154 -24.26 -1.29 -43.04
C TRP C 154 -24.11 -2.80 -42.84
N HIS C 155 -24.27 -3.25 -41.61
CA HIS C 155 -24.08 -4.62 -41.28
C HIS C 155 -24.67 -4.96 -39.93
N TYR C 156 -24.83 -6.24 -39.66
CA TYR C 156 -25.39 -6.76 -38.41
C TYR C 156 -24.48 -7.89 -37.94
N HIS C 157 -24.42 -8.10 -36.64
CA HIS C 157 -23.55 -9.14 -36.09
C HIS C 157 -24.04 -9.52 -34.70
N ASP C 158 -23.47 -10.59 -34.17
CA ASP C 158 -23.79 -11.06 -32.83
C ASP C 158 -23.13 -10.16 -31.80
N HIS C 159 -23.65 -10.20 -30.58
CA HIS C 159 -23.14 -9.35 -29.51
C HIS C 159 -22.94 -10.07 -28.19
N VAL C 160 -23.10 -11.40 -28.12
CA VAL C 160 -23.10 -12.06 -26.81
C VAL C 160 -22.32 -13.37 -26.82
N VAL C 161 -21.88 -13.85 -27.97
CA VAL C 161 -21.12 -15.10 -28.00
C VAL C 161 -19.65 -14.81 -27.68
N GLY C 162 -19.09 -15.59 -26.75
CA GLY C 162 -17.72 -15.40 -26.30
C GLY C 162 -17.54 -14.29 -25.28
N THR C 163 -17.96 -13.07 -25.60
CA THR C 163 -17.96 -11.93 -24.69
C THR C 163 -19.26 -11.16 -24.90
N GLU C 164 -19.51 -10.18 -24.02
CA GLU C 164 -20.67 -9.30 -24.14
C GLU C 164 -20.50 -8.25 -25.22
N HIS C 165 -19.43 -8.31 -26.02
CA HIS C 165 -19.36 -7.55 -27.25
C HIS C 165 -19.33 -8.47 -28.45
N GLY C 166 -19.64 -9.75 -28.24
CA GLY C 166 -19.75 -10.71 -29.32
C GLY C 166 -18.46 -11.17 -29.93
N THR C 167 -17.33 -11.11 -29.20
CA THR C 167 -16.04 -11.37 -29.85
C THR C 167 -15.97 -12.79 -30.40
N GLY C 168 -16.52 -13.76 -29.67
CA GLY C 168 -16.48 -15.14 -30.14
C GLY C 168 -17.40 -15.36 -31.32
N GLY C 169 -18.59 -14.76 -31.28
CA GLY C 169 -19.52 -14.89 -32.39
C GLY C 169 -19.03 -14.23 -33.67
N ILE C 170 -18.41 -13.05 -33.55
CA ILE C 170 -17.88 -12.37 -34.72
C ILE C 170 -16.78 -13.20 -35.36
N ARG C 171 -15.82 -13.69 -34.53
CA ARG C 171 -14.79 -14.60 -35.01
C ARG C 171 -15.38 -15.82 -35.71
N ASN C 172 -16.48 -16.36 -35.17
CA ASN C 172 -17.08 -17.61 -35.67
C ASN C 172 -17.84 -17.44 -36.97
N GLY C 173 -18.32 -16.24 -37.26
CA GLY C 173 -18.89 -15.96 -38.58
C GLY C 173 -20.26 -15.29 -38.52
N LEU C 174 -20.68 -14.88 -37.33
CA LEU C 174 -21.98 -14.26 -37.10
C LEU C 174 -21.94 -12.78 -37.51
N TYR C 175 -21.99 -12.54 -38.81
CA TYR C 175 -22.03 -11.17 -39.32
C TYR C 175 -22.61 -11.21 -40.74
N GLY C 176 -23.33 -10.16 -41.10
CA GLY C 176 -23.93 -10.04 -42.42
C GLY C 176 -24.09 -8.61 -42.87
N PRO C 177 -24.26 -8.40 -44.17
CA PRO C 177 -24.45 -7.05 -44.69
C PRO C 177 -25.90 -6.61 -44.77
N VAL C 178 -26.08 -5.29 -44.67
CA VAL C 178 -27.37 -4.64 -44.87
C VAL C 178 -27.16 -3.45 -45.79
N ILE C 179 -27.94 -3.36 -46.85
CA ILE C 179 -27.98 -2.16 -47.69
C ILE C 179 -29.33 -1.48 -47.49
N VAL C 180 -29.31 -0.16 -47.29
CA VAL C 180 -30.49 0.69 -47.31
C VAL C 180 -30.31 1.69 -48.45
N ARG C 181 -31.25 1.71 -49.38
CA ARG C 181 -31.17 2.54 -50.57
C ARG C 181 -31.98 3.82 -50.43
N ARG C 182 -31.46 4.90 -51.02
CA ARG C 182 -32.24 6.12 -51.22
C ARG C 182 -33.05 6.04 -52.50
N LYS C 183 -34.18 6.70 -52.52
CA LYS C 183 -35.00 6.78 -53.70
C LYS C 183 -34.15 7.39 -54.80
N GLY C 184 -34.06 6.72 -55.91
CA GLY C 184 -33.29 7.19 -57.04
C GLY C 184 -31.90 6.58 -57.17
N ASP C 185 -31.37 5.98 -56.09
CA ASP C 185 -30.11 5.26 -56.16
C ASP C 185 -30.13 4.26 -57.32
N VAL C 186 -29.04 4.20 -58.07
CA VAL C 186 -28.94 3.21 -59.13
C VAL C 186 -28.76 1.83 -58.52
N LEU C 187 -29.51 0.84 -59.05
CA LEU C 187 -29.46 -0.57 -58.70
C LEU C 187 -28.41 -1.29 -59.53
N PRO C 188 -27.68 -2.23 -58.92
CA PRO C 188 -26.66 -2.98 -59.66
C PRO C 188 -27.22 -4.23 -60.30
N ASP C 189 -26.41 -4.85 -61.16
CA ASP C 189 -26.73 -6.18 -61.65
C ASP C 189 -26.30 -7.27 -60.69
N ALA C 190 -25.42 -6.95 -59.74
CA ALA C 190 -24.87 -7.92 -58.81
C ALA C 190 -24.28 -7.20 -57.60
N THR C 191 -24.38 -7.86 -56.44
CA THR C 191 -23.86 -7.37 -55.17
C THR C 191 -23.03 -8.47 -54.53
N HIS C 192 -21.78 -8.16 -54.21
CA HIS C 192 -20.89 -9.10 -53.54
C HIS C 192 -20.39 -8.50 -52.22
N THR C 193 -20.29 -9.35 -51.20
CA THR C 193 -19.95 -8.92 -49.84
C THR C 193 -18.57 -9.44 -49.47
N ILE C 194 -17.65 -8.53 -49.16
CA ILE C 194 -16.29 -8.89 -48.76
C ILE C 194 -16.09 -8.47 -47.31
N VAL C 195 -15.92 -9.44 -46.41
CA VAL C 195 -15.69 -9.12 -45.01
C VAL C 195 -14.26 -9.49 -44.67
N PHE C 196 -13.54 -8.55 -44.11
CA PHE C 196 -12.21 -8.79 -43.56
C PHE C 196 -12.39 -9.06 -42.08
N ASN C 197 -12.46 -10.36 -41.73
CA ASN C 197 -12.64 -10.80 -40.35
C ASN C 197 -11.28 -11.30 -39.85
N ASP C 198 -10.67 -10.52 -38.96
CA ASP C 198 -9.29 -10.74 -38.55
C ASP C 198 -8.42 -10.97 -39.79
N MET C 199 -7.78 -12.14 -39.89
CA MET C 199 -6.87 -12.42 -40.99
C MET C 199 -7.53 -13.20 -42.12
N THR C 200 -8.85 -13.13 -42.27
CA THR C 200 -9.50 -13.89 -43.31
C THR C 200 -10.44 -13.01 -44.12
N ILE C 201 -10.76 -13.49 -45.30
CA ILE C 201 -11.92 -12.99 -46.03
C ILE C 201 -13.07 -13.98 -45.81
N ASN C 202 -14.16 -13.48 -45.24
CA ASN C 202 -15.41 -14.24 -45.12
C ASN C 202 -15.22 -15.56 -44.39
N ASN C 203 -14.25 -15.60 -43.48
CA ASN C 203 -13.89 -16.78 -42.69
C ASN C 203 -13.35 -17.92 -43.54
N ARG C 204 -12.95 -17.66 -44.76
CA ARG C 204 -12.43 -18.74 -45.57
C ARG C 204 -10.97 -19.02 -45.24
N PRO C 205 -10.51 -20.24 -45.55
CA PRO C 205 -9.08 -20.54 -45.41
C PRO C 205 -8.20 -19.63 -46.24
N ALA C 206 -6.99 -19.40 -45.75
CA ALA C 206 -6.03 -18.57 -46.46
C ALA C 206 -5.90 -19.00 -47.92
N HIS C 207 -5.80 -18.00 -48.79
CA HIS C 207 -5.51 -18.21 -50.22
C HIS C 207 -6.62 -18.99 -50.92
N THR C 208 -7.86 -18.72 -50.52
CA THR C 208 -9.01 -19.35 -51.16
C THR C 208 -10.03 -18.30 -51.60
N GLY C 209 -9.57 -17.10 -51.89
CA GLY C 209 -10.45 -16.08 -52.40
C GLY C 209 -11.36 -15.55 -51.31
N PRO C 210 -12.65 -15.32 -51.62
CA PRO C 210 -13.48 -15.73 -52.75
C PRO C 210 -13.25 -14.96 -54.03
N ASN C 211 -13.49 -15.58 -55.17
CA ASN C 211 -13.59 -14.86 -56.43
C ASN C 211 -15.04 -14.49 -56.72
N PHE C 212 -15.21 -13.44 -57.52
CA PHE C 212 -16.53 -13.03 -57.96
C PHE C 212 -16.47 -12.82 -59.46
N GLU C 213 -17.52 -13.22 -60.17
CA GLU C 213 -17.56 -13.14 -61.63
C GLU C 213 -18.43 -11.97 -62.12
N ALA C 214 -18.03 -11.34 -63.20
CA ALA C 214 -18.89 -10.39 -63.88
C ALA C 214 -18.54 -10.40 -65.36
N THR C 215 -19.34 -9.70 -66.15
N THR C 215 -19.34 -9.70 -66.15
CA THR C 215 -19.02 -9.45 -67.54
CA THR C 215 -19.08 -9.44 -67.56
C THR C 215 -18.77 -7.97 -67.73
C THR C 215 -18.77 -7.96 -67.73
N VAL C 216 -17.89 -7.64 -68.68
CA VAL C 216 -17.57 -6.24 -68.98
C VAL C 216 -18.87 -5.45 -69.16
N GLY C 217 -18.93 -4.27 -68.57
CA GLY C 217 -20.11 -3.46 -68.61
C GLY C 217 -21.04 -3.63 -67.42
N ASP C 218 -21.00 -4.77 -66.72
CA ASP C 218 -21.88 -4.98 -65.56
C ASP C 218 -21.76 -3.85 -64.53
N ARG C 219 -22.88 -3.50 -63.91
CA ARG C 219 -22.84 -2.59 -62.77
C ARG C 219 -22.65 -3.45 -61.52
N VAL C 220 -21.41 -3.51 -61.03
CA VAL C 220 -21.05 -4.41 -59.92
C VAL C 220 -21.01 -3.62 -58.62
N GLU C 221 -21.70 -4.12 -57.59
CA GLU C 221 -21.78 -3.47 -56.28
C GLU C 221 -20.99 -4.27 -55.26
N ILE C 222 -20.18 -3.59 -54.46
CA ILE C 222 -19.33 -4.24 -53.46
C ILE C 222 -19.72 -3.71 -52.08
N VAL C 223 -20.08 -4.61 -51.18
CA VAL C 223 -20.27 -4.32 -49.76
C VAL C 223 -19.03 -4.83 -49.04
N MET C 224 -18.27 -3.89 -48.49
CA MET C 224 -17.05 -4.14 -47.69
CA MET C 224 -17.03 -4.14 -47.73
C MET C 224 -17.09 -3.91 -46.11
N ILE C 225 -16.98 -5.00 -45.38
CA ILE C 225 -17.13 -4.96 -43.92
C ILE C 225 -15.86 -5.48 -43.28
N THR C 226 -15.49 -4.89 -42.15
CA THR C 226 -14.30 -5.30 -41.40
C THR C 226 -14.72 -5.71 -40.01
N HIS C 227 -14.10 -6.76 -39.49
CA HIS C 227 -14.41 -7.26 -38.16
C HIS C 227 -13.15 -7.80 -37.53
N GLY C 228 -13.15 -7.74 -36.19
CA GLY C 228 -12.16 -8.38 -35.34
C GLY C 228 -11.21 -7.43 -34.64
N GLU C 229 -9.92 -7.68 -34.86
CA GLU C 229 -8.86 -7.04 -34.10
C GLU C 229 -7.92 -6.19 -34.93
N TYR C 230 -7.89 -6.33 -36.26
CA TYR C 230 -6.88 -5.68 -37.10
C TYR C 230 -7.45 -4.53 -37.93
N TYR C 231 -6.62 -3.51 -38.19
CA TYR C 231 -6.87 -2.61 -39.30
C TYR C 231 -6.49 -3.30 -40.62
N HIS C 232 -7.04 -2.79 -41.72
CA HIS C 232 -6.74 -3.33 -43.06
C HIS C 232 -6.77 -2.19 -44.06
N THR C 233 -6.31 -2.48 -45.28
CA THR C 233 -6.51 -1.56 -46.40
C THR C 233 -7.07 -2.35 -47.56
N PHE C 234 -8.31 -2.07 -47.93
CA PHE C 234 -8.93 -2.80 -49.03
C PHE C 234 -8.54 -2.16 -50.37
N HIS C 235 -8.15 -3.00 -51.32
CA HIS C 235 -7.65 -2.47 -52.58
C HIS C 235 -8.11 -3.34 -53.76
N MET C 236 -8.49 -2.70 -54.86
CA MET C 236 -8.93 -3.39 -56.07
C MET C 236 -8.09 -2.97 -57.27
N HIS C 237 -7.45 -3.94 -57.92
CA HIS C 237 -6.78 -3.65 -59.18
C HIS C 237 -7.80 -3.24 -60.23
N GLY C 238 -7.48 -2.17 -60.97
CA GLY C 238 -8.19 -1.86 -62.21
C GLY C 238 -9.45 -1.05 -62.07
N HIS C 239 -9.94 -0.83 -60.84
CA HIS C 239 -11.19 -0.12 -60.67
C HIS C 239 -11.06 0.77 -59.45
N ALA C 240 -11.55 1.99 -59.56
CA ALA C 240 -11.56 2.97 -58.49
C ALA C 240 -13.01 3.33 -58.17
N TRP C 241 -13.22 3.96 -57.01
CA TRP C 241 -14.54 4.43 -56.66
C TRP C 241 -14.41 5.76 -55.92
N ALA C 242 -15.55 6.43 -55.74
CA ALA C 242 -15.58 7.65 -54.95
C ALA C 242 -15.74 7.31 -53.47
N ASP C 243 -15.04 8.03 -52.61
CA ASP C 243 -15.11 7.82 -51.15
C ASP C 243 -16.27 8.64 -50.55
N ASN C 244 -17.48 8.19 -50.85
CA ASN C 244 -18.70 8.85 -50.38
C ASN C 244 -19.75 7.76 -50.16
N ARG C 245 -21.02 8.15 -50.00
CA ARG C 245 -22.04 7.20 -49.56
C ARG C 245 -22.24 6.07 -50.56
N THR C 246 -22.35 6.42 -51.85
CA THR C 246 -22.66 5.47 -52.92
C THR C 246 -21.43 4.87 -53.60
N GLY C 247 -20.24 5.43 -53.38
CA GLY C 247 -19.09 5.04 -54.17
C GLY C 247 -19.02 5.65 -55.56
N MET C 248 -19.96 6.53 -55.90
CA MET C 248 -20.01 7.21 -57.18
C MET C 248 -20.20 8.70 -56.94
N LEU C 249 -19.50 9.53 -57.72
CA LEU C 249 -19.67 10.97 -57.56
C LEU C 249 -21.10 11.37 -57.89
N THR C 250 -21.61 12.38 -57.16
CA THR C 250 -22.93 12.91 -57.46
C THR C 250 -22.95 13.65 -58.80
N GLY C 251 -21.85 14.32 -59.14
CA GLY C 251 -21.74 15.06 -60.38
C GLY C 251 -20.45 15.84 -60.37
N PRO C 252 -20.38 16.92 -61.15
CA PRO C 252 -19.12 17.67 -61.27
C PRO C 252 -18.79 18.52 -60.05
N ASP C 253 -19.71 18.67 -59.11
CA ASP C 253 -19.47 19.45 -57.90
C ASP C 253 -19.08 18.59 -56.70
N ASP C 254 -19.04 17.25 -56.84
CA ASP C 254 -18.68 16.37 -55.74
C ASP C 254 -17.16 16.31 -55.53
N PRO C 255 -16.63 16.91 -54.46
CA PRO C 255 -15.18 16.95 -54.26
C PRO C 255 -14.58 15.69 -53.63
N SER C 256 -15.39 14.65 -53.41
CA SER C 256 -14.93 13.45 -52.73
C SER C 256 -13.68 12.88 -53.39
N GLN C 257 -12.72 12.45 -52.56
CA GLN C 257 -11.52 11.84 -53.11
C GLN C 257 -11.88 10.55 -53.84
N VAL C 258 -11.32 10.37 -55.03
CA VAL C 258 -11.49 9.14 -55.78
C VAL C 258 -10.32 8.23 -55.45
N ILE C 259 -10.60 6.98 -55.06
CA ILE C 259 -9.59 6.11 -54.46
C ILE C 259 -9.72 4.69 -55.01
N ASP C 260 -8.63 3.94 -54.92
CA ASP C 260 -8.72 2.49 -55.10
C ASP C 260 -8.18 1.73 -53.90
N ASN C 261 -7.95 2.43 -52.77
CA ASN C 261 -7.35 1.86 -51.55
C ASN C 261 -7.98 2.56 -50.36
N LYS C 262 -8.46 1.81 -49.36
CA LYS C 262 -9.14 2.42 -48.23
C LYS C 262 -8.79 1.69 -46.96
N ILE C 263 -8.29 2.43 -45.96
CA ILE C 263 -8.07 1.84 -44.64
C ILE C 263 -9.41 1.60 -43.95
N CYS C 264 -9.55 0.46 -43.28
CA CYS C 264 -10.75 0.17 -42.51
C CYS C 264 -10.38 -0.56 -41.22
N GLY C 265 -11.22 -0.39 -40.21
CA GLY C 265 -11.01 -1.05 -38.94
C GLY C 265 -12.23 -1.87 -38.58
N PRO C 266 -12.16 -2.58 -37.46
CA PRO C 266 -13.30 -3.40 -37.03
C PRO C 266 -14.62 -2.62 -36.94
N ALA C 267 -15.65 -3.17 -37.58
CA ALA C 267 -17.03 -2.67 -37.70
C ALA C 267 -17.16 -1.49 -38.65
N ASP C 268 -16.11 -1.17 -39.41
CA ASP C 268 -16.27 -0.29 -40.55
C ASP C 268 -17.07 -0.98 -41.64
N SER C 269 -17.97 -0.23 -42.26
CA SER C 269 -18.68 -0.74 -43.42
C SER C 269 -18.69 0.35 -44.49
N PHE C 270 -18.53 -0.07 -45.74
CA PHE C 270 -18.70 0.89 -46.82
C PHE C 270 -19.03 0.11 -48.08
N GLY C 271 -19.43 0.84 -49.11
CA GLY C 271 -19.76 0.16 -50.35
C GLY C 271 -19.55 1.08 -51.53
N PHE C 272 -19.65 0.47 -52.71
CA PHE C 272 -19.47 1.23 -53.92
C PHE C 272 -20.01 0.39 -55.06
N GLN C 273 -20.16 1.03 -56.20
CA GLN C 273 -20.59 0.37 -57.43
C GLN C 273 -19.60 0.78 -58.51
N ILE C 274 -19.14 -0.20 -59.27
CA ILE C 274 -18.26 0.03 -60.40
C ILE C 274 -18.85 -0.62 -61.64
N ILE C 275 -18.54 -0.07 -62.81
CA ILE C 275 -18.74 -0.75 -64.09
C ILE C 275 -17.53 -1.65 -64.31
N ALA C 276 -17.75 -2.96 -64.32
CA ALA C 276 -16.63 -3.89 -64.44
C ALA C 276 -15.87 -3.68 -65.74
N GLY C 277 -14.53 -3.72 -65.66
CA GLY C 277 -13.71 -3.59 -66.83
C GLY C 277 -13.74 -2.23 -67.49
N GLU C 278 -14.43 -1.26 -66.88
CA GLU C 278 -14.57 0.04 -67.51
C GLU C 278 -13.21 0.72 -67.67
N GLY C 279 -12.84 1.01 -68.92
CA GLY C 279 -11.57 1.63 -69.22
C GLY C 279 -10.37 0.72 -69.13
N VAL C 280 -10.54 -0.55 -68.77
CA VAL C 280 -9.42 -1.42 -68.49
C VAL C 280 -9.60 -2.77 -69.16
N GLY C 281 -10.84 -3.08 -69.54
CA GLY C 281 -11.14 -4.33 -70.21
C GLY C 281 -11.22 -5.52 -69.26
N ALA C 282 -11.43 -6.68 -69.87
CA ALA C 282 -11.63 -7.95 -69.18
C ALA C 282 -10.30 -8.48 -68.63
N GLY C 283 -10.42 -9.54 -67.80
CA GLY C 283 -9.30 -10.18 -67.14
C GLY C 283 -9.57 -10.54 -65.68
N ALA C 284 -8.59 -11.21 -65.08
CA ALA C 284 -8.65 -11.55 -63.66
C ALA C 284 -8.03 -10.40 -62.87
N TRP C 285 -8.87 -9.57 -62.24
CA TRP C 285 -8.39 -8.38 -61.55
C TRP C 285 -8.31 -8.66 -60.06
N MET C 286 -7.10 -8.56 -59.51
CA MET C 286 -6.89 -8.83 -58.10
C MET C 286 -7.60 -7.81 -57.22
N TYR C 287 -8.08 -8.29 -56.08
CA TYR C 287 -8.38 -7.44 -54.94
C TYR C 287 -7.75 -8.08 -53.71
N HIS C 288 -7.26 -7.24 -52.79
CA HIS C 288 -6.60 -7.79 -51.62
C HIS C 288 -6.53 -6.75 -50.52
N CYS C 289 -6.37 -7.24 -49.29
CA CYS C 289 -5.84 -6.36 -48.28
C CYS C 289 -4.45 -5.94 -48.72
N HIS C 290 -4.12 -4.67 -48.56
CA HIS C 290 -2.81 -4.23 -49.04
C HIS C 290 -1.78 -4.14 -47.93
N VAL C 291 -2.16 -4.48 -46.70
CA VAL C 291 -1.18 -4.73 -45.67
C VAL C 291 -0.33 -5.92 -46.09
N GLN C 292 0.99 -5.75 -46.11
CA GLN C 292 1.77 -6.65 -46.98
C GLN C 292 1.78 -8.08 -46.45
N SER C 293 1.93 -8.25 -45.13
CA SER C 293 1.84 -9.60 -44.57
C SER C 293 0.44 -10.19 -44.75
N HIS C 294 -0.59 -9.34 -44.84
CA HIS C 294 -1.95 -9.86 -44.96
C HIS C 294 -2.20 -10.45 -46.34
N SER C 295 -1.90 -9.69 -47.40
CA SER C 295 -1.96 -10.28 -48.73
C SER C 295 -1.07 -11.52 -48.81
N ASP C 296 0.17 -11.42 -48.32
CA ASP C 296 1.11 -12.53 -48.34
C ASP C 296 0.52 -13.79 -47.69
N MET C 297 -0.19 -13.63 -46.58
CA MET C 297 -0.78 -14.76 -45.87
C MET C 297 -2.09 -15.24 -46.46
N GLY C 298 -2.69 -14.52 -47.40
CA GLY C 298 -3.83 -15.05 -48.14
C GLY C 298 -5.11 -14.23 -48.21
N MET C 299 -5.11 -13.01 -47.68
CA MET C 299 -6.24 -12.09 -47.85
C MET C 299 -6.19 -11.52 -49.26
N VAL C 300 -6.53 -12.37 -50.23
CA VAL C 300 -6.47 -11.99 -51.64
C VAL C 300 -7.48 -12.84 -52.39
N GLY C 301 -8.11 -12.23 -53.41
CA GLY C 301 -8.97 -12.93 -54.34
C GLY C 301 -8.93 -12.33 -55.74
N LEU C 302 -9.79 -12.82 -56.65
CA LEU C 302 -9.83 -12.36 -58.04
C LEU C 302 -11.24 -11.89 -58.39
N PHE C 303 -11.32 -10.70 -58.95
CA PHE C 303 -12.55 -10.22 -59.55
C PHE C 303 -12.46 -10.57 -61.03
N LEU C 304 -13.11 -11.67 -61.42
CA LEU C 304 -13.01 -12.27 -62.76
C LEU C 304 -13.98 -11.58 -63.70
N VAL C 305 -13.47 -10.70 -64.55
CA VAL C 305 -14.28 -9.89 -65.44
C VAL C 305 -14.24 -10.55 -66.83
N LYS C 306 -15.39 -11.06 -67.27
CA LYS C 306 -15.42 -11.88 -68.48
C LYS C 306 -15.76 -11.06 -69.72
N LYS C 307 -15.17 -11.44 -70.84
CA LYS C 307 -15.60 -10.94 -72.13
C LYS C 307 -17.01 -11.46 -72.44
N PRO C 308 -17.79 -10.74 -73.25
CA PRO C 308 -19.18 -11.13 -73.46
C PRO C 308 -19.36 -12.58 -73.88
N ASP C 309 -18.32 -13.22 -74.43
CA ASP C 309 -18.40 -14.64 -74.73
C ASP C 309 -18.15 -15.52 -73.51
N GLY C 310 -17.74 -14.94 -72.37
CA GLY C 310 -17.59 -15.70 -71.16
C GLY C 310 -16.18 -16.11 -70.81
N THR C 311 -15.20 -15.75 -71.63
CA THR C 311 -13.81 -16.13 -71.41
C THR C 311 -13.03 -15.00 -70.74
N ILE C 312 -12.17 -15.37 -69.79
CA ILE C 312 -11.31 -14.41 -69.10
C ILE C 312 -9.92 -14.50 -69.72
N PRO C 313 -9.42 -13.42 -70.35
CA PRO C 313 -8.08 -13.47 -70.97
C PRO C 313 -6.98 -13.63 -69.92
N GLY C 314 -6.08 -14.57 -70.18
CA GLY C 314 -5.00 -14.83 -69.25
C GLY C 314 -5.43 -15.55 -67.99
N TYR C 315 -6.23 -16.60 -68.13
CA TYR C 315 -6.80 -17.24 -66.96
C TYR C 315 -7.34 -18.63 -67.29
N ALA D 40 -16.53 14.60 -7.73
CA ALA D 40 -15.46 13.60 -7.76
C ALA D 40 -14.11 14.23 -7.43
N GLY D 41 -13.25 13.46 -6.74
CA GLY D 41 -11.89 13.84 -6.39
C GLY D 41 -11.74 14.18 -4.92
N ALA D 42 -10.63 14.87 -4.62
CA ALA D 42 -10.35 15.41 -3.30
C ALA D 42 -10.10 16.91 -3.43
N ALA D 43 -10.24 17.62 -2.30
CA ALA D 43 -10.05 19.07 -2.38
C ALA D 43 -8.56 19.39 -2.52
N PRO D 44 -8.21 20.45 -3.24
CA PRO D 44 -6.81 20.83 -3.38
C PRO D 44 -6.41 21.77 -2.25
N ALA D 45 -5.12 22.09 -2.18
CA ALA D 45 -4.71 23.10 -1.22
C ALA D 45 -5.21 24.47 -1.66
N GLY D 46 -5.41 25.36 -0.69
CA GLY D 46 -5.93 26.68 -0.94
C GLY D 46 -4.84 27.74 -1.06
N GLY D 47 -5.27 28.98 -1.25
CA GLY D 47 -4.37 30.10 -1.41
C GLY D 47 -4.71 30.99 -2.58
N GLU D 48 -5.78 30.67 -3.31
CA GLU D 48 -6.25 31.56 -4.36
C GLU D 48 -6.89 32.79 -3.74
N VAL D 49 -6.69 33.94 -4.37
CA VAL D 49 -7.47 35.13 -4.03
C VAL D 49 -8.63 35.16 -5.02
N ARG D 50 -9.83 34.83 -4.54
CA ARG D 50 -11.02 34.86 -5.38
C ARG D 50 -11.82 36.12 -5.12
N ARG D 51 -12.63 36.47 -6.10
CA ARG D 51 -13.47 37.65 -6.01
C ARG D 51 -14.82 37.29 -6.62
N VAL D 52 -15.90 37.83 -6.06
CA VAL D 52 -17.23 37.64 -6.61
C VAL D 52 -17.99 38.95 -6.44
N THR D 53 -19.09 39.06 -7.16
CA THR D 53 -20.09 40.09 -6.91
C THR D 53 -21.22 39.47 -6.11
N MET D 54 -21.76 40.24 -5.18
CA MET D 54 -22.94 39.83 -4.43
C MET D 54 -23.88 41.01 -4.30
N TYR D 55 -25.17 40.77 -4.47
CA TYR D 55 -26.19 41.80 -4.27
C TYR D 55 -27.25 41.29 -3.30
N ALA D 56 -27.87 42.23 -2.59
CA ALA D 56 -29.04 41.98 -1.77
C ALA D 56 -30.22 42.62 -2.48
N GLU D 57 -31.22 41.82 -2.83
CA GLU D 57 -32.39 42.30 -3.54
C GLU D 57 -33.65 41.89 -2.80
N ARG D 58 -34.66 42.76 -2.88
CA ARG D 58 -36.01 42.38 -2.46
C ARG D 58 -36.51 41.27 -3.37
N LEU D 59 -37.07 40.22 -2.77
CA LEU D 59 -37.73 39.20 -3.56
C LEU D 59 -39.24 39.37 -3.38
N ALA D 60 -40.00 38.44 -3.92
CA ALA D 60 -41.45 38.53 -3.79
C ALA D 60 -41.88 38.20 -2.37
N GLY D 61 -43.00 38.79 -1.95
CA GLY D 61 -43.58 38.49 -0.64
C GLY D 61 -42.90 39.16 0.53
N GLY D 62 -42.27 40.32 0.32
CA GLY D 62 -41.56 40.95 1.43
C GLY D 62 -40.30 40.23 1.84
N GLN D 63 -39.81 39.33 0.99
CA GLN D 63 -38.57 38.64 1.25
C GLN D 63 -37.36 39.40 0.72
N MET D 64 -36.18 39.03 1.16
CA MET D 64 -34.93 39.63 0.69
C MET D 64 -33.93 38.50 0.51
N GLY D 65 -33.07 38.63 -0.49
CA GLY D 65 -32.16 37.55 -0.82
C GLY D 65 -30.84 38.08 -1.32
N TYR D 66 -29.83 37.22 -1.22
CA TYR D 66 -28.50 37.42 -1.76
C TYR D 66 -28.36 36.66 -3.08
N GLY D 67 -27.59 37.25 -4.01
CA GLY D 67 -27.26 36.58 -5.26
C GLY D 67 -25.91 37.01 -5.82
N LEU D 68 -25.42 36.23 -6.78
CA LEU D 68 -24.17 36.54 -7.47
C LEU D 68 -24.37 37.31 -8.77
N GLU D 69 -25.61 37.48 -9.24
CA GLU D 69 -25.96 38.33 -10.36
C GLU D 69 -27.21 39.13 -10.02
N LYS D 70 -27.27 40.39 -10.49
CA LYS D 70 -28.46 41.20 -10.29
C LYS D 70 -29.69 40.45 -10.80
N GLY D 71 -30.79 40.54 -10.05
CA GLY D 71 -32.00 39.84 -10.45
C GLY D 71 -31.99 38.34 -10.27
N LYS D 72 -30.92 37.75 -9.71
CA LYS D 72 -30.89 36.32 -9.46
C LYS D 72 -30.76 35.98 -7.97
N ALA D 73 -31.23 36.86 -7.09
CA ALA D 73 -31.19 36.55 -5.66
C ALA D 73 -31.99 35.28 -5.37
N SER D 74 -31.61 34.59 -4.30
CA SER D 74 -32.16 33.29 -3.94
C SER D 74 -32.15 33.12 -2.42
N ILE D 75 -33.05 32.28 -1.93
CA ILE D 75 -33.14 31.89 -0.51
C ILE D 75 -33.14 30.38 -0.40
N PRO D 76 -32.12 29.73 0.20
CA PRO D 76 -30.93 30.38 0.76
C PRO D 76 -30.07 31.03 -0.32
N GLY D 77 -29.18 31.92 0.10
CA GLY D 77 -28.28 32.57 -0.82
C GLY D 77 -27.36 31.58 -1.49
N PRO D 78 -26.55 32.09 -2.43
CA PRO D 78 -25.61 31.22 -3.15
C PRO D 78 -24.62 30.56 -2.21
N LEU D 79 -24.27 29.32 -2.55
CA LEU D 79 -23.28 28.57 -1.78
C LEU D 79 -21.87 29.07 -2.12
N ILE D 80 -21.10 29.43 -1.11
CA ILE D 80 -19.71 29.81 -1.30
C ILE D 80 -18.81 28.68 -0.81
N GLU D 81 -17.86 28.28 -1.65
CA GLU D 81 -16.90 27.23 -1.33
C GLU D 81 -15.49 27.79 -1.45
N LEU D 82 -14.67 27.56 -0.44
CA LEU D 82 -13.27 27.91 -0.49
C LEU D 82 -12.42 26.74 0.01
N ASN D 83 -11.18 26.71 -0.44
CA ASN D 83 -10.18 25.80 0.09
C ASN D 83 -9.39 26.54 1.15
N GLU D 84 -9.08 25.84 2.25
CA GLU D 84 -8.31 26.43 3.35
C GLU D 84 -7.11 27.19 2.83
N GLY D 85 -7.08 28.51 3.10
CA GLY D 85 -6.04 29.39 2.60
C GLY D 85 -6.53 30.45 1.65
N ASP D 86 -7.62 30.18 0.94
CA ASP D 86 -8.16 31.13 -0.03
C ASP D 86 -8.59 32.41 0.66
N THR D 87 -8.59 33.50 -0.10
CA THR D 87 -9.18 34.77 0.31
C THR D 87 -10.31 35.10 -0.66
N LEU D 88 -11.44 35.55 -0.14
CA LEU D 88 -12.57 35.93 -0.99
C LEU D 88 -12.92 37.39 -0.76
N HIS D 89 -12.82 38.20 -1.80
CA HIS D 89 -13.27 39.59 -1.79
C HIS D 89 -14.69 39.61 -2.37
N VAL D 90 -15.65 40.06 -1.57
CA VAL D 90 -17.03 40.11 -2.01
C VAL D 90 -17.35 41.56 -2.36
N GLU D 91 -17.51 41.84 -3.63
CA GLU D 91 -17.89 43.18 -4.07
C GLU D 91 -19.40 43.19 -3.94
N PHE D 92 -19.87 43.89 -2.94
CA PHE D 92 -21.26 43.78 -2.51
C PHE D 92 -22.03 45.04 -2.87
N GLU D 93 -23.24 44.88 -3.36
CA GLU D 93 -24.11 46.00 -3.67
C GLU D 93 -25.47 45.84 -3.00
N ASN D 94 -25.94 46.89 -2.36
CA ASN D 94 -27.29 46.92 -1.80
C ASN D 94 -28.23 47.56 -2.83
N THR D 95 -29.01 46.73 -3.52
CA THR D 95 -30.02 47.24 -4.43
C THR D 95 -31.36 47.51 -3.76
N MET D 96 -31.41 47.58 -2.43
CA MET D 96 -32.65 47.73 -1.68
C MET D 96 -32.81 49.14 -1.15
N ASP D 97 -34.02 49.42 -0.66
CA ASP D 97 -34.36 50.71 -0.10
C ASP D 97 -34.03 50.84 1.41
N VAL D 98 -33.49 49.80 2.04
CA VAL D 98 -33.10 49.89 3.45
C VAL D 98 -31.66 49.37 3.57
N PRO D 99 -30.94 49.76 4.63
CA PRO D 99 -29.58 49.25 4.77
C PRO D 99 -29.61 47.74 4.94
N VAL D 100 -28.46 47.15 4.70
CA VAL D 100 -28.27 45.71 4.80
C VAL D 100 -26.80 45.52 5.11
N SER D 101 -26.41 44.29 5.39
CA SER D 101 -25.00 43.98 5.59
C SER D 101 -24.78 42.50 5.35
N LEU D 102 -23.53 42.09 5.46
CA LEU D 102 -23.09 40.72 5.18
C LEU D 102 -22.09 40.36 6.27
N HIS D 103 -22.45 39.35 7.07
CA HIS D 103 -21.65 38.90 8.20
C HIS D 103 -21.52 37.40 8.13
N VAL D 104 -20.28 36.90 8.24
CA VAL D 104 -20.01 35.48 8.06
C VAL D 104 -19.59 34.89 9.40
N HIS D 105 -19.93 33.62 9.60
CA HIS D 105 -19.42 32.85 10.73
C HIS D 105 -18.16 32.11 10.34
N GLY D 106 -17.24 31.99 11.29
CA GLY D 106 -16.18 31.00 11.21
C GLY D 106 -14.97 31.47 10.43
N LEU D 107 -15.16 32.27 9.41
CA LEU D 107 -14.06 32.71 8.59
C LEU D 107 -13.38 33.90 9.25
N ASP D 108 -12.10 34.09 8.92
CA ASP D 108 -11.38 35.24 9.45
C ASP D 108 -11.75 36.48 8.66
N TYR D 109 -12.16 37.53 9.36
CA TYR D 109 -12.38 38.84 8.75
C TYR D 109 -11.89 39.87 9.74
N GLU D 110 -11.64 41.07 9.26
CA GLU D 110 -11.30 42.14 10.18
C GLU D 110 -12.56 42.92 10.54
N ILE D 111 -12.43 43.77 11.56
CA ILE D 111 -13.57 44.52 12.08
C ILE D 111 -14.27 45.35 11.00
N SER D 112 -13.55 45.75 9.94
CA SER D 112 -14.17 46.48 8.85
C SER D 112 -15.09 45.59 8.00
N SER D 113 -14.96 44.27 8.10
CA SER D 113 -15.83 43.34 7.39
C SER D 113 -16.68 42.51 8.35
N ASP D 114 -16.63 42.82 9.64
CA ASP D 114 -17.61 42.35 10.62
C ASP D 114 -19.03 42.40 10.08
N GLY D 115 -19.39 43.49 9.42
CA GLY D 115 -20.72 43.64 8.87
C GLY D 115 -21.77 44.10 9.86
N THR D 116 -21.40 44.89 10.85
CA THR D 116 -22.35 45.34 11.85
C THR D 116 -22.49 46.85 11.77
N LYS D 117 -23.67 47.33 12.16
CA LYS D 117 -23.83 48.77 12.29
C LYS D 117 -22.96 49.31 13.42
N GLN D 118 -22.75 48.49 14.45
CA GLN D 118 -21.86 48.86 15.54
C GLN D 118 -20.47 49.19 15.01
N ASN D 119 -19.96 48.41 14.06
CA ASN D 119 -18.62 48.61 13.52
C ASN D 119 -18.65 49.34 12.18
N LYS D 120 -19.78 49.97 11.87
CA LYS D 120 -19.88 50.81 10.68
C LYS D 120 -19.48 50.08 9.41
N SER D 121 -19.77 48.78 9.34
CA SER D 121 -19.51 48.00 8.14
C SER D 121 -20.80 47.50 7.49
N HIS D 122 -21.89 48.25 7.64
CA HIS D 122 -23.09 47.97 6.86
C HIS D 122 -23.08 48.73 5.52
N VAL D 123 -24.06 48.41 4.67
CA VAL D 123 -24.17 48.97 3.32
C VAL D 123 -25.45 49.76 3.23
N GLU D 124 -25.33 51.08 3.10
N GLU D 124 -25.35 51.08 3.13
CA GLU D 124 -26.49 51.95 2.99
CA GLU D 124 -26.54 51.91 3.06
C GLU D 124 -27.30 51.62 1.75
C GLU D 124 -27.29 51.65 1.75
N PRO D 125 -28.55 52.08 1.66
CA PRO D 125 -29.33 51.87 0.43
C PRO D 125 -28.63 52.40 -0.82
N GLY D 126 -28.66 51.60 -1.88
CA GLY D 126 -27.90 51.91 -3.08
C GLY D 126 -26.39 51.84 -2.93
N GLY D 127 -25.87 51.63 -1.71
CA GLY D 127 -24.44 51.65 -1.48
C GLY D 127 -23.74 50.39 -2.00
N THR D 128 -22.43 50.37 -1.81
CA THR D 128 -21.61 49.21 -2.18
C THR D 128 -20.46 49.12 -1.20
N ARG D 129 -19.87 47.93 -1.13
CA ARG D 129 -18.75 47.69 -0.23
C ARG D 129 -18.07 46.39 -0.64
N THR D 130 -16.80 46.28 -0.30
CA THR D 130 -16.05 45.04 -0.51
C THR D 130 -15.80 44.41 0.85
N TYR D 131 -16.47 43.30 1.13
CA TYR D 131 -16.18 42.49 2.30
C TYR D 131 -15.09 41.51 1.95
N THR D 132 -14.16 41.31 2.87
CA THR D 132 -13.05 40.39 2.65
C THR D 132 -13.08 39.30 3.70
N TRP D 133 -13.14 38.06 3.25
CA TRP D 133 -13.03 36.90 4.11
C TRP D 133 -11.74 36.17 3.80
N ARG D 134 -11.07 35.68 4.84
CA ARG D 134 -9.90 34.85 4.65
C ARG D 134 -10.10 33.52 5.36
N THR D 135 -9.24 32.58 5.01
CA THR D 135 -9.22 31.29 5.66
C THR D 135 -7.77 30.91 5.88
N HIS D 136 -7.55 29.89 6.71
CA HIS D 136 -6.20 29.49 7.05
C HIS D 136 -6.16 27.99 7.24
N GLU D 137 -5.00 27.41 6.93
CA GLU D 137 -4.75 26.00 7.16
C GLU D 137 -4.51 25.76 8.65
N PRO D 138 -4.62 24.51 9.11
CA PRO D 138 -4.20 24.20 10.48
C PRO D 138 -2.69 24.09 10.54
N GLY D 139 -2.16 24.24 11.76
CA GLY D 139 -0.71 24.24 11.91
C GLY D 139 -0.27 24.40 13.35
N ARG D 140 1.02 24.14 13.55
CA ARG D 140 1.65 24.22 14.85
C ARG D 140 2.09 25.64 15.13
N ARG D 141 1.68 26.19 16.26
CA ARG D 141 2.17 27.49 16.68
C ARG D 141 3.58 27.37 17.25
N ALA D 142 4.22 28.52 17.49
CA ALA D 142 5.57 28.50 18.02
C ALA D 142 5.62 27.87 19.40
N ASP D 143 4.58 28.08 20.20
CA ASP D 143 4.51 27.49 21.54
C ASP D 143 4.21 25.99 21.53
N GLY D 144 3.99 25.37 20.38
CA GLY D 144 3.72 23.95 20.33
C GLY D 144 2.25 23.59 20.29
N THR D 145 1.36 24.57 20.44
CA THR D 145 -0.09 24.35 20.36
C THR D 145 -0.53 24.22 18.89
N TRP D 146 -1.70 23.59 18.69
CA TRP D 146 -2.24 23.31 17.36
C TRP D 146 -3.29 24.35 17.02
N ARG D 147 -3.00 25.18 16.01
CA ARG D 147 -4.02 26.08 15.49
C ARG D 147 -4.90 25.30 14.53
N ALA D 148 -6.21 25.34 14.80
CA ALA D 148 -7.17 24.68 13.92
C ALA D 148 -7.39 25.51 12.67
N GLY D 149 -7.61 24.80 11.57
CA GLY D 149 -7.89 25.44 10.29
C GLY D 149 -9.28 26.03 10.26
N SER D 150 -9.59 26.68 9.15
CA SER D 150 -10.91 27.24 8.94
C SER D 150 -11.92 26.21 8.45
N ALA D 151 -11.50 24.99 8.14
CA ALA D 151 -12.38 24.08 7.40
C ALA D 151 -13.61 23.77 8.21
N GLY D 152 -14.74 23.67 7.52
CA GLY D 152 -15.99 23.46 8.20
C GLY D 152 -17.16 23.93 7.35
N TYR D 153 -18.33 23.82 7.96
CA TYR D 153 -19.62 24.18 7.37
C TYR D 153 -20.08 25.46 8.05
N TRP D 154 -20.09 26.55 7.30
CA TRP D 154 -20.38 27.86 7.85
C TRP D 154 -21.54 28.52 7.11
N HIS D 155 -21.75 29.81 7.39
CA HIS D 155 -22.91 30.50 6.83
C HIS D 155 -22.72 32.00 7.01
N TYR D 156 -23.47 32.74 6.21
CA TYR D 156 -23.44 34.19 6.28
C TYR D 156 -24.88 34.67 6.35
N HIS D 157 -25.06 35.87 6.91
CA HIS D 157 -26.41 36.41 7.03
C HIS D 157 -26.32 37.90 7.32
N ASP D 158 -27.46 38.55 7.12
CA ASP D 158 -27.58 39.97 7.40
C ASP D 158 -27.49 40.23 8.90
N HIS D 159 -26.95 41.42 9.24
CA HIS D 159 -26.82 41.83 10.63
C HIS D 159 -27.50 43.16 10.98
N VAL D 160 -28.26 43.77 10.06
CA VAL D 160 -28.80 45.10 10.33
C VAL D 160 -30.26 45.32 9.92
N VAL D 161 -30.87 44.42 9.16
CA VAL D 161 -32.27 44.66 8.79
C VAL D 161 -33.19 44.27 9.94
N GLY D 162 -34.05 45.19 10.35
CA GLY D 162 -35.03 44.92 11.40
C GLY D 162 -34.53 45.38 12.74
N THR D 163 -33.40 44.82 13.17
CA THR D 163 -32.73 45.19 14.41
C THR D 163 -31.24 45.24 14.13
N GLU D 164 -30.46 45.66 15.12
CA GLU D 164 -29.01 45.65 15.05
C GLU D 164 -28.39 44.21 15.11
N HIS D 165 -29.25 43.18 15.08
CA HIS D 165 -28.80 41.80 15.00
C HIS D 165 -29.35 41.07 13.80
N GLY D 166 -30.05 41.75 12.91
CA GLY D 166 -30.45 41.18 11.63
C GLY D 166 -31.70 40.35 11.68
N THR D 167 -32.45 40.41 12.79
CA THR D 167 -33.65 39.59 12.96
C THR D 167 -34.57 39.67 11.76
N GLY D 168 -34.81 40.87 11.24
CA GLY D 168 -35.68 41.04 10.10
C GLY D 168 -35.06 40.55 8.80
N GLY D 169 -33.78 40.86 8.61
CA GLY D 169 -33.08 40.34 7.46
C GLY D 169 -33.10 38.82 7.41
N ILE D 170 -32.83 38.18 8.56
CA ILE D 170 -32.82 36.73 8.60
C ILE D 170 -34.23 36.19 8.36
N ARG D 171 -35.23 36.78 9.01
CA ARG D 171 -36.62 36.41 8.75
C ARG D 171 -36.94 36.45 7.26
N ASN D 172 -36.46 37.48 6.55
CA ASN D 172 -36.82 37.71 5.16
C ASN D 172 -36.06 36.85 4.14
N GLY D 173 -35.03 36.10 4.57
CA GLY D 173 -34.28 35.24 3.66
C GLY D 173 -32.80 35.57 3.48
N LEU D 174 -32.27 36.54 4.21
CA LEU D 174 -30.91 37.01 3.97
C LEU D 174 -29.92 36.08 4.66
N TYR D 175 -29.75 34.91 4.08
CA TYR D 175 -28.82 33.94 4.68
C TYR D 175 -28.34 32.98 3.61
N GLY D 176 -27.12 32.45 3.79
CA GLY D 176 -26.60 31.47 2.85
C GLY D 176 -25.46 30.61 3.38
N PRO D 177 -25.17 29.51 2.67
CA PRO D 177 -24.12 28.58 3.12
C PRO D 177 -22.71 28.88 2.63
N VAL D 178 -21.75 28.58 3.51
CA VAL D 178 -20.31 28.66 3.22
C VAL D 178 -19.67 27.34 3.60
N ILE D 179 -18.91 26.76 2.69
CA ILE D 179 -18.13 25.56 2.99
C ILE D 179 -16.67 25.86 2.75
N VAL D 180 -15.84 25.52 3.73
CA VAL D 180 -14.41 25.62 3.58
C VAL D 180 -13.84 24.22 3.69
N ARG D 181 -13.11 23.80 2.68
CA ARG D 181 -12.58 22.45 2.61
C ARG D 181 -11.11 22.45 2.99
N ARG D 182 -10.69 21.39 3.66
CA ARG D 182 -9.29 21.09 3.90
C ARG D 182 -8.74 20.31 2.72
N LYS D 183 -7.47 20.53 2.42
CA LYS D 183 -6.80 19.73 1.40
C LYS D 183 -6.99 18.26 1.71
N GLY D 184 -7.51 17.51 0.74
CA GLY D 184 -7.79 16.10 0.93
C GLY D 184 -9.21 15.75 1.33
N ASP D 185 -10.08 16.73 1.59
CA ASP D 185 -11.47 16.44 1.91
C ASP D 185 -12.16 15.79 0.72
N VAL D 186 -13.02 14.81 0.98
CA VAL D 186 -13.74 14.15 -0.11
C VAL D 186 -14.77 15.11 -0.72
N LEU D 187 -14.79 15.18 -2.06
CA LEU D 187 -15.73 16.05 -2.76
C LEU D 187 -17.03 15.30 -3.10
N PRO D 188 -18.17 15.97 -3.00
CA PRO D 188 -19.45 15.31 -3.25
C PRO D 188 -19.90 15.45 -4.69
N ASP D 189 -20.90 14.65 -5.07
CA ASP D 189 -21.49 14.75 -6.40
C ASP D 189 -22.47 15.91 -6.52
N ALA D 190 -22.92 16.44 -5.38
CA ALA D 190 -23.87 17.55 -5.29
C ALA D 190 -23.93 17.98 -3.82
N THR D 191 -24.45 19.18 -3.61
CA THR D 191 -24.55 19.78 -2.30
C THR D 191 -25.92 20.42 -2.19
N HIS D 192 -26.60 20.20 -1.04
CA HIS D 192 -27.93 20.77 -0.82
C HIS D 192 -27.97 21.47 0.53
N THR D 193 -28.51 22.69 0.55
CA THR D 193 -28.59 23.46 1.78
C THR D 193 -30.01 23.38 2.32
N ILE D 194 -30.11 23.09 3.61
CA ILE D 194 -31.36 23.01 4.32
C ILE D 194 -31.24 23.97 5.48
N VAL D 195 -32.07 25.00 5.49
CA VAL D 195 -32.08 26.00 6.55
C VAL D 195 -33.40 25.88 7.28
N PHE D 196 -33.34 25.48 8.54
CA PHE D 196 -34.51 25.57 9.39
C PHE D 196 -34.58 27.01 9.87
N ASN D 197 -35.46 27.80 9.25
CA ASN D 197 -35.59 29.23 9.53
C ASN D 197 -36.92 29.50 10.22
N ASP D 198 -36.85 29.71 11.55
CA ASP D 198 -38.05 29.70 12.38
C ASP D 198 -38.85 28.44 12.13
N MET D 199 -40.10 28.53 11.70
CA MET D 199 -40.91 27.36 11.44
C MET D 199 -40.94 26.95 9.96
N THR D 200 -39.97 27.42 9.15
CA THR D 200 -39.90 27.09 7.73
C THR D 200 -38.61 26.33 7.41
N ILE D 201 -38.63 25.64 6.27
CA ILE D 201 -37.42 25.17 5.61
C ILE D 201 -37.18 26.09 4.41
N ASN D 202 -36.04 26.80 4.41
CA ASN D 202 -35.69 27.72 3.32
C ASN D 202 -36.81 28.69 2.98
N ASN D 203 -37.53 29.16 4.01
CA ASN D 203 -38.61 30.14 3.86
C ASN D 203 -39.75 29.64 2.95
N ARG D 204 -39.83 28.33 2.68
CA ARG D 204 -40.95 27.82 1.92
C ARG D 204 -42.19 27.74 2.81
N PRO D 205 -43.38 27.74 2.19
CA PRO D 205 -44.61 27.44 2.95
C PRO D 205 -44.61 26.01 3.44
N ALA D 206 -45.50 25.76 4.41
CA ALA D 206 -45.56 24.45 5.04
C ALA D 206 -45.81 23.34 4.04
N HIS D 207 -45.08 22.24 4.22
CA HIS D 207 -45.28 20.99 3.46
C HIS D 207 -45.01 21.18 1.98
N THR D 208 -44.08 22.09 1.66
CA THR D 208 -43.62 22.27 0.29
C THR D 208 -42.12 22.04 0.15
N GLY D 209 -41.53 21.21 1.01
CA GLY D 209 -40.15 20.80 0.87
C GLY D 209 -39.13 21.84 1.31
N PRO D 210 -38.08 22.05 0.51
CA PRO D 210 -37.88 21.54 -0.85
C PRO D 210 -37.55 20.06 -0.84
N ASN D 211 -37.72 19.43 -1.99
CA ASN D 211 -37.29 18.05 -2.20
C ASN D 211 -35.95 18.10 -2.93
N PHE D 212 -35.15 17.05 -2.74
CA PHE D 212 -33.83 16.95 -3.35
C PHE D 212 -33.74 15.58 -4.00
N GLU D 213 -33.33 15.54 -5.25
CA GLU D 213 -33.22 14.29 -5.99
C GLU D 213 -31.77 13.82 -6.04
N ALA D 214 -31.60 12.50 -6.03
CA ALA D 214 -30.31 11.90 -6.29
C ALA D 214 -30.53 10.50 -6.84
N THR D 215 -29.43 9.81 -7.08
CA THR D 215 -29.41 8.45 -7.58
C THR D 215 -28.65 7.59 -6.58
N VAL D 216 -29.11 6.35 -6.40
N VAL D 216 -29.11 6.35 -6.41
CA VAL D 216 -28.43 5.45 -5.47
CA VAL D 216 -28.42 5.43 -5.51
C VAL D 216 -26.96 5.41 -5.82
C VAL D 216 -26.94 5.44 -5.83
N GLY D 217 -26.11 5.54 -4.81
CA GLY D 217 -24.70 5.59 -4.98
C GLY D 217 -24.11 6.98 -5.01
N ASP D 218 -24.92 8.00 -5.34
CA ASP D 218 -24.41 9.37 -5.36
C ASP D 218 -23.86 9.80 -4.00
N ARG D 219 -22.77 10.57 -4.03
CA ARG D 219 -22.21 11.17 -2.82
C ARG D 219 -22.87 12.53 -2.65
N VAL D 220 -23.76 12.63 -1.67
CA VAL D 220 -24.61 13.80 -1.48
C VAL D 220 -24.16 14.53 -0.23
N GLU D 221 -23.89 15.81 -0.35
CA GLU D 221 -23.49 16.65 0.76
C GLU D 221 -24.71 17.45 1.21
N ILE D 222 -24.93 17.52 2.53
CA ILE D 222 -25.99 18.33 3.12
C ILE D 222 -25.33 19.41 3.96
N VAL D 223 -25.73 20.66 3.75
CA VAL D 223 -25.40 21.74 4.67
C VAL D 223 -26.66 22.07 5.46
N MET D 224 -26.55 22.07 6.78
N MET D 224 -26.55 22.06 6.79
CA MET D 224 -27.64 22.35 7.66
CA MET D 224 -27.65 22.33 7.67
C MET D 224 -27.43 23.58 8.51
C MET D 224 -27.44 23.57 8.55
N ILE D 225 -28.26 24.60 8.31
CA ILE D 225 -28.17 25.85 9.04
C ILE D 225 -29.52 26.08 9.71
N THR D 226 -29.49 26.71 10.88
CA THR D 226 -30.70 27.01 11.62
C THR D 226 -30.69 28.48 11.95
N HIS D 227 -31.87 29.11 11.89
CA HIS D 227 -32.01 30.54 12.12
C HIS D 227 -33.30 30.84 12.85
N GLY D 228 -33.29 31.93 13.62
CA GLY D 228 -34.53 32.45 14.16
C GLY D 228 -34.67 32.32 15.67
N GLU D 229 -35.80 31.77 16.11
CA GLU D 229 -36.14 31.78 17.52
C GLU D 229 -36.21 30.40 18.16
N TYR D 230 -36.29 29.33 17.38
CA TYR D 230 -36.65 28.02 17.90
C TYR D 230 -35.50 27.04 17.76
N TYR D 231 -35.38 26.13 18.73
CA TYR D 231 -34.56 24.95 18.52
C TYR D 231 -35.29 23.99 17.59
N HIS D 232 -34.54 23.07 16.98
CA HIS D 232 -35.13 22.05 16.11
C HIS D 232 -34.32 20.78 16.27
N THR D 233 -34.81 19.69 15.66
CA THR D 233 -34.04 18.45 15.61
C THR D 233 -34.09 17.94 14.18
N PHE D 234 -32.97 18.06 13.47
CA PHE D 234 -32.91 17.62 12.08
C PHE D 234 -32.84 16.10 12.00
N HIS D 235 -33.73 15.50 11.22
CA HIS D 235 -33.73 14.04 11.09
C HIS D 235 -33.86 13.63 9.62
N MET D 236 -33.14 12.61 9.26
CA MET D 236 -33.18 12.10 7.94
C MET D 236 -33.51 10.61 7.94
N HIS D 237 -34.57 10.22 7.30
CA HIS D 237 -34.89 8.80 7.26
C HIS D 237 -33.84 8.08 6.43
N GLY D 238 -33.42 6.91 6.92
CA GLY D 238 -32.67 5.97 6.13
C GLY D 238 -31.19 6.23 5.99
N HIS D 239 -30.70 7.37 6.47
CA HIS D 239 -29.31 7.75 6.28
C HIS D 239 -28.78 8.34 7.59
N ALA D 240 -27.65 7.83 8.04
CA ALA D 240 -27.00 8.36 9.24
C ALA D 240 -25.65 8.94 8.87
N TRP D 241 -25.06 9.72 9.79
CA TRP D 241 -23.79 10.37 9.54
C TRP D 241 -23.02 10.49 10.85
N ALA D 242 -21.75 10.85 10.74
CA ALA D 242 -20.91 10.97 11.93
C ALA D 242 -20.96 12.41 12.42
N ASP D 243 -21.14 12.58 13.73
CA ASP D 243 -21.22 13.91 14.35
C ASP D 243 -19.80 14.45 14.52
N ASN D 244 -19.18 14.83 13.41
CA ASN D 244 -17.87 15.50 13.51
C ASN D 244 -17.78 16.54 12.39
N ARG D 245 -16.56 17.01 12.12
CA ARG D 245 -16.40 18.12 11.19
C ARG D 245 -16.89 17.76 9.80
N THR D 246 -16.53 16.59 9.31
CA THR D 246 -16.85 16.30 7.92
C THR D 246 -18.14 15.52 7.76
N GLY D 247 -18.67 14.99 8.86
CA GLY D 247 -19.81 14.11 8.77
C GLY D 247 -19.47 12.69 8.44
N MET D 248 -18.19 12.37 8.39
CA MET D 248 -17.73 11.04 8.04
C MET D 248 -16.65 10.67 9.04
N LEU D 249 -16.60 9.39 9.40
CA LEU D 249 -15.55 8.95 10.29
C LEU D 249 -14.22 8.98 9.56
N THR D 250 -13.17 9.42 10.26
CA THR D 250 -11.85 9.40 9.67
C THR D 250 -11.37 7.96 9.45
N GLY D 251 -11.83 7.03 10.27
CA GLY D 251 -11.47 5.64 10.15
C GLY D 251 -11.95 4.85 11.34
N PRO D 252 -11.41 3.64 11.51
CA PRO D 252 -11.82 2.78 12.65
C PRO D 252 -11.51 3.36 14.02
N ASP D 253 -10.69 4.39 14.11
CA ASP D 253 -10.32 4.94 15.41
C ASP D 253 -11.13 6.16 15.81
N ASP D 254 -11.85 6.76 14.87
CA ASP D 254 -12.72 7.89 15.13
C ASP D 254 -13.87 7.52 16.08
N PRO D 255 -13.94 8.07 17.29
CA PRO D 255 -15.00 7.69 18.23
C PRO D 255 -16.29 8.51 18.13
N SER D 256 -16.34 9.48 17.21
CA SER D 256 -17.52 10.31 16.98
C SER D 256 -18.80 9.48 16.94
N GLN D 257 -19.87 10.02 17.52
CA GLN D 257 -21.15 9.32 17.49
C GLN D 257 -21.75 9.34 16.09
N VAL D 258 -22.31 8.22 15.69
CA VAL D 258 -23.05 8.12 14.44
C VAL D 258 -24.53 8.33 14.75
N ILE D 259 -25.14 9.33 14.10
CA ILE D 259 -26.48 9.81 14.44
C ILE D 259 -27.33 9.90 13.19
N ASP D 260 -28.64 10.03 13.40
CA ASP D 260 -29.53 10.41 12.31
C ASP D 260 -30.47 11.54 12.74
N ASN D 261 -30.15 12.19 13.85
CA ASN D 261 -31.04 13.10 14.53
C ASN D 261 -30.13 14.04 15.29
N LYS D 262 -30.28 15.34 15.08
CA LYS D 262 -29.36 16.29 15.70
C LYS D 262 -30.14 17.50 16.18
N ILE D 263 -29.93 17.90 17.42
CA ILE D 263 -30.56 19.13 17.89
C ILE D 263 -29.71 20.30 17.42
N CYS D 264 -30.38 21.39 17.04
CA CYS D 264 -29.72 22.58 16.54
C CYS D 264 -30.52 23.79 16.97
N GLY D 265 -29.82 24.90 17.13
CA GLY D 265 -30.44 26.14 17.48
C GLY D 265 -30.01 27.23 16.54
N PRO D 266 -30.54 28.44 16.75
CA PRO D 266 -30.28 29.55 15.82
C PRO D 266 -28.79 29.82 15.62
N ALA D 267 -28.39 29.86 14.34
CA ALA D 267 -27.05 30.07 13.80
C ALA D 267 -26.13 28.86 13.97
N ASP D 268 -26.61 27.72 14.43
CA ASP D 268 -25.82 26.51 14.33
C ASP D 268 -25.66 26.15 12.86
N SER D 269 -24.55 25.51 12.54
CA SER D 269 -24.36 24.98 11.21
C SER D 269 -23.53 23.71 11.32
N PHE D 270 -23.89 22.73 10.49
CA PHE D 270 -23.12 21.51 10.40
C PHE D 270 -23.36 20.93 9.01
N GLY D 271 -22.52 19.98 8.61
CA GLY D 271 -22.73 19.34 7.33
C GLY D 271 -22.23 17.92 7.39
N PHE D 272 -22.48 17.18 6.32
CA PHE D 272 -22.08 15.78 6.26
C PHE D 272 -22.24 15.29 4.84
N GLN D 273 -21.77 14.07 4.59
CA GLN D 273 -21.98 13.45 3.29
C GLN D 273 -22.46 12.02 3.47
N ILE D 274 -23.48 11.65 2.72
CA ILE D 274 -24.03 10.31 2.71
C ILE D 274 -23.92 9.77 1.30
N ILE D 275 -23.96 8.45 1.20
CA ILE D 275 -24.11 7.77 -0.07
C ILE D 275 -25.60 7.48 -0.20
N ALA D 276 -26.25 8.10 -1.17
CA ALA D 276 -27.71 7.98 -1.27
C ALA D 276 -28.14 6.53 -1.41
N GLY D 277 -29.01 6.10 -0.51
CA GLY D 277 -29.53 4.74 -0.55
C GLY D 277 -28.61 3.67 0.00
N GLU D 278 -27.44 4.02 0.52
CA GLU D 278 -26.49 3.01 0.92
C GLU D 278 -27.08 2.10 2.03
N GLY D 279 -27.18 0.81 1.74
CA GLY D 279 -27.79 -0.12 2.65
C GLY D 279 -29.30 -0.11 2.69
N VAL D 280 -29.97 0.86 2.05
CA VAL D 280 -31.42 1.01 2.15
C VAL D 280 -32.12 1.02 0.79
N GLY D 281 -31.39 1.37 -0.28
CA GLY D 281 -31.98 1.36 -1.61
C GLY D 281 -32.80 2.59 -1.94
N ALA D 282 -33.35 2.58 -3.15
CA ALA D 282 -34.09 3.73 -3.66
C ALA D 282 -35.35 3.99 -2.83
N GLY D 283 -35.84 5.22 -2.90
CA GLY D 283 -37.09 5.56 -2.25
C GLY D 283 -37.25 7.04 -2.09
N ALA D 284 -38.47 7.43 -1.71
CA ALA D 284 -38.74 8.79 -1.26
C ALA D 284 -38.50 8.83 0.25
N TRP D 285 -37.29 9.27 0.63
CA TRP D 285 -36.85 9.26 2.02
C TRP D 285 -37.16 10.60 2.67
N MET D 286 -37.98 10.57 3.73
CA MET D 286 -38.31 11.79 4.46
C MET D 286 -37.09 12.33 5.19
N TYR D 287 -36.96 13.65 5.17
CA TYR D 287 -36.23 14.39 6.20
C TYR D 287 -37.18 15.43 6.75
N HIS D 288 -36.99 15.78 8.03
CA HIS D 288 -37.94 16.66 8.70
C HIS D 288 -37.35 17.11 10.02
N CYS D 289 -37.88 18.21 10.53
CA CYS D 289 -37.67 18.49 11.94
C CYS D 289 -38.46 17.47 12.75
N HIS D 290 -37.84 16.90 13.79
CA HIS D 290 -38.52 15.87 14.58
C HIS D 290 -39.29 16.41 15.79
N VAL D 291 -39.22 17.71 16.06
CA VAL D 291 -40.17 18.30 16.99
C VAL D 291 -41.56 18.07 16.42
N GLN D 292 -42.44 17.43 17.20
CA GLN D 292 -43.61 16.80 16.62
C GLN D 292 -44.59 17.82 16.04
N SER D 293 -44.83 18.92 16.74
CA SER D 293 -45.71 19.91 16.13
C SER D 293 -45.06 20.55 14.89
N HIS D 294 -43.74 20.55 14.79
CA HIS D 294 -43.12 21.19 13.62
C HIS D 294 -43.23 20.32 12.37
N SER D 295 -43.06 19.01 12.49
CA SER D 295 -43.34 18.17 11.33
C SER D 295 -44.82 18.25 10.99
N ASP D 296 -45.68 18.23 12.01
CA ASP D 296 -47.11 18.27 11.74
C ASP D 296 -47.50 19.55 11.03
N MET D 297 -46.80 20.65 11.29
CA MET D 297 -47.17 21.93 10.69
C MET D 297 -46.20 22.38 9.58
N GLY D 298 -45.52 21.44 8.94
CA GLY D 298 -44.96 21.69 7.62
C GLY D 298 -43.46 21.51 7.48
N MET D 299 -42.72 21.31 8.57
CA MET D 299 -41.25 21.22 8.50
C MET D 299 -40.80 19.82 8.03
N VAL D 300 -41.11 19.52 6.76
CA VAL D 300 -40.89 18.19 6.18
C VAL D 300 -40.50 18.34 4.72
N GLY D 301 -39.57 17.52 4.26
CA GLY D 301 -39.21 17.47 2.87
C GLY D 301 -38.85 16.03 2.51
N LEU D 302 -38.50 15.84 1.23
CA LEU D 302 -38.25 14.52 0.67
C LEU D 302 -36.86 14.45 0.05
N PHE D 303 -36.13 13.38 0.37
CA PHE D 303 -34.85 13.05 -0.26
C PHE D 303 -35.18 11.95 -1.26
N LEU D 304 -35.44 12.34 -2.50
CA LEU D 304 -35.90 11.40 -3.52
C LEU D 304 -34.70 10.69 -4.13
N VAL D 305 -34.52 9.42 -3.76
CA VAL D 305 -33.38 8.63 -4.18
C VAL D 305 -33.85 7.66 -5.28
N LYS D 306 -33.49 7.95 -6.52
CA LYS D 306 -33.91 7.15 -7.67
C LYS D 306 -32.98 5.95 -7.89
N LYS D 307 -33.55 4.87 -8.46
CA LYS D 307 -32.76 3.80 -9.07
C LYS D 307 -32.04 4.34 -10.30
N PRO D 308 -30.98 3.65 -10.77
CA PRO D 308 -30.26 4.19 -11.94
C PRO D 308 -31.17 4.44 -13.14
N ASP D 309 -32.26 3.67 -13.29
CA ASP D 309 -33.19 3.93 -14.37
C ASP D 309 -34.04 5.18 -14.15
N GLY D 310 -33.88 5.91 -13.05
CA GLY D 310 -34.60 7.15 -12.85
C GLY D 310 -35.94 7.06 -12.11
N THR D 311 -36.39 5.87 -11.76
CA THR D 311 -37.67 5.71 -11.09
C THR D 311 -37.47 5.63 -9.57
N ILE D 312 -38.46 6.12 -8.82
CA ILE D 312 -38.47 6.06 -7.36
C ILE D 312 -39.56 5.09 -6.95
N PRO D 313 -39.22 3.86 -6.57
CA PRO D 313 -40.27 2.88 -6.26
C PRO D 313 -41.09 3.35 -5.08
N GLY D 314 -42.41 3.25 -5.22
CA GLY D 314 -43.33 3.64 -4.17
C GLY D 314 -43.69 5.10 -4.14
N TYR D 315 -43.07 5.94 -4.96
CA TYR D 315 -43.33 7.36 -4.95
C TYR D 315 -44.09 7.77 -6.20
N ASP D 316 -45.22 8.46 -5.99
CA ASP D 316 -46.07 8.96 -7.07
C ASP D 316 -45.87 10.46 -7.23
N PRO D 317 -45.20 10.91 -8.31
CA PRO D 317 -45.10 12.33 -8.68
C PRO D 317 -46.09 12.72 -9.78
N ALA E 40 3.57 27.11 25.38
CA ALA E 40 3.01 27.87 26.49
C ALA E 40 3.05 27.02 27.77
N GLY E 41 3.02 27.71 28.92
CA GLY E 41 3.13 27.04 30.20
C GLY E 41 1.92 26.17 30.50
N ALA E 42 2.15 25.09 31.25
CA ALA E 42 1.18 24.02 31.34
C ALA E 42 0.92 23.64 32.80
N ALA E 43 -0.10 22.90 32.98
CA ALA E 43 -0.51 22.56 34.33
C ALA E 43 0.23 21.32 34.83
N PRO E 44 0.55 21.28 36.11
CA PRO E 44 1.22 20.10 36.66
C PRO E 44 0.23 19.00 37.00
N ALA E 45 0.77 17.84 37.36
CA ALA E 45 -0.05 16.80 37.92
C ALA E 45 -0.60 17.23 39.26
N GLY E 46 -1.81 16.79 39.56
CA GLY E 46 -2.46 17.17 40.78
C GLY E 46 -2.17 16.20 41.89
N GLY E 47 -2.75 16.51 43.06
CA GLY E 47 -2.66 15.66 44.22
C GLY E 47 -2.42 16.48 45.47
N GLU E 48 -2.44 17.81 45.37
CA GLU E 48 -2.38 18.64 46.58
C GLU E 48 -3.74 18.64 47.25
N VAL E 49 -3.75 18.54 48.58
CA VAL E 49 -4.97 18.68 49.33
C VAL E 49 -5.12 20.16 49.66
N ARG E 50 -6.13 20.81 49.05
CA ARG E 50 -6.38 22.23 49.20
C ARG E 50 -7.61 22.47 50.07
N ARG E 51 -7.69 23.69 50.59
CA ARG E 51 -8.77 24.12 51.48
C ARG E 51 -9.22 25.51 51.05
N VAL E 52 -10.52 25.79 51.20
CA VAL E 52 -11.00 27.13 50.91
C VAL E 52 -12.29 27.39 51.69
N THR E 53 -12.44 28.64 52.12
CA THR E 53 -13.67 29.10 52.75
C THR E 53 -14.61 29.58 51.66
N MET E 54 -15.89 29.30 51.82
CA MET E 54 -16.87 29.83 50.90
C MET E 54 -18.06 30.34 51.69
N TYR E 55 -18.55 31.52 51.33
CA TYR E 55 -19.74 32.09 51.95
C TYR E 55 -20.87 32.19 50.94
N ALA E 56 -22.09 32.03 51.43
CA ALA E 56 -23.32 32.34 50.72
C ALA E 56 -23.89 33.58 51.37
N GLU E 57 -24.09 34.65 50.60
CA GLU E 57 -24.59 35.91 51.14
C GLU E 57 -25.61 36.53 50.21
N ARG E 58 -26.54 37.29 50.79
CA ARG E 58 -27.39 38.13 49.96
C ARG E 58 -26.60 39.33 49.47
N LEU E 59 -26.75 39.63 48.19
CA LEU E 59 -26.18 40.78 47.51
C LEU E 59 -27.30 41.77 47.18
N ALA E 60 -26.89 42.93 46.66
CA ALA E 60 -27.85 43.98 46.35
C ALA E 60 -28.94 43.47 45.40
N GLY E 61 -30.19 43.78 45.73
CA GLY E 61 -31.30 43.58 44.81
C GLY E 61 -32.07 42.30 44.94
N GLY E 62 -32.08 41.67 46.12
CA GLY E 62 -32.64 40.35 46.20
C GLY E 62 -31.78 39.28 45.57
N GLN E 63 -30.57 39.63 45.16
CA GLN E 63 -29.68 38.61 44.63
C GLN E 63 -28.99 37.87 45.78
N MET E 64 -28.31 36.78 45.44
CA MET E 64 -27.54 35.99 46.40
C MET E 64 -26.28 35.53 45.68
N GLY E 65 -25.20 35.35 46.42
CA GLY E 65 -24.03 34.82 45.76
C GLY E 65 -23.03 34.19 46.72
N TYR E 66 -22.08 33.49 46.11
CA TYR E 66 -20.94 32.91 46.79
C TYR E 66 -19.74 33.87 46.74
N GLY E 67 -18.91 33.80 47.78
CA GLY E 67 -17.63 34.50 47.80
C GLY E 67 -16.63 33.79 48.69
N LEU E 68 -15.35 34.08 48.48
CA LEU E 68 -14.30 33.52 49.31
C LEU E 68 -14.09 34.27 50.62
N GLU E 69 -14.58 35.51 50.72
CA GLU E 69 -14.43 36.33 51.91
C GLU E 69 -15.75 37.03 52.16
N LYS E 70 -16.08 37.21 53.43
CA LYS E 70 -17.37 37.81 53.79
C LYS E 70 -17.55 39.15 53.12
N GLY E 71 -18.78 39.46 52.76
CA GLY E 71 -19.07 40.72 52.12
C GLY E 71 -18.43 40.90 50.77
N LYS E 72 -17.85 39.85 50.22
CA LYS E 72 -17.19 39.92 48.92
C LYS E 72 -17.79 38.95 47.90
N ALA E 73 -19.05 38.52 48.08
CA ALA E 73 -19.63 37.55 47.18
C ALA E 73 -19.69 38.11 45.75
N SER E 74 -19.78 37.21 44.78
CA SER E 74 -19.78 37.62 43.38
C SER E 74 -20.78 36.78 42.60
N ILE E 75 -21.35 37.38 41.56
CA ILE E 75 -22.11 36.67 40.55
C ILE E 75 -21.40 36.91 39.22
N PRO E 76 -20.82 35.88 38.60
CA PRO E 76 -20.83 34.51 39.15
C PRO E 76 -19.93 34.34 40.36
N GLY E 77 -19.99 33.17 40.98
CA GLY E 77 -19.13 32.86 42.10
C GLY E 77 -17.67 32.77 41.72
N PRO E 78 -16.82 32.63 42.73
CA PRO E 78 -15.37 32.59 42.47
C PRO E 78 -14.97 31.37 41.66
N LEU E 79 -14.01 31.58 40.77
CA LEU E 79 -13.49 30.48 39.98
C LEU E 79 -12.69 29.54 40.87
N ILE E 80 -12.90 28.26 40.67
CA ILE E 80 -12.18 27.22 41.40
C ILE E 80 -11.40 26.40 40.38
N GLU E 81 -10.08 26.45 40.46
CA GLU E 81 -9.21 25.65 39.62
C GLU E 81 -8.56 24.56 40.45
N LEU E 82 -8.54 23.35 39.89
CA LEU E 82 -7.87 22.21 40.48
C LEU E 82 -7.10 21.48 39.40
N ASN E 83 -6.05 20.76 39.84
CA ASN E 83 -5.31 19.86 38.97
C ASN E 83 -5.79 18.45 39.26
N GLU E 84 -6.03 17.67 38.20
CA GLU E 84 -6.52 16.30 38.36
C GLU E 84 -5.78 15.55 39.44
N GLY E 85 -6.52 15.06 40.42
CA GLY E 85 -5.96 14.45 41.60
C GLY E 85 -6.04 15.31 42.84
N ASP E 86 -6.26 16.62 42.67
CA ASP E 86 -6.47 17.51 43.80
C ASP E 86 -7.74 17.12 44.55
N THR E 87 -7.68 17.22 45.87
CA THR E 87 -8.83 17.22 46.79
C THR E 87 -9.04 18.65 47.27
N LEU E 88 -10.29 19.09 47.33
CA LEU E 88 -10.62 20.45 47.77
C LEU E 88 -11.66 20.41 48.89
N HIS E 89 -11.30 21.00 50.03
CA HIS E 89 -12.17 21.04 51.23
C HIS E 89 -12.78 22.43 51.29
N VAL E 90 -14.09 22.50 51.03
CA VAL E 90 -14.81 23.76 51.03
C VAL E 90 -15.44 23.91 52.40
N GLU E 91 -14.86 24.78 53.23
CA GLU E 91 -15.45 25.11 54.52
C GLU E 91 -16.48 26.19 54.27
N PHE E 92 -17.74 25.78 54.24
CA PHE E 92 -18.81 26.61 53.72
C PHE E 92 -19.63 27.18 54.87
N GLU E 93 -20.04 28.43 54.73
CA GLU E 93 -20.88 29.06 55.74
C GLU E 93 -22.04 29.75 55.05
N ASN E 94 -23.25 29.53 55.56
CA ASN E 94 -24.46 30.17 55.07
C ASN E 94 -24.77 31.36 55.98
N THR E 95 -24.57 32.55 55.47
CA THR E 95 -24.86 33.78 56.20
C THR E 95 -26.25 34.32 55.95
N MET E 96 -27.12 33.58 55.26
CA MET E 96 -28.45 34.06 54.91
C MET E 96 -29.50 33.54 55.89
N ASP E 97 -30.73 34.03 55.73
CA ASP E 97 -31.83 33.61 56.60
C ASP E 97 -32.56 32.39 56.07
N VAL E 98 -32.10 31.81 54.96
CA VAL E 98 -32.79 30.63 54.42
C VAL E 98 -31.73 29.55 54.17
N PRO E 99 -32.14 28.27 54.15
CA PRO E 99 -31.19 27.21 53.83
C PRO E 99 -30.61 27.39 52.43
N VAL E 100 -29.35 26.98 52.27
CA VAL E 100 -28.63 27.04 51.00
C VAL E 100 -27.75 25.80 50.93
N SER E 101 -27.22 25.52 49.74
CA SER E 101 -26.35 24.37 49.60
C SER E 101 -25.33 24.62 48.52
N LEU E 102 -24.36 23.72 48.43
CA LEU E 102 -23.33 23.77 47.41
C LEU E 102 -23.30 22.41 46.73
N HIS E 103 -23.53 22.42 45.42
CA HIS E 103 -23.54 21.19 44.63
C HIS E 103 -22.71 21.40 43.36
N VAL E 104 -21.85 20.43 43.06
CA VAL E 104 -20.93 20.53 41.94
C VAL E 104 -21.22 19.44 40.93
N HIS E 105 -21.02 19.76 39.65
CA HIS E 105 -21.01 18.81 38.54
C HIS E 105 -19.62 18.27 38.30
N GLY E 106 -19.56 17.02 37.83
CA GLY E 106 -18.32 16.47 37.28
C GLY E 106 -17.36 15.87 38.27
N LEU E 107 -17.11 16.58 39.37
CA LEU E 107 -16.12 16.23 40.38
C LEU E 107 -16.64 15.07 41.25
N ASP E 108 -15.71 14.33 41.86
CA ASP E 108 -16.11 13.24 42.74
C ASP E 108 -16.49 13.79 44.12
N TYR E 109 -17.57 13.28 44.67
CA TYR E 109 -17.98 13.64 46.01
C TYR E 109 -18.84 12.51 46.53
N GLU E 110 -18.82 12.33 47.84
CA GLU E 110 -19.70 11.33 48.43
C GLU E 110 -21.08 11.90 48.63
N ILE E 111 -22.04 11.01 48.87
CA ILE E 111 -23.44 11.42 49.01
C ILE E 111 -23.58 12.54 50.02
N SER E 112 -22.75 12.54 51.09
CA SER E 112 -22.87 13.53 52.17
C SER E 112 -22.43 14.93 51.76
N SER E 113 -21.83 15.08 50.58
CA SER E 113 -21.52 16.37 49.97
C SER E 113 -22.31 16.60 48.68
N ASP E 114 -23.39 15.85 48.48
CA ASP E 114 -24.33 16.09 47.38
C ASP E 114 -24.81 17.54 47.34
N GLY E 115 -24.91 18.18 48.49
CA GLY E 115 -25.51 19.50 48.52
C GLY E 115 -26.99 19.53 48.24
N THR E 116 -27.72 18.45 48.55
CA THR E 116 -29.16 18.43 48.40
C THR E 116 -29.86 18.26 49.75
N LYS E 117 -31.05 18.88 49.85
CA LYS E 117 -31.94 18.73 51.00
C LYS E 117 -32.32 17.27 51.22
N GLN E 118 -32.49 16.51 50.13
CA GLN E 118 -32.92 15.11 50.22
C GLN E 118 -31.89 14.26 50.97
N ASN E 119 -30.61 14.57 50.83
CA ASN E 119 -29.57 13.85 51.55
C ASN E 119 -29.18 14.54 52.86
N LYS E 120 -29.96 15.51 53.32
CA LYS E 120 -29.63 16.31 54.48
C LYS E 120 -28.21 16.86 54.39
N SER E 121 -27.78 17.24 53.18
CA SER E 121 -26.46 17.81 52.95
C SER E 121 -26.52 19.29 52.61
N HIS E 122 -27.63 19.94 52.92
CA HIS E 122 -27.76 21.38 52.78
C HIS E 122 -27.36 22.05 54.09
N VAL E 123 -27.27 23.39 54.06
CA VAL E 123 -26.79 24.14 55.22
C VAL E 123 -27.89 25.08 55.71
N GLU E 124 -28.26 24.91 56.98
CA GLU E 124 -29.30 25.72 57.60
C GLU E 124 -28.84 27.17 57.74
N PRO E 125 -29.78 28.10 57.94
CA PRO E 125 -29.39 29.51 58.07
C PRO E 125 -28.39 29.68 59.19
N GLY E 126 -27.33 30.44 58.92
CA GLY E 126 -26.28 30.64 59.89
C GLY E 126 -25.31 29.48 60.05
N GLY E 127 -25.60 28.29 59.50
CA GLY E 127 -24.79 27.13 59.76
C GLY E 127 -23.52 27.07 58.93
N THR E 128 -22.73 26.03 59.21
CA THR E 128 -21.49 25.74 58.49
C THR E 128 -21.43 24.27 58.15
N ARG E 129 -20.63 23.97 57.14
CA ARG E 129 -20.47 22.60 56.67
C ARG E 129 -19.22 22.56 55.81
N THR E 130 -18.50 21.44 55.87
CA THR E 130 -17.34 21.26 55.03
C THR E 130 -17.70 20.29 53.90
N TYR E 131 -17.74 20.82 52.68
CA TYR E 131 -17.98 20.03 51.49
C TYR E 131 -16.63 19.58 50.97
N THR E 132 -16.52 18.29 50.65
CA THR E 132 -15.27 17.76 50.09
C THR E 132 -15.50 17.29 48.66
N TRP E 133 -14.74 17.88 47.73
CA TRP E 133 -14.68 17.45 46.33
C TRP E 133 -13.32 16.78 46.07
N ARG E 134 -13.34 15.67 45.34
N ARG E 134 -13.34 15.72 45.28
CA ARG E 134 -12.13 15.00 44.91
CA ARG E 134 -12.14 15.03 44.89
C ARG E 134 -12.11 14.94 43.38
C ARG E 134 -12.11 14.92 43.36
N THR E 135 -10.94 14.66 42.83
CA THR E 135 -10.73 14.52 41.39
C THR E 135 -9.82 13.33 41.16
N HIS E 136 -9.87 12.78 39.96
CA HIS E 136 -9.01 11.65 39.64
C HIS E 136 -8.41 11.85 38.25
N GLU E 137 -7.30 11.17 38.04
CA GLU E 137 -6.64 11.09 36.75
C GLU E 137 -7.24 9.96 35.93
N PRO E 138 -7.15 10.03 34.61
CA PRO E 138 -7.59 8.91 33.78
C PRO E 138 -6.60 7.76 33.87
N GLY E 139 -7.08 6.57 33.52
CA GLY E 139 -6.20 5.41 33.50
C GLY E 139 -6.99 4.15 33.26
N ARG E 140 -6.25 3.05 33.17
CA ARG E 140 -6.83 1.73 32.91
C ARG E 140 -7.29 1.14 34.23
N ARG E 141 -8.57 0.79 34.29
CA ARG E 141 -9.09 0.03 35.42
C ARG E 141 -8.45 -1.36 35.45
N ALA E 142 -8.55 -2.03 36.61
CA ALA E 142 -8.02 -3.38 36.76
C ALA E 142 -8.41 -4.28 35.59
N ASP E 143 -9.65 -4.15 35.09
CA ASP E 143 -10.12 -4.94 33.97
C ASP E 143 -9.77 -4.32 32.62
N GLY E 144 -8.93 -3.28 32.58
CA GLY E 144 -8.40 -2.77 31.34
C GLY E 144 -9.24 -1.70 30.65
N THR E 145 -10.51 -1.53 31.04
CA THR E 145 -11.34 -0.45 30.50
C THR E 145 -10.80 0.91 30.93
N TRP E 146 -11.18 1.94 30.19
CA TRP E 146 -10.61 3.26 30.37
C TRP E 146 -11.53 4.08 31.27
N ARG E 147 -10.99 4.56 32.39
CA ARG E 147 -11.70 5.47 33.28
C ARG E 147 -11.27 6.88 32.92
N ALA E 148 -12.21 7.68 32.42
CA ALA E 148 -11.89 9.07 32.09
C ALA E 148 -11.54 9.83 33.36
N GLY E 149 -10.68 10.82 33.22
CA GLY E 149 -10.35 11.66 34.35
C GLY E 149 -11.39 12.74 34.60
N SER E 150 -11.22 13.42 35.73
CA SER E 150 -12.09 14.52 36.12
C SER E 150 -11.97 15.77 35.25
N ALA E 151 -10.94 15.90 34.41
CA ALA E 151 -10.65 17.20 33.78
C ALA E 151 -11.81 17.68 32.93
N GLY E 152 -12.04 18.99 32.94
CA GLY E 152 -13.16 19.53 32.21
C GLY E 152 -13.56 20.90 32.72
N TYR E 153 -14.55 21.46 32.04
CA TYR E 153 -15.15 22.72 32.43
C TYR E 153 -16.45 22.40 33.15
N TRP E 154 -16.52 22.81 34.41
CA TRP E 154 -17.58 22.36 35.30
C TRP E 154 -18.12 23.58 36.03
N HIS E 155 -19.01 23.33 37.01
CA HIS E 155 -19.66 24.42 37.73
C HIS E 155 -20.30 23.90 39.01
N TYR E 156 -20.69 24.84 39.86
CA TYR E 156 -21.34 24.57 41.13
C TYR E 156 -22.49 25.53 41.32
N HIS E 157 -23.56 25.07 41.96
CA HIS E 157 -24.70 25.95 42.18
C HIS E 157 -25.51 25.50 43.40
N ASP E 158 -26.37 26.40 43.87
CA ASP E 158 -27.31 26.03 44.92
C ASP E 158 -28.28 24.94 44.43
N HIS E 159 -28.81 24.19 45.41
CA HIS E 159 -29.77 23.14 45.13
C HIS E 159 -31.00 23.18 46.04
N VAL E 160 -31.15 24.19 46.90
CA VAL E 160 -32.26 24.10 47.85
C VAL E 160 -33.06 25.39 47.97
N VAL E 161 -32.58 26.49 47.41
CA VAL E 161 -33.29 27.76 47.57
C VAL E 161 -34.46 27.83 46.58
N GLY E 162 -35.65 28.14 47.09
CA GLY E 162 -36.88 28.19 46.30
C GLY E 162 -37.54 26.85 46.00
N THR E 163 -36.79 25.88 45.50
CA THR E 163 -37.28 24.52 45.32
C THR E 163 -36.16 23.57 45.72
N GLU E 164 -36.50 22.28 45.79
CA GLU E 164 -35.49 21.28 46.07
C GLU E 164 -34.54 21.06 44.89
N HIS E 165 -34.60 21.88 43.83
CA HIS E 165 -33.59 21.87 42.78
C HIS E 165 -32.90 23.22 42.65
N GLY E 166 -33.00 24.04 43.69
CA GLY E 166 -32.27 25.30 43.73
C GLY E 166 -32.71 26.31 42.70
N THR E 167 -33.95 26.18 42.19
CA THR E 167 -34.43 27.06 41.12
C THR E 167 -34.28 28.54 41.49
N GLY E 168 -34.65 28.89 42.72
CA GLY E 168 -34.52 30.28 43.15
C GLY E 168 -33.09 30.66 43.46
N GLY E 169 -32.32 29.73 44.06
CA GLY E 169 -30.89 30.00 44.28
C GLY E 169 -30.15 30.26 42.98
N ILE E 170 -30.36 29.41 41.98
CA ILE E 170 -29.69 29.62 40.70
C ILE E 170 -30.11 30.95 40.10
N ARG E 171 -31.42 31.22 40.08
CA ARG E 171 -31.94 32.47 39.52
C ARG E 171 -31.42 33.69 40.27
N ASN E 172 -31.32 33.59 41.60
CA ASN E 172 -30.75 34.67 42.39
C ASN E 172 -29.26 34.90 42.14
N GLY E 173 -28.54 33.88 41.66
CA GLY E 173 -27.14 34.08 41.35
C GLY E 173 -26.17 33.14 42.05
N LEU E 174 -26.67 32.07 42.64
CA LEU E 174 -25.81 31.15 43.39
C LEU E 174 -25.25 30.12 42.41
N TYR E 175 -24.26 30.55 41.63
CA TYR E 175 -23.63 29.68 40.65
C TYR E 175 -22.21 30.17 40.39
N GLY E 176 -21.31 29.22 40.12
CA GLY E 176 -19.94 29.58 39.83
C GLY E 176 -19.19 28.51 39.08
N PRO E 177 -18.06 28.88 38.48
CA PRO E 177 -17.32 27.98 37.60
C PRO E 177 -16.22 27.19 38.29
N VAL E 178 -15.97 25.99 37.75
CA VAL E 178 -14.89 25.11 38.23
C VAL E 178 -14.15 24.55 37.02
N ILE E 179 -12.84 24.80 36.95
CA ILE E 179 -11.98 24.19 35.94
C ILE E 179 -11.12 23.14 36.62
N VAL E 180 -11.15 21.92 36.11
CA VAL E 180 -10.21 20.88 36.52
C VAL E 180 -9.31 20.63 35.32
N ARG E 181 -8.00 20.78 35.53
CA ARG E 181 -7.00 20.68 34.47
C ARG E 181 -6.27 19.35 34.53
N ARG E 182 -5.83 18.91 33.36
CA ARG E 182 -5.06 17.68 33.19
C ARG E 182 -3.59 18.05 33.06
N LYS E 183 -2.70 17.18 33.56
CA LYS E 183 -1.27 17.43 33.43
C LYS E 183 -0.93 17.76 31.97
N GLY E 184 -0.23 18.87 31.77
CA GLY E 184 0.17 19.28 30.45
C GLY E 184 -0.84 20.17 29.73
N ASP E 185 -2.04 20.36 30.29
CA ASP E 185 -3.01 21.29 29.70
C ASP E 185 -2.38 22.66 29.55
N VAL E 186 -2.68 23.34 28.45
CA VAL E 186 -2.17 24.69 28.26
C VAL E 186 -2.91 25.65 29.18
N LEU E 187 -2.16 26.48 29.91
CA LEU E 187 -2.64 27.48 30.84
C LEU E 187 -2.86 28.82 30.14
N PRO E 188 -3.95 29.51 30.47
CA PRO E 188 -4.25 30.78 29.82
C PRO E 188 -3.62 31.97 30.55
N ASP E 189 -3.57 33.09 29.83
CA ASP E 189 -3.26 34.39 30.44
C ASP E 189 -4.44 35.00 31.15
N ALA E 190 -5.66 34.59 30.84
CA ALA E 190 -6.84 35.11 31.53
C ALA E 190 -8.00 34.17 31.28
N THR E 191 -8.90 34.14 32.26
CA THR E 191 -10.10 33.32 32.23
C THR E 191 -11.27 34.22 32.54
N HIS E 192 -12.29 34.17 31.71
CA HIS E 192 -13.53 34.91 31.93
C HIS E 192 -14.69 33.93 31.91
N THR E 193 -15.65 34.13 32.80
CA THR E 193 -16.81 33.25 32.92
C THR E 193 -18.05 33.95 32.40
N ILE E 194 -18.76 33.31 31.46
CA ILE E 194 -19.97 33.85 30.84
C ILE E 194 -21.10 32.87 31.11
N VAL E 195 -22.11 33.30 31.88
CA VAL E 195 -23.25 32.44 32.22
C VAL E 195 -24.54 33.04 31.65
N PHE E 196 -25.23 32.27 30.82
CA PHE E 196 -26.59 32.57 30.39
C PHE E 196 -27.53 32.01 31.44
N ASN E 197 -28.09 32.88 32.26
CA ASN E 197 -28.97 32.50 33.37
C ASN E 197 -30.35 33.05 33.04
N ASP E 198 -31.26 32.17 32.63
CA ASP E 198 -32.51 32.59 32.00
C ASP E 198 -32.18 33.66 30.96
N MET E 199 -32.76 34.86 31.08
CA MET E 199 -32.60 35.87 30.04
C MET E 199 -31.52 36.91 30.38
N THR E 200 -30.46 36.50 31.07
CA THR E 200 -29.43 37.43 31.45
C THR E 200 -28.08 36.77 31.22
N ILE E 201 -27.07 37.62 31.14
CA ILE E 201 -25.68 37.21 31.26
C ILE E 201 -25.22 37.60 32.66
N ASN E 202 -24.78 36.61 33.45
CA ASN E 202 -24.26 36.86 34.80
C ASN E 202 -25.21 37.69 35.66
N ASN E 203 -26.52 37.54 35.48
CA ASN E 203 -27.59 38.24 36.21
C ASN E 203 -27.62 39.74 35.96
N ARG E 204 -26.94 40.23 34.94
CA ARG E 204 -26.91 41.66 34.78
C ARG E 204 -28.14 42.15 34.02
N PRO E 205 -28.54 43.41 34.22
CA PRO E 205 -29.61 43.98 33.39
C PRO E 205 -29.18 43.98 31.93
N ALA E 206 -30.18 44.02 31.03
CA ALA E 206 -29.93 43.77 29.62
C ALA E 206 -29.03 44.82 29.00
N HIS E 207 -28.23 44.39 28.02
CA HIS E 207 -27.34 45.29 27.27
C HIS E 207 -26.31 45.96 28.19
N THR E 208 -25.95 45.32 29.31
CA THR E 208 -24.88 45.81 30.16
C THR E 208 -23.72 44.82 30.20
N GLY E 209 -23.41 44.22 29.06
CA GLY E 209 -22.33 43.27 29.00
C GLY E 209 -22.60 41.99 29.77
N PRO E 210 -21.57 41.47 30.47
CA PRO E 210 -20.29 42.12 30.72
C PRO E 210 -19.37 42.16 29.51
N ASN E 211 -18.46 43.14 29.48
CA ASN E 211 -17.39 43.18 28.50
C ASN E 211 -16.12 42.64 29.14
N PHE E 212 -15.26 42.04 28.32
CA PHE E 212 -13.98 41.52 28.80
C PHE E 212 -12.89 42.04 27.89
N GLU E 213 -11.73 42.33 28.46
CA GLU E 213 -10.66 42.95 27.70
C GLU E 213 -9.44 42.03 27.66
N ALA E 214 -8.71 42.13 26.57
CA ALA E 214 -7.51 41.35 26.30
C ALA E 214 -6.65 42.17 25.35
N THR E 215 -5.45 41.69 25.09
CA THR E 215 -4.62 42.23 24.02
C THR E 215 -4.43 41.18 22.94
N VAL E 216 -4.38 41.64 21.69
CA VAL E 216 -4.04 40.79 20.55
C VAL E 216 -2.89 39.91 20.98
N GLY E 217 -3.04 38.60 20.77
CA GLY E 217 -2.02 37.63 21.12
C GLY E 217 -2.23 36.95 22.46
N ASP E 218 -2.91 37.60 23.41
CA ASP E 218 -3.24 36.95 24.69
C ASP E 218 -3.93 35.61 24.46
N ARG E 219 -3.62 34.64 25.32
CA ARG E 219 -4.33 33.36 25.33
C ARG E 219 -5.45 33.49 26.35
N VAL E 220 -6.69 33.49 25.87
CA VAL E 220 -7.85 33.87 26.68
C VAL E 220 -8.75 32.65 26.84
N GLU E 221 -9.08 32.32 28.07
CA GLU E 221 -9.91 31.15 28.36
C GLU E 221 -11.32 31.60 28.66
N ILE E 222 -12.29 30.89 28.10
CA ILE E 222 -13.70 31.18 28.35
C ILE E 222 -14.32 29.96 29.02
N VAL E 223 -15.04 30.19 30.10
CA VAL E 223 -15.92 29.20 30.72
C VAL E 223 -17.35 29.64 30.47
N MET E 224 -18.08 28.81 29.76
CA MET E 224 -19.53 29.00 29.44
CA MET E 224 -19.51 29.04 29.40
C MET E 224 -20.61 28.04 30.07
N ILE E 225 -21.49 28.65 30.85
CA ILE E 225 -22.41 27.92 31.71
C ILE E 225 -23.80 28.46 31.44
N THR E 226 -24.76 27.56 31.34
CA THR E 226 -26.14 27.97 31.13
C THR E 226 -26.98 27.53 32.32
N HIS E 227 -28.05 28.27 32.59
CA HIS E 227 -28.84 28.03 33.77
C HIS E 227 -30.26 28.51 33.52
N GLY E 228 -31.21 27.82 34.15
CA GLY E 228 -32.58 28.28 34.25
C GLY E 228 -33.57 27.49 33.43
N GLU E 229 -34.35 28.19 32.62
CA GLU E 229 -35.48 27.63 31.92
C GLU E 229 -35.29 27.50 30.40
N TYR E 230 -34.43 28.30 29.80
CA TYR E 230 -34.39 28.42 28.34
C TYR E 230 -33.12 27.83 27.74
N TYR E 231 -33.25 27.34 26.51
CA TYR E 231 -32.10 27.04 25.69
C TYR E 231 -31.53 28.33 25.10
N HIS E 232 -30.25 28.28 24.78
CA HIS E 232 -29.58 29.41 24.13
C HIS E 232 -28.61 28.86 23.10
N THR E 233 -28.06 29.74 22.27
CA THR E 233 -26.93 29.43 21.41
C THR E 233 -25.86 30.49 21.67
N PHE E 234 -24.67 30.07 22.08
CA PHE E 234 -23.61 31.01 22.37
C PHE E 234 -22.79 31.29 21.11
N HIS E 235 -22.63 32.56 20.76
CA HIS E 235 -21.87 32.92 19.56
C HIS E 235 -20.80 33.98 19.84
N MET E 236 -19.59 33.72 19.35
CA MET E 236 -18.49 34.68 19.42
C MET E 236 -18.09 35.14 18.02
N HIS E 237 -18.08 36.46 17.79
CA HIS E 237 -17.57 36.99 16.54
C HIS E 237 -16.05 36.85 16.48
N GLY E 238 -15.53 36.57 15.29
CA GLY E 238 -14.10 36.61 15.02
C GLY E 238 -13.26 35.48 15.57
N HIS E 239 -13.83 34.64 16.43
CA HIS E 239 -13.05 33.58 17.04
C HIS E 239 -13.87 32.29 17.06
N ALA E 240 -13.19 31.18 16.81
CA ALA E 240 -13.81 29.88 16.79
C ALA E 240 -12.99 28.96 17.68
N TRP E 241 -13.61 27.86 18.09
CA TRP E 241 -12.95 26.90 18.96
C TRP E 241 -13.33 25.49 18.53
N ALA E 242 -12.62 24.50 19.04
CA ALA E 242 -12.96 23.11 18.80
C ALA E 242 -13.97 22.58 19.82
N ASP E 243 -14.96 21.82 19.32
CA ASP E 243 -16.01 21.26 20.18
C ASP E 243 -15.55 19.95 20.81
N ASN E 244 -14.67 20.08 21.80
CA ASN E 244 -14.13 18.93 22.52
C ASN E 244 -13.82 19.39 23.95
N ARG E 245 -13.03 18.59 24.68
CA ARG E 245 -12.90 18.84 26.11
C ARG E 245 -12.27 20.20 26.39
N THR E 246 -11.23 20.56 25.61
CA THR E 246 -10.38 21.70 25.93
C THR E 246 -10.68 22.93 25.09
N GLY E 247 -11.51 22.79 24.05
CA GLY E 247 -11.73 23.85 23.10
C GLY E 247 -10.63 24.04 22.07
N MET E 248 -9.57 23.23 22.14
CA MET E 248 -8.47 23.27 21.18
C MET E 248 -8.25 21.88 20.63
N LEU E 249 -8.05 21.78 19.31
CA LEU E 249 -7.76 20.49 18.71
C LEU E 249 -6.48 19.93 19.30
N THR E 250 -6.42 18.60 19.42
CA THR E 250 -5.27 17.94 20.02
C THR E 250 -4.11 17.79 19.05
N GLY E 251 -4.31 18.08 17.77
CA GLY E 251 -3.36 17.76 16.74
C GLY E 251 -4.12 17.45 15.47
N PRO E 252 -3.42 17.00 14.42
CA PRO E 252 -4.09 16.82 13.12
C PRO E 252 -5.01 15.61 13.02
N ASP E 253 -5.08 14.75 14.03
CA ASP E 253 -5.93 13.57 14.02
C ASP E 253 -7.27 13.78 14.73
N ASP E 254 -7.53 15.00 15.17
CA ASP E 254 -8.69 15.30 16.01
C ASP E 254 -9.86 15.67 15.11
N PRO E 255 -10.89 14.84 14.98
CA PRO E 255 -11.97 15.11 14.02
C PRO E 255 -13.04 16.06 14.53
N SER E 256 -12.88 16.62 15.74
CA SER E 256 -13.91 17.45 16.34
C SER E 256 -14.28 18.60 15.41
N GLN E 257 -15.58 18.93 15.40
CA GLN E 257 -16.03 20.08 14.64
C GLN E 257 -15.46 21.36 15.24
N VAL E 258 -15.04 22.25 14.37
CA VAL E 258 -14.63 23.60 14.74
C VAL E 258 -15.85 24.50 14.55
N ILE E 259 -16.19 25.23 15.61
CA ILE E 259 -17.45 25.96 15.69
C ILE E 259 -17.20 27.37 16.20
N ASP E 260 -18.16 28.25 15.96
CA ASP E 260 -18.25 29.51 16.68
C ASP E 260 -19.63 29.70 17.30
N ASN E 261 -20.46 28.65 17.34
CA ASN E 261 -21.86 28.75 17.72
C ASN E 261 -22.24 27.42 18.36
N LYS E 262 -22.82 27.47 19.55
CA LYS E 262 -23.10 26.22 20.27
C LYS E 262 -24.43 26.37 20.98
N ILE E 263 -25.34 25.44 20.73
CA ILE E 263 -26.57 25.37 21.52
C ILE E 263 -26.25 24.83 22.92
N CYS E 264 -26.91 25.39 23.92
CA CYS E 264 -26.70 24.99 25.29
C CYS E 264 -27.99 25.18 26.06
N GLY E 265 -28.18 24.36 27.10
CA GLY E 265 -29.38 24.39 27.88
C GLY E 265 -29.03 24.41 29.37
N PRO E 266 -30.05 24.51 30.23
CA PRO E 266 -29.79 24.58 31.68
C PRO E 266 -28.83 23.51 32.19
N ALA E 267 -27.73 24.00 32.79
CA ALA E 267 -26.64 23.30 33.50
C ALA E 267 -25.60 22.68 32.57
N ASP E 268 -25.65 23.01 31.28
CA ASP E 268 -24.53 22.68 30.41
C ASP E 268 -23.35 23.56 30.77
N SER E 269 -22.16 23.00 30.66
CA SER E 269 -20.97 23.84 30.74
C SER E 269 -19.95 23.36 29.70
N PHE E 270 -19.18 24.31 29.20
CA PHE E 270 -18.08 24.02 28.28
C PHE E 270 -17.12 25.18 28.34
N GLY E 271 -15.90 24.93 27.87
CA GLY E 271 -14.91 25.99 27.85
C GLY E 271 -13.99 25.84 26.66
N PHE E 272 -13.23 26.89 26.40
CA PHE E 272 -12.31 26.88 25.29
C PHE E 272 -11.28 27.97 25.56
N GLN E 273 -10.19 27.92 24.81
CA GLN E 273 -9.20 28.97 24.85
C GLN E 273 -8.96 29.44 23.42
N ILE E 274 -8.81 30.74 23.26
CA ILE E 274 -8.58 31.34 21.95
C ILE E 274 -7.42 32.31 22.10
N ILE E 275 -6.78 32.60 20.96
CA ILE E 275 -5.81 33.68 20.87
C ILE E 275 -6.58 34.92 20.47
N ALA E 276 -6.58 35.93 21.34
CA ALA E 276 -7.28 37.17 21.08
C ALA E 276 -6.86 37.77 19.75
N GLY E 277 -7.82 37.93 18.85
CA GLY E 277 -7.57 38.61 17.60
C GLY E 277 -6.78 37.84 16.58
N GLU E 278 -6.48 36.57 16.82
CA GLU E 278 -5.70 35.78 15.86
C GLU E 278 -6.37 35.76 14.50
N GLY E 279 -5.61 36.06 13.46
CA GLY E 279 -6.11 36.10 12.09
C GLY E 279 -7.22 37.11 11.87
N VAL E 280 -7.60 37.89 12.88
CA VAL E 280 -8.69 38.86 12.73
C VAL E 280 -8.34 40.26 13.22
N GLY E 281 -7.32 40.44 14.09
CA GLY E 281 -6.94 41.77 14.54
C GLY E 281 -7.72 42.25 15.75
N ALA E 282 -7.41 43.46 16.17
CA ALA E 282 -8.03 44.07 17.34
C ALA E 282 -9.42 44.60 16.99
N GLY E 283 -10.17 44.92 18.03
CA GLY E 283 -11.50 45.47 17.85
C GLY E 283 -12.43 45.03 18.95
N ALA E 284 -13.66 45.56 18.88
CA ALA E 284 -14.74 45.21 19.80
C ALA E 284 -15.52 44.05 19.20
N TRP E 285 -15.21 42.83 19.63
CA TRP E 285 -15.79 41.62 19.07
C TRP E 285 -17.01 41.20 19.90
N MET E 286 -18.19 41.26 19.30
CA MET E 286 -19.39 40.90 20.02
C MET E 286 -19.35 39.43 20.39
N TYR E 287 -19.90 39.09 21.55
CA TYR E 287 -20.39 37.75 21.80
C TYR E 287 -21.84 37.90 22.22
N HIS E 288 -22.64 36.87 21.97
CA HIS E 288 -24.04 37.01 22.32
C HIS E 288 -24.74 35.66 22.20
N CYS E 289 -25.92 35.61 22.80
CA CYS E 289 -26.86 34.55 22.44
C CYS E 289 -27.35 34.84 21.04
N HIS E 290 -27.51 33.80 20.23
CA HIS E 290 -27.88 34.02 18.83
C HIS E 290 -29.35 33.79 18.56
N VAL E 291 -30.11 33.36 19.57
CA VAL E 291 -31.57 33.42 19.48
C VAL E 291 -31.98 34.86 19.27
N GLN E 292 -32.71 35.13 18.19
CA GLN E 292 -32.78 36.51 17.72
C GLN E 292 -33.46 37.41 18.75
N SER E 293 -34.56 36.95 19.35
CA SER E 293 -35.15 37.77 20.40
C SER E 293 -34.22 37.96 21.60
N HIS E 294 -33.28 37.04 21.84
CA HIS E 294 -32.42 37.20 23.00
C HIS E 294 -31.34 38.22 22.75
N SER E 295 -30.69 38.16 21.57
CA SER E 295 -29.75 39.20 21.21
C SER E 295 -30.44 40.56 21.11
N ASP E 296 -31.65 40.60 20.55
CA ASP E 296 -32.39 41.85 20.44
C ASP E 296 -32.69 42.45 21.81
N MET E 297 -32.93 41.62 22.79
CA MET E 297 -33.28 42.03 24.12
C MET E 297 -32.11 42.35 25.02
N GLY E 298 -30.95 41.88 24.73
CA GLY E 298 -29.80 42.33 25.50
C GLY E 298 -28.75 41.32 25.89
N MET E 299 -28.93 40.05 25.51
CA MET E 299 -27.93 39.01 25.84
C MET E 299 -26.74 39.16 24.89
N VAL E 300 -26.04 40.29 25.04
CA VAL E 300 -24.87 40.62 24.22
C VAL E 300 -23.80 41.22 25.12
N GLY E 301 -22.53 40.83 24.90
CA GLY E 301 -21.39 41.52 25.47
C GLY E 301 -20.33 41.80 24.42
N LEU E 302 -19.23 42.39 24.87
CA LEU E 302 -18.10 42.73 24.00
C LEU E 302 -16.82 42.06 24.47
N PHE E 303 -16.14 41.37 23.55
CA PHE E 303 -14.77 40.92 23.76
C PHE E 303 -13.89 42.03 23.20
N LEU E 304 -13.37 42.87 24.09
CA LEU E 304 -12.63 44.09 23.75
C LEU E 304 -11.16 43.73 23.59
N VAL E 305 -10.75 43.49 22.34
CA VAL E 305 -9.40 43.07 22.01
C VAL E 305 -8.60 44.31 21.63
N LYS E 306 -7.57 44.61 22.42
CA LYS E 306 -6.83 45.86 22.26
C LYS E 306 -5.57 45.68 21.41
N LYS E 307 -5.20 46.76 20.70
CA LYS E 307 -3.86 46.86 20.15
C LYS E 307 -2.88 46.97 21.31
N PRO E 308 -1.62 46.50 21.14
CA PRO E 308 -0.67 46.52 22.27
C PRO E 308 -0.57 47.90 22.94
N ASP E 309 -0.93 48.97 22.22
CA ASP E 309 -0.92 50.32 22.77
C ASP E 309 -2.24 50.74 23.41
N GLY E 310 -3.11 49.78 23.75
CA GLY E 310 -4.33 50.07 24.50
C GLY E 310 -5.52 50.59 23.72
N THR E 311 -5.35 50.94 22.44
CA THR E 311 -6.45 51.46 21.64
C THR E 311 -7.24 50.34 20.97
N ILE E 312 -8.54 50.55 20.83
CA ILE E 312 -9.43 49.60 20.18
C ILE E 312 -9.96 50.25 18.92
N PRO E 313 -9.66 49.70 17.73
CA PRO E 313 -10.21 50.27 16.49
C PRO E 313 -11.73 50.21 16.48
N GLY E 314 -12.34 51.31 16.02
CA GLY E 314 -13.77 51.35 15.82
C GLY E 314 -14.60 51.32 17.08
N TYR E 315 -13.97 51.46 18.23
CA TYR E 315 -14.65 51.42 19.52
C TYR E 315 -14.26 52.64 20.32
N ASP E 316 -15.23 53.51 20.60
CA ASP E 316 -15.02 54.63 21.50
C ASP E 316 -16.06 54.52 22.62
N PRO E 317 -15.64 54.25 23.87
CA PRO E 317 -16.45 54.09 25.09
C PRO E 317 -17.54 55.15 25.25
N GLY F 41 -19.52 -10.22 29.12
CA GLY F 41 -18.13 -9.96 28.76
C GLY F 41 -17.86 -8.99 27.63
N ALA F 42 -18.13 -9.39 26.40
CA ALA F 42 -17.85 -8.50 25.29
C ALA F 42 -18.67 -8.95 24.09
N ALA F 43 -19.10 -7.98 23.30
CA ALA F 43 -20.02 -8.26 22.21
C ALA F 43 -19.34 -9.13 21.17
N PRO F 44 -20.02 -10.18 20.66
CA PRO F 44 -19.46 -10.99 19.57
C PRO F 44 -19.53 -10.29 18.22
N ALA F 45 -19.07 -10.92 17.15
CA ALA F 45 -19.40 -10.43 15.82
C ALA F 45 -20.82 -10.86 15.47
N GLY F 46 -21.50 -10.03 14.67
CA GLY F 46 -22.84 -10.33 14.24
C GLY F 46 -22.88 -10.95 12.85
N GLY F 47 -24.08 -11.33 12.44
CA GLY F 47 -24.31 -11.98 11.17
C GLY F 47 -25.47 -12.95 11.27
N GLU F 48 -26.10 -13.00 12.44
CA GLU F 48 -27.17 -13.93 12.74
C GLU F 48 -28.50 -13.35 12.27
N VAL F 49 -29.37 -14.21 11.72
CA VAL F 49 -30.72 -13.79 11.37
C VAL F 49 -31.61 -14.11 12.56
N ARG F 50 -32.24 -13.08 13.14
CA ARG F 50 -33.03 -13.21 14.35
C ARG F 50 -34.48 -12.87 14.04
N ARG F 51 -35.39 -13.54 14.74
CA ARG F 51 -36.81 -13.28 14.59
C ARG F 51 -37.41 -12.97 15.96
N VAL F 52 -38.54 -12.30 15.94
CA VAL F 52 -39.29 -12.01 17.16
C VAL F 52 -40.66 -11.50 16.76
N THR F 53 -41.61 -11.65 17.67
CA THR F 53 -42.96 -11.13 17.50
C THR F 53 -43.06 -9.81 18.25
N MET F 54 -43.89 -8.90 17.73
CA MET F 54 -44.14 -7.64 18.42
C MET F 54 -45.60 -7.26 18.25
N TYR F 55 -46.23 -6.89 19.35
CA TYR F 55 -47.65 -6.52 19.35
C TYR F 55 -47.73 -5.05 19.68
N ALA F 56 -48.60 -4.35 18.99
CA ALA F 56 -49.03 -3.01 19.39
C ALA F 56 -50.36 -3.17 20.12
N GLU F 57 -50.38 -2.79 21.38
CA GLU F 57 -51.55 -2.99 22.23
C GLU F 57 -51.93 -1.68 22.92
N ARG F 58 -53.23 -1.47 23.05
CA ARG F 58 -53.71 -0.42 23.94
C ARG F 58 -53.43 -0.77 25.40
N LEU F 59 -53.15 0.26 26.20
CA LEU F 59 -53.01 0.09 27.64
C LEU F 59 -53.96 1.08 28.31
N ALA F 60 -53.95 1.06 29.65
CA ALA F 60 -54.95 1.76 30.42
C ALA F 60 -54.79 3.26 30.28
N GLY F 61 -55.91 3.95 30.10
CA GLY F 61 -55.93 5.40 30.12
C GLY F 61 -55.44 6.03 28.84
N GLY F 62 -55.83 5.50 27.68
CA GLY F 62 -55.43 6.04 26.40
C GLY F 62 -53.98 5.81 26.00
N GLN F 63 -53.18 5.19 26.86
CA GLN F 63 -51.81 4.86 26.48
C GLN F 63 -51.79 3.70 25.51
N MET F 64 -50.66 3.57 24.79
CA MET F 64 -50.39 2.45 23.89
C MET F 64 -48.94 2.05 24.03
N GLY F 65 -48.66 0.78 23.75
CA GLY F 65 -47.33 0.25 23.98
C GLY F 65 -47.06 -0.93 23.08
N TYR F 66 -45.78 -1.21 22.91
CA TYR F 66 -45.28 -2.37 22.19
C TYR F 66 -44.86 -3.43 23.20
N GLY F 67 -45.05 -4.69 22.83
CA GLY F 67 -44.55 -5.80 23.63
C GLY F 67 -44.17 -6.98 22.76
N LEU F 68 -43.38 -7.88 23.34
CA LEU F 68 -43.01 -9.11 22.64
C LEU F 68 -44.10 -10.18 22.74
N GLU F 69 -44.78 -10.30 23.88
CA GLU F 69 -45.85 -11.26 24.02
C GLU F 69 -47.14 -10.56 24.27
N LYS F 70 -48.18 -11.15 23.78
CA LYS F 70 -49.48 -10.48 23.82
C LYS F 70 -49.94 -10.30 25.27
N GLY F 71 -50.46 -9.12 25.56
CA GLY F 71 -50.84 -8.76 26.90
C GLY F 71 -49.72 -8.23 27.77
N LYS F 72 -48.48 -8.24 27.29
CA LYS F 72 -47.33 -7.82 28.08
C LYS F 72 -46.68 -6.56 27.51
N ALA F 73 -47.48 -5.68 26.92
CA ALA F 73 -46.95 -4.46 26.33
C ALA F 73 -46.42 -3.54 27.43
N SER F 74 -45.39 -2.76 27.10
CA SER F 74 -44.74 -1.90 28.09
C SER F 74 -44.44 -0.53 27.51
N ILE F 75 -44.31 0.45 28.40
CA ILE F 75 -43.78 1.76 28.08
C ILE F 75 -42.58 2.01 28.99
N PRO F 76 -41.35 2.13 28.47
CA PRO F 76 -41.01 2.07 27.05
C PRO F 76 -41.18 0.65 26.54
N GLY F 77 -41.15 0.46 25.22
CA GLY F 77 -41.31 -0.85 24.62
C GLY F 77 -40.11 -1.72 24.88
N PRO F 78 -40.14 -2.98 24.45
CA PRO F 78 -39.05 -3.89 24.77
C PRO F 78 -37.72 -3.47 24.16
N LEU F 79 -36.65 -3.70 24.91
CA LEU F 79 -35.31 -3.40 24.41
C LEU F 79 -34.91 -4.41 23.35
N ILE F 80 -34.61 -3.94 22.15
CA ILE F 80 -34.04 -4.78 21.10
C ILE F 80 -32.54 -4.60 21.09
N GLU F 81 -31.82 -5.73 21.17
CA GLU F 81 -30.37 -5.79 21.18
C GLU F 81 -29.93 -6.61 19.97
N LEU F 82 -28.95 -6.09 19.23
CA LEU F 82 -28.38 -6.79 18.08
C LEU F 82 -26.89 -6.51 18.01
N ASN F 83 -26.17 -7.38 17.32
CA ASN F 83 -24.79 -7.10 16.97
C ASN F 83 -24.67 -6.75 15.49
N GLU F 84 -23.75 -5.83 15.18
CA GLU F 84 -23.53 -5.35 13.81
C GLU F 84 -23.41 -6.50 12.83
N GLY F 85 -24.31 -6.50 11.86
CA GLY F 85 -24.38 -7.54 10.86
C GLY F 85 -25.60 -8.43 11.01
N ASP F 86 -26.12 -8.54 12.23
CA ASP F 86 -27.38 -9.24 12.47
C ASP F 86 -28.48 -8.65 11.60
N THR F 87 -29.44 -9.49 11.22
CA THR F 87 -30.68 -9.07 10.59
C THR F 87 -31.81 -9.43 11.54
N LEU F 88 -32.84 -8.58 11.61
CA LEU F 88 -33.97 -8.83 12.50
C LEU F 88 -35.26 -8.75 11.71
N HIS F 89 -36.05 -9.81 11.80
CA HIS F 89 -37.41 -9.80 11.28
C HIS F 89 -38.34 -9.69 12.47
N VAL F 90 -39.18 -8.67 12.44
CA VAL F 90 -40.12 -8.39 13.51
C VAL F 90 -41.49 -8.77 12.96
N GLU F 91 -42.02 -9.88 13.45
CA GLU F 91 -43.39 -10.29 13.16
C GLU F 91 -44.30 -9.37 13.95
N PHE F 92 -44.88 -8.39 13.28
CA PHE F 92 -45.61 -7.32 13.94
C PHE F 92 -47.10 -7.56 13.84
N GLU F 93 -47.81 -7.37 14.95
CA GLU F 93 -49.26 -7.52 14.97
C GLU F 93 -49.91 -6.32 15.64
N ASN F 94 -50.89 -5.71 14.97
CA ASN F 94 -51.58 -4.53 15.49
C ASN F 94 -52.90 -4.96 16.13
N THR F 95 -52.91 -5.07 17.46
CA THR F 95 -54.07 -5.57 18.18
C THR F 95 -55.07 -4.46 18.51
N MET F 96 -54.96 -3.29 17.88
CA MET F 96 -55.76 -2.13 18.23
C MET F 96 -56.80 -1.85 17.15
N ASP F 97 -57.68 -0.88 17.45
CA ASP F 97 -58.72 -0.41 16.55
C ASP F 97 -58.31 0.73 15.64
N VAL F 98 -57.09 1.24 15.75
CA VAL F 98 -56.59 2.29 14.86
C VAL F 98 -55.36 1.76 14.17
N PRO F 99 -54.94 2.36 13.05
CA PRO F 99 -53.67 1.95 12.44
C PRO F 99 -52.47 2.28 13.32
N VAL F 100 -51.41 1.49 13.18
CA VAL F 100 -50.15 1.71 13.87
C VAL F 100 -48.99 1.45 12.90
N SER F 101 -47.78 1.77 13.32
CA SER F 101 -46.61 1.49 12.50
C SER F 101 -45.41 1.24 13.41
N LEU F 102 -44.32 0.78 12.80
CA LEU F 102 -43.03 0.59 13.47
C LEU F 102 -41.95 1.21 12.59
N HIS F 103 -41.36 2.30 13.06
CA HIS F 103 -40.29 3.00 12.34
C HIS F 103 -39.06 3.00 13.22
N VAL F 104 -37.91 2.62 12.68
CA VAL F 104 -36.70 2.54 13.48
C VAL F 104 -35.71 3.60 13.03
N HIS F 105 -34.93 4.11 13.99
CA HIS F 105 -33.86 5.05 13.72
C HIS F 105 -32.52 4.33 13.53
N GLY F 106 -31.73 4.77 12.54
CA GLY F 106 -30.34 4.41 12.43
C GLY F 106 -30.01 3.01 11.94
N LEU F 107 -30.98 2.09 11.89
CA LEU F 107 -30.71 0.79 11.29
C LEU F 107 -30.97 0.86 9.79
N ASP F 108 -30.71 -0.24 9.08
CA ASP F 108 -30.91 -0.31 7.63
C ASP F 108 -32.22 -1.04 7.34
N TYR F 109 -33.08 -0.39 6.58
CA TYR F 109 -34.33 -1.00 6.14
C TYR F 109 -34.63 -0.47 4.75
N GLU F 110 -35.40 -1.24 3.98
CA GLU F 110 -35.95 -0.73 2.73
C GLU F 110 -37.22 0.05 3.01
N ILE F 111 -37.69 0.80 2.00
CA ILE F 111 -38.86 1.66 2.19
C ILE F 111 -40.09 0.89 2.61
N SER F 112 -40.15 -0.41 2.30
CA SER F 112 -41.30 -1.22 2.69
C SER F 112 -41.32 -1.53 4.19
N SER F 113 -40.19 -1.44 4.89
CA SER F 113 -40.14 -1.46 6.35
C SER F 113 -39.89 -0.08 6.93
N ASP F 114 -40.20 0.96 6.16
CA ASP F 114 -40.14 2.34 6.64
C ASP F 114 -41.09 2.56 7.81
N GLY F 115 -42.25 1.92 7.78
CA GLY F 115 -43.27 2.15 8.79
C GLY F 115 -44.02 3.45 8.62
N THR F 116 -44.12 3.97 7.40
CA THR F 116 -44.81 5.23 7.16
C THR F 116 -46.06 4.97 6.34
N LYS F 117 -47.12 5.75 6.63
CA LYS F 117 -48.30 5.71 5.77
C LYS F 117 -47.93 6.12 4.36
N GLN F 118 -47.01 7.09 4.25
CA GLN F 118 -46.60 7.63 2.95
C GLN F 118 -46.06 6.53 2.05
N ASN F 119 -45.21 5.65 2.57
CA ASN F 119 -44.72 4.48 1.84
C ASN F 119 -45.49 3.20 2.17
N LYS F 120 -46.76 3.33 2.60
CA LYS F 120 -47.68 2.19 2.73
C LYS F 120 -47.13 1.07 3.60
N SER F 121 -46.33 1.40 4.62
CA SER F 121 -45.75 0.39 5.51
C SER F 121 -46.38 0.41 6.89
N HIS F 122 -47.57 0.99 7.02
CA HIS F 122 -48.28 0.92 8.27
C HIS F 122 -49.06 -0.39 8.35
N VAL F 123 -49.59 -0.67 9.54
CA VAL F 123 -50.30 -1.91 9.83
C VAL F 123 -51.72 -1.55 10.24
N GLU F 124 -52.68 -1.97 9.43
CA GLU F 124 -54.09 -1.62 9.63
C GLU F 124 -54.63 -2.35 10.86
N PRO F 125 -55.78 -1.92 11.38
CA PRO F 125 -56.25 -2.50 12.65
C PRO F 125 -56.48 -4.00 12.51
N GLY F 126 -55.99 -4.75 13.50
CA GLY F 126 -56.00 -6.20 13.42
C GLY F 126 -55.01 -6.79 12.45
N GLY F 127 -54.33 -5.98 11.61
CA GLY F 127 -53.41 -6.51 10.62
C GLY F 127 -52.08 -6.96 11.21
N THR F 128 -51.33 -7.67 10.39
CA THR F 128 -50.01 -8.18 10.74
C THR F 128 -49.05 -7.88 9.59
N ARG F 129 -47.75 -7.93 9.89
CA ARG F 129 -46.74 -7.51 8.91
C ARG F 129 -45.36 -7.81 9.48
N THR F 130 -44.40 -8.08 8.58
CA THR F 130 -43.02 -8.30 9.01
C THR F 130 -42.17 -7.10 8.60
N TYR F 131 -41.64 -6.41 9.61
CA TYR F 131 -40.70 -5.34 9.38
C TYR F 131 -39.32 -5.95 9.44
N THR F 132 -38.46 -5.60 8.48
CA THR F 132 -37.11 -6.14 8.45
C THR F 132 -36.08 -5.04 8.70
N TRP F 133 -35.22 -5.29 9.69
CA TRP F 133 -34.12 -4.41 10.04
C TRP F 133 -32.82 -5.16 9.79
N ARG F 134 -31.89 -4.52 9.11
CA ARG F 134 -30.56 -5.06 8.90
C ARG F 134 -29.57 -4.12 9.53
N THR F 135 -28.38 -4.64 9.82
CA THR F 135 -27.27 -3.83 10.30
C THR F 135 -26.02 -4.27 9.56
N HIS F 136 -24.98 -3.43 9.64
CA HIS F 136 -23.73 -3.68 8.96
C HIS F 136 -22.55 -3.36 9.87
N GLU F 137 -21.40 -3.98 9.57
CA GLU F 137 -20.14 -3.63 10.20
C GLU F 137 -19.57 -2.38 9.54
N PRO F 138 -18.65 -1.70 10.20
CA PRO F 138 -17.88 -0.68 9.50
C PRO F 138 -16.83 -1.35 8.62
N GLY F 139 -16.31 -0.58 7.67
CA GLY F 139 -15.33 -1.08 6.74
C GLY F 139 -14.96 0.01 5.77
N ARG F 140 -13.94 -0.26 4.96
CA ARG F 140 -13.47 0.72 3.98
C ARG F 140 -14.15 0.48 2.64
N ARG F 141 -14.75 1.54 2.09
CA ARG F 141 -15.41 1.45 0.80
C ARG F 141 -14.38 1.24 -0.31
N ALA F 142 -14.88 1.07 -1.51
CA ALA F 142 -14.04 0.87 -2.66
C ALA F 142 -13.28 2.16 -2.89
N ASP F 143 -13.96 3.26 -2.74
CA ASP F 143 -13.34 4.54 -2.91
C ASP F 143 -12.42 5.05 -1.81
N GLY F 144 -11.93 4.24 -0.88
CA GLY F 144 -11.05 4.70 0.16
C GLY F 144 -11.66 5.25 1.42
N THR F 145 -12.93 5.64 1.35
CA THR F 145 -13.58 6.17 2.50
C THR F 145 -14.00 5.08 3.47
N TRP F 146 -14.33 5.48 4.66
CA TRP F 146 -14.76 4.59 5.68
C TRP F 146 -16.23 4.62 5.96
N ARG F 147 -16.94 3.59 5.58
CA ARG F 147 -18.35 3.41 5.95
C ARG F 147 -18.45 3.22 7.46
N ALA F 148 -19.29 4.01 8.12
CA ALA F 148 -19.55 3.79 9.54
C ALA F 148 -20.44 2.57 9.74
N GLY F 149 -20.27 1.90 10.87
CA GLY F 149 -21.14 0.81 11.24
C GLY F 149 -22.49 1.30 11.72
N SER F 150 -23.38 0.33 12.01
CA SER F 150 -24.69 0.56 12.61
C SER F 150 -24.67 0.72 14.13
N ALA F 151 -23.55 0.42 14.79
CA ALA F 151 -23.52 0.43 16.25
C ALA F 151 -23.96 1.78 16.81
N GLY F 152 -24.65 1.72 17.95
CA GLY F 152 -24.94 2.90 18.72
C GLY F 152 -26.24 2.71 19.49
N TYR F 153 -26.74 3.82 19.98
CA TYR F 153 -27.95 3.85 20.78
C TYR F 153 -29.08 4.41 19.93
N TRP F 154 -30.05 3.55 19.59
CA TRP F 154 -31.14 3.93 18.71
C TRP F 154 -32.50 3.64 19.35
N HIS F 155 -33.56 3.75 18.56
CA HIS F 155 -34.90 3.58 19.08
C HIS F 155 -35.86 3.39 17.92
N TYR F 156 -37.06 2.91 18.26
CA TYR F 156 -38.16 2.77 17.31
C TYR F 156 -39.38 3.46 17.89
N HIS F 157 -40.31 3.82 17.02
CA HIS F 157 -41.54 4.45 17.49
C HIS F 157 -42.59 4.38 16.40
N ASP F 158 -43.84 4.66 16.79
CA ASP F 158 -44.95 4.76 15.85
C ASP F 158 -44.81 5.96 14.91
N HIS F 159 -45.38 5.83 13.71
CA HIS F 159 -45.35 6.90 12.73
C HIS F 159 -46.72 7.28 12.18
N VAL F 160 -47.81 6.69 12.66
CA VAL F 160 -49.12 6.96 12.04
C VAL F 160 -50.24 7.23 13.04
N VAL F 161 -50.10 6.93 14.34
CA VAL F 161 -51.21 7.21 15.25
C VAL F 161 -51.29 8.71 15.49
N GLY F 162 -52.46 9.30 15.22
CA GLY F 162 -52.70 10.71 15.49
C GLY F 162 -52.42 11.62 14.31
N THR F 163 -51.20 11.53 13.77
CA THR F 163 -50.78 12.28 12.58
C THR F 163 -49.85 11.38 11.79
N GLU F 164 -49.61 11.75 10.51
CA GLU F 164 -48.67 10.97 9.69
C GLU F 164 -47.18 11.10 10.16
N HIS F 165 -46.95 11.70 11.31
CA HIS F 165 -45.66 11.62 11.99
C HIS F 165 -45.77 10.95 13.36
N GLY F 166 -46.87 10.26 13.63
CA GLY F 166 -47.04 9.53 14.87
C GLY F 166 -47.07 10.38 16.13
N THR F 167 -47.46 11.65 16.03
CA THR F 167 -47.49 12.53 17.19
C THR F 167 -48.34 11.94 18.33
N GLY F 168 -49.54 11.45 17.99
CA GLY F 168 -50.37 10.83 19.03
C GLY F 168 -49.81 9.52 19.54
N GLY F 169 -49.25 8.71 18.65
CA GLY F 169 -48.71 7.41 19.06
C GLY F 169 -47.54 7.54 20.00
N ILE F 170 -46.64 8.49 19.70
CA ILE F 170 -45.51 8.77 20.57
C ILE F 170 -46.00 9.31 21.92
N ARG F 171 -46.99 10.20 21.88
CA ARG F 171 -47.54 10.73 23.11
C ARG F 171 -48.12 9.62 23.98
N ASN F 172 -48.70 8.60 23.35
CA ASN F 172 -49.38 7.51 24.05
C ASN F 172 -48.43 6.46 24.61
N GLY F 173 -47.20 6.39 24.13
CA GLY F 173 -46.23 5.47 24.70
C GLY F 173 -45.57 4.54 23.70
N LEU F 174 -45.82 4.74 22.40
CA LEU F 174 -45.33 3.83 21.35
C LEU F 174 -43.91 4.23 20.96
N TYR F 175 -42.97 3.90 21.84
CA TYR F 175 -41.56 4.20 21.61
C TYR F 175 -40.74 3.16 22.36
N GLY F 176 -39.62 2.74 21.78
CA GLY F 176 -38.78 1.79 22.47
C GLY F 176 -37.35 1.84 22.01
N PRO F 177 -36.44 1.17 22.76
CA PRO F 177 -35.00 1.35 22.51
C PRO F 177 -34.34 0.21 21.74
N VAL F 178 -33.34 0.56 20.91
CA VAL F 178 -32.53 -0.38 20.14
C VAL F 178 -31.06 -0.14 20.48
N ILE F 179 -30.35 -1.20 20.88
CA ILE F 179 -28.91 -1.14 21.01
C ILE F 179 -28.29 -2.02 19.93
N VAL F 180 -27.40 -1.44 19.13
CA VAL F 180 -26.57 -2.20 18.18
C VAL F 180 -25.14 -2.16 18.69
N ARG F 181 -24.58 -3.34 18.93
CA ARG F 181 -23.23 -3.46 19.47
C ARG F 181 -22.21 -3.75 18.38
N ARG F 182 -21.01 -3.20 18.57
CA ARG F 182 -19.82 -3.52 17.77
C ARG F 182 -19.06 -4.66 18.45
N LYS F 183 -18.47 -5.53 17.65
CA LYS F 183 -17.65 -6.60 18.22
C LYS F 183 -16.60 -6.00 19.15
N GLY F 184 -16.55 -6.51 20.38
CA GLY F 184 -15.63 -5.99 21.37
C GLY F 184 -16.21 -4.95 22.33
N ASP F 185 -17.44 -4.48 22.10
CA ASP F 185 -18.06 -3.55 23.05
C ASP F 185 -18.19 -4.21 24.42
N VAL F 186 -17.78 -3.49 25.46
CA VAL F 186 -18.00 -3.99 26.82
C VAL F 186 -19.48 -4.21 27.04
N LEU F 187 -19.85 -5.42 27.52
CA LEU F 187 -21.25 -5.60 27.86
C LEU F 187 -21.52 -5.21 29.32
N PRO F 188 -22.74 -4.70 29.64
CA PRO F 188 -23.01 -4.24 31.02
C PRO F 188 -23.75 -5.27 31.85
N ASP F 189 -23.69 -5.12 33.18
CA ASP F 189 -24.48 -5.97 34.05
C ASP F 189 -25.98 -5.69 33.91
N ALA F 190 -26.34 -4.46 33.54
CA ALA F 190 -27.73 -4.05 33.51
C ALA F 190 -27.86 -2.86 32.59
N THR F 191 -29.06 -2.70 32.04
CA THR F 191 -29.38 -1.62 31.12
C THR F 191 -30.73 -1.04 31.50
N HIS F 192 -30.78 0.28 31.56
CA HIS F 192 -32.00 0.96 31.92
C HIS F 192 -32.28 2.04 30.89
N THR F 193 -33.55 2.18 30.53
CA THR F 193 -33.95 3.10 29.48
C THR F 193 -34.76 4.23 30.08
N ILE F 194 -34.38 5.46 29.75
CA ILE F 194 -34.99 6.65 30.28
C ILE F 194 -35.44 7.48 29.10
N VAL F 195 -36.75 7.66 28.96
CA VAL F 195 -37.31 8.40 27.85
C VAL F 195 -37.95 9.64 28.39
N PHE F 196 -37.45 10.80 27.97
CA PHE F 196 -38.06 12.09 28.26
C PHE F 196 -39.14 12.31 27.20
N ASN F 197 -40.37 11.97 27.52
CA ASN F 197 -41.46 12.08 26.58
C ASN F 197 -42.30 13.26 26.99
N ASP F 198 -42.19 14.36 26.24
CA ASP F 198 -42.78 15.64 26.63
C ASP F 198 -42.34 15.98 28.07
N MET F 199 -43.28 16.19 28.98
CA MET F 199 -42.95 16.53 30.37
C MET F 199 -42.86 15.31 31.29
N THR F 200 -42.86 14.09 30.76
CA THR F 200 -42.84 12.90 31.59
C THR F 200 -41.56 12.12 31.34
N ILE F 201 -41.27 11.23 32.27
CA ILE F 201 -40.26 10.17 32.09
C ILE F 201 -41.03 8.87 31.93
N ASN F 202 -40.89 8.24 30.76
CA ASN F 202 -41.50 6.96 30.46
C ASN F 202 -43.01 7.01 30.61
N ASN F 203 -43.59 8.18 30.31
CA ASN F 203 -45.04 8.43 30.41
C ASN F 203 -45.55 8.28 31.84
N ARG F 204 -44.69 8.43 32.84
CA ARG F 204 -45.17 8.21 34.21
C ARG F 204 -45.70 9.51 34.80
N PRO F 205 -46.61 9.40 35.78
CA PRO F 205 -47.03 10.60 36.52
C PRO F 205 -45.83 11.33 37.09
N ALA F 206 -45.98 12.64 37.24
CA ALA F 206 -44.92 13.46 37.79
C ALA F 206 -44.47 12.94 39.16
N HIS F 207 -43.16 13.01 39.39
CA HIS F 207 -42.55 12.71 40.70
C HIS F 207 -42.70 11.22 41.05
N THR F 208 -42.60 10.35 40.06
CA THR F 208 -42.73 8.92 40.27
C THR F 208 -41.56 8.18 39.64
N GLY F 209 -40.39 8.80 39.63
CA GLY F 209 -39.24 8.15 39.09
C GLY F 209 -39.33 8.00 37.57
N PRO F 210 -38.95 6.83 37.04
CA PRO F 210 -38.61 5.57 37.72
C PRO F 210 -37.28 5.64 38.45
N ASN F 211 -37.13 4.78 39.44
CA ASN F 211 -35.85 4.59 40.13
C ASN F 211 -35.22 3.31 39.65
N PHE F 212 -33.90 3.26 39.68
CA PHE F 212 -33.15 2.08 39.26
C PHE F 212 -32.10 1.77 40.31
N GLU F 213 -31.88 0.49 40.53
CA GLU F 213 -31.00 0.03 41.59
C GLU F 213 -29.75 -0.60 41.01
N ALA F 214 -28.66 -0.47 41.73
CA ALA F 214 -27.45 -1.19 41.39
C ALA F 214 -26.63 -1.31 42.67
N THR F 215 -25.56 -2.12 42.61
CA THR F 215 -24.58 -2.22 43.69
C THR F 215 -23.31 -1.50 43.28
N VAL F 216 -22.65 -0.86 44.25
CA VAL F 216 -21.35 -0.24 44.05
C VAL F 216 -20.50 -1.14 43.18
N GLY F 217 -19.96 -0.59 42.10
CA GLY F 217 -19.10 -1.33 41.21
C GLY F 217 -19.78 -1.92 40.00
N ASP F 218 -21.11 -2.04 40.01
CA ASP F 218 -21.79 -2.59 38.84
C ASP F 218 -21.49 -1.75 37.60
N ARG F 219 -21.50 -2.40 36.44
CA ARG F 219 -21.38 -1.72 35.14
C ARG F 219 -22.78 -1.53 34.58
N VAL F 220 -23.29 -0.30 34.70
CA VAL F 220 -24.68 0.02 34.38
C VAL F 220 -24.73 0.79 33.07
N GLU F 221 -25.60 0.35 32.17
CA GLU F 221 -25.81 0.98 30.87
C GLU F 221 -27.14 1.72 30.85
N ILE F 222 -27.11 2.99 30.44
CA ILE F 222 -28.29 3.82 30.30
C ILE F 222 -28.56 4.03 28.81
N VAL F 223 -29.80 3.87 28.40
CA VAL F 223 -30.24 4.35 27.10
C VAL F 223 -31.15 5.53 27.34
N MET F 224 -30.76 6.68 26.82
CA MET F 224 -31.55 7.91 26.90
CA MET F 224 -31.52 7.93 26.94
C MET F 224 -32.23 8.51 25.57
N ILE F 225 -33.54 8.64 25.63
CA ILE F 225 -34.30 8.99 24.44
C ILE F 225 -35.18 10.16 24.81
N THR F 226 -35.44 11.03 23.84
CA THR F 226 -36.31 12.18 24.02
C THR F 226 -37.38 12.14 22.93
N HIS F 227 -38.61 12.52 23.28
CA HIS F 227 -39.69 12.53 22.29
C HIS F 227 -40.57 13.73 22.56
N GLY F 228 -41.33 14.15 21.55
CA GLY F 228 -42.39 15.12 21.72
C GLY F 228 -42.01 16.53 21.28
N GLU F 229 -42.14 17.50 22.20
CA GLU F 229 -42.13 18.92 21.84
C GLU F 229 -40.97 19.71 22.42
N TYR F 230 -40.37 19.23 23.50
CA TYR F 230 -39.47 20.03 24.31
C TYR F 230 -38.03 19.57 24.18
N TYR F 231 -37.12 20.54 24.22
CA TYR F 231 -35.75 20.28 24.59
C TYR F 231 -35.67 20.02 26.11
N HIS F 232 -34.71 19.19 26.51
CA HIS F 232 -34.45 18.84 27.90
C HIS F 232 -32.94 18.83 28.13
N THR F 233 -32.50 18.79 29.40
CA THR F 233 -31.10 18.47 29.68
C THR F 233 -31.03 17.29 30.63
N PHE F 234 -30.39 16.21 30.19
CA PHE F 234 -30.22 15.04 31.03
C PHE F 234 -29.01 15.20 31.93
N HIS F 235 -29.21 14.97 33.24
CA HIS F 235 -28.16 15.15 34.24
C HIS F 235 -28.17 13.98 35.21
N MET F 236 -26.98 13.43 35.52
CA MET F 236 -26.80 12.39 36.52
C MET F 236 -25.91 12.92 37.64
N HIS F 237 -26.43 12.95 38.86
CA HIS F 237 -25.58 13.26 39.99
C HIS F 237 -24.55 12.15 40.17
N GLY F 238 -23.34 12.53 40.58
CA GLY F 238 -22.33 11.58 41.01
C GLY F 238 -21.66 10.77 39.92
N HIS F 239 -22.04 10.93 38.64
CA HIS F 239 -21.53 10.08 37.60
C HIS F 239 -21.38 10.90 36.32
N ALA F 240 -20.30 10.67 35.57
CA ALA F 240 -20.04 11.39 34.33
C ALA F 240 -19.77 10.38 33.21
N TRP F 241 -19.89 10.82 31.95
CA TRP F 241 -19.65 9.90 30.85
C TRP F 241 -19.05 10.67 29.67
N ALA F 242 -18.53 9.92 28.70
CA ALA F 242 -17.93 10.52 27.51
C ALA F 242 -19.00 10.77 26.46
N ASP F 243 -18.96 11.97 25.87
CA ASP F 243 -19.91 12.31 24.81
C ASP F 243 -19.43 11.71 23.48
N ASN F 244 -19.54 10.39 23.38
CA ASN F 244 -19.17 9.72 22.13
C ASN F 244 -20.11 8.52 21.97
N ARG F 245 -19.78 7.59 21.05
CA ARG F 245 -20.71 6.51 20.70
C ARG F 245 -21.04 5.63 21.90
N THR F 246 -20.04 5.19 22.64
CA THR F 246 -20.31 4.23 23.70
C THR F 246 -20.44 4.89 25.06
N GLY F 247 -20.19 6.19 25.15
CA GLY F 247 -20.20 6.85 26.45
C GLY F 247 -18.98 6.62 27.30
N MET F 248 -17.96 5.91 26.78
CA MET F 248 -16.68 5.70 27.42
C MET F 248 -15.56 6.16 26.48
N LEU F 249 -14.48 6.68 27.06
CA LEU F 249 -13.35 7.08 26.23
C LEU F 249 -12.72 5.83 25.62
N THR F 250 -12.24 5.95 24.37
CA THR F 250 -11.52 4.86 23.73
C THR F 250 -10.14 4.63 24.32
N GLY F 251 -9.55 5.65 24.92
CA GLY F 251 -8.16 5.63 25.32
C GLY F 251 -7.67 7.05 25.49
N PRO F 252 -6.37 7.23 25.73
CA PRO F 252 -5.86 8.60 25.98
C PRO F 252 -5.91 9.50 24.76
N ASP F 253 -6.18 8.95 23.56
CA ASP F 253 -6.33 9.78 22.36
C ASP F 253 -7.75 10.32 22.17
N ASP F 254 -8.75 9.74 22.79
CA ASP F 254 -10.14 10.18 22.61
C ASP F 254 -10.34 11.58 23.16
N PRO F 255 -10.65 12.57 22.34
CA PRO F 255 -10.74 13.95 22.83
C PRO F 255 -12.13 14.38 23.30
N SER F 256 -13.13 13.50 23.21
CA SER F 256 -14.50 13.85 23.56
C SER F 256 -14.59 14.54 24.91
N GLN F 257 -15.53 15.47 25.03
CA GLN F 257 -15.79 16.11 26.29
C GLN F 257 -16.40 15.08 27.24
N VAL F 258 -15.97 15.10 28.48
CA VAL F 258 -16.60 14.31 29.52
C VAL F 258 -17.62 15.19 30.20
N ILE F 259 -18.85 14.71 30.29
CA ILE F 259 -19.99 15.52 30.70
C ILE F 259 -20.81 14.76 31.73
N ASP F 260 -21.71 15.49 32.38
CA ASP F 260 -22.77 14.87 33.18
C ASP F 260 -24.10 15.56 32.92
N ASN F 261 -24.14 16.48 31.96
CA ASN F 261 -25.32 17.24 31.57
C ASN F 261 -25.37 17.25 30.04
N LYS F 262 -26.49 16.89 29.43
CA LYS F 262 -26.52 16.84 27.97
C LYS F 262 -27.87 17.32 27.44
N ILE F 263 -27.84 18.33 26.56
CA ILE F 263 -29.04 18.84 25.93
C ILE F 263 -29.50 17.82 24.87
N CYS F 264 -30.81 17.75 24.65
CA CYS F 264 -31.37 16.73 23.76
C CYS F 264 -32.78 17.18 23.40
N GLY F 265 -33.23 16.77 22.22
CA GLY F 265 -34.53 17.18 21.75
C GLY F 265 -35.25 16.01 21.12
N PRO F 266 -36.47 16.24 20.65
CA PRO F 266 -37.30 15.15 20.13
C PRO F 266 -36.56 14.24 19.18
N ALA F 267 -36.52 12.95 19.51
CA ALA F 267 -36.02 11.83 18.73
C ALA F 267 -34.51 11.68 18.88
N ASP F 268 -33.87 12.50 19.69
CA ASP F 268 -32.47 12.27 20.01
C ASP F 268 -32.33 10.99 20.81
N SER F 269 -31.25 10.25 20.56
CA SER F 269 -30.97 9.06 21.34
C SER F 269 -29.47 8.97 21.58
N PHE F 270 -29.09 8.62 22.79
CA PHE F 270 -27.70 8.39 23.13
C PHE F 270 -27.66 7.43 24.30
N GLY F 271 -26.45 6.94 24.60
CA GLY F 271 -26.30 6.05 25.74
C GLY F 271 -24.90 6.05 26.25
N PHE F 272 -24.71 5.36 27.37
CA PHE F 272 -23.40 5.26 28.00
C PHE F 272 -23.42 4.13 29.02
N GLN F 273 -22.23 3.83 29.54
CA GLN F 273 -22.02 2.93 30.66
C GLN F 273 -21.23 3.69 31.71
N ILE F 274 -21.57 3.45 32.98
CA ILE F 274 -20.82 4.00 34.10
C ILE F 274 -20.61 2.90 35.13
N ILE F 275 -19.62 3.10 36.00
CA ILE F 275 -19.40 2.19 37.13
C ILE F 275 -20.19 2.76 38.30
N ALA F 276 -21.22 2.03 38.72
CA ALA F 276 -22.10 2.48 39.80
C ALA F 276 -21.29 2.88 41.02
N GLY F 277 -21.29 4.16 41.35
CA GLY F 277 -20.62 4.64 42.55
C GLY F 277 -19.14 4.86 42.41
N GLU F 278 -18.59 4.81 41.19
CA GLU F 278 -17.13 4.91 41.04
C GLU F 278 -16.64 6.22 41.64
N GLY F 279 -15.66 6.11 42.54
CA GLY F 279 -15.08 7.29 43.13
C GLY F 279 -16.03 8.14 43.92
N VAL F 280 -17.29 7.71 44.05
CA VAL F 280 -18.27 8.46 44.82
C VAL F 280 -19.00 7.60 45.84
N GLY F 281 -19.12 6.29 45.63
CA GLY F 281 -19.69 5.42 46.63
C GLY F 281 -21.19 5.32 46.49
N ALA F 282 -21.80 4.68 47.47
CA ALA F 282 -23.22 4.35 47.46
C ALA F 282 -24.06 5.55 47.91
N GLY F 283 -25.34 5.49 47.58
CA GLY F 283 -26.24 6.58 47.92
C GLY F 283 -27.41 6.63 46.96
N ALA F 284 -28.33 7.57 47.23
CA ALA F 284 -29.48 7.81 46.35
C ALA F 284 -29.09 8.91 45.37
N TRP F 285 -28.52 8.52 44.23
CA TRP F 285 -27.96 9.46 43.26
C TRP F 285 -29.04 9.95 42.30
N MET F 286 -29.31 11.24 42.36
CA MET F 286 -30.40 11.81 41.59
C MET F 286 -30.03 11.88 40.09
N TYR F 287 -30.97 11.53 39.23
CA TYR F 287 -30.95 11.97 37.84
C TYR F 287 -32.22 12.76 37.57
N HIS F 288 -32.12 13.79 36.73
CA HIS F 288 -33.28 14.59 36.36
C HIS F 288 -32.99 15.40 35.10
N CYS F 289 -34.07 15.86 34.45
CA CYS F 289 -33.96 17.03 33.59
C CYS F 289 -33.42 18.19 34.40
N HIS F 290 -32.57 18.99 33.78
CA HIS F 290 -32.06 20.11 34.54
C HIS F 290 -32.71 21.43 34.18
N VAL F 291 -33.59 21.46 33.16
CA VAL F 291 -34.46 22.60 32.93
C VAL F 291 -35.29 22.81 34.18
N GLN F 292 -35.18 23.99 34.79
CA GLN F 292 -35.53 24.11 36.21
C GLN F 292 -37.02 23.86 36.48
N SER F 293 -37.91 24.30 35.58
CA SER F 293 -39.32 23.99 35.78
C SER F 293 -39.62 22.52 35.52
N HIS F 294 -38.76 21.83 34.78
CA HIS F 294 -39.00 20.42 34.46
C HIS F 294 -38.67 19.52 35.67
N SER F 295 -37.53 19.72 36.32
CA SER F 295 -37.28 18.95 37.54
C SER F 295 -38.32 19.30 38.62
N ASP F 296 -38.58 20.60 38.81
CA ASP F 296 -39.56 21.04 39.79
C ASP F 296 -40.91 20.36 39.59
N MET F 297 -41.30 20.13 38.33
CA MET F 297 -42.60 19.55 38.01
C MET F 297 -42.55 18.03 37.93
N GLY F 298 -41.44 17.40 38.30
CA GLY F 298 -41.44 15.98 38.58
C GLY F 298 -40.61 15.12 37.67
N MET F 299 -39.89 15.69 36.69
CA MET F 299 -38.95 14.96 35.83
C MET F 299 -37.67 14.69 36.63
N VAL F 300 -37.80 13.83 37.63
CA VAL F 300 -36.71 13.46 38.53
C VAL F 300 -36.88 12.00 38.87
N GLY F 301 -35.76 11.28 38.95
CA GLY F 301 -35.74 9.92 39.45
C GLY F 301 -34.45 9.67 40.21
N LEU F 302 -34.28 8.43 40.64
CA LEU F 302 -33.20 8.04 41.55
C LEU F 302 -32.39 6.90 40.98
N PHE F 303 -31.07 7.02 41.08
CA PHE F 303 -30.13 5.95 40.78
C PHE F 303 -29.70 5.36 42.13
N LEU F 304 -30.38 4.31 42.57
CA LEU F 304 -30.19 3.81 43.94
C LEU F 304 -29.01 2.83 43.97
N VAL F 305 -27.85 3.30 44.42
CA VAL F 305 -26.61 2.53 44.39
C VAL F 305 -26.33 2.00 45.79
N LYS F 306 -26.37 0.67 45.94
CA LYS F 306 -26.27 0.02 47.25
C LYS F 306 -24.83 -0.39 47.54
N LYS F 307 -24.47 -0.33 48.83
CA LYS F 307 -23.30 -1.03 49.31
C LYS F 307 -23.44 -2.52 49.03
N PRO F 308 -22.34 -3.29 49.10
CA PRO F 308 -22.47 -4.75 49.04
C PRO F 308 -23.38 -5.34 50.13
N ASP F 309 -23.44 -4.72 51.30
CA ASP F 309 -24.37 -5.26 52.30
C ASP F 309 -25.81 -4.88 51.99
N GLY F 310 -26.05 -4.26 50.83
CA GLY F 310 -27.36 -3.81 50.38
C GLY F 310 -27.90 -2.53 51.00
N THR F 311 -27.07 -1.70 51.64
CA THR F 311 -27.60 -0.48 52.22
C THR F 311 -27.33 0.75 51.34
N ILE F 312 -28.21 1.74 51.48
CA ILE F 312 -28.17 3.00 50.75
C ILE F 312 -28.10 4.16 51.74
N PRO F 313 -26.91 4.58 52.15
CA PRO F 313 -26.81 5.57 53.24
C PRO F 313 -27.52 6.87 52.88
N GLY F 314 -28.39 7.31 53.79
CA GLY F 314 -29.09 8.56 53.65
C GLY F 314 -30.44 8.49 52.96
N TYR F 315 -30.69 7.44 52.19
CA TYR F 315 -31.96 7.34 51.48
C TYR F 315 -33.13 7.29 52.46
N ASP F 316 -34.10 8.22 52.29
CA ASP F 316 -35.25 8.26 53.18
C ASP F 316 -36.45 8.98 52.54
N PRO F 317 -37.16 8.31 51.64
CA PRO F 317 -38.36 8.80 50.94
C PRO F 317 -39.35 9.53 51.84
N ALA G 40 24.51 -19.10 6.45
CA ALA G 40 24.02 -19.53 7.76
C ALA G 40 22.69 -20.27 7.60
N GLY G 41 21.57 -19.62 7.95
CA GLY G 41 20.24 -20.21 7.84
C GLY G 41 19.91 -20.76 6.47
N ALA G 42 19.31 -21.95 6.39
CA ALA G 42 19.12 -22.65 5.12
C ALA G 42 17.77 -23.36 5.11
N ALA G 43 17.32 -23.68 3.90
CA ALA G 43 16.01 -24.29 3.68
C ALA G 43 16.02 -25.77 4.05
N PRO G 44 14.99 -26.27 4.71
CA PRO G 44 14.90 -27.69 5.04
C PRO G 44 14.48 -28.48 3.81
N ALA G 45 14.37 -29.80 3.96
CA ALA G 45 13.73 -30.57 2.92
C ALA G 45 12.22 -30.42 3.08
N GLY G 46 11.50 -30.59 1.98
CA GLY G 46 10.07 -30.39 1.96
C GLY G 46 9.30 -31.71 1.93
N GLY G 47 7.98 -31.59 2.05
CA GLY G 47 7.11 -32.73 2.10
C GLY G 47 5.85 -32.42 2.87
N GLU G 48 5.76 -31.24 3.42
CA GLU G 48 4.59 -30.87 4.13
C GLU G 48 3.48 -30.49 3.21
N VAL G 49 2.28 -30.95 3.50
CA VAL G 49 1.10 -30.61 2.71
C VAL G 49 0.51 -29.33 3.33
N ARG G 50 0.65 -28.21 2.62
CA ARG G 50 0.15 -26.93 3.09
C ARG G 50 -1.14 -26.55 2.37
N ARG G 51 -1.97 -25.77 3.06
CA ARG G 51 -3.16 -25.19 2.47
C ARG G 51 -3.09 -23.68 2.71
N VAL G 52 -3.82 -22.91 1.91
CA VAL G 52 -4.03 -21.48 2.13
C VAL G 52 -5.41 -21.11 1.60
N THR G 53 -5.88 -19.92 1.98
N THR G 53 -5.86 -19.92 1.97
CA THR G 53 -7.04 -19.31 1.36
CA THR G 53 -7.04 -19.30 1.37
C THR G 53 -6.56 -18.16 0.49
C THR G 53 -6.55 -18.16 0.48
N MET G 54 -7.04 -18.13 -0.76
CA MET G 54 -6.70 -17.07 -1.70
C MET G 54 -7.98 -16.57 -2.35
N TYR G 55 -8.15 -15.26 -2.38
CA TYR G 55 -9.30 -14.62 -3.02
C TYR G 55 -8.82 -13.74 -4.17
N ALA G 56 -9.67 -13.62 -5.19
CA ALA G 56 -9.49 -12.61 -6.23
C ALA G 56 -10.48 -11.49 -5.95
N GLU G 57 -9.97 -10.28 -5.71
CA GLU G 57 -10.81 -9.13 -5.45
C GLU G 57 -10.42 -7.91 -6.27
N ARG G 58 -11.46 -7.14 -6.62
CA ARG G 58 -11.28 -5.80 -7.17
C ARG G 58 -10.54 -4.91 -6.19
N LEU G 59 -9.75 -4.00 -6.75
CA LEU G 59 -9.14 -2.96 -5.95
C LEU G 59 -9.46 -1.63 -6.62
N ALA G 60 -9.04 -0.55 -5.97
CA ALA G 60 -9.26 0.78 -6.50
C ALA G 60 -8.68 0.90 -7.91
N GLY G 61 -9.26 1.80 -8.70
CA GLY G 61 -8.72 2.11 -10.01
C GLY G 61 -8.94 1.06 -11.07
N GLY G 62 -9.93 0.19 -10.90
CA GLY G 62 -10.16 -0.86 -11.87
C GLY G 62 -9.14 -1.97 -11.81
N GLN G 63 -8.40 -2.08 -10.72
CA GLN G 63 -7.43 -3.14 -10.58
C GLN G 63 -8.07 -4.39 -9.98
N MET G 64 -7.34 -5.49 -10.08
CA MET G 64 -7.74 -6.75 -9.48
C MET G 64 -6.50 -7.37 -8.88
N GLY G 65 -6.68 -8.13 -7.81
CA GLY G 65 -5.54 -8.65 -7.10
C GLY G 65 -5.90 -9.91 -6.35
N TYR G 66 -4.86 -10.69 -6.05
CA TYR G 66 -4.92 -11.85 -5.19
C TYR G 66 -4.57 -11.46 -3.75
N GLY G 67 -5.17 -12.17 -2.81
CA GLY G 67 -4.90 -11.92 -1.39
C GLY G 67 -5.16 -13.16 -0.56
N LEU G 68 -4.47 -13.25 0.58
CA LEU G 68 -4.63 -14.41 1.44
C LEU G 68 -5.68 -14.20 2.52
N GLU G 69 -6.25 -13.00 2.59
CA GLU G 69 -7.34 -12.68 3.49
C GLU G 69 -8.33 -11.82 2.73
N LYS G 70 -9.62 -12.07 2.92
CA LYS G 70 -10.63 -11.23 2.31
C LYS G 70 -10.35 -9.77 2.60
N GLY G 71 -10.44 -8.93 1.58
CA GLY G 71 -10.19 -7.50 1.71
C GLY G 71 -8.75 -7.10 1.89
N LYS G 72 -7.79 -8.03 1.73
CA LYS G 72 -6.36 -7.72 1.80
C LYS G 72 -5.63 -8.06 0.50
N ALA G 73 -6.32 -7.98 -0.63
CA ALA G 73 -5.67 -8.21 -1.92
C ALA G 73 -4.53 -7.21 -2.13
N SER G 74 -3.50 -7.66 -2.86
CA SER G 74 -2.32 -6.83 -3.08
C SER G 74 -1.81 -7.04 -4.51
N ILE G 75 -1.06 -6.06 -4.99
CA ILE G 75 -0.42 -6.09 -6.32
C ILE G 75 1.06 -5.76 -6.17
N PRO G 76 1.97 -6.72 -6.41
CA PRO G 76 1.71 -8.11 -6.77
C PRO G 76 1.07 -8.91 -5.62
N GLY G 77 0.55 -10.10 -5.92
CA GLY G 77 -0.13 -10.89 -4.93
C GLY G 77 0.82 -11.37 -3.85
N PRO G 78 0.29 -12.17 -2.93
CA PRO G 78 1.12 -12.68 -1.82
C PRO G 78 2.22 -13.61 -2.34
N LEU G 79 3.41 -13.43 -1.77
CA LEU G 79 4.52 -14.36 -2.03
C LEU G 79 4.19 -15.73 -1.45
N ILE G 80 4.22 -16.75 -2.31
CA ILE G 80 4.07 -18.14 -1.89
C ILE G 80 5.45 -18.77 -1.88
N GLU G 81 5.79 -19.46 -0.79
CA GLU G 81 7.07 -20.13 -0.67
C GLU G 81 6.86 -21.59 -0.32
N LEU G 82 7.63 -22.48 -0.95
CA LEU G 82 7.57 -23.88 -0.66
C LEU G 82 8.97 -24.47 -0.74
N ASN G 83 9.14 -25.60 -0.08
CA ASN G 83 10.32 -26.43 -0.27
C ASN G 83 9.94 -27.58 -1.17
N GLU G 84 10.94 -28.12 -1.86
CA GLU G 84 10.69 -29.20 -2.80
C GLU G 84 10.07 -30.40 -2.09
N GLY G 85 8.97 -30.91 -2.64
CA GLY G 85 8.18 -31.97 -2.04
C GLY G 85 6.88 -31.49 -1.44
N ASP G 86 6.81 -30.22 -1.05
CA ASP G 86 5.58 -29.66 -0.50
C ASP G 86 4.44 -29.79 -1.50
N THR G 87 3.23 -29.68 -0.97
CA THR G 87 2.03 -29.56 -1.77
C THR G 87 1.22 -28.40 -1.25
N LEU G 88 0.63 -27.62 -2.14
CA LEU G 88 -0.19 -26.48 -1.74
C LEU G 88 -1.59 -26.67 -2.30
N HIS G 89 -2.55 -26.75 -1.41
CA HIS G 89 -3.95 -26.65 -1.78
C HIS G 89 -4.35 -25.19 -1.59
N VAL G 90 -4.74 -24.55 -2.68
CA VAL G 90 -5.20 -23.16 -2.63
C VAL G 90 -6.71 -23.21 -2.68
N GLU G 91 -7.34 -22.88 -1.56
CA GLU G 91 -8.80 -22.82 -1.50
C GLU G 91 -9.18 -21.45 -2.04
N PHE G 92 -9.46 -21.43 -3.34
CA PHE G 92 -9.61 -20.18 -4.07
C PHE G 92 -11.08 -19.78 -4.06
N GLU G 93 -11.36 -18.51 -3.73
CA GLU G 93 -12.67 -17.94 -3.92
C GLU G 93 -12.61 -16.69 -4.78
N ASN G 94 -13.59 -16.54 -5.67
CA ASN G 94 -13.68 -15.42 -6.59
C ASN G 94 -14.71 -14.43 -6.08
N THR G 95 -14.23 -13.32 -5.52
CA THR G 95 -15.10 -12.27 -5.00
C THR G 95 -15.55 -11.27 -6.06
N MET G 96 -15.33 -11.54 -7.35
CA MET G 96 -15.49 -10.56 -8.42
C MET G 96 -16.73 -10.84 -9.26
N ASP G 97 -17.22 -9.81 -9.96
CA ASP G 97 -18.38 -9.94 -10.85
C ASP G 97 -18.04 -10.50 -12.23
N VAL G 98 -16.80 -10.94 -12.48
CA VAL G 98 -16.43 -11.59 -13.74
C VAL G 98 -15.57 -12.81 -13.42
N PRO G 99 -15.50 -13.77 -14.35
CA PRO G 99 -14.70 -14.96 -14.10
C PRO G 99 -13.23 -14.62 -13.91
N VAL G 100 -12.54 -15.50 -13.20
CA VAL G 100 -11.10 -15.39 -12.95
C VAL G 100 -10.53 -16.79 -12.88
N SER G 101 -9.20 -16.89 -12.81
CA SER G 101 -8.57 -18.19 -12.60
C SER G 101 -7.21 -17.98 -11.95
N LEU G 102 -6.52 -19.09 -11.75
CA LEU G 102 -5.22 -19.11 -11.08
C LEU G 102 -4.36 -20.10 -11.81
N HIS G 103 -3.24 -19.62 -12.34
CA HIS G 103 -2.37 -20.45 -13.20
C HIS G 103 -0.93 -20.19 -12.81
N VAL G 104 -0.16 -21.27 -12.66
CA VAL G 104 1.19 -21.20 -12.10
C VAL G 104 2.18 -21.73 -13.12
N HIS G 105 3.37 -21.15 -13.09
CA HIS G 105 4.50 -21.61 -13.88
C HIS G 105 5.35 -22.57 -13.07
N GLY G 106 5.85 -23.61 -13.74
CA GLY G 106 7.00 -24.36 -13.26
C GLY G 106 6.70 -25.36 -12.19
N LEU G 107 5.56 -25.27 -11.53
CA LEU G 107 5.21 -26.26 -10.53
C LEU G 107 4.42 -27.37 -11.20
N ASP G 108 4.48 -28.56 -10.63
CA ASP G 108 3.65 -29.65 -11.12
C ASP G 108 2.19 -29.41 -10.74
N TYR G 109 1.31 -29.47 -11.74
CA TYR G 109 -0.13 -29.43 -11.49
C TYR G 109 -0.79 -30.31 -12.54
N GLU G 110 -2.03 -30.68 -12.29
CA GLU G 110 -2.77 -31.48 -13.26
C GLU G 110 -3.71 -30.59 -14.07
N ILE G 111 -4.21 -31.16 -15.18
CA ILE G 111 -5.15 -30.44 -16.05
C ILE G 111 -6.22 -29.75 -15.23
N SER G 112 -6.70 -30.44 -14.19
CA SER G 112 -7.78 -29.94 -13.33
C SER G 112 -7.42 -28.62 -12.66
N SER G 113 -6.14 -28.28 -12.58
CA SER G 113 -5.73 -27.03 -11.98
C SER G 113 -4.87 -26.20 -12.95
N ASP G 114 -5.07 -26.42 -14.25
CA ASP G 114 -4.45 -25.58 -15.26
C ASP G 114 -4.73 -24.10 -15.01
N GLY G 115 -5.94 -23.78 -14.56
CA GLY G 115 -6.41 -22.41 -14.50
C GLY G 115 -6.86 -21.86 -15.84
N THR G 116 -7.03 -22.69 -16.85
CA THR G 116 -7.45 -22.24 -18.16
C THR G 116 -8.93 -22.52 -18.36
N LYS G 117 -9.61 -21.59 -19.02
CA LYS G 117 -10.97 -21.87 -19.42
C LYS G 117 -11.01 -23.00 -20.45
N GLN G 118 -9.89 -23.23 -21.14
CA GLN G 118 -9.82 -24.30 -22.13
C GLN G 118 -10.02 -25.67 -21.47
N ASN G 119 -9.42 -25.85 -20.32
CA ASN G 119 -9.55 -27.07 -19.55
C ASN G 119 -10.57 -26.95 -18.47
N LYS G 120 -11.53 -26.09 -18.69
CA LYS G 120 -12.62 -25.84 -17.75
C LYS G 120 -12.11 -25.80 -16.32
N SER G 121 -11.16 -24.90 -16.07
CA SER G 121 -10.56 -24.80 -14.76
C SER G 121 -10.60 -23.37 -14.22
N HIS G 122 -11.48 -22.53 -14.75
CA HIS G 122 -11.63 -21.17 -14.24
C HIS G 122 -12.62 -21.14 -13.07
N VAL G 123 -12.83 -19.96 -12.49
CA VAL G 123 -13.70 -19.78 -11.33
C VAL G 123 -14.75 -18.72 -11.67
N GLU G 124 -16.00 -19.17 -11.83
N GLU G 124 -15.99 -19.16 -11.84
CA GLU G 124 -17.12 -18.30 -12.13
CA GLU G 124 -17.06 -18.23 -12.21
C GLU G 124 -17.25 -17.19 -11.07
C GLU G 124 -17.28 -17.22 -11.09
N PRO G 125 -17.96 -16.11 -11.39
CA PRO G 125 -18.19 -15.07 -10.38
C PRO G 125 -18.86 -15.63 -9.15
N GLY G 126 -18.31 -15.30 -7.97
CA GLY G 126 -18.77 -15.84 -6.71
C GLY G 126 -18.40 -17.28 -6.44
N GLY G 127 -17.89 -18.01 -7.45
CA GLY G 127 -17.58 -19.41 -7.27
C GLY G 127 -16.37 -19.64 -6.36
N THR G 128 -16.06 -20.92 -6.14
CA THR G 128 -14.90 -21.33 -5.36
C THR G 128 -14.29 -22.57 -5.98
N ARG G 129 -13.03 -22.84 -5.61
CA ARG G 129 -12.31 -23.95 -6.19
C ARG G 129 -11.01 -24.15 -5.42
N THR G 130 -10.52 -25.38 -5.46
CA THR G 130 -9.28 -25.75 -4.80
C THR G 130 -8.27 -26.10 -5.89
N TYR G 131 -7.41 -25.13 -6.19
CA TYR G 131 -6.25 -25.39 -7.04
C TYR G 131 -5.20 -26.10 -6.22
N THR G 132 -4.55 -27.09 -6.82
CA THR G 132 -3.54 -27.87 -6.12
C THR G 132 -2.25 -27.88 -6.95
N TRP G 133 -1.16 -27.41 -6.33
CA TRP G 133 0.17 -27.47 -6.90
C TRP G 133 1.03 -28.44 -6.11
N ARG G 134 1.90 -29.14 -6.81
CA ARG G 134 2.85 -30.04 -6.17
C ARG G 134 4.25 -29.69 -6.64
N THR G 135 5.23 -30.12 -5.87
CA THR G 135 6.64 -29.96 -6.22
C THR G 135 7.36 -31.29 -6.00
N HIS G 136 8.57 -31.37 -6.57
CA HIS G 136 9.39 -32.58 -6.47
C HIS G 136 10.86 -32.20 -6.36
N GLU G 137 11.59 -33.00 -5.60
CA GLU G 137 13.03 -32.87 -5.50
C GLU G 137 13.66 -33.43 -6.76
N PRO G 138 14.94 -33.15 -6.99
CA PRO G 138 15.63 -33.76 -8.12
C PRO G 138 16.05 -35.19 -7.78
N GLY G 139 16.42 -35.93 -8.82
CA GLY G 139 16.99 -37.25 -8.60
C GLY G 139 17.17 -37.98 -9.91
N ARG G 140 17.65 -39.19 -9.78
CA ARG G 140 17.91 -39.98 -10.89
C ARG G 140 16.69 -40.70 -11.40
N ARG G 141 16.45 -40.63 -12.70
CA ARG G 141 15.38 -41.47 -13.23
C ARG G 141 15.92 -42.88 -13.43
N ALA G 142 14.99 -43.83 -13.57
CA ALA G 142 15.40 -45.21 -13.77
C ALA G 142 16.27 -45.38 -15.01
N ASP G 143 16.05 -44.57 -16.05
CA ASP G 143 16.89 -44.65 -17.25
C ASP G 143 18.28 -44.04 -17.08
N GLY G 144 18.62 -43.55 -15.89
CA GLY G 144 19.93 -43.00 -15.64
C GLY G 144 20.05 -41.51 -15.81
N THR G 145 19.02 -40.86 -16.34
CA THR G 145 19.00 -39.41 -16.48
C THR G 145 18.77 -38.75 -15.12
N TRP G 146 18.91 -37.43 -15.09
CA TRP G 146 18.68 -36.64 -13.90
C TRP G 146 17.43 -35.81 -14.10
N ARG G 147 16.44 -36.00 -13.23
CA ARG G 147 15.23 -35.18 -13.21
C ARG G 147 15.52 -33.91 -12.44
N ALA G 148 15.25 -32.77 -13.07
CA ALA G 148 15.43 -31.51 -12.39
C ALA G 148 14.33 -31.32 -11.36
N GLY G 149 14.70 -30.77 -10.21
CA GLY G 149 13.70 -30.48 -9.20
C GLY G 149 12.78 -29.34 -9.63
N SER G 150 11.97 -28.90 -8.67
CA SER G 150 11.11 -27.76 -8.89
C SER G 150 11.71 -26.46 -8.38
N ALA G 151 12.89 -26.51 -7.78
CA ALA G 151 13.45 -25.31 -7.16
C ALA G 151 13.61 -24.22 -8.20
N GLY G 152 13.07 -23.04 -7.90
CA GLY G 152 13.18 -21.90 -8.77
C GLY G 152 12.30 -20.75 -8.35
N TYR G 153 12.45 -19.66 -9.09
CA TYR G 153 11.71 -18.42 -8.88
C TYR G 153 10.55 -18.41 -9.87
N TRP G 154 9.34 -18.64 -9.39
CA TRP G 154 8.17 -18.78 -10.26
C TRP G 154 7.12 -17.73 -9.96
N HIS G 155 5.94 -17.90 -10.56
CA HIS G 155 4.93 -16.87 -10.47
C HIS G 155 3.61 -17.47 -10.92
N TYR G 156 2.53 -16.77 -10.58
CA TYR G 156 1.19 -17.19 -10.90
C TYR G 156 0.44 -15.98 -11.41
N HIS G 157 -0.55 -16.21 -12.26
CA HIS G 157 -1.32 -15.09 -12.78
C HIS G 157 -2.65 -15.62 -13.30
N ASP G 158 -3.58 -14.68 -13.51
CA ASP G 158 -4.87 -14.99 -14.12
C ASP G 158 -4.70 -15.41 -15.58
N HIS G 159 -5.60 -16.28 -16.04
CA HIS G 159 -5.58 -16.80 -17.40
C HIS G 159 -6.88 -16.58 -18.18
N VAL G 160 -7.84 -15.82 -17.63
CA VAL G 160 -9.15 -15.74 -18.27
C VAL G 160 -9.74 -14.33 -18.33
N VAL G 161 -9.28 -13.34 -17.54
CA VAL G 161 -9.89 -12.01 -17.60
C VAL G 161 -9.43 -11.28 -18.86
N GLY G 162 -10.38 -10.69 -19.56
CA GLY G 162 -10.08 -9.94 -20.80
C GLY G 162 -9.97 -10.81 -22.03
N THR G 163 -9.11 -11.83 -21.96
CA THR G 163 -8.96 -12.82 -23.03
C THR G 163 -8.75 -14.18 -22.41
N GLU G 164 -8.89 -15.23 -23.22
CA GLU G 164 -8.52 -16.59 -22.81
C GLU G 164 -7.02 -16.73 -22.41
N HIS G 165 -6.25 -15.66 -22.51
CA HIS G 165 -4.88 -15.66 -22.02
C HIS G 165 -4.61 -14.73 -20.86
N GLY G 166 -5.64 -14.11 -20.30
CA GLY G 166 -5.51 -13.34 -19.09
C GLY G 166 -4.96 -11.96 -19.29
N THR G 167 -4.94 -11.46 -20.53
CA THR G 167 -4.33 -10.16 -20.82
C THR G 167 -4.91 -9.06 -19.94
N GLY G 168 -6.24 -9.04 -19.80
CA GLY G 168 -6.86 -8.05 -18.94
C GLY G 168 -6.57 -8.29 -17.46
N GLY G 169 -6.58 -9.54 -17.04
CA GLY G 169 -6.30 -9.84 -15.64
C GLY G 169 -4.89 -9.47 -15.25
N ILE G 170 -3.93 -9.83 -16.12
CA ILE G 170 -2.55 -9.48 -15.85
C ILE G 170 -2.35 -7.97 -15.87
N ARG G 171 -3.03 -7.28 -16.81
CA ARG G 171 -2.97 -5.81 -16.83
C ARG G 171 -3.46 -5.23 -15.51
N ASN G 172 -4.54 -5.80 -14.96
CA ASN G 172 -5.17 -5.24 -13.77
C ASN G 172 -4.44 -5.58 -12.48
N GLY G 173 -3.38 -6.40 -12.51
CA GLY G 173 -2.61 -6.73 -11.32
C GLY G 173 -2.75 -8.16 -10.81
N LEU G 174 -3.43 -9.03 -11.55
CA LEU G 174 -3.65 -10.41 -11.09
C LEU G 174 -2.42 -11.27 -11.36
N TYR G 175 -1.36 -10.99 -10.59
CA TYR G 175 -0.13 -11.76 -10.71
C TYR G 175 0.61 -11.71 -9.38
N GLY G 176 1.48 -12.71 -9.15
CA GLY G 176 2.24 -12.77 -7.91
C GLY G 176 3.39 -13.77 -7.95
N PRO G 177 4.33 -13.66 -7.01
CA PRO G 177 5.50 -14.52 -6.94
C PRO G 177 5.37 -15.77 -6.12
N VAL G 178 6.16 -16.76 -6.45
CA VAL G 178 6.21 -18.02 -5.79
C VAL G 178 7.67 -18.41 -5.78
N ILE G 179 8.16 -18.91 -4.67
CA ILE G 179 9.52 -19.38 -4.64
C ILE G 179 9.52 -20.82 -4.16
N VAL G 180 10.26 -21.68 -4.81
CA VAL G 180 10.41 -23.07 -4.39
C VAL G 180 11.88 -23.26 -4.06
N ARG G 181 12.17 -23.56 -2.79
CA ARG G 181 13.56 -23.69 -2.37
C ARG G 181 13.97 -25.15 -2.38
N ARG G 182 15.13 -25.42 -2.95
CA ARG G 182 15.84 -26.66 -2.69
C ARG G 182 16.34 -26.68 -1.24
N LYS G 183 16.47 -27.86 -0.67
CA LYS G 183 16.96 -27.91 0.70
C LYS G 183 18.45 -27.61 0.72
N GLY G 184 18.85 -26.76 1.67
CA GLY G 184 20.18 -26.23 1.72
C GLY G 184 20.32 -24.83 1.14
N ASP G 185 19.33 -24.37 0.37
CA ASP G 185 19.34 -23.01 -0.17
C ASP G 185 19.45 -22.00 0.95
N VAL G 186 20.28 -20.98 0.74
CA VAL G 186 20.44 -19.92 1.73
C VAL G 186 19.16 -19.11 1.84
N LEU G 187 18.78 -18.75 3.06
CA LEU G 187 17.60 -17.94 3.31
C LEU G 187 17.97 -16.47 3.43
N PRO G 188 17.13 -15.57 2.93
CA PRO G 188 17.41 -14.14 2.99
C PRO G 188 16.81 -13.50 4.24
N ASP G 189 17.20 -12.24 4.48
CA ASP G 189 16.60 -11.47 5.56
C ASP G 189 15.29 -10.79 5.14
N ALA G 190 15.03 -10.68 3.84
CA ALA G 190 13.78 -10.12 3.32
C ALA G 190 13.69 -10.54 1.86
N THR G 191 12.50 -10.37 1.29
CA THR G 191 12.26 -10.66 -0.12
C THR G 191 11.40 -9.58 -0.72
N HIS G 192 11.86 -9.01 -1.84
CA HIS G 192 11.11 -7.99 -2.57
C HIS G 192 10.82 -8.47 -3.98
N THR G 193 9.57 -8.30 -4.39
CA THR G 193 9.13 -8.64 -5.74
C THR G 193 9.06 -7.38 -6.57
N ILE G 194 9.64 -7.45 -7.77
CA ILE G 194 9.63 -6.37 -8.73
C ILE G 194 9.08 -6.95 -10.02
N VAL G 195 7.88 -6.51 -10.41
CA VAL G 195 7.24 -6.96 -11.63
C VAL G 195 7.23 -5.81 -12.62
N PHE G 196 7.83 -6.03 -13.78
CA PHE G 196 7.70 -5.08 -14.88
C PHE G 196 6.43 -5.46 -15.61
N ASN G 197 5.34 -4.72 -15.36
CA ASN G 197 4.05 -4.98 -15.98
C ASN G 197 3.83 -3.89 -17.01
N ASP G 198 3.98 -4.25 -18.30
CA ASP G 198 4.06 -3.26 -19.37
C ASP G 198 4.99 -2.12 -18.97
N MET G 199 4.52 -0.88 -18.95
CA MET G 199 5.38 0.25 -18.60
C MET G 199 5.34 0.63 -17.10
N THR G 200 4.88 -0.27 -16.24
CA THR G 200 4.79 -0.04 -14.80
C THR G 200 5.67 -1.01 -14.04
N ILE G 201 6.06 -0.60 -12.82
CA ILE G 201 6.60 -1.51 -11.82
C ILE G 201 5.49 -1.78 -10.82
N ASN G 202 5.06 -3.04 -10.71
CA ASN G 202 4.01 -3.44 -9.78
C ASN G 202 2.77 -2.55 -9.91
N ASN G 203 2.37 -2.27 -11.16
CA ASN G 203 1.16 -1.48 -11.45
C ASN G 203 1.17 -0.12 -10.77
N ARG G 204 2.34 0.43 -10.53
CA ARG G 204 2.39 1.74 -9.90
C ARG G 204 2.50 2.84 -10.94
N PRO G 205 1.97 4.02 -10.62
CA PRO G 205 2.20 5.21 -11.45
C PRO G 205 3.68 5.48 -11.65
N ALA G 206 3.98 6.26 -12.70
CA ALA G 206 5.35 6.50 -13.13
C ALA G 206 6.14 7.26 -12.07
N HIS G 207 7.40 6.85 -11.89
CA HIS G 207 8.32 7.50 -10.96
C HIS G 207 7.84 7.45 -9.52
N THR G 208 7.08 6.40 -9.18
CA THR G 208 6.67 6.15 -7.79
C THR G 208 7.24 4.82 -7.28
N GLY G 209 8.44 4.44 -7.73
CA GLY G 209 9.09 3.26 -7.21
C GLY G 209 8.42 1.96 -7.63
N PRO G 210 8.11 1.07 -6.67
CA PRO G 210 8.27 1.19 -5.21
C PRO G 210 9.73 1.26 -4.78
N ASN G 211 9.97 1.74 -3.56
CA ASN G 211 11.29 1.77 -2.98
C ASN G 211 11.42 0.61 -2.00
N PHE G 212 12.66 0.12 -1.84
CA PHE G 212 12.92 -1.00 -0.95
C PHE G 212 14.03 -0.59 0.00
N GLU G 213 13.76 -0.67 1.30
CA GLU G 213 14.72 -0.31 2.34
C GLU G 213 15.47 -1.53 2.84
N ALA G 214 16.73 -1.33 3.21
CA ALA G 214 17.52 -2.36 3.85
C ALA G 214 18.69 -1.68 4.57
N THR G 215 19.48 -2.51 5.25
CA THR G 215 20.65 -2.09 6.01
C THR G 215 21.86 -2.80 5.41
N VAL G 216 22.99 -2.09 5.37
CA VAL G 216 24.23 -2.70 4.91
C VAL G 216 24.43 -4.04 5.61
N GLY G 217 24.82 -5.05 4.84
CA GLY G 217 25.00 -6.39 5.34
C GLY G 217 23.77 -7.28 5.26
N ASP G 218 22.58 -6.69 5.14
CA ASP G 218 21.36 -7.49 5.01
C ASP G 218 21.40 -8.35 3.74
N ARG G 219 21.02 -9.62 3.87
CA ARG G 219 20.94 -10.51 2.71
C ARG G 219 19.55 -10.35 2.12
N VAL G 220 19.47 -9.65 0.98
CA VAL G 220 18.22 -9.26 0.35
C VAL G 220 17.96 -10.18 -0.83
N GLU G 221 16.72 -10.66 -0.94
CA GLU G 221 16.31 -11.51 -2.03
C GLU G 221 15.40 -10.73 -2.95
N ILE G 222 15.70 -10.77 -4.24
CA ILE G 222 14.91 -10.07 -5.25
C ILE G 222 14.28 -11.11 -6.16
N VAL G 223 12.96 -11.09 -6.24
CA VAL G 223 12.25 -11.81 -7.29
C VAL G 223 11.89 -10.79 -8.36
N MET G 224 12.27 -11.08 -9.60
CA MET G 224 11.88 -10.28 -10.76
CA MET G 224 11.94 -10.25 -10.76
C MET G 224 11.01 -10.97 -11.90
N ILE G 225 9.80 -10.47 -12.04
CA ILE G 225 8.80 -11.01 -12.95
C ILE G 225 8.51 -9.93 -13.96
N THR G 226 8.26 -10.34 -15.19
CA THR G 226 7.85 -9.45 -16.26
C THR G 226 6.54 -9.96 -16.84
N HIS G 227 5.64 -9.02 -17.19
CA HIS G 227 4.36 -9.33 -17.83
C HIS G 227 4.04 -8.32 -18.91
N GLY G 228 3.19 -8.75 -19.84
CA GLY G 228 2.54 -7.80 -20.71
C GLY G 228 3.01 -7.85 -22.15
N GLU G 229 3.40 -6.71 -22.71
CA GLU G 229 3.68 -6.62 -24.15
C GLU G 229 5.16 -6.40 -24.48
N TYR G 230 5.96 -5.87 -23.56
CA TYR G 230 7.27 -5.32 -23.90
C TYR G 230 8.40 -6.12 -23.25
N TYR G 231 9.54 -6.16 -23.95
CA TYR G 231 10.80 -6.56 -23.33
C TYR G 231 11.32 -5.42 -22.47
N HIS G 232 12.19 -5.75 -21.50
CA HIS G 232 12.76 -4.80 -20.55
C HIS G 232 14.20 -5.22 -20.27
N THR G 233 14.95 -4.35 -19.60
CA THR G 233 16.29 -4.74 -19.13
C THR G 233 16.37 -4.27 -17.70
N PHE G 234 16.22 -5.22 -16.77
CA PHE G 234 16.29 -4.92 -15.35
C PHE G 234 17.75 -4.64 -14.94
N HIS G 235 18.02 -3.44 -14.37
CA HIS G 235 19.35 -3.08 -13.91
C HIS G 235 19.27 -2.58 -12.47
N MET G 236 20.24 -2.94 -11.65
CA MET G 236 20.31 -2.44 -10.28
C MET G 236 21.68 -1.83 -10.05
N HIS G 237 21.71 -0.56 -9.71
CA HIS G 237 22.99 0.09 -9.46
C HIS G 237 23.68 -0.55 -8.27
N GLY G 238 24.99 -0.76 -8.41
CA GLY G 238 25.83 -1.11 -7.29
C GLY G 238 25.85 -2.57 -6.88
N HIS G 239 24.96 -3.40 -7.41
CA HIS G 239 24.85 -4.77 -6.95
C HIS G 239 24.76 -5.70 -8.15
N ALA G 240 25.65 -6.70 -8.19
CA ALA G 240 25.68 -7.67 -9.27
C ALA G 240 25.28 -9.04 -8.75
N TRP G 241 24.97 -9.95 -9.67
CA TRP G 241 24.50 -11.27 -9.27
C TRP G 241 24.80 -12.28 -10.36
N ALA G 242 24.73 -13.54 -9.99
CA ALA G 242 25.04 -14.64 -10.89
C ALA G 242 23.80 -15.01 -11.71
N ASP G 243 23.96 -15.15 -13.02
CA ASP G 243 22.86 -15.52 -13.91
C ASP G 243 22.69 -17.03 -13.90
N ASN G 244 22.07 -17.54 -12.84
CA ASN G 244 21.78 -18.96 -12.66
C ASN G 244 20.55 -19.10 -11.76
N ARG G 245 20.31 -20.32 -11.27
CA ARG G 245 19.05 -20.61 -10.57
C ARG G 245 18.89 -19.78 -9.31
N THR G 246 19.93 -19.70 -8.48
CA THR G 246 19.78 -18.98 -7.22
C THR G 246 20.21 -17.54 -7.32
N GLY G 247 20.88 -17.16 -8.40
CA GLY G 247 21.51 -15.87 -8.42
C GLY G 247 22.79 -15.80 -7.63
N MET G 248 23.25 -16.91 -7.07
CA MET G 248 24.52 -16.95 -6.37
C MET G 248 25.38 -18.05 -6.96
N LEU G 249 26.68 -17.81 -7.04
CA LEU G 249 27.58 -18.83 -7.54
C LEU G 249 27.68 -19.96 -6.51
N THR G 250 27.64 -21.21 -7.00
CA THR G 250 27.82 -22.35 -6.11
C THR G 250 29.23 -22.41 -5.55
N GLY G 251 30.23 -21.94 -6.29
CA GLY G 251 31.61 -21.96 -5.86
C GLY G 251 32.60 -21.53 -6.93
N PRO G 252 33.88 -21.81 -6.70
CA PRO G 252 34.93 -21.36 -7.64
C PRO G 252 34.87 -22.01 -9.00
N ASP G 253 34.00 -22.98 -9.21
CA ASP G 253 33.94 -23.63 -10.51
C ASP G 253 32.66 -23.34 -11.29
N ASP G 254 31.66 -22.71 -10.67
CA ASP G 254 30.49 -22.17 -11.35
C ASP G 254 30.85 -21.14 -12.43
N PRO G 255 30.62 -21.45 -13.71
CA PRO G 255 31.00 -20.51 -14.78
C PRO G 255 29.92 -19.49 -15.16
N SER G 256 28.78 -19.44 -14.44
CA SER G 256 27.73 -18.47 -14.74
C SER G 256 28.27 -17.05 -14.82
N GLN G 257 27.76 -16.29 -15.79
CA GLN G 257 28.15 -14.90 -15.92
C GLN G 257 27.60 -14.09 -14.75
N VAL G 258 28.43 -13.23 -14.19
CA VAL G 258 28.01 -12.26 -13.21
C VAL G 258 27.57 -11.01 -13.95
N ILE G 259 26.40 -10.48 -13.60
CA ILE G 259 25.72 -9.44 -14.36
C ILE G 259 25.04 -8.47 -13.40
N ASP G 260 24.78 -7.25 -13.88
CA ASP G 260 23.88 -6.33 -13.20
C ASP G 260 22.74 -5.89 -14.08
N ASN G 261 22.54 -6.58 -15.20
CA ASN G 261 21.67 -6.11 -16.27
C ASN G 261 21.14 -7.34 -16.98
N LYS G 262 19.84 -7.42 -17.14
CA LYS G 262 19.25 -8.64 -17.67
C LYS G 262 18.05 -8.31 -18.56
N ILE G 263 18.04 -8.86 -19.77
CA ILE G 263 16.85 -8.70 -20.60
C ILE G 263 15.78 -9.71 -20.19
N CYS G 264 14.53 -9.27 -20.19
CA CYS G 264 13.42 -10.13 -19.79
C CYS G 264 12.20 -9.78 -20.62
N GLY G 265 11.37 -10.78 -20.87
CA GLY G 265 10.14 -10.59 -21.58
C GLY G 265 8.95 -11.12 -20.81
N PRO G 266 7.77 -10.96 -21.38
CA PRO G 266 6.53 -11.32 -20.67
C PRO G 266 6.57 -12.76 -20.18
N ALA G 267 6.32 -12.91 -18.86
CA ALA G 267 6.26 -14.16 -18.08
C ALA G 267 7.63 -14.78 -17.79
N ASP G 268 8.72 -14.07 -18.07
CA ASP G 268 10.01 -14.46 -17.52
C ASP G 268 9.99 -14.26 -16.01
N SER G 269 10.69 -15.14 -15.30
CA SER G 269 10.97 -14.86 -13.90
C SER G 269 12.38 -15.33 -13.60
N PHE G 270 13.00 -14.63 -12.67
CA PHE G 270 14.32 -14.99 -12.16
C PHE G 270 14.45 -14.31 -10.82
N GLY G 271 15.44 -14.71 -10.05
CA GLY G 271 15.67 -14.10 -8.76
C GLY G 271 17.11 -14.29 -8.34
N PHE G 272 17.46 -13.62 -7.25
CA PHE G 272 18.84 -13.66 -6.79
C PHE G 272 18.88 -13.10 -5.37
N GLN G 273 20.04 -13.23 -4.74
CA GLN G 273 20.29 -12.58 -3.46
C GLN G 273 21.57 -11.78 -3.51
N ILE G 274 21.51 -10.59 -2.93
CA ILE G 274 22.64 -9.70 -2.79
C ILE G 274 22.79 -9.32 -1.32
N ILE G 275 24.02 -9.01 -0.92
CA ILE G 275 24.29 -8.40 0.38
C ILE G 275 24.24 -6.90 0.18
N ALA G 276 23.23 -6.26 0.77
CA ALA G 276 23.00 -4.83 0.56
C ALA G 276 24.25 -4.02 0.84
N GLY G 277 24.70 -3.27 -0.16
CA GLY G 277 25.85 -2.41 0.01
C GLY G 277 27.20 -3.11 0.01
N GLU G 278 27.24 -4.42 -0.21
CA GLU G 278 28.52 -5.13 -0.16
C GLU G 278 29.55 -4.53 -1.11
N GLY G 279 30.61 -3.95 -0.55
CA GLY G 279 31.64 -3.38 -1.37
C GLY G 279 31.33 -2.03 -1.97
N VAL G 280 30.16 -1.46 -1.68
CA VAL G 280 29.78 -0.17 -2.25
C VAL G 280 29.28 0.79 -1.17
N GLY G 281 28.80 0.25 -0.04
CA GLY G 281 28.33 1.09 1.06
C GLY G 281 26.89 1.51 0.93
N ALA G 282 26.43 2.27 1.93
CA ALA G 282 25.06 2.75 1.99
C ALA G 282 24.79 3.74 0.86
N GLY G 283 23.53 4.07 0.66
CA GLY G 283 23.16 4.96 -0.43
C GLY G 283 21.77 4.64 -0.94
N ALA G 284 21.23 5.58 -1.71
CA ALA G 284 19.98 5.38 -2.42
C ALA G 284 20.34 4.80 -3.80
N TRP G 285 20.42 3.47 -3.88
CA TRP G 285 20.86 2.79 -5.08
C TRP G 285 19.68 2.60 -6.02
N MET G 286 19.84 3.03 -7.27
CA MET G 286 18.78 2.93 -8.27
C MET G 286 18.69 1.52 -8.84
N TYR G 287 17.47 1.04 -8.98
CA TYR G 287 17.15 -0.02 -9.93
C TYR G 287 16.15 0.53 -10.95
N HIS G 288 16.25 0.08 -12.20
CA HIS G 288 15.37 0.59 -13.22
C HIS G 288 15.38 -0.33 -14.44
N CYS G 289 14.32 -0.25 -15.22
CA CYS G 289 14.45 -0.75 -16.59
C CYS G 289 15.45 0.16 -17.30
N HIS G 290 16.39 -0.44 -18.03
CA HIS G 290 17.44 0.32 -18.70
C HIS G 290 17.11 0.66 -20.16
N VAL G 291 15.97 0.22 -20.68
CA VAL G 291 15.47 0.79 -21.94
C VAL G 291 15.25 2.27 -21.71
N GLN G 292 15.93 3.11 -22.50
CA GLN G 292 16.12 4.49 -22.08
C GLN G 292 14.78 5.23 -21.92
N SER G 293 13.88 5.12 -22.89
CA SER G 293 12.62 5.81 -22.70
C SER G 293 11.78 5.21 -21.58
N HIS G 294 12.10 4.00 -21.11
CA HIS G 294 11.33 3.47 -19.98
C HIS G 294 11.77 4.07 -18.65
N SER G 295 13.08 4.25 -18.45
CA SER G 295 13.50 4.97 -17.25
C SER G 295 13.02 6.42 -17.29
N ASP G 296 13.04 7.04 -18.48
CA ASP G 296 12.57 8.42 -18.62
C ASP G 296 11.09 8.54 -18.28
N MET G 297 10.29 7.51 -18.55
CA MET G 297 8.85 7.61 -18.38
C MET G 297 8.33 6.76 -17.21
N GLY G 298 9.16 6.57 -16.19
CA GLY G 298 8.68 6.14 -14.89
C GLY G 298 9.26 4.84 -14.35
N MET G 299 9.99 4.05 -15.13
CA MET G 299 10.32 2.69 -14.71
C MET G 299 11.59 2.66 -13.86
N VAL G 300 11.49 3.28 -12.69
CA VAL G 300 12.64 3.54 -11.82
C VAL G 300 12.19 3.39 -10.37
N GLY G 301 13.05 2.76 -9.57
CA GLY G 301 12.84 2.68 -8.14
C GLY G 301 14.16 2.81 -7.40
N LEU G 302 14.06 2.80 -6.07
CA LEU G 302 15.20 3.05 -5.19
C LEU G 302 15.38 1.87 -4.23
N PHE G 303 16.57 1.30 -4.22
CA PHE G 303 17.04 0.36 -3.21
C PHE G 303 17.79 1.18 -2.17
N LEU G 304 17.09 1.57 -1.11
CA LEU G 304 17.61 2.49 -0.09
C LEU G 304 18.41 1.68 0.92
N VAL G 305 19.73 1.74 0.83
CA VAL G 305 20.59 0.96 1.70
C VAL G 305 21.04 1.85 2.85
N LYS G 306 20.51 1.60 4.04
CA LYS G 306 20.78 2.41 5.23
C LYS G 306 22.04 1.96 5.95
N LYS G 307 22.76 2.92 6.53
CA LYS G 307 23.79 2.64 7.51
C LYS G 307 23.15 2.08 8.79
N PRO G 308 23.93 1.39 9.63
CA PRO G 308 23.36 0.88 10.89
C PRO G 308 22.66 1.96 11.71
N ASP G 309 23.10 3.22 11.63
CA ASP G 309 22.36 4.28 12.31
C ASP G 309 21.07 4.67 11.59
N GLY G 310 20.71 3.98 10.50
CA GLY G 310 19.43 4.19 9.85
C GLY G 310 19.39 5.32 8.85
N THR G 311 20.52 5.96 8.57
CA THR G 311 20.60 7.09 7.67
C THR G 311 21.16 6.65 6.32
N ILE G 312 20.80 7.38 5.27
CA ILE G 312 21.19 7.08 3.90
C ILE G 312 22.03 8.26 3.39
N PRO G 313 23.35 8.13 3.33
CA PRO G 313 24.19 9.26 2.92
C PRO G 313 23.77 9.78 1.55
N GLY G 314 23.64 11.11 1.45
CA GLY G 314 23.24 11.73 0.20
C GLY G 314 21.78 11.52 -0.17
N TYR G 315 20.89 11.42 0.82
CA TYR G 315 19.50 11.14 0.53
C TYR G 315 18.61 11.90 1.51
N ASP G 316 17.88 12.87 0.97
CA ASP G 316 16.72 13.51 1.56
C ASP G 316 15.80 13.91 0.41
N PRO G 317 14.65 13.24 0.25
CA PRO G 317 13.73 13.51 -0.87
C PRO G 317 13.02 14.85 -0.74
N ALA H 40 17.31 -45.84 -22.21
CA ALA H 40 17.52 -44.52 -22.79
C ALA H 40 18.63 -44.57 -23.84
N GLY H 41 18.24 -44.64 -25.11
CA GLY H 41 19.22 -44.72 -26.18
C GLY H 41 20.12 -43.49 -26.19
N ALA H 42 21.38 -43.70 -26.56
CA ALA H 42 22.38 -42.65 -26.48
C ALA H 42 23.06 -42.52 -27.83
N ALA H 43 23.79 -41.41 -27.99
CA ALA H 43 24.33 -41.10 -29.31
C ALA H 43 25.74 -41.64 -29.47
N PRO H 44 26.09 -42.14 -30.63
CA PRO H 44 27.46 -42.63 -30.86
C PRO H 44 28.40 -41.48 -31.19
N ALA H 45 29.69 -41.78 -31.13
CA ALA H 45 30.70 -40.83 -31.58
C ALA H 45 30.54 -40.58 -33.08
N GLY H 46 30.80 -39.35 -33.50
CA GLY H 46 30.61 -38.98 -34.87
C GLY H 46 31.81 -39.35 -35.73
N GLY H 47 31.69 -39.07 -37.02
CA GLY H 47 32.81 -39.27 -37.91
C GLY H 47 32.45 -39.88 -39.25
N GLU H 48 31.18 -39.94 -39.54
CA GLU H 48 30.73 -40.42 -40.82
C GLU H 48 30.66 -39.32 -41.86
N VAL H 49 31.04 -39.61 -43.08
CA VAL H 49 30.78 -38.68 -44.18
C VAL H 49 29.41 -39.04 -44.73
N ARG H 50 28.43 -38.14 -44.54
CA ARG H 50 27.07 -38.31 -45.04
C ARG H 50 26.81 -37.36 -46.21
N ARG H 51 25.82 -37.74 -47.02
CA ARG H 51 25.45 -36.96 -48.20
C ARG H 51 23.94 -36.89 -48.27
N VAL H 52 23.40 -35.74 -48.72
CA VAL H 52 21.98 -35.62 -49.04
C VAL H 52 21.77 -34.61 -50.16
N THR H 53 20.68 -34.79 -50.89
CA THR H 53 20.15 -33.81 -51.83
C THR H 53 19.22 -32.85 -51.09
N MET H 54 19.20 -31.60 -51.54
CA MET H 54 18.27 -30.63 -50.98
C MET H 54 17.76 -29.74 -52.09
N TYR H 55 16.46 -29.46 -52.07
CA TYR H 55 15.79 -28.66 -53.08
C TYR H 55 15.10 -27.49 -52.41
N ALA H 56 15.26 -26.31 -52.99
CA ALA H 56 14.45 -25.15 -52.64
C ALA H 56 13.38 -25.01 -53.72
N GLU H 57 12.12 -24.97 -53.29
CA GLU H 57 11.00 -24.88 -54.22
C GLU H 57 9.98 -23.87 -53.72
N ARG H 58 9.22 -23.28 -54.64
CA ARG H 58 8.05 -22.52 -54.24
C ARG H 58 6.96 -23.49 -53.80
N LEU H 59 6.14 -23.06 -52.85
CA LEU H 59 5.08 -23.88 -52.29
C LEU H 59 3.79 -23.06 -52.30
N ALA H 60 2.71 -23.69 -51.88
CA ALA H 60 1.39 -23.07 -52.03
C ALA H 60 1.32 -21.75 -51.28
N GLY H 61 0.87 -20.72 -51.97
CA GLY H 61 0.56 -19.47 -51.29
C GLY H 61 1.72 -18.51 -51.20
N GLY H 62 2.53 -18.43 -52.26
CA GLY H 62 3.64 -17.51 -52.29
C GLY H 62 4.79 -17.87 -51.35
N GLN H 63 4.78 -19.08 -50.80
CA GLN H 63 5.76 -19.53 -49.85
C GLN H 63 6.90 -20.26 -50.55
N MET H 64 7.91 -20.66 -49.77
CA MET H 64 9.15 -21.23 -50.28
C MET H 64 9.71 -22.16 -49.21
N GLY H 65 10.10 -23.36 -49.59
CA GLY H 65 10.58 -24.32 -48.64
C GLY H 65 11.76 -25.10 -49.18
N TYR H 66 12.52 -25.64 -48.24
CA TYR H 66 13.54 -26.65 -48.52
C TYR H 66 12.95 -28.05 -48.39
N GLY H 67 13.39 -28.96 -49.26
CA GLY H 67 13.06 -30.36 -49.13
C GLY H 67 14.25 -31.24 -49.46
N LEU H 68 14.16 -32.52 -49.04
CA LEU H 68 15.19 -33.47 -49.46
C LEU H 68 14.82 -34.27 -50.71
N GLU H 69 13.57 -34.22 -51.16
CA GLU H 69 13.20 -34.77 -52.46
C GLU H 69 12.44 -33.72 -53.23
N LYS H 70 12.68 -33.69 -54.56
CA LYS H 70 12.01 -32.72 -55.41
C LYS H 70 10.50 -32.82 -55.22
N GLY H 71 9.85 -31.66 -55.10
CA GLY H 71 8.42 -31.65 -54.87
C GLY H 71 7.99 -32.03 -53.48
N LYS H 72 8.93 -32.08 -52.52
CA LYS H 72 8.58 -32.47 -51.15
C LYS H 72 9.12 -31.47 -50.13
N ALA H 73 9.21 -30.19 -50.51
CA ALA H 73 9.66 -29.20 -49.56
C ALA H 73 8.63 -29.06 -48.44
N SER H 74 9.11 -28.63 -47.27
CA SER H 74 8.29 -28.44 -46.09
C SER H 74 8.73 -27.17 -45.37
N ILE H 75 7.78 -26.53 -44.68
CA ILE H 75 8.06 -25.47 -43.73
C ILE H 75 7.64 -25.97 -42.36
N PRO H 76 8.55 -26.11 -41.38
CA PRO H 76 9.99 -25.88 -41.52
C PRO H 76 10.62 -26.92 -42.42
N GLY H 77 11.85 -26.68 -42.87
CA GLY H 77 12.54 -27.64 -43.69
C GLY H 77 12.94 -28.87 -42.91
N PRO H 78 13.39 -29.90 -43.64
CA PRO H 78 13.76 -31.17 -43.00
C PRO H 78 14.72 -31.00 -41.83
N LEU H 79 14.56 -31.88 -40.84
CA LEU H 79 15.46 -31.91 -39.70
C LEU H 79 16.76 -32.64 -40.08
N ILE H 80 17.88 -31.95 -39.95
CA ILE H 80 19.20 -32.52 -40.18
C ILE H 80 19.79 -32.93 -38.84
N GLU H 81 20.15 -34.20 -38.71
CA GLU H 81 20.79 -34.71 -37.50
C GLU H 81 22.18 -35.20 -37.82
N LEU H 82 23.12 -34.88 -36.94
CA LEU H 82 24.53 -35.22 -37.11
C LEU H 82 25.13 -35.51 -35.75
N ASN H 83 26.15 -36.37 -35.74
CA ASN H 83 26.95 -36.62 -34.54
C ASN H 83 28.23 -35.83 -34.64
N GLU H 84 28.64 -35.24 -33.51
CA GLU H 84 29.88 -34.46 -33.42
C GLU H 84 31.05 -35.16 -34.09
N GLY H 85 31.51 -34.59 -35.20
CA GLY H 85 32.52 -35.18 -36.06
C GLY H 85 32.00 -35.50 -37.45
N ASP H 86 30.70 -35.69 -37.60
CA ASP H 86 30.14 -35.98 -38.90
C ASP H 86 30.43 -34.84 -39.88
N THR H 87 30.60 -35.20 -41.15
CA THR H 87 30.61 -34.26 -42.26
C THR H 87 29.37 -34.51 -43.12
N LEU H 88 28.75 -33.43 -43.61
CA LEU H 88 27.57 -33.54 -44.45
C LEU H 88 27.80 -32.72 -45.72
N HIS H 89 27.66 -33.39 -46.88
CA HIS H 89 27.70 -32.73 -48.18
C HIS H 89 26.27 -32.59 -48.69
N VAL H 90 25.77 -31.35 -48.75
CA VAL H 90 24.43 -31.09 -49.25
C VAL H 90 24.56 -30.75 -50.74
N GLU H 91 24.12 -31.68 -51.60
CA GLU H 91 23.98 -31.39 -53.03
C GLU H 91 22.67 -30.63 -53.21
N PHE H 92 22.78 -29.34 -53.48
CA PHE H 92 21.66 -28.41 -53.42
C PHE H 92 21.26 -27.95 -54.81
N GLU H 93 19.94 -27.86 -55.04
CA GLU H 93 19.40 -27.39 -56.31
C GLU H 93 18.32 -26.37 -56.04
N ASN H 94 18.40 -25.22 -56.69
CA ASN H 94 17.39 -24.18 -56.62
C ASN H 94 16.44 -24.33 -57.80
N THR H 95 15.20 -24.73 -57.53
CA THR H 95 14.19 -24.93 -58.56
C THR H 95 13.36 -23.68 -58.86
N MET H 96 13.67 -22.54 -58.26
CA MET H 96 12.86 -21.33 -58.38
C MET H 96 13.43 -20.39 -59.45
N ASP H 97 12.73 -19.28 -59.65
CA ASP H 97 13.14 -18.27 -60.62
C ASP H 97 13.95 -17.14 -60.01
N VAL H 98 14.28 -17.20 -58.73
CA VAL H 98 15.13 -16.17 -58.13
C VAL H 98 16.32 -16.83 -57.43
N PRO H 99 17.38 -16.07 -57.17
CA PRO H 99 18.50 -16.65 -56.42
C PRO H 99 18.05 -17.01 -55.01
N VAL H 100 18.73 -18.01 -54.43
CA VAL H 100 18.42 -18.56 -53.11
C VAL H 100 19.73 -19.07 -52.52
N SER H 101 19.75 -19.29 -51.21
CA SER H 101 20.98 -19.82 -50.64
C SER H 101 20.67 -20.69 -49.42
N LEU H 102 21.72 -21.35 -48.95
CA LEU H 102 21.66 -22.22 -47.77
C LEU H 102 22.78 -21.80 -46.85
N HIS H 103 22.41 -21.36 -45.65
CA HIS H 103 23.36 -20.87 -44.65
C HIS H 103 23.00 -21.49 -43.31
N VAL H 104 24.00 -22.01 -42.60
CA VAL H 104 23.78 -22.76 -41.36
C VAL H 104 24.50 -22.08 -40.19
N HIS H 105 23.83 -22.06 -39.04
CA HIS H 105 24.43 -21.57 -37.80
C HIS H 105 25.17 -22.70 -37.11
N GLY H 106 26.22 -22.34 -36.36
CA GLY H 106 26.89 -23.26 -35.46
C GLY H 106 27.94 -24.21 -36.01
N LEU H 107 27.69 -24.75 -37.20
CA LEU H 107 28.49 -25.81 -37.80
C LEU H 107 29.73 -25.21 -38.48
N ASP H 108 30.74 -26.06 -38.70
CA ASP H 108 31.93 -25.63 -39.42
C ASP H 108 31.67 -25.64 -40.93
N TYR H 109 32.11 -24.59 -41.60
CA TYR H 109 32.03 -24.54 -43.04
C TYR H 109 33.06 -23.54 -43.51
N GLU H 110 33.50 -23.72 -44.75
CA GLU H 110 34.40 -22.73 -45.35
C GLU H 110 33.61 -21.60 -45.97
N ILE H 111 34.33 -20.53 -46.31
CA ILE H 111 33.70 -19.35 -46.90
C ILE H 111 32.92 -19.73 -48.16
N SER H 112 33.36 -20.76 -48.89
CA SER H 112 32.68 -21.19 -50.10
C SER H 112 31.29 -21.76 -49.85
N SER H 113 31.01 -22.21 -48.62
CA SER H 113 29.71 -22.69 -48.18
C SER H 113 28.99 -21.67 -47.29
N ASP H 114 29.39 -20.40 -47.37
CA ASP H 114 28.73 -19.30 -46.67
C ASP H 114 27.23 -19.26 -46.94
N GLY H 115 26.82 -19.47 -48.19
CA GLY H 115 25.43 -19.23 -48.50
C GLY H 115 25.06 -17.76 -48.61
N THR H 116 26.05 -16.89 -48.77
CA THR H 116 25.77 -15.48 -49.01
C THR H 116 26.20 -15.11 -50.43
N LYS H 117 25.51 -14.11 -50.98
CA LYS H 117 25.84 -13.60 -52.31
C LYS H 117 27.12 -12.79 -52.30
N GLN H 118 27.52 -12.28 -51.13
CA GLN H 118 28.69 -11.41 -51.02
C GLN H 118 29.94 -12.09 -51.54
N ASN H 119 30.19 -13.33 -51.11
CA ASN H 119 31.30 -14.12 -51.67
C ASN H 119 30.79 -15.23 -52.57
N LYS H 120 29.72 -14.94 -53.31
CA LYS H 120 29.25 -15.76 -54.43
C LYS H 120 29.13 -17.24 -54.07
N SER H 121 28.50 -17.51 -52.91
CA SER H 121 28.09 -18.86 -52.53
C SER H 121 26.57 -19.01 -52.52
N HIS H 122 25.88 -18.18 -53.30
CA HIS H 122 24.46 -18.35 -53.55
C HIS H 122 24.27 -19.27 -54.76
N VAL H 123 23.01 -19.57 -55.07
CA VAL H 123 22.65 -20.52 -56.12
C VAL H 123 21.66 -19.81 -57.04
N GLU H 124 22.10 -19.50 -58.27
CA GLU H 124 21.28 -18.84 -59.25
C GLU H 124 20.12 -19.74 -59.65
N PRO H 125 19.04 -19.18 -60.21
CA PRO H 125 17.84 -19.98 -60.45
C PRO H 125 18.15 -21.17 -61.35
N GLY H 126 17.54 -22.31 -61.01
CA GLY H 126 17.81 -23.56 -61.70
C GLY H 126 19.17 -24.16 -61.44
N GLY H 127 20.04 -23.50 -60.67
CA GLY H 127 21.40 -23.97 -60.50
C GLY H 127 21.55 -25.01 -59.42
N THR H 128 22.75 -25.57 -59.34
CA THR H 128 23.10 -26.52 -58.30
C THR H 128 24.41 -26.11 -57.65
N ARG H 129 24.58 -26.57 -56.42
CA ARG H 129 25.79 -26.35 -55.67
C ARG H 129 25.85 -27.41 -54.60
N THR H 130 27.07 -27.71 -54.17
CA THR H 130 27.27 -28.61 -53.05
C THR H 130 27.80 -27.77 -51.88
N TYR H 131 27.03 -27.75 -50.79
CA TYR H 131 27.44 -27.11 -49.55
C TYR H 131 28.02 -28.18 -48.64
N THR H 132 29.08 -27.85 -47.94
CA THR H 132 29.73 -28.80 -47.06
C THR H 132 29.74 -28.27 -45.63
N TRP H 133 29.01 -28.96 -44.75
CA TRP H 133 29.03 -28.70 -43.32
C TRP H 133 29.89 -29.76 -42.63
N ARG H 134 30.74 -29.32 -41.70
CA ARG H 134 31.53 -30.22 -40.86
C ARG H 134 31.25 -29.92 -39.39
N THR H 135 31.57 -30.88 -38.54
CA THR H 135 31.37 -30.76 -37.10
C THR H 135 32.59 -31.33 -36.38
N HIS H 136 32.79 -30.88 -35.15
CA HIS H 136 33.97 -31.28 -34.39
C HIS H 136 33.60 -31.58 -32.95
N GLU H 137 34.42 -32.36 -32.34
CA GLU H 137 34.33 -32.78 -30.96
C GLU H 137 35.04 -31.75 -30.07
N PRO H 138 34.61 -31.64 -28.82
CA PRO H 138 35.34 -30.80 -27.87
C PRO H 138 36.62 -31.49 -27.44
N GLY H 139 37.59 -30.68 -27.07
CA GLY H 139 38.84 -31.25 -26.60
C GLY H 139 39.79 -30.14 -26.27
N ARG H 140 40.92 -30.53 -25.69
N ARG H 140 40.92 -30.56 -25.70
CA ARG H 140 41.93 -29.56 -25.31
CA ARG H 140 41.98 -29.64 -25.35
C ARG H 140 42.85 -29.33 -26.49
C ARG H 140 42.82 -29.34 -26.57
N ARG H 141 43.01 -28.06 -26.87
CA ARG H 141 43.89 -27.65 -27.95
C ARG H 141 45.34 -27.98 -27.59
N ALA H 142 46.25 -27.69 -28.51
CA ALA H 142 47.67 -27.86 -28.23
C ALA H 142 48.11 -27.04 -27.03
N ASP H 143 47.68 -25.77 -26.97
CA ASP H 143 48.11 -24.85 -25.91
C ASP H 143 47.41 -25.09 -24.58
N GLY H 144 46.51 -26.08 -24.50
CA GLY H 144 45.82 -26.44 -23.29
C GLY H 144 44.39 -25.93 -23.20
N THR H 145 44.04 -24.90 -23.98
CA THR H 145 42.72 -24.28 -23.92
C THR H 145 41.64 -25.27 -24.33
N TRP H 146 40.39 -24.95 -24.00
CA TRP H 146 39.27 -25.82 -24.27
C TRP H 146 38.55 -25.36 -25.53
N ARG H 147 38.42 -26.25 -26.52
CA ARG H 147 37.64 -25.99 -27.73
C ARG H 147 36.26 -26.61 -27.56
N ALA H 148 35.22 -25.79 -27.62
CA ALA H 148 33.85 -26.27 -27.62
C ALA H 148 33.59 -27.17 -28.81
N GLY H 149 32.66 -28.11 -28.65
CA GLY H 149 32.25 -28.95 -29.75
C GLY H 149 31.15 -28.30 -30.57
N SER H 150 30.72 -29.03 -31.59
CA SER H 150 29.62 -28.54 -32.42
C SER H 150 28.25 -28.78 -31.80
N ALA H 151 28.15 -29.63 -30.77
CA ALA H 151 26.85 -30.13 -30.33
C ALA H 151 25.96 -28.96 -29.92
N GLY H 152 24.70 -29.02 -30.33
CA GLY H 152 23.81 -27.94 -29.99
C GLY H 152 22.60 -27.94 -30.88
N TYR H 153 21.67 -27.05 -30.54
CA TYR H 153 20.46 -26.88 -31.33
C TYR H 153 20.66 -25.70 -32.26
N TRP H 154 20.66 -26.00 -33.56
CA TRP H 154 21.06 -25.07 -34.59
C TRP H 154 20.03 -25.06 -35.71
N HIS H 155 20.32 -24.32 -36.78
CA HIS H 155 19.32 -24.10 -37.81
C HIS H 155 20.00 -23.56 -39.07
N TYR H 156 19.31 -23.71 -40.19
CA TYR H 156 19.77 -23.21 -41.48
C TYR H 156 18.65 -22.39 -42.11
N HIS H 157 19.01 -21.44 -42.96
CA HIS H 157 17.97 -20.64 -43.61
C HIS H 157 18.55 -19.98 -44.85
N ASP H 158 17.68 -19.36 -45.63
CA ASP H 158 18.14 -18.62 -46.80
C ASP H 158 18.80 -17.30 -46.37
N HIS H 159 19.66 -16.80 -47.26
CA HIS H 159 20.39 -15.56 -47.00
C HIS H 159 20.34 -14.61 -48.19
N VAL H 160 19.43 -14.84 -49.14
CA VAL H 160 19.55 -14.14 -50.42
C VAL H 160 18.20 -13.67 -50.98
N VAL H 161 17.11 -14.32 -50.60
CA VAL H 161 15.80 -13.95 -51.12
C VAL H 161 15.30 -12.66 -50.48
N GLY H 162 15.02 -11.68 -51.31
CA GLY H 162 14.46 -10.38 -50.94
C GLY H 162 15.49 -9.34 -50.52
N THR H 163 16.44 -9.73 -49.69
CA THR H 163 17.57 -8.89 -49.32
C THR H 163 18.78 -9.80 -49.18
N GLU H 164 19.95 -9.16 -49.03
CA GLU H 164 21.23 -9.82 -48.79
C GLU H 164 21.28 -10.53 -47.43
N HIS H 165 20.21 -10.45 -46.62
CA HIS H 165 20.09 -11.21 -45.38
C HIS H 165 18.94 -12.19 -45.42
N GLY H 166 18.41 -12.44 -46.62
CA GLY H 166 17.38 -13.44 -46.80
C GLY H 166 16.09 -13.12 -46.07
N THR H 167 15.78 -11.83 -45.90
CA THR H 167 14.54 -11.44 -45.19
C THR H 167 13.32 -12.06 -45.86
N GLY H 168 13.21 -11.95 -47.17
CA GLY H 168 12.07 -12.52 -47.86
C GLY H 168 12.10 -14.04 -47.85
N GLY H 169 13.29 -14.64 -47.99
CA GLY H 169 13.39 -16.09 -47.96
C GLY H 169 12.99 -16.69 -46.63
N ILE H 170 13.43 -16.06 -45.54
CA ILE H 170 13.02 -16.46 -44.19
C ILE H 170 11.51 -16.29 -44.02
N ARG H 171 10.99 -15.11 -44.38
CA ARG H 171 9.55 -14.85 -44.27
C ARG H 171 8.75 -15.90 -45.05
N ASN H 172 9.20 -16.20 -46.26
CA ASN H 172 8.50 -17.16 -47.11
C ASN H 172 8.57 -18.59 -46.59
N GLY H 173 9.50 -18.91 -45.69
CA GLY H 173 9.56 -20.23 -45.10
C GLY H 173 10.83 -21.03 -45.35
N LEU H 174 11.92 -20.38 -45.75
CA LEU H 174 13.17 -21.10 -46.05
C LEU H 174 14.02 -21.12 -44.78
N TYR H 175 13.66 -22.03 -43.89
CA TYR H 175 14.39 -22.25 -42.65
C TYR H 175 14.15 -23.69 -42.22
N GLY H 176 15.13 -24.25 -41.52
CA GLY H 176 14.98 -25.58 -40.95
C GLY H 176 15.89 -25.83 -39.76
N PRO H 177 15.62 -26.89 -39.01
CA PRO H 177 16.42 -27.21 -37.82
C PRO H 177 17.59 -28.14 -38.09
N VAL H 178 18.63 -27.99 -37.27
CA VAL H 178 19.85 -28.80 -37.33
C VAL H 178 20.25 -29.18 -35.91
N ILE H 179 20.11 -30.46 -35.56
CA ILE H 179 20.58 -30.96 -34.27
C ILE H 179 21.92 -31.67 -34.47
N VAL H 180 22.93 -31.26 -33.70
CA VAL H 180 24.19 -32.00 -33.58
C VAL H 180 24.27 -32.58 -32.17
N ARG H 181 24.54 -33.88 -32.09
CA ARG H 181 24.62 -34.57 -30.82
C ARG H 181 26.06 -34.86 -30.44
N ARG H 182 26.35 -34.76 -29.15
CA ARG H 182 27.60 -35.22 -28.56
C ARG H 182 27.45 -36.68 -28.20
N LYS H 183 28.56 -37.43 -28.28
CA LYS H 183 28.49 -38.84 -27.94
C LYS H 183 28.06 -39.00 -26.49
N GLY H 184 27.05 -39.86 -26.26
CA GLY H 184 26.48 -40.05 -24.95
C GLY H 184 25.15 -39.36 -24.74
N ASP H 185 24.86 -38.33 -25.54
CA ASP H 185 23.59 -37.60 -25.45
C ASP H 185 22.40 -38.55 -25.43
N VAL H 186 21.41 -38.23 -24.61
CA VAL H 186 20.17 -38.99 -24.58
C VAL H 186 19.37 -38.71 -25.84
N LEU H 187 18.96 -39.79 -26.54
CA LEU H 187 18.19 -39.84 -27.76
C LEU H 187 16.69 -39.83 -27.45
N PRO H 188 15.92 -39.07 -28.19
CA PRO H 188 14.49 -38.93 -27.90
C PRO H 188 13.57 -39.90 -28.61
N ASP H 189 12.35 -40.09 -28.08
CA ASP H 189 11.33 -40.85 -28.80
C ASP H 189 10.76 -40.07 -29.97
N ALA H 190 10.78 -38.74 -29.89
CA ALA H 190 10.19 -37.90 -30.93
C ALA H 190 10.80 -36.49 -30.87
N THR H 191 10.90 -35.87 -32.03
CA THR H 191 11.44 -34.52 -32.15
C THR H 191 10.44 -33.65 -32.90
N HIS H 192 10.17 -32.47 -32.37
CA HIS H 192 9.30 -31.52 -33.03
C HIS H 192 9.99 -30.16 -33.06
N THR H 193 9.88 -29.48 -34.20
CA THR H 193 10.42 -28.14 -34.37
C THR H 193 9.32 -27.09 -34.32
N ILE H 194 9.54 -26.04 -33.52
CA ILE H 194 8.64 -24.89 -33.41
C ILE H 194 9.40 -23.63 -33.76
N VAL H 195 9.02 -22.97 -34.85
CA VAL H 195 9.65 -21.71 -35.26
C VAL H 195 8.63 -20.59 -35.10
N PHE H 196 9.00 -19.60 -34.28
CA PHE H 196 8.33 -18.31 -34.19
C PHE H 196 8.92 -17.41 -35.28
N ASN H 197 8.25 -17.36 -36.43
CA ASN H 197 8.68 -16.60 -37.60
C ASN H 197 7.76 -15.40 -37.75
N ASP H 198 8.27 -14.21 -37.42
CA ASP H 198 7.45 -12.99 -37.32
C ASP H 198 6.26 -13.33 -36.41
N MET H 199 5.01 -13.14 -36.85
CA MET H 199 3.86 -13.32 -35.98
C MET H 199 3.18 -14.68 -36.16
N THR H 200 3.88 -15.66 -36.74
CA THR H 200 3.34 -16.98 -36.98
C THR H 200 4.16 -18.05 -36.27
N ILE H 201 3.57 -19.25 -36.19
CA ILE H 201 4.26 -20.49 -35.89
C ILE H 201 4.32 -21.32 -37.17
N ASN H 202 5.55 -21.63 -37.60
CA ASN H 202 5.81 -22.46 -38.79
C ASN H 202 5.09 -21.97 -40.05
N ASN H 203 4.96 -20.65 -40.19
CA ASN H 203 4.28 -19.98 -41.31
C ASN H 203 2.79 -20.33 -41.39
N ARG H 204 2.21 -20.85 -40.30
CA ARG H 204 0.81 -21.20 -40.32
C ARG H 204 -0.05 -19.98 -39.96
N PRO H 205 -1.26 -19.90 -40.51
CA PRO H 205 -2.16 -18.79 -40.15
C PRO H 205 -2.53 -18.87 -38.68
N ALA H 206 -3.08 -17.76 -38.17
CA ALA H 206 -3.28 -17.65 -36.72
C ALA H 206 -4.16 -18.77 -36.20
N HIS H 207 -3.81 -19.28 -35.01
CA HIS H 207 -4.67 -20.21 -34.25
C HIS H 207 -4.86 -21.56 -34.95
N THR H 208 -3.90 -21.99 -35.78
CA THR H 208 -4.00 -23.29 -36.42
C THR H 208 -2.81 -24.16 -36.05
N GLY H 209 -2.46 -24.18 -34.77
CA GLY H 209 -1.40 -25.03 -34.30
C GLY H 209 -0.04 -24.56 -34.73
N PRO H 210 0.89 -25.50 -34.96
CA PRO H 210 0.66 -26.95 -34.93
C PRO H 210 0.41 -27.55 -33.55
N ASN H 211 -0.29 -28.68 -33.53
CA ASN H 211 -0.30 -29.53 -32.36
C ASN H 211 0.69 -30.66 -32.59
N PHE H 212 1.21 -31.21 -31.50
CA PHE H 212 2.05 -32.39 -31.54
C PHE H 212 1.56 -33.34 -30.46
N GLU H 213 1.72 -34.64 -30.71
CA GLU H 213 1.12 -35.66 -29.86
C GLU H 213 2.20 -36.53 -29.22
N ALA H 214 1.90 -36.98 -27.99
CA ALA H 214 2.78 -37.88 -27.28
C ALA H 214 1.92 -38.80 -26.43
N THR H 215 2.56 -39.81 -25.87
CA THR H 215 1.94 -40.59 -24.80
C THR H 215 2.71 -40.33 -23.51
N VAL H 216 1.98 -40.36 -22.39
CA VAL H 216 2.62 -40.18 -21.08
C VAL H 216 3.88 -41.03 -21.03
N GLY H 217 5.01 -40.41 -20.66
CA GLY H 217 6.26 -41.11 -20.52
C GLY H 217 7.21 -40.97 -21.71
N ASP H 218 6.70 -40.71 -22.91
CA ASP H 218 7.56 -40.48 -24.07
C ASP H 218 8.59 -39.41 -23.77
N ARG H 219 9.82 -39.64 -24.22
CA ARG H 219 10.87 -38.64 -24.18
C ARG H 219 10.75 -37.77 -25.43
N VAL H 220 10.29 -36.53 -25.26
CA VAL H 220 9.95 -35.66 -26.39
C VAL H 220 11.00 -34.55 -26.51
N GLU H 221 11.52 -34.35 -27.71
CA GLU H 221 12.51 -33.30 -27.96
C GLU H 221 11.86 -32.17 -28.74
N ILE H 222 11.96 -30.95 -28.21
CA ILE H 222 11.52 -29.74 -28.89
C ILE H 222 12.76 -28.99 -29.38
N VAL H 223 12.71 -28.52 -30.62
CA VAL H 223 13.67 -27.60 -31.20
C VAL H 223 12.94 -26.28 -31.43
N MET H 224 13.45 -25.20 -30.82
N MET H 224 13.44 -25.21 -30.81
CA MET H 224 12.86 -23.88 -30.90
CA MET H 224 12.86 -23.88 -30.88
C MET H 224 13.74 -22.84 -31.58
C MET H 224 13.75 -22.86 -31.58
N ILE H 225 13.29 -22.35 -32.72
CA ILE H 225 14.00 -21.35 -33.50
C ILE H 225 13.10 -20.13 -33.66
N THR H 226 13.70 -18.96 -33.67
CA THR H 226 12.97 -17.71 -33.89
C THR H 226 13.49 -17.04 -35.17
N HIS H 227 12.59 -16.36 -35.88
CA HIS H 227 13.00 -15.65 -37.09
C HIS H 227 12.20 -14.37 -37.24
N GLY H 228 12.80 -13.43 -37.97
CA GLY H 228 12.08 -12.28 -38.50
C GLY H 228 12.43 -11.00 -37.76
N GLU H 229 11.40 -10.28 -37.33
CA GLU H 229 11.52 -8.92 -36.84
C GLU H 229 11.34 -8.77 -35.33
N TYR H 230 10.67 -9.71 -34.68
CA TYR H 230 10.13 -9.50 -33.34
C TYR H 230 10.74 -10.47 -32.34
N TYR H 231 10.87 -10.00 -31.10
CA TYR H 231 11.16 -10.86 -29.96
C TYR H 231 9.89 -11.56 -29.49
N HIS H 232 10.05 -12.77 -28.94
CA HIS H 232 8.95 -13.50 -28.35
C HIS H 232 9.38 -14.09 -27.00
N THR H 233 8.44 -14.68 -26.27
CA THR H 233 8.76 -15.52 -25.11
C THR H 233 8.04 -16.85 -25.24
N PHE H 234 8.80 -17.93 -25.47
CA PHE H 234 8.25 -19.27 -25.61
C PHE H 234 7.83 -19.82 -24.24
N HIS H 235 6.61 -20.34 -24.13
CA HIS H 235 6.12 -20.89 -22.86
C HIS H 235 5.45 -22.24 -23.06
N MET H 236 5.78 -23.20 -22.19
CA MET H 236 5.18 -24.53 -22.13
C MET H 236 4.45 -24.74 -20.82
N HIS H 237 3.16 -25.01 -20.88
CA HIS H 237 2.44 -25.43 -19.69
C HIS H 237 2.89 -26.80 -19.24
N GLY H 238 2.99 -27.00 -17.92
CA GLY H 238 3.16 -28.33 -17.37
C GLY H 238 4.53 -28.94 -17.52
N HIS H 239 5.42 -28.34 -18.31
CA HIS H 239 6.73 -28.92 -18.47
C HIS H 239 7.78 -27.82 -18.47
N ALA H 240 8.80 -27.97 -17.63
CA ALA H 240 9.93 -27.08 -17.62
C ALA H 240 11.20 -27.82 -18.03
N TRP H 241 12.22 -27.04 -18.43
CA TRP H 241 13.46 -27.62 -18.88
C TRP H 241 14.62 -26.80 -18.30
N ALA H 242 15.84 -27.29 -18.52
CA ALA H 242 17.03 -26.59 -18.07
C ALA H 242 17.54 -25.68 -19.18
N ASP H 243 18.04 -24.49 -18.80
CA ASP H 243 18.54 -23.49 -19.76
C ASP H 243 20.03 -23.71 -19.99
N ASN H 244 20.34 -24.72 -20.80
CA ASN H 244 21.72 -25.06 -21.13
C ASN H 244 21.70 -25.86 -22.44
N ARG H 245 22.83 -26.47 -22.79
CA ARG H 245 22.99 -26.97 -24.16
C ARG H 245 21.95 -28.02 -24.52
N THR H 246 21.65 -28.94 -23.59
CA THR H 246 20.77 -30.09 -23.85
C THR H 246 19.36 -29.89 -23.32
N GLY H 247 19.13 -28.89 -22.48
CA GLY H 247 17.85 -28.69 -21.84
C GLY H 247 17.59 -29.59 -20.67
N MET H 248 18.55 -30.44 -20.28
CA MET H 248 18.45 -31.30 -19.12
C MET H 248 19.68 -31.09 -18.26
N LEU H 249 19.46 -31.01 -16.94
CA LEU H 249 20.58 -30.82 -16.03
C LEU H 249 21.57 -31.97 -16.16
N THR H 250 22.86 -31.63 -16.16
CA THR H 250 23.92 -32.63 -16.27
C THR H 250 23.92 -33.57 -15.07
N GLY H 251 23.41 -33.10 -13.93
CA GLY H 251 23.55 -33.79 -12.67
C GLY H 251 23.33 -32.81 -11.54
N PRO H 252 23.55 -33.24 -10.30
CA PRO H 252 23.28 -32.34 -9.16
C PRO H 252 24.24 -31.17 -9.05
N ASP H 253 25.35 -31.14 -9.79
CA ASP H 253 26.28 -30.00 -9.74
C ASP H 253 26.05 -28.99 -10.87
N ASP H 254 24.87 -29.02 -11.52
CA ASP H 254 24.56 -28.13 -12.64
C ASP H 254 23.72 -26.97 -12.15
N PRO H 255 24.26 -25.75 -12.11
CA PRO H 255 23.52 -24.61 -11.55
C PRO H 255 22.54 -23.94 -12.49
N SER H 256 22.36 -24.48 -13.70
CA SER H 256 21.51 -23.84 -14.71
C SER H 256 20.15 -23.54 -14.11
N GLN H 257 19.57 -22.41 -14.50
CA GLN H 257 18.20 -22.13 -14.07
C GLN H 257 17.24 -23.06 -14.78
N VAL H 258 16.29 -23.59 -14.03
CA VAL H 258 15.21 -24.38 -14.59
C VAL H 258 14.05 -23.44 -14.90
N ILE H 259 13.51 -23.53 -16.11
CA ILE H 259 12.61 -22.51 -16.65
C ILE H 259 11.51 -23.19 -17.46
N ASP H 260 10.36 -22.52 -17.55
CA ASP H 260 9.35 -22.90 -18.53
C ASP H 260 9.01 -21.75 -19.46
N ASN H 261 9.84 -20.69 -19.48
CA ASN H 261 9.59 -19.47 -20.23
C ASN H 261 10.93 -18.85 -20.62
N LYS H 262 11.11 -18.57 -21.92
CA LYS H 262 12.42 -18.13 -22.42
C LYS H 262 12.22 -17.05 -23.46
N ILE H 263 12.86 -15.89 -23.24
CA ILE H 263 12.84 -14.85 -24.26
C ILE H 263 13.73 -15.27 -25.42
N CYS H 264 13.33 -14.88 -26.63
CA CYS H 264 14.12 -15.26 -27.80
C CYS H 264 13.92 -14.21 -28.88
N GLY H 265 14.94 -14.04 -29.72
CA GLY H 265 14.86 -13.07 -30.78
C GLY H 265 15.25 -13.69 -32.12
N PRO H 266 15.24 -12.89 -33.19
CA PRO H 266 15.55 -13.44 -34.51
C PRO H 266 16.88 -14.16 -34.58
N ALA H 267 16.78 -15.44 -34.97
CA ALA H 267 17.83 -16.43 -35.23
C ALA H 267 18.38 -17.09 -33.98
N ASP H 268 17.77 -16.85 -32.81
CA ASP H 268 18.02 -17.69 -31.64
C ASP H 268 17.54 -19.11 -31.91
N SER H 269 18.28 -20.07 -31.39
CA SER H 269 17.85 -21.46 -31.40
C SER H 269 18.23 -22.12 -30.08
N PHE H 270 17.37 -23.01 -29.61
CA PHE H 270 17.66 -23.82 -28.43
C PHE H 270 16.78 -25.05 -28.48
N GLY H 271 17.11 -26.01 -27.64
CA GLY H 271 16.29 -27.20 -27.58
C GLY H 271 16.24 -27.77 -26.18
N PHE H 272 15.35 -28.74 -26.01
CA PHE H 272 15.30 -29.43 -24.75
C PHE H 272 14.57 -30.76 -24.95
N GLN H 273 14.59 -31.56 -23.90
CA GLN H 273 13.90 -32.84 -23.88
C GLN H 273 13.08 -32.92 -22.62
N ILE H 274 11.82 -33.34 -22.76
CA ILE H 274 10.92 -33.50 -21.63
C ILE H 274 10.32 -34.90 -21.71
N ILE H 275 9.92 -35.42 -20.56
CA ILE H 275 9.12 -36.63 -20.49
C ILE H 275 7.65 -36.20 -20.46
N ALA H 276 6.88 -36.64 -21.46
CA ALA H 276 5.51 -36.16 -21.63
C ALA H 276 4.66 -36.39 -20.39
N GLY H 277 4.28 -35.30 -19.72
CA GLY H 277 3.37 -35.38 -18.61
C GLY H 277 3.99 -35.71 -17.27
N GLU H 278 5.33 -35.71 -17.15
CA GLU H 278 6.00 -36.07 -15.92
C GLU H 278 5.53 -35.21 -14.76
N GLY H 279 4.85 -35.82 -13.79
CA GLY H 279 4.39 -35.13 -12.62
C GLY H 279 3.16 -34.27 -12.83
N VAL H 280 2.51 -34.36 -13.98
CA VAL H 280 1.43 -33.44 -14.32
C VAL H 280 0.29 -34.19 -15.00
N GLY H 281 0.56 -35.41 -15.48
CA GLY H 281 -0.48 -36.21 -16.08
C GLY H 281 -0.63 -35.98 -17.56
N ALA H 282 -1.65 -36.62 -18.14
CA ALA H 282 -1.97 -36.46 -19.55
C ALA H 282 -2.95 -35.31 -19.75
N GLY H 283 -3.05 -34.82 -20.99
CA GLY H 283 -3.97 -33.75 -21.30
C GLY H 283 -3.46 -32.87 -22.42
N ALA H 284 -4.22 -31.81 -22.69
CA ALA H 284 -3.93 -30.87 -23.76
C ALA H 284 -3.12 -29.71 -23.17
N TRP H 285 -1.80 -29.80 -23.28
CA TRP H 285 -0.88 -28.82 -22.70
C TRP H 285 -0.55 -27.73 -23.71
N MET H 286 -0.91 -26.49 -23.37
CA MET H 286 -0.69 -25.38 -24.30
C MET H 286 0.78 -25.00 -24.35
N TYR H 287 1.27 -24.72 -25.55
CA TYR H 287 2.48 -23.94 -25.72
C TYR H 287 2.11 -22.68 -26.50
N HIS H 288 2.75 -21.57 -26.14
CA HIS H 288 2.44 -20.31 -26.80
C HIS H 288 3.58 -19.31 -26.59
N CYS H 289 3.58 -18.28 -27.44
CA CYS H 289 4.31 -17.09 -27.08
C CYS H 289 3.59 -16.43 -25.93
N HIS H 290 4.35 -15.90 -24.97
CA HIS H 290 3.73 -15.29 -23.81
C HIS H 290 3.66 -13.77 -23.90
N VAL H 291 4.14 -13.17 -24.98
CA VAL H 291 3.71 -11.81 -25.26
C VAL H 291 2.19 -11.86 -25.36
N GLN H 292 1.51 -10.96 -24.64
CA GLN H 292 0.08 -11.15 -24.45
C GLN H 292 -0.68 -10.99 -25.78
N SER H 293 -0.37 -9.95 -26.54
CA SER H 293 -1.06 -9.80 -27.82
C SER H 293 -0.70 -10.91 -28.80
N HIS H 294 0.43 -11.59 -28.61
CA HIS H 294 0.83 -12.66 -29.51
C HIS H 294 0.07 -13.94 -29.20
N SER H 295 -0.09 -14.27 -27.92
CA SER H 295 -1.00 -15.35 -27.59
C SER H 295 -2.43 -14.99 -27.98
N ASP H 296 -2.84 -13.74 -27.76
CA ASP H 296 -4.21 -13.33 -28.06
C ASP H 296 -4.53 -13.43 -29.55
N MET H 297 -3.53 -13.22 -30.41
N MET H 297 -3.51 -13.24 -30.40
CA MET H 297 -3.73 -13.26 -31.86
CA MET H 297 -3.67 -13.25 -31.85
C MET H 297 -3.25 -14.57 -32.47
C MET H 297 -3.33 -14.58 -32.46
N GLY H 298 -3.02 -15.59 -31.65
CA GLY H 298 -2.95 -16.96 -32.14
C GLY H 298 -1.61 -17.64 -32.23
N MET H 299 -0.56 -17.14 -31.59
CA MET H 299 0.70 -17.89 -31.56
C MET H 299 0.59 -18.95 -30.46
N VAL H 300 -0.36 -19.87 -30.64
CA VAL H 300 -0.69 -20.89 -29.64
C VAL H 300 -0.76 -22.24 -30.33
N GLY H 301 -0.24 -23.27 -29.66
CA GLY H 301 -0.41 -24.64 -30.10
C GLY H 301 -0.73 -25.55 -28.93
N LEU H 302 -0.81 -26.84 -29.23
CA LEU H 302 -1.17 -27.84 -28.23
C LEU H 302 -0.19 -29.00 -28.23
N PHE H 303 0.31 -29.32 -27.04
CA PHE H 303 1.07 -30.53 -26.77
C PHE H 303 0.06 -31.56 -26.28
N LEU H 304 -0.37 -32.44 -27.18
CA LEU H 304 -1.44 -33.40 -26.87
C LEU H 304 -0.81 -34.65 -26.30
N VAL H 305 -0.80 -34.74 -24.97
CA VAL H 305 -0.17 -35.86 -24.25
C VAL H 305 -1.24 -36.91 -23.99
N LYS H 306 -1.14 -38.02 -24.71
CA LYS H 306 -2.17 -39.05 -24.64
C LYS H 306 -1.92 -40.01 -23.47
N LYS H 307 -3.02 -40.51 -22.90
CA LYS H 307 -2.97 -41.63 -21.96
C LYS H 307 -2.53 -42.90 -22.70
N PRO H 308 -2.15 -43.96 -21.98
CA PRO H 308 -1.76 -45.19 -22.67
C PRO H 308 -2.80 -45.69 -23.67
N ASP H 309 -4.09 -45.54 -23.36
CA ASP H 309 -5.17 -45.90 -24.28
C ASP H 309 -5.42 -44.86 -25.36
N GLY H 310 -4.61 -43.80 -25.44
CA GLY H 310 -4.77 -42.80 -26.49
C GLY H 310 -5.78 -41.71 -26.19
N THR H 311 -6.45 -41.73 -25.05
CA THR H 311 -7.39 -40.68 -24.72
C THR H 311 -6.65 -39.46 -24.16
N ILE H 312 -7.26 -38.29 -24.38
CA ILE H 312 -6.74 -37.03 -23.84
C ILE H 312 -7.84 -36.41 -23.00
N PRO H 313 -7.65 -36.34 -21.68
CA PRO H 313 -8.73 -35.92 -20.79
C PRO H 313 -8.93 -34.41 -20.82
N GLY H 314 -10.18 -33.98 -20.93
CA GLY H 314 -10.50 -32.57 -21.06
C GLY H 314 -10.35 -32.01 -22.45
N TYR H 315 -10.11 -32.86 -23.45
CA TYR H 315 -9.86 -32.43 -24.81
C TYR H 315 -10.80 -33.17 -25.76
N ASP H 316 -11.42 -32.42 -26.66
CA ASP H 316 -12.18 -33.01 -27.78
C ASP H 316 -11.78 -32.30 -29.06
N PRO H 317 -11.30 -33.04 -30.09
CA PRO H 317 -10.92 -32.57 -31.43
C PRO H 317 -12.08 -32.57 -32.44
N GLY I 41 50.17 -15.45 -22.91
CA GLY I 41 49.78 -14.53 -21.86
C GLY I 41 48.68 -15.08 -20.98
N ALA I 42 48.68 -14.67 -19.71
CA ALA I 42 47.64 -15.05 -18.75
C ALA I 42 47.50 -13.94 -17.71
N ALA I 43 46.26 -13.66 -17.34
CA ALA I 43 46.00 -12.52 -16.46
C ALA I 43 46.65 -12.76 -15.10
N PRO I 44 47.40 -11.79 -14.57
CA PRO I 44 47.97 -11.92 -13.24
C PRO I 44 46.93 -11.64 -12.15
N ALA I 45 47.38 -11.64 -10.92
CA ALA I 45 46.53 -11.32 -9.83
C ALA I 45 46.60 -9.85 -9.65
N GLY I 46 45.46 -9.24 -9.34
CA GLY I 46 45.41 -7.80 -9.14
C GLY I 46 45.63 -7.30 -7.74
N GLY I 47 45.71 -6.00 -7.62
CA GLY I 47 45.91 -5.41 -6.35
C GLY I 47 46.66 -4.11 -6.47
N GLU I 48 46.88 -3.65 -7.68
CA GLU I 48 47.60 -2.42 -7.93
C GLU I 48 46.66 -1.24 -8.02
N VAL I 49 47.08 -0.05 -7.64
CA VAL I 49 46.30 1.18 -7.68
C VAL I 49 46.63 1.90 -9.00
N ARG I 50 45.63 2.02 -9.85
CA ARG I 50 45.84 2.58 -11.18
C ARG I 50 45.19 3.94 -11.28
N ARG I 51 45.84 4.84 -12.00
CA ARG I 51 45.30 6.17 -12.25
C ARG I 51 45.30 6.38 -13.75
N VAL I 52 44.37 7.23 -14.20
CA VAL I 52 44.20 7.52 -15.63
C VAL I 52 43.41 8.81 -15.75
N THR I 53 43.66 9.54 -16.84
CA THR I 53 42.91 10.76 -17.14
C THR I 53 41.83 10.45 -18.17
N MET I 54 40.68 11.10 -18.03
CA MET I 54 39.58 10.94 -18.97
C MET I 54 38.92 12.28 -19.23
N TYR I 55 38.60 12.53 -20.50
CA TYR I 55 38.00 13.77 -20.96
C TYR I 55 36.71 13.46 -21.68
N ALA I 56 35.64 14.18 -21.32
CA ALA I 56 34.39 14.20 -22.09
C ALA I 56 34.45 15.37 -23.05
N GLU I 57 34.42 15.08 -24.34
CA GLU I 57 34.61 16.08 -25.38
C GLU I 57 33.50 15.97 -26.42
N ARG I 58 33.12 17.11 -26.99
CA ARG I 58 32.19 17.08 -28.10
C ARG I 58 32.89 16.55 -29.35
N LEU I 59 32.09 16.02 -30.27
CA LEU I 59 32.55 15.57 -31.57
C LEU I 59 31.61 16.10 -32.63
N ALA I 60 32.03 15.95 -33.90
CA ALA I 60 31.28 16.54 -35.00
C ALA I 60 29.86 16.02 -35.05
N GLY I 61 28.92 16.94 -35.30
CA GLY I 61 27.52 16.62 -35.54
C GLY I 61 26.76 16.14 -34.33
N GLY I 62 26.86 16.86 -33.21
CA GLY I 62 26.10 16.55 -32.02
C GLY I 62 26.62 15.37 -31.22
N GLN I 63 27.57 14.61 -31.76
CA GLN I 63 28.13 13.49 -31.03
C GLN I 63 28.95 13.95 -29.84
N MET I 64 29.09 13.07 -28.86
CA MET I 64 29.97 13.27 -27.72
C MET I 64 30.69 11.98 -27.39
N GLY I 65 31.88 12.10 -26.80
CA GLY I 65 32.69 10.93 -26.57
C GLY I 65 33.71 11.17 -25.47
N TYR I 66 34.29 10.06 -25.01
CA TYR I 66 35.28 10.02 -23.97
C TYR I 66 36.65 9.74 -24.59
N GLY I 67 37.71 10.14 -23.88
CA GLY I 67 39.07 9.85 -24.33
C GLY I 67 40.04 9.92 -23.17
N LEU I 68 41.17 9.22 -23.35
CA LEU I 68 42.25 9.29 -22.37
C LEU I 68 43.11 10.54 -22.55
N GLU I 69 43.36 10.97 -23.79
CA GLU I 69 44.11 12.19 -24.06
C GLU I 69 43.21 13.25 -24.68
N LYS I 70 43.50 14.50 -24.36
CA LYS I 70 42.69 15.62 -24.83
C LYS I 70 42.70 15.70 -26.34
N GLY I 71 41.51 15.88 -26.93
CA GLY I 71 41.40 15.91 -28.38
C GLY I 71 41.40 14.56 -29.06
N LYS I 72 41.59 13.46 -28.32
CA LYS I 72 41.58 12.12 -28.89
C LYS I 72 40.37 11.32 -28.43
N ALA I 73 39.23 11.98 -28.22
CA ALA I 73 38.02 11.29 -27.82
C ALA I 73 37.52 10.39 -28.95
N SER I 74 36.88 9.29 -28.59
CA SER I 74 36.47 8.30 -29.58
C SER I 74 35.12 7.70 -29.20
N ILE I 75 34.40 7.23 -30.22
CA ILE I 75 33.18 6.46 -29.98
C ILE I 75 33.34 5.04 -30.53
N PRO I 76 33.32 4.00 -29.69
CA PRO I 76 33.14 4.02 -28.23
C PRO I 76 34.38 4.54 -27.52
N GLY I 77 34.25 4.91 -26.24
CA GLY I 77 35.35 5.45 -25.49
C GLY I 77 36.49 4.47 -25.29
N PRO I 78 37.55 4.90 -24.62
CA PRO I 78 38.74 4.04 -24.49
C PRO I 78 38.46 2.76 -23.71
N LEU I 79 39.12 1.68 -24.12
CA LEU I 79 38.97 0.42 -23.41
C LEU I 79 39.74 0.47 -22.10
N ILE I 80 39.04 0.20 -21.02
CA ILE I 80 39.66 0.08 -19.71
C ILE I 80 39.77 -1.40 -19.38
N GLU I 81 40.98 -1.84 -19.02
CA GLU I 81 41.28 -3.19 -18.55
C GLU I 81 41.85 -3.11 -17.13
N LEU I 82 41.34 -3.96 -16.25
CA LEU I 82 41.85 -4.12 -14.89
C LEU I 82 41.85 -5.58 -14.52
N ASN I 83 42.63 -5.92 -13.50
CA ASN I 83 42.59 -7.25 -12.89
C ASN I 83 41.90 -7.17 -11.53
N GLU I 84 41.20 -8.25 -11.17
CA GLU I 84 40.45 -8.26 -9.91
C GLU I 84 41.34 -7.86 -8.75
N GLY I 85 40.87 -6.90 -7.95
CA GLY I 85 41.63 -6.34 -6.85
C GLY I 85 42.13 -4.94 -7.13
N ASP I 86 42.45 -4.64 -8.39
CA ASP I 86 42.85 -3.32 -8.84
C ASP I 86 41.86 -2.24 -8.45
N THR I 87 42.36 -1.02 -8.29
CA THR I 87 41.55 0.15 -8.06
C THR I 87 41.92 1.16 -9.13
N LEU I 88 40.94 1.91 -9.61
CA LEU I 88 41.16 2.89 -10.66
C LEU I 88 40.63 4.24 -10.19
N HIS I 89 41.53 5.20 -10.06
CA HIS I 89 41.13 6.59 -9.92
C HIS I 89 41.19 7.21 -11.31
N VAL I 90 40.03 7.62 -11.80
CA VAL I 90 39.90 8.29 -13.09
C VAL I 90 39.79 9.77 -12.81
N GLU I 91 40.83 10.53 -13.14
CA GLU I 91 40.73 11.97 -13.08
C GLU I 91 39.97 12.41 -14.32
N PHE I 92 38.78 12.95 -14.10
CA PHE I 92 37.79 13.18 -15.13
C PHE I 92 37.64 14.67 -15.40
N GLU I 93 37.60 15.03 -16.68
CA GLU I 93 37.43 16.42 -17.09
C GLU I 93 36.27 16.53 -18.09
N ASN I 94 35.34 17.46 -17.80
CA ASN I 94 34.24 17.77 -18.69
C ASN I 94 34.59 19.01 -19.52
N THR I 95 35.09 18.78 -20.74
CA THR I 95 35.46 19.88 -21.62
C THR I 95 34.29 20.40 -22.45
N MET I 96 33.06 20.22 -22.00
CA MET I 96 31.87 20.59 -22.75
C MET I 96 31.07 21.68 -22.02
N ASP I 97 30.14 22.29 -22.74
CA ASP I 97 29.29 23.34 -22.20
C ASP I 97 28.01 22.81 -21.56
N VAL I 98 27.93 21.50 -21.35
CA VAL I 98 26.81 20.90 -20.64
C VAL I 98 27.34 19.87 -19.67
N PRO I 99 26.62 19.63 -18.57
CA PRO I 99 27.10 18.65 -17.59
C PRO I 99 27.17 17.25 -18.17
N VAL I 100 28.20 16.51 -17.75
CA VAL I 100 28.38 15.12 -18.13
C VAL I 100 28.60 14.30 -16.85
N SER I 101 28.61 12.97 -17.01
CA SER I 101 28.93 12.12 -15.87
C SER I 101 29.56 10.85 -16.39
N LEU I 102 30.07 10.04 -15.46
CA LEU I 102 30.66 8.75 -15.78
C LEU I 102 30.09 7.73 -14.79
N HIS I 103 29.33 6.78 -15.30
CA HIS I 103 28.73 5.74 -14.48
C HIS I 103 29.18 4.39 -15.01
N VAL I 104 29.45 3.43 -14.11
CA VAL I 104 30.03 2.16 -14.54
C VAL I 104 29.15 1.02 -14.05
N HIS I 105 29.07 -0.01 -14.88
CA HIS I 105 28.37 -1.25 -14.57
C HIS I 105 29.34 -2.28 -13.98
N GLY I 106 28.87 -3.00 -12.95
CA GLY I 106 29.54 -4.19 -12.47
C GLY I 106 30.64 -3.96 -11.46
N LEU I 107 31.37 -2.84 -11.55
CA LEU I 107 32.48 -2.55 -10.67
C LEU I 107 31.96 -2.07 -9.31
N ASP I 108 32.87 -1.90 -8.34
CA ASP I 108 32.52 -1.37 -7.02
C ASP I 108 32.82 0.12 -6.98
N TYR I 109 31.91 0.88 -6.38
CA TYR I 109 32.08 2.31 -6.21
C TYR I 109 31.14 2.73 -5.08
N GLU I 110 31.51 3.79 -4.37
CA GLU I 110 30.55 4.37 -3.44
C GLU I 110 29.73 5.42 -4.18
N ILE I 111 28.60 5.81 -3.59
CA ILE I 111 27.67 6.68 -4.32
C ILE I 111 28.29 8.01 -4.72
N SER I 112 29.45 8.36 -4.19
CA SER I 112 30.14 9.58 -4.61
C SER I 112 30.81 9.43 -5.98
N SER I 113 30.97 8.19 -6.48
CA SER I 113 31.35 7.92 -7.86
C SER I 113 30.23 7.27 -8.65
N ASP I 114 28.98 7.42 -8.17
CA ASP I 114 27.79 6.98 -8.88
C ASP I 114 27.74 7.51 -10.31
N GLY I 115 28.01 8.80 -10.47
CA GLY I 115 27.82 9.45 -11.74
C GLY I 115 26.40 9.90 -12.00
N THR I 116 25.55 9.91 -11.00
CA THR I 116 24.18 10.36 -11.20
C THR I 116 24.04 11.80 -10.70
N LYS I 117 23.11 12.54 -11.32
CA LYS I 117 22.68 13.82 -10.76
C LYS I 117 22.16 13.64 -9.35
N GLN I 118 21.39 12.58 -9.13
CA GLN I 118 20.62 12.40 -7.91
C GLN I 118 21.51 12.25 -6.67
N ASN I 119 22.72 11.72 -6.82
CA ASN I 119 23.72 11.67 -5.74
C ASN I 119 24.84 12.68 -5.96
N LYS I 120 24.54 13.76 -6.68
CA LYS I 120 25.44 14.89 -6.89
C LYS I 120 26.82 14.42 -7.36
N SER I 121 26.82 13.50 -8.32
CA SER I 121 28.03 12.80 -8.74
C SER I 121 28.47 13.20 -10.15
N HIS I 122 27.90 14.25 -10.73
CA HIS I 122 28.22 14.64 -12.09
C HIS I 122 29.31 15.72 -12.09
N VAL I 123 29.64 16.19 -13.29
CA VAL I 123 30.72 17.14 -13.53
C VAL I 123 30.14 18.30 -14.33
N GLU I 124 30.05 19.48 -13.72
CA GLU I 124 29.51 20.64 -14.40
C GLU I 124 30.41 21.05 -15.56
N PRO I 125 29.92 21.89 -16.47
CA PRO I 125 30.76 22.30 -17.60
C PRO I 125 32.09 22.85 -17.11
N GLY I 126 33.18 22.40 -17.72
CA GLY I 126 34.50 22.78 -17.30
C GLY I 126 34.99 22.04 -16.07
N GLY I 127 34.07 21.44 -15.31
CA GLY I 127 34.39 20.86 -14.03
C GLY I 127 35.41 19.73 -14.11
N THR I 128 35.91 19.35 -12.94
CA THR I 128 36.86 18.26 -12.82
C THR I 128 36.44 17.41 -11.64
N ARG I 129 36.81 16.13 -11.69
CA ARG I 129 36.39 15.21 -10.65
C ARG I 129 37.18 13.92 -10.77
N THR I 130 37.39 13.25 -9.64
CA THR I 130 38.00 11.93 -9.62
C THR I 130 36.94 10.89 -9.29
N TYR I 131 36.72 9.98 -10.22
CA TYR I 131 35.83 8.84 -10.03
C TYR I 131 36.68 7.65 -9.63
N THR I 132 36.33 7.02 -8.52
CA THR I 132 37.06 5.86 -8.04
C THR I 132 36.25 4.61 -8.33
N TRP I 133 36.92 3.61 -8.91
CA TRP I 133 36.38 2.29 -9.14
C TRP I 133 37.29 1.28 -8.47
N ARG I 134 36.70 0.32 -7.75
CA ARG I 134 37.40 -0.74 -7.05
C ARG I 134 36.92 -2.09 -7.58
N THR I 135 37.82 -3.06 -7.62
CA THR I 135 37.44 -4.42 -7.98
C THR I 135 37.88 -5.39 -6.88
N HIS I 136 37.27 -6.58 -6.89
CA HIS I 136 37.55 -7.57 -5.86
C HIS I 136 37.65 -8.97 -6.45
N GLU I 137 38.48 -9.79 -5.83
CA GLU I 137 38.60 -11.20 -6.18
C GLU I 137 37.42 -11.99 -5.61
N PRO I 138 37.12 -13.15 -6.17
CA PRO I 138 36.07 -14.00 -5.59
C PRO I 138 36.59 -14.70 -4.34
N GLY I 139 35.65 -15.24 -3.56
CA GLY I 139 36.05 -15.94 -2.33
C GLY I 139 34.95 -16.26 -1.34
N ARG I 140 35.23 -17.22 -0.46
CA ARG I 140 34.23 -17.72 0.48
C ARG I 140 33.98 -16.73 1.62
N ARG I 141 32.72 -16.34 1.81
CA ARG I 141 32.34 -15.40 2.86
C ARG I 141 32.38 -16.08 4.23
N ALA I 142 32.10 -15.28 5.26
CA ALA I 142 32.03 -15.79 6.63
C ALA I 142 31.00 -16.91 6.76
N ASP I 143 29.75 -16.61 6.43
CA ASP I 143 28.69 -17.62 6.48
C ASP I 143 28.89 -18.78 5.48
N GLY I 144 30.00 -18.82 4.75
CA GLY I 144 30.26 -19.92 3.84
C GLY I 144 29.71 -19.76 2.44
N THR I 145 29.03 -18.66 2.15
CA THR I 145 28.61 -18.39 0.77
C THR I 145 29.81 -18.01 -0.08
N TRP I 146 29.66 -18.13 -1.38
CA TRP I 146 30.74 -17.77 -2.31
C TRP I 146 30.48 -16.38 -2.87
N ARG I 147 31.29 -15.41 -2.46
CA ARG I 147 31.14 -14.07 -2.99
C ARG I 147 31.81 -14.02 -4.35
N ALA I 148 31.06 -13.58 -5.36
CA ALA I 148 31.58 -13.53 -6.72
C ALA I 148 32.57 -12.39 -6.89
N GLY I 149 33.54 -12.61 -7.77
CA GLY I 149 34.48 -11.58 -8.14
C GLY I 149 33.89 -10.59 -9.13
N SER I 150 34.69 -9.58 -9.46
CA SER I 150 34.31 -8.52 -10.39
C SER I 150 34.60 -8.87 -11.85
N ALA I 151 35.29 -9.97 -12.12
CA ALA I 151 35.66 -10.31 -13.48
C ALA I 151 34.43 -10.34 -14.39
N GLY I 152 34.60 -9.86 -15.60
CA GLY I 152 33.51 -9.84 -16.55
C GLY I 152 33.71 -8.76 -17.59
N TYR I 153 32.77 -8.74 -18.52
CA TYR I 153 32.72 -7.73 -19.58
C TYR I 153 31.72 -6.66 -19.17
N TRP I 154 32.20 -5.46 -18.89
CA TRP I 154 31.40 -4.37 -18.39
C TRP I 154 31.62 -3.11 -19.24
N HIS I 155 30.98 -2.02 -18.84
CA HIS I 155 30.99 -0.81 -19.65
C HIS I 155 30.71 0.40 -18.76
N TYR I 156 31.06 1.56 -19.29
CA TYR I 156 30.73 2.84 -18.66
C TYR I 156 29.98 3.70 -19.67
N HIS I 157 29.19 4.62 -19.15
CA HIS I 157 28.40 5.48 -20.01
C HIS I 157 27.96 6.67 -19.20
N ASP I 158 27.53 7.74 -19.89
CA ASP I 158 27.03 8.95 -19.25
C ASP I 158 25.64 8.75 -18.62
N HIS I 159 25.34 9.54 -17.58
CA HIS I 159 24.07 9.40 -16.86
C HIS I 159 23.30 10.71 -16.72
N VAL I 160 23.76 11.81 -17.33
CA VAL I 160 23.12 13.10 -17.11
C VAL I 160 22.76 13.84 -18.39
N VAL I 161 23.39 13.58 -19.55
CA VAL I 161 23.12 14.39 -20.74
C VAL I 161 21.74 14.05 -21.29
N GLY I 162 20.90 15.08 -21.46
CA GLY I 162 19.58 14.90 -22.05
C GLY I 162 18.50 14.59 -21.03
N THR I 163 18.71 13.54 -20.25
CA THR I 163 17.83 13.21 -19.14
C THR I 163 18.67 12.73 -17.98
N GLU I 164 18.04 12.59 -16.81
CA GLU I 164 18.69 12.08 -15.61
C GLU I 164 19.10 10.61 -15.75
N HIS I 165 18.86 10.01 -16.91
CA HIS I 165 19.34 8.68 -17.21
C HIS I 165 20.36 8.67 -18.36
N GLY I 166 20.88 9.84 -18.75
CA GLY I 166 21.83 9.92 -19.84
C GLY I 166 21.33 9.46 -21.20
N THR I 167 20.03 9.52 -21.47
CA THR I 167 19.51 9.11 -22.77
C THR I 167 20.22 9.85 -23.90
N GLY I 168 20.36 11.18 -23.76
CA GLY I 168 20.97 11.96 -24.82
C GLY I 168 22.47 11.70 -24.94
N GLY I 169 23.16 11.56 -23.82
CA GLY I 169 24.60 11.30 -23.88
C GLY I 169 24.93 9.94 -24.44
N ILE I 170 24.15 8.92 -24.08
CA ILE I 170 24.36 7.59 -24.64
C ILE I 170 24.07 7.60 -26.14
N ARG I 171 23.01 8.31 -26.54
CA ARG I 171 22.70 8.47 -27.94
C ARG I 171 23.81 9.20 -28.68
N ASN I 172 24.51 10.12 -27.98
CA ASN I 172 25.57 10.91 -28.62
C ASN I 172 26.90 10.18 -28.69
N GLY I 173 27.10 9.15 -27.86
CA GLY I 173 28.29 8.31 -27.96
C GLY I 173 29.11 8.19 -26.69
N LEU I 174 28.52 8.56 -25.54
CA LEU I 174 29.20 8.56 -24.25
C LEU I 174 29.07 7.17 -23.66
N TYR I 175 29.92 6.28 -24.13
CA TYR I 175 29.88 4.92 -23.63
C TYR I 175 31.18 4.27 -23.98
N GLY I 176 31.58 3.29 -23.20
CA GLY I 176 32.87 2.67 -23.42
C GLY I 176 33.02 1.39 -22.64
N PRO I 177 33.96 0.54 -23.07
CA PRO I 177 34.04 -0.82 -22.54
C PRO I 177 35.03 -0.99 -21.38
N VAL I 178 34.63 -1.85 -20.45
CA VAL I 178 35.45 -2.19 -19.29
C VAL I 178 35.60 -3.70 -19.24
N ILE I 179 36.84 -4.17 -19.29
CA ILE I 179 37.14 -5.59 -19.07
C ILE I 179 37.79 -5.72 -17.70
N VAL I 180 37.27 -6.64 -16.89
CA VAL I 180 37.89 -7.00 -15.61
C VAL I 180 38.22 -8.49 -15.67
N ARG I 181 39.50 -8.81 -15.50
CA ARG I 181 40.01 -10.17 -15.65
C ARG I 181 40.23 -10.83 -14.30
N ARG I 182 39.93 -12.13 -14.23
CA ARG I 182 40.29 -12.96 -13.10
C ARG I 182 41.68 -13.56 -13.33
N LYS I 183 42.44 -13.69 -12.24
CA LYS I 183 43.78 -14.27 -12.31
C LYS I 183 43.72 -15.64 -12.97
N GLY I 184 44.49 -15.80 -14.06
CA GLY I 184 44.49 -17.02 -14.84
C GLY I 184 43.80 -16.95 -16.19
N ASP I 185 42.96 -15.94 -16.44
CA ASP I 185 42.22 -15.86 -17.70
C ASP I 185 43.17 -15.88 -18.90
N VAL I 186 42.73 -16.53 -19.98
CA VAL I 186 43.50 -16.49 -21.22
C VAL I 186 43.52 -15.07 -21.74
N LEU I 187 44.67 -14.63 -22.24
CA LEU I 187 44.58 -13.26 -22.71
C LEU I 187 44.64 -13.21 -24.23
N PRO I 188 43.95 -12.27 -24.87
CA PRO I 188 43.82 -12.30 -26.32
C PRO I 188 44.86 -11.47 -27.04
N ASP I 189 45.08 -11.82 -28.32
CA ASP I 189 46.00 -11.07 -29.16
C ASP I 189 45.42 -9.75 -29.63
N ALA I 190 44.10 -9.55 -29.48
CA ALA I 190 43.42 -8.33 -29.91
C ALA I 190 42.05 -8.32 -29.27
N THR I 191 41.56 -7.11 -28.99
CA THR I 191 40.20 -6.92 -28.49
C THR I 191 39.49 -5.91 -29.36
N HIS I 192 38.25 -6.20 -29.71
CA HIS I 192 37.43 -5.30 -30.51
C HIS I 192 36.10 -5.09 -29.82
N THR I 193 35.59 -3.89 -29.89
CA THR I 193 34.38 -3.54 -29.16
C THR I 193 33.28 -3.20 -30.13
N ILE I 194 32.13 -3.85 -29.97
CA ILE I 194 30.98 -3.65 -30.84
C ILE I 194 29.83 -3.21 -29.96
N VAL I 195 29.30 -2.03 -30.24
CA VAL I 195 28.21 -1.45 -29.47
C VAL I 195 27.02 -1.26 -30.40
N PHE I 196 25.94 -1.99 -30.14
CA PHE I 196 24.68 -1.75 -30.82
C PHE I 196 23.98 -0.61 -30.08
N ASN I 197 24.05 0.60 -30.64
CA ASN I 197 23.45 1.77 -30.02
C ASN I 197 22.25 2.20 -30.86
N ASP I 198 21.04 1.92 -30.37
CA ASP I 198 19.82 2.10 -31.18
C ASP I 198 20.04 1.33 -32.48
N MET I 199 19.90 1.95 -33.65
CA MET I 199 20.01 1.27 -34.92
C MET I 199 21.41 1.35 -35.53
N THR I 200 22.42 1.76 -34.76
CA THR I 200 23.77 1.91 -35.28
C THR I 200 24.71 0.92 -34.59
N ILE I 201 25.85 0.69 -35.23
CA ILE I 201 27.01 0.07 -34.59
C ILE I 201 28.04 1.17 -34.37
N ASN I 202 28.39 1.41 -33.09
CA ASN I 202 29.42 2.39 -32.70
C ASN I 202 29.09 3.79 -33.19
N ASN I 203 27.80 4.13 -33.26
CA ASN I 203 27.33 5.42 -33.77
C ASN I 203 27.74 5.69 -35.22
N ARG I 204 28.13 4.69 -35.97
CA ARG I 204 28.51 4.95 -37.37
C ARG I 204 27.28 5.01 -38.27
N PRO I 205 27.40 5.66 -39.44
CA PRO I 205 26.30 5.63 -40.42
C PRO I 205 26.05 4.22 -40.92
N ALA I 206 24.81 3.98 -41.35
CA ALA I 206 24.38 2.67 -41.83
C ALA I 206 25.37 2.10 -42.85
N HIS I 207 25.55 0.79 -42.80
CA HIS I 207 26.31 0.04 -43.80
C HIS I 207 27.76 0.49 -43.85
N THR I 208 28.34 0.84 -42.70
CA THR I 208 29.74 1.24 -42.70
C THR I 208 30.57 0.44 -41.70
N GLY I 209 30.21 -0.82 -41.46
CA GLY I 209 30.96 -1.61 -40.50
C GLY I 209 30.72 -1.23 -39.04
N PRO I 210 31.79 -1.15 -38.23
CA PRO I 210 33.21 -1.32 -38.55
C PRO I 210 33.58 -2.75 -38.92
N ASN I 211 34.66 -2.89 -39.66
CA ASN I 211 35.29 -4.19 -39.86
C ASN I 211 36.53 -4.31 -39.00
N PHE I 212 36.90 -5.54 -38.68
CA PHE I 212 38.08 -5.85 -37.89
C PHE I 212 38.88 -6.93 -38.60
N GLU I 213 40.19 -6.87 -38.43
CA GLU I 213 41.08 -7.77 -39.16
C GLU I 213 41.76 -8.73 -38.19
N ALA I 214 42.01 -9.95 -38.66
CA ALA I 214 42.82 -10.87 -37.91
C ALA I 214 43.48 -11.84 -38.87
N THR I 215 44.46 -12.58 -38.37
CA THR I 215 45.05 -13.70 -39.10
C THR I 215 44.49 -14.98 -38.52
N VAL I 216 44.25 -15.97 -39.39
CA VAL I 216 43.84 -17.31 -38.98
C VAL I 216 44.65 -17.77 -37.79
N GLY I 217 43.98 -18.15 -36.71
CA GLY I 217 44.63 -18.61 -35.50
C GLY I 217 44.76 -17.57 -34.41
N ASP I 218 44.63 -16.27 -34.75
CA ASP I 218 44.66 -15.23 -33.73
C ASP I 218 43.56 -15.48 -32.70
N ARG I 219 43.87 -15.25 -31.42
CA ARG I 219 42.89 -15.34 -30.35
C ARG I 219 42.25 -13.97 -30.17
N VAL I 220 41.01 -13.82 -30.68
CA VAL I 220 40.35 -12.52 -30.79
C VAL I 220 39.28 -12.41 -29.72
N GLU I 221 39.25 -11.27 -29.03
CA GLU I 221 38.29 -11.00 -27.98
C GLU I 221 37.31 -9.94 -28.46
N ILE I 222 36.03 -10.20 -28.26
CA ILE I 222 34.98 -9.26 -28.62
C ILE I 222 34.28 -8.80 -27.35
N VAL I 223 34.21 -7.49 -27.16
CA VAL I 223 33.30 -6.93 -26.17
C VAL I 223 32.05 -6.46 -26.90
N MET I 224 30.91 -6.98 -26.49
CA MET I 224 29.62 -6.57 -27.03
CA MET I 224 29.60 -6.62 -27.05
C MET I 224 28.52 -5.91 -26.03
N ILE I 225 28.22 -4.66 -26.36
CA ILE I 225 27.43 -3.77 -25.54
C ILE I 225 26.23 -3.30 -26.34
N THR I 226 25.10 -3.11 -25.66
CA THR I 226 23.88 -2.62 -26.29
C THR I 226 23.39 -1.41 -25.54
N HIS I 227 22.86 -0.42 -26.27
CA HIS I 227 22.35 0.80 -25.67
C HIS I 227 21.15 1.28 -26.47
N GLY I 228 20.30 2.06 -25.82
CA GLY I 228 19.22 2.75 -26.50
C GLY I 228 17.84 2.19 -26.22
N GLU I 229 17.07 1.99 -27.28
CA GLU I 229 15.65 1.66 -27.20
C GLU I 229 15.32 0.24 -27.59
N TYR I 230 16.22 -0.46 -28.29
CA TYR I 230 15.83 -1.66 -29.00
C TYR I 230 16.53 -2.89 -28.44
N TYR I 231 15.85 -4.02 -28.55
CA TYR I 231 16.52 -5.30 -28.42
C TYR I 231 17.23 -5.63 -29.75
N HIS I 232 18.30 -6.43 -29.65
CA HIS I 232 19.03 -6.88 -30.81
C HIS I 232 19.38 -8.35 -30.65
N THR I 233 19.74 -9.02 -31.76
CA THR I 233 20.37 -10.33 -31.67
C THR I 233 21.73 -10.24 -32.35
N PHE I 234 22.80 -10.45 -31.57
CA PHE I 234 24.16 -10.43 -32.11
C PHE I 234 24.50 -11.78 -32.71
N HIS I 235 24.99 -11.78 -33.95
CA HIS I 235 25.29 -12.99 -34.68
C HIS I 235 26.65 -12.88 -35.35
N MET I 236 27.44 -13.95 -35.28
CA MET I 236 28.73 -14.06 -35.97
C MET I 236 28.73 -15.29 -36.87
N HIS I 237 29.06 -15.10 -38.15
CA HIS I 237 29.20 -16.26 -39.03
C HIS I 237 30.49 -17.00 -38.72
N GLY I 238 30.48 -18.31 -38.89
CA GLY I 238 31.69 -19.11 -38.84
C GLY I 238 32.40 -19.19 -37.49
N HIS I 239 31.85 -18.53 -36.46
CA HIS I 239 32.47 -18.54 -35.14
C HIS I 239 31.37 -18.59 -34.11
N ALA I 240 31.53 -19.46 -33.13
CA ALA I 240 30.59 -19.61 -32.02
C ALA I 240 31.34 -19.38 -30.72
N TRP I 241 30.60 -19.37 -29.60
CA TRP I 241 31.22 -19.10 -28.30
C TRP I 241 30.31 -19.64 -27.22
N ALA I 242 30.85 -19.70 -26.00
CA ALA I 242 30.09 -20.24 -24.89
C ALA I 242 29.37 -19.11 -24.18
N ASP I 243 28.13 -19.35 -23.79
CA ASP I 243 27.33 -18.34 -23.08
C ASP I 243 27.64 -18.41 -21.60
N ASN I 244 28.83 -17.94 -21.26
CA ASN I 244 29.26 -17.86 -19.86
C ASN I 244 30.16 -16.63 -19.72
N ARG I 245 30.81 -16.49 -18.56
CA ARG I 245 31.53 -15.25 -18.25
C ARG I 245 32.63 -14.95 -19.27
N THR I 246 33.41 -15.94 -19.65
CA THR I 246 34.53 -15.70 -20.53
C THR I 246 34.22 -16.02 -21.98
N GLY I 247 33.07 -16.63 -22.27
CA GLY I 247 32.78 -17.01 -23.63
C GLY I 247 33.52 -18.24 -24.10
N MET I 248 34.26 -18.90 -23.22
CA MET I 248 34.93 -20.17 -23.47
C MET I 248 34.51 -21.16 -22.41
N LEU I 249 34.39 -22.43 -22.79
CA LEU I 249 34.03 -23.44 -21.81
C LEU I 249 35.20 -23.68 -20.86
N THR I 250 34.86 -23.88 -19.58
CA THR I 250 35.87 -24.11 -18.56
C THR I 250 36.47 -25.51 -18.64
N GLY I 251 35.77 -26.46 -19.26
CA GLY I 251 36.17 -27.84 -19.28
C GLY I 251 34.99 -28.76 -19.54
N PRO I 252 35.19 -30.06 -19.34
CA PRO I 252 34.11 -31.03 -19.61
C PRO I 252 32.83 -30.78 -18.84
N ASP I 253 32.89 -30.14 -17.69
CA ASP I 253 31.69 -30.06 -16.87
C ASP I 253 30.90 -28.78 -17.09
N ASP I 254 31.34 -27.93 -18.01
CA ASP I 254 30.67 -26.66 -18.25
C ASP I 254 29.45 -26.87 -19.13
N PRO I 255 28.24 -26.76 -18.58
CA PRO I 255 27.03 -27.05 -19.36
C PRO I 255 26.52 -25.89 -20.22
N SER I 256 27.21 -24.75 -20.21
CA SER I 256 26.71 -23.57 -20.91
C SER I 256 26.42 -23.88 -22.37
N GLN I 257 25.30 -23.37 -22.87
CA GLN I 257 25.00 -23.53 -24.28
C GLN I 257 26.09 -22.87 -25.11
N VAL I 258 26.44 -23.52 -26.22
CA VAL I 258 27.34 -22.94 -27.22
C VAL I 258 26.45 -22.32 -28.29
N ILE I 259 26.75 -21.07 -28.65
CA ILE I 259 25.86 -20.25 -29.46
C ILE I 259 26.65 -19.46 -30.48
N ASP I 260 25.93 -18.91 -31.45
CA ASP I 260 26.48 -17.88 -32.31
C ASP I 260 25.46 -16.75 -32.47
N ASN I 261 24.44 -16.75 -31.62
CA ASN I 261 23.33 -15.82 -31.75
C ASN I 261 22.85 -15.49 -30.35
N LYS I 262 22.82 -14.21 -30.00
CA LYS I 262 22.50 -13.87 -28.62
C LYS I 262 21.63 -12.63 -28.56
N ILE I 263 20.46 -12.76 -27.91
CA ILE I 263 19.58 -11.61 -27.73
C ILE I 263 20.19 -10.69 -26.67
N CYS I 264 19.96 -9.38 -26.83
CA CYS I 264 20.54 -8.43 -25.89
C CYS I 264 19.73 -7.14 -25.94
N GLY I 265 19.72 -6.43 -24.82
CA GLY I 265 18.95 -5.21 -24.71
C GLY I 265 19.79 -4.10 -24.11
N PRO I 266 19.20 -2.92 -24.04
CA PRO I 266 19.94 -1.74 -23.56
C PRO I 266 20.68 -2.01 -22.26
N ALA I 267 21.99 -1.75 -22.27
CA ALA I 267 22.96 -1.84 -21.18
C ALA I 267 23.42 -3.28 -20.92
N ASP I 268 22.95 -4.26 -21.68
CA ASP I 268 23.53 -5.60 -21.60
C ASP I 268 24.97 -5.56 -22.09
N SER I 269 25.83 -6.30 -21.41
CA SER I 269 27.20 -6.45 -21.87
C SER I 269 27.63 -7.91 -21.76
N PHE I 270 28.44 -8.36 -22.69
CA PHE I 270 29.06 -9.67 -22.64
C PHE I 270 30.28 -9.67 -23.55
N GLY I 271 31.06 -10.73 -23.45
CA GLY I 271 32.27 -10.84 -24.24
C GLY I 271 32.66 -12.29 -24.42
N PHE I 272 33.62 -12.51 -25.31
CA PHE I 272 34.08 -13.84 -25.61
C PHE I 272 35.40 -13.75 -26.36
N GLN I 273 36.10 -14.89 -26.38
CA GLN I 273 37.28 -15.08 -27.21
C GLN I 273 37.00 -16.19 -28.19
N ILE I 274 37.42 -15.99 -29.42
CA ILE I 274 37.37 -17.02 -30.44
C ILE I 274 38.75 -17.13 -31.09
N ILE I 275 39.07 -18.33 -31.58
CA ILE I 275 40.22 -18.53 -32.46
C ILE I 275 39.77 -18.18 -33.87
N ALA I 276 40.35 -17.13 -34.44
CA ALA I 276 39.94 -16.68 -35.76
C ALA I 276 40.07 -17.80 -36.79
N GLY I 277 38.97 -18.07 -37.50
CA GLY I 277 38.98 -19.06 -38.55
C GLY I 277 39.08 -20.49 -38.08
N GLU I 278 39.03 -20.72 -36.77
CA GLU I 278 39.17 -22.08 -36.25
C GLU I 278 38.14 -22.99 -36.90
N GLY I 279 38.63 -24.03 -37.58
CA GLY I 279 37.78 -25.02 -38.19
C GLY I 279 37.08 -24.57 -39.44
N VAL I 280 37.23 -23.29 -39.83
CA VAL I 280 36.50 -22.72 -40.98
C VAL I 280 37.40 -21.92 -41.89
N GLY I 281 38.54 -21.45 -41.44
CA GLY I 281 39.49 -20.86 -42.34
C GLY I 281 39.26 -19.39 -42.56
N ALA I 282 40.07 -18.84 -43.46
CA ALA I 282 40.10 -17.42 -43.74
C ALA I 282 38.91 -17.02 -44.61
N GLY I 283 38.58 -15.74 -44.54
CA GLY I 283 37.51 -15.20 -45.35
C GLY I 283 36.93 -13.95 -44.72
N ALA I 284 35.94 -13.39 -45.42
CA ALA I 284 35.26 -12.17 -44.96
C ALA I 284 34.03 -12.62 -44.19
N TRP I 285 34.17 -12.77 -42.88
CA TRP I 285 33.15 -13.39 -42.04
C TRP I 285 32.20 -12.33 -41.51
N MET I 286 30.95 -12.40 -41.93
CA MET I 286 29.95 -11.43 -41.52
C MET I 286 29.60 -11.55 -40.02
N TYR I 287 29.46 -10.41 -39.37
CA TYR I 287 28.68 -10.30 -38.14
C TYR I 287 27.60 -9.25 -38.37
N HIS I 288 26.48 -9.37 -37.68
CA HIS I 288 25.41 -8.39 -37.78
C HIS I 288 24.38 -8.64 -36.68
N CYS I 289 23.55 -7.63 -36.42
CA CYS I 289 22.26 -7.88 -35.81
C CYS I 289 21.45 -8.81 -36.69
N HIS I 290 20.81 -9.81 -36.09
CA HIS I 290 20.04 -10.73 -36.89
C HIS I 290 18.57 -10.38 -36.97
N VAL I 291 18.13 -9.33 -36.27
CA VAL I 291 16.81 -8.74 -36.50
C VAL I 291 16.75 -8.24 -37.93
N GLN I 292 15.80 -8.75 -38.71
CA GLN I 292 15.93 -8.68 -40.17
C GLN I 292 16.00 -7.23 -40.67
N SER I 293 15.08 -6.36 -40.25
CA SER I 293 15.16 -4.96 -40.67
C SER I 293 16.44 -4.29 -40.19
N HIS I 294 16.99 -4.75 -39.06
CA HIS I 294 18.21 -4.14 -38.54
C HIS I 294 19.40 -4.44 -39.45
N SER I 295 19.60 -5.70 -39.81
CA SER I 295 20.67 -6.00 -40.76
C SER I 295 20.42 -5.32 -42.09
N ASP I 296 19.17 -5.36 -42.58
CA ASP I 296 18.87 -4.80 -43.90
C ASP I 296 19.14 -3.30 -43.95
N MET I 297 19.04 -2.62 -42.81
N MET I 297 19.05 -2.62 -42.80
CA MET I 297 19.26 -1.18 -42.77
CA MET I 297 19.25 -1.19 -42.75
C MET I 297 20.66 -0.81 -42.30
C MET I 297 20.66 -0.81 -42.30
N GLY I 298 21.59 -1.76 -42.30
CA GLY I 298 23.01 -1.45 -42.20
C GLY I 298 23.74 -1.97 -40.98
N MET I 299 23.08 -2.52 -39.96
CA MET I 299 23.78 -3.03 -38.77
C MET I 299 24.55 -4.30 -39.11
N VAL I 300 25.55 -4.18 -39.97
CA VAL I 300 26.32 -5.30 -40.47
C VAL I 300 27.76 -4.85 -40.53
N GLY I 301 28.68 -5.77 -40.21
CA GLY I 301 30.11 -5.53 -40.36
C GLY I 301 30.84 -6.82 -40.68
N LEU I 302 32.17 -6.72 -40.79
CA LEU I 302 33.00 -7.82 -41.27
C LEU I 302 34.10 -8.17 -40.30
N PHE I 303 34.24 -9.46 -40.03
CA PHE I 303 35.41 -10.04 -39.38
C PHE I 303 36.32 -10.57 -40.48
N LEU I 304 37.33 -9.79 -40.85
CA LEU I 304 38.17 -10.10 -42.00
C LEU I 304 39.34 -10.98 -41.55
N VAL I 305 39.24 -12.29 -41.77
CA VAL I 305 40.23 -13.25 -41.29
C VAL I 305 41.15 -13.61 -42.46
N LYS I 306 42.43 -13.25 -42.33
CA LYS I 306 43.41 -13.46 -43.40
C LYS I 306 44.20 -14.75 -43.17
N LYS I 307 44.68 -15.31 -44.29
CA LYS I 307 45.70 -16.36 -44.28
C LYS I 307 47.00 -15.76 -43.77
N PRO I 308 48.01 -16.59 -43.46
CA PRO I 308 49.33 -16.03 -43.12
C PRO I 308 49.95 -15.19 -44.24
N ASP I 309 49.60 -15.39 -45.51
CA ASP I 309 50.11 -14.53 -46.57
C ASP I 309 49.27 -13.25 -46.75
N GLY I 310 48.38 -12.93 -45.81
CA GLY I 310 47.64 -11.69 -45.87
C GLY I 310 46.42 -11.68 -46.78
N THR I 311 46.05 -12.81 -47.39
CA THR I 311 44.97 -12.85 -48.38
C THR I 311 43.65 -13.36 -47.79
N ILE I 312 42.55 -12.91 -48.41
CA ILE I 312 41.20 -13.18 -47.96
C ILE I 312 40.40 -13.75 -49.13
N PRO I 313 40.22 -15.06 -49.23
CA PRO I 313 39.58 -15.64 -50.42
C PRO I 313 38.14 -15.19 -50.55
N GLY I 314 37.84 -14.50 -51.65
CA GLY I 314 36.48 -14.15 -51.99
C GLY I 314 36.08 -12.73 -51.65
N TYR I 315 36.83 -12.06 -50.78
CA TYR I 315 36.50 -10.70 -50.40
C TYR I 315 36.64 -9.75 -51.60
N ASP I 316 35.62 -8.94 -51.84
CA ASP I 316 35.56 -8.07 -53.01
C ASP I 316 34.51 -6.97 -52.81
N PRO I 317 34.82 -5.92 -52.04
CA PRO I 317 33.89 -4.86 -51.60
C PRO I 317 33.68 -3.70 -52.57
N ALA J 40 -0.54 -1.46 22.58
CA ALA J 40 -1.97 -1.13 22.54
C ALA J 40 -2.86 -2.30 23.00
N GLY J 41 -3.65 -2.11 24.09
CA GLY J 41 -4.70 -3.02 24.51
C GLY J 41 -4.55 -3.46 25.96
N ALA J 42 -5.33 -4.47 26.35
CA ALA J 42 -5.20 -5.13 27.63
C ALA J 42 -5.68 -6.58 27.50
N ALA J 43 -5.16 -7.44 28.38
CA ALA J 43 -5.47 -8.86 28.25
C ALA J 43 -6.94 -9.12 28.55
N PRO J 44 -7.58 -10.00 27.80
CA PRO J 44 -8.97 -10.34 28.06
C PRO J 44 -9.08 -11.41 29.15
N ALA J 45 -10.31 -11.58 29.66
CA ALA J 45 -10.58 -12.69 30.56
C ALA J 45 -10.39 -14.01 29.82
N GLY J 46 -9.82 -15.00 30.50
CA GLY J 46 -9.47 -16.24 29.86
C GLY J 46 -10.43 -17.38 30.17
N GLY J 47 -10.27 -18.47 29.43
CA GLY J 47 -11.09 -19.64 29.59
C GLY J 47 -11.18 -20.43 28.31
N GLU J 48 -10.49 -19.97 27.27
CA GLU J 48 -10.55 -20.66 25.99
C GLU J 48 -9.70 -21.92 26.04
N VAL J 49 -10.17 -22.95 25.36
CA VAL J 49 -9.39 -24.16 25.18
C VAL J 49 -8.62 -24.03 23.88
N ARG J 50 -7.30 -24.26 23.94
CA ARG J 50 -6.45 -24.08 22.76
C ARG J 50 -5.65 -25.33 22.45
N ARG J 51 -5.30 -25.44 21.18
CA ARG J 51 -4.47 -26.49 20.65
C ARG J 51 -3.37 -25.84 19.83
N VAL J 52 -2.15 -26.37 19.96
CA VAL J 52 -1.05 -26.10 19.06
C VAL J 52 -0.33 -27.41 18.82
N THR J 53 0.31 -27.51 17.67
CA THR J 53 1.30 -28.55 17.44
C THR J 53 2.68 -27.99 17.75
N MET J 54 3.54 -28.82 18.33
CA MET J 54 4.90 -28.45 18.64
C MET J 54 5.81 -29.59 18.23
N TYR J 55 6.98 -29.25 17.68
CA TYR J 55 7.97 -30.24 17.26
C TYR J 55 9.30 -30.03 17.94
N ALA J 56 9.92 -31.13 18.39
CA ALA J 56 11.34 -31.14 18.70
C ALA J 56 12.12 -31.53 17.45
N GLU J 57 13.10 -30.71 17.07
CA GLU J 57 13.84 -30.90 15.83
C GLU J 57 15.31 -30.59 16.01
N ARG J 58 16.16 -31.42 15.43
CA ARG J 58 17.58 -31.08 15.29
C ARG J 58 17.74 -29.81 14.48
N LEU J 59 18.71 -28.98 14.87
CA LEU J 59 19.11 -27.85 14.03
C LEU J 59 20.61 -27.90 13.77
N ALA J 60 21.08 -26.99 12.91
CA ALA J 60 22.48 -26.95 12.52
C ALA J 60 23.40 -26.88 13.74
N GLY J 61 24.48 -27.65 13.71
CA GLY J 61 25.54 -27.50 14.69
C GLY J 61 25.28 -28.20 16.00
N GLY J 62 24.63 -29.36 15.97
CA GLY J 62 24.33 -30.11 17.18
C GLY J 62 23.28 -29.49 18.08
N GLN J 63 22.65 -28.41 17.65
CA GLN J 63 21.61 -27.75 18.41
C GLN J 63 20.27 -28.46 18.21
N MET J 64 19.38 -28.27 19.18
CA MET J 64 18.02 -28.78 19.12
C MET J 64 17.06 -27.68 19.55
N GLY J 65 15.87 -27.71 18.97
CA GLY J 65 14.94 -26.62 19.12
C GLY J 65 13.52 -27.12 19.03
N TYR J 66 12.63 -26.29 19.54
CA TYR J 66 11.20 -26.50 19.48
C TYR J 66 10.62 -25.58 18.42
N GLY J 67 9.57 -26.04 17.76
CA GLY J 67 8.90 -25.21 16.77
C GLY J 67 7.42 -25.51 16.74
N LEU J 68 6.64 -24.52 16.29
CA LEU J 68 5.21 -24.69 16.09
C LEU J 68 4.89 -25.35 14.76
N GLU J 69 5.73 -25.14 13.73
CA GLU J 69 5.59 -25.80 12.44
C GLU J 69 6.86 -26.59 12.11
N LYS J 70 6.65 -27.76 11.51
CA LYS J 70 7.74 -28.64 11.11
C LYS J 70 8.75 -27.90 10.23
N GLY J 71 10.04 -28.18 10.47
CA GLY J 71 11.11 -27.47 9.79
C GLY J 71 11.34 -26.04 10.22
N LYS J 72 10.64 -25.54 11.24
CA LYS J 72 10.71 -24.13 11.60
C LYS J 72 11.04 -23.95 13.09
N ALA J 73 11.86 -24.82 13.65
CA ALA J 73 12.20 -24.71 15.06
C ALA J 73 13.10 -23.49 15.27
N SER J 74 13.15 -23.01 16.52
CA SER J 74 13.92 -21.81 16.85
C SER J 74 14.53 -21.94 18.25
N ILE J 75 15.62 -21.20 18.49
CA ILE J 75 16.15 -21.07 19.86
C ILE J 75 16.20 -19.57 20.18
N PRO J 76 15.46 -19.10 21.20
CA PRO J 76 14.52 -19.84 22.05
C PRO J 76 13.35 -20.33 21.23
N GLY J 77 12.62 -21.34 21.74
CA GLY J 77 11.44 -21.82 21.08
C GLY J 77 10.35 -20.76 21.01
N PRO J 78 9.23 -21.12 20.39
CA PRO J 78 8.17 -20.14 20.16
C PRO J 78 7.56 -19.64 21.46
N LEU J 79 7.16 -18.36 21.44
CA LEU J 79 6.54 -17.75 22.61
C LEU J 79 5.10 -18.19 22.72
N ILE J 80 4.74 -18.75 23.85
CA ILE J 80 3.39 -19.22 24.09
C ILE J 80 2.73 -18.22 25.03
N GLU J 81 1.57 -17.70 24.62
CA GLU J 81 0.77 -16.75 25.42
C GLU J 81 -0.55 -17.31 25.73
N LEU J 82 -0.89 -17.18 26.97
CA LEU J 82 -2.16 -17.66 27.51
C LEU J 82 -2.77 -16.57 28.38
N ASN J 83 -4.10 -16.61 28.52
CA ASN J 83 -4.79 -15.82 29.52
C ASN J 83 -5.27 -16.76 30.64
N GLU J 84 -5.16 -16.29 31.89
CA GLU J 84 -5.54 -17.11 33.05
C GLU J 84 -6.89 -17.78 32.83
N GLY J 85 -6.90 -19.11 33.00
CA GLY J 85 -8.05 -19.92 32.74
C GLY J 85 -7.97 -20.70 31.44
N ASP J 86 -7.22 -20.19 30.46
CA ASP J 86 -6.97 -20.96 29.25
C ASP J 86 -6.44 -22.34 29.59
N THR J 87 -6.75 -23.29 28.73
CA THR J 87 -6.14 -24.61 28.71
C THR J 87 -5.46 -24.74 27.35
N LEU J 88 -4.21 -25.21 27.33
CA LEU J 88 -3.50 -25.43 26.08
C LEU J 88 -3.17 -26.91 25.94
N HIS J 89 -3.60 -27.51 24.84
CA HIS J 89 -3.21 -28.86 24.49
C HIS J 89 -2.10 -28.76 23.46
N VAL J 90 -0.92 -29.25 23.83
CA VAL J 90 0.23 -29.20 22.95
C VAL J 90 0.34 -30.58 22.31
N GLU J 91 0.07 -30.71 21.02
CA GLU J 91 0.23 -31.98 20.31
C GLU J 91 1.69 -32.01 19.90
N PHE J 92 2.45 -32.81 20.59
CA PHE J 92 3.91 -32.76 20.54
C PHE J 92 4.48 -33.92 19.72
N GLU J 93 5.40 -33.60 18.79
CA GLU J 93 6.06 -34.62 17.99
C GLU J 93 7.57 -34.53 18.16
N ASN J 94 8.19 -35.66 18.48
CA ASN J 94 9.65 -35.74 18.52
C ASN J 94 10.15 -36.23 17.18
N THR J 95 10.71 -35.32 16.38
CA THR J 95 11.21 -35.70 15.09
C THR J 95 12.69 -36.06 15.11
N MET J 96 13.30 -36.20 16.28
CA MET J 96 14.72 -36.52 16.39
C MET J 96 14.93 -38.00 16.64
N ASP J 97 16.20 -38.41 16.61
CA ASP J 97 16.60 -39.80 16.85
C ASP J 97 16.89 -40.10 18.32
N VAL J 98 16.63 -39.18 19.23
CA VAL J 98 16.83 -39.46 20.66
C VAL J 98 15.57 -39.04 21.38
N PRO J 99 15.34 -39.54 22.60
CA PRO J 99 14.16 -39.13 23.34
C PRO J 99 14.25 -37.65 23.68
N VAL J 100 13.08 -37.04 23.89
CA VAL J 100 12.97 -35.63 24.23
C VAL J 100 11.73 -35.48 25.12
N SER J 101 11.56 -34.31 25.72
CA SER J 101 10.42 -34.06 26.57
C SER J 101 10.06 -32.57 26.54
N LEU J 102 8.89 -32.25 27.09
CA LEU J 102 8.44 -30.88 27.24
C LEU J 102 7.95 -30.73 28.68
N HIS J 103 8.66 -29.95 29.49
CA HIS J 103 8.29 -29.71 30.88
C HIS J 103 8.15 -28.22 31.06
N VAL J 104 7.12 -27.79 31.81
CA VAL J 104 6.81 -26.38 31.89
C VAL J 104 6.85 -25.92 33.34
N HIS J 105 7.25 -24.67 33.52
CA HIS J 105 7.22 -24.03 34.82
C HIS J 105 5.94 -23.26 35.04
N GLY J 106 5.42 -23.32 36.28
CA GLY J 106 4.38 -22.40 36.70
C GLY J 106 2.96 -22.74 36.31
N LEU J 107 2.75 -23.36 35.16
CA LEU J 107 1.40 -23.72 34.72
C LEU J 107 0.94 -24.99 35.44
N ASP J 108 -0.36 -25.24 35.40
CA ASP J 108 -0.92 -26.43 36.03
C ASP J 108 -0.86 -27.58 35.04
N TYR J 109 -0.35 -28.72 35.50
CA TYR J 109 -0.35 -29.93 34.69
C TYR J 109 -0.50 -31.12 35.63
N GLU J 110 -1.17 -32.16 35.17
CA GLU J 110 -1.15 -33.40 35.93
C GLU J 110 0.20 -34.07 35.71
N ILE J 111 0.49 -35.08 36.54
CA ILE J 111 1.81 -35.71 36.48
C ILE J 111 2.08 -36.37 35.13
N SER J 112 1.05 -36.62 34.33
CA SER J 112 1.23 -37.24 33.02
C SER J 112 1.75 -36.26 31.98
N SER J 113 1.71 -34.96 32.26
CA SER J 113 2.34 -33.96 31.41
C SER J 113 3.53 -33.33 32.12
N ASP J 114 4.12 -34.10 33.06
CA ASP J 114 5.36 -33.72 33.73
C ASP J 114 6.51 -33.57 32.74
N GLY J 115 6.54 -34.42 31.72
CA GLY J 115 7.65 -34.34 30.79
C GLY J 115 8.93 -34.88 31.40
N THR J 116 8.84 -35.75 32.40
CA THR J 116 10.00 -36.44 32.94
C THR J 116 9.94 -37.91 32.57
N LYS J 117 11.11 -38.54 32.46
CA LYS J 117 11.16 -40.00 32.35
C LYS J 117 10.74 -40.67 33.64
N GLN J 118 11.08 -40.04 34.77
CA GLN J 118 10.69 -40.55 36.08
C GLN J 118 9.19 -40.83 36.19
N ASN J 119 8.35 -40.03 35.53
CA ASN J 119 6.92 -40.28 35.45
C ASN J 119 6.50 -40.72 34.06
N LYS J 120 7.45 -41.18 33.25
CA LYS J 120 7.19 -41.83 31.97
C LYS J 120 6.37 -40.95 31.01
N SER J 121 6.61 -39.62 31.05
CA SER J 121 5.95 -38.69 30.14
C SER J 121 6.91 -38.03 29.15
N HIS J 122 8.04 -38.67 28.84
CA HIS J 122 8.90 -38.23 27.75
C HIS J 122 8.36 -38.77 26.42
N VAL J 123 9.01 -38.42 25.31
CA VAL J 123 8.59 -38.81 23.97
C VAL J 123 9.73 -39.53 23.28
N GLU J 124 9.48 -40.77 22.87
N GLU J 124 9.49 -40.76 22.87
CA GLU J 124 10.51 -41.59 22.25
CA GLU J 124 10.53 -41.57 22.26
C GLU J 124 10.80 -41.10 20.83
C GLU J 124 10.81 -41.11 20.83
N PRO J 125 11.97 -41.46 20.27
CA PRO J 125 12.28 -41.06 18.89
C PRO J 125 11.16 -41.40 17.92
N GLY J 126 10.77 -40.41 17.12
CA GLY J 126 9.65 -40.53 16.21
C GLY J 126 8.30 -40.48 16.87
N GLY J 127 8.25 -40.38 18.20
CA GLY J 127 7.01 -40.51 18.93
C GLY J 127 6.21 -39.24 18.94
N THR J 128 4.96 -39.36 19.36
N THR J 128 4.98 -39.37 19.42
CA THR J 128 4.10 -38.21 19.54
CA THR J 128 4.04 -38.27 19.52
C THR J 128 3.34 -38.36 20.85
C THR J 128 3.31 -38.38 20.85
N ARG J 129 2.84 -37.25 21.36
CA ARG J 129 2.14 -37.21 22.65
C ARG J 129 1.51 -35.84 22.80
N THR J 130 0.36 -35.79 23.47
CA THR J 130 -0.30 -34.51 23.72
C THR J 130 0.00 -34.11 25.16
N TYR J 131 0.63 -32.96 25.35
CA TYR J 131 0.82 -32.39 26.68
C TYR J 131 -0.29 -31.38 26.91
N THR J 132 -0.82 -31.38 28.13
CA THR J 132 -1.95 -30.52 28.48
C THR J 132 -1.51 -29.59 29.59
N TRP J 133 -1.53 -28.29 29.31
CA TRP J 133 -1.25 -27.23 30.28
C TRP J 133 -2.55 -26.50 30.61
N ARG J 134 -2.76 -26.22 31.91
CA ARG J 134 -3.93 -25.52 32.42
C ARG J 134 -3.49 -24.32 33.24
N THR J 135 -4.35 -23.29 33.29
CA THR J 135 -4.11 -22.11 34.11
C THR J 135 -5.38 -21.76 34.87
N HIS J 136 -5.21 -21.02 35.96
CA HIS J 136 -6.30 -20.68 36.86
C HIS J 136 -6.24 -19.21 37.20
N GLU J 137 -7.41 -18.63 37.45
CA GLU J 137 -7.48 -17.26 37.93
C GLU J 137 -7.16 -17.22 39.43
N PRO J 138 -6.80 -16.07 39.96
CA PRO J 138 -6.66 -15.95 41.41
C PRO J 138 -8.04 -15.99 42.08
N GLY J 139 -8.12 -16.01 43.40
CA GLY J 139 -9.44 -16.06 43.99
C GLY J 139 -9.42 -16.56 45.42
N ARG J 140 -10.47 -16.20 46.14
CA ARG J 140 -10.55 -16.53 47.57
C ARG J 140 -10.92 -17.99 47.74
N ARG J 141 -10.13 -18.70 48.53
CA ARG J 141 -10.45 -20.08 48.87
C ARG J 141 -11.54 -20.12 49.96
N ALA J 142 -12.23 -21.27 50.03
CA ALA J 142 -13.20 -21.52 51.10
C ALA J 142 -12.58 -21.28 52.48
N ASP J 143 -11.42 -21.86 52.74
CA ASP J 143 -10.78 -21.57 54.02
C ASP J 143 -10.37 -20.03 54.19
N GLY J 144 -10.74 -19.13 53.28
CA GLY J 144 -10.49 -17.71 53.46
C GLY J 144 -9.15 -17.20 52.94
N THR J 145 -8.25 -18.09 52.49
CA THR J 145 -6.97 -17.65 51.95
C THR J 145 -7.11 -17.30 50.47
N TRP J 146 -6.13 -16.56 49.98
CA TRP J 146 -6.15 -16.05 48.61
C TRP J 146 -5.23 -16.91 47.73
N ARG J 147 -5.82 -17.80 46.94
CA ARG J 147 -5.05 -18.59 45.97
C ARG J 147 -4.54 -17.71 44.85
N ALA J 148 -3.24 -17.77 44.59
CA ALA J 148 -2.65 -16.97 43.52
C ALA J 148 -3.02 -17.52 42.15
N GLY J 149 -3.06 -16.63 41.17
CA GLY J 149 -3.36 -17.05 39.81
C GLY J 149 -2.08 -17.47 39.07
N SER J 150 -2.27 -18.03 37.87
CA SER J 150 -1.15 -18.52 37.08
C SER J 150 -0.32 -17.41 36.45
N ALA J 151 -0.87 -16.19 36.33
CA ALA J 151 -0.21 -15.12 35.59
C ALA J 151 1.26 -14.99 35.95
N GLY J 152 2.10 -14.89 34.93
CA GLY J 152 3.49 -14.59 35.16
C GLY J 152 4.32 -14.83 33.92
N TYR J 153 5.64 -14.77 34.12
CA TYR J 153 6.64 -15.03 33.10
C TYR J 153 7.26 -16.40 33.39
N TRP J 154 6.99 -17.35 32.51
CA TRP J 154 7.29 -18.76 32.72
C TRP J 154 8.04 -19.29 31.50
N HIS J 155 8.37 -20.58 31.53
CA HIS J 155 9.14 -21.16 30.45
C HIS J 155 8.96 -22.67 30.43
N TYR J 156 9.27 -23.25 29.29
CA TYR J 156 9.31 -24.69 29.12
C TYR J 156 10.70 -25.08 28.62
N HIS J 157 11.08 -26.32 28.87
CA HIS J 157 12.38 -26.82 28.41
C HIS J 157 12.34 -28.34 28.44
N ASP J 158 13.31 -28.96 27.75
CA ASP J 158 13.45 -30.42 27.77
C ASP J 158 13.90 -30.93 29.15
N HIS J 159 13.52 -32.17 29.46
CA HIS J 159 13.88 -32.77 30.73
C HIS J 159 14.64 -34.09 30.64
N VAL J 160 15.13 -34.48 29.45
CA VAL J 160 15.40 -35.88 29.14
C VAL J 160 16.64 -36.06 28.25
N VAL J 161 17.02 -35.04 27.48
CA VAL J 161 18.18 -35.15 26.59
C VAL J 161 19.46 -34.96 27.40
N GLY J 162 20.38 -35.93 27.28
CA GLY J 162 21.66 -35.85 27.96
C GLY J 162 21.66 -36.40 29.37
N THR J 163 20.75 -35.92 30.20
CA THR J 163 20.53 -36.48 31.54
C THR J 163 19.04 -36.49 31.84
N GLU J 164 18.69 -37.06 33.01
CA GLU J 164 17.30 -37.06 33.46
C GLU J 164 16.82 -35.68 33.96
N HIS J 165 17.64 -34.65 33.84
CA HIS J 165 17.21 -33.27 34.03
C HIS J 165 17.37 -32.41 32.77
N GLY J 166 17.49 -33.04 31.60
CA GLY J 166 17.58 -32.30 30.35
C GLY J 166 18.80 -31.42 30.21
N THR J 167 19.88 -31.73 30.94
CA THR J 167 21.07 -30.87 30.87
C THR J 167 21.59 -30.73 29.43
N GLY J 168 21.54 -31.81 28.66
CA GLY J 168 21.98 -31.74 27.29
C GLY J 168 20.99 -31.02 26.41
N GLY J 169 19.69 -31.28 26.61
CA GLY J 169 18.69 -30.66 25.76
C GLY J 169 18.63 -29.16 25.95
N ILE J 170 18.75 -28.71 27.21
CA ILE J 170 18.81 -27.29 27.51
C ILE J 170 20.07 -26.66 26.89
N ARG J 171 21.21 -27.31 27.07
CA ARG J 171 22.44 -26.85 26.46
C ARG J 171 22.28 -26.71 24.95
N ASN J 172 21.51 -27.59 24.34
CA ASN J 172 21.37 -27.58 22.89
C ASN J 172 20.33 -26.58 22.38
N GLY J 173 19.46 -26.06 23.25
CA GLY J 173 18.52 -25.02 22.82
C GLY J 173 17.06 -25.29 23.09
N LEU J 174 16.75 -26.38 23.81
CA LEU J 174 15.38 -26.84 23.99
C LEU J 174 14.76 -26.08 25.17
N TYR J 175 14.50 -24.80 24.93
CA TYR J 175 13.86 -23.96 25.92
C TYR J 175 13.05 -22.88 25.20
N GLY J 176 11.94 -22.47 25.80
CA GLY J 176 11.11 -21.44 25.23
C GLY J 176 10.30 -20.71 26.28
N PRO J 177 9.88 -19.50 25.96
CA PRO J 177 9.14 -18.66 26.94
C PRO J 177 7.65 -18.92 26.94
N VAL J 178 7.06 -18.79 28.13
CA VAL J 178 5.62 -18.84 28.35
C VAL J 178 5.21 -17.61 29.13
N ILE J 179 4.26 -16.84 28.59
CA ILE J 179 3.66 -15.69 29.27
C ILE J 179 2.21 -16.04 29.54
N VAL J 180 1.79 -15.99 30.81
CA VAL J 180 0.39 -16.12 31.19
C VAL J 180 -0.11 -14.78 31.72
N ARG J 181 -1.17 -14.25 31.09
CA ARG J 181 -1.68 -12.92 31.37
C ARG J 181 -2.90 -12.98 32.29
N ARG J 182 -2.97 -12.03 33.22
CA ARG J 182 -4.18 -11.74 33.98
C ARG J 182 -5.04 -10.73 33.23
N LYS J 183 -6.36 -10.85 33.40
CA LYS J 183 -7.30 -9.89 32.81
C LYS J 183 -6.90 -8.46 33.12
N GLY J 184 -6.94 -7.61 32.10
CA GLY J 184 -6.58 -6.22 32.26
C GLY J 184 -5.09 -5.93 32.24
N ASP J 185 -4.25 -6.96 32.14
CA ASP J 185 -2.82 -6.75 31.98
C ASP J 185 -2.56 -5.91 30.73
N VAL J 186 -1.64 -4.94 30.85
CA VAL J 186 -1.30 -4.10 29.72
C VAL J 186 -0.60 -4.93 28.66
N LEU J 187 -1.06 -4.81 27.41
CA LEU J 187 -0.35 -5.57 26.38
C LEU J 187 0.70 -4.71 25.70
N PRO J 188 1.84 -5.29 25.34
CA PRO J 188 2.92 -4.52 24.75
C PRO J 188 2.82 -4.42 23.23
N ASP J 189 3.61 -3.51 22.67
CA ASP J 189 3.74 -3.48 21.21
C ASP J 189 4.62 -4.61 20.70
N ALA J 190 5.58 -5.05 21.52
CA ALA J 190 6.55 -6.05 21.09
C ALA J 190 6.99 -6.83 22.32
N THR J 191 7.41 -8.07 22.10
CA THR J 191 7.94 -8.94 23.15
C THR J 191 9.24 -9.52 22.65
N HIS J 192 10.27 -9.49 23.49
CA HIS J 192 11.58 -10.03 23.13
C HIS J 192 12.03 -10.97 24.24
N THR J 193 12.56 -12.13 23.87
CA THR J 193 12.99 -13.09 24.87
C THR J 193 14.52 -13.19 24.89
N ILE J 194 15.08 -13.08 26.08
CA ILE J 194 16.52 -13.05 26.31
C ILE J 194 16.83 -14.19 27.27
N VAL J 195 17.53 -15.21 26.78
CA VAL J 195 17.87 -16.37 27.61
C VAL J 195 19.36 -16.35 27.86
N PHE J 196 19.74 -16.29 29.12
CA PHE J 196 21.14 -16.44 29.55
C PHE J 196 21.36 -17.94 29.72
N ASN J 197 21.96 -18.59 28.72
CA ASN J 197 22.08 -20.04 28.74
C ASN J 197 23.56 -20.37 28.81
N ASP J 198 23.98 -20.89 29.96
CA ASP J 198 25.41 -20.99 30.28
C ASP J 198 26.07 -19.64 30.00
N MET J 199 27.01 -19.60 29.08
CA MET J 199 27.73 -18.37 28.78
C MET J 199 27.27 -17.74 27.46
N THR J 200 26.03 -17.98 27.04
CA THR J 200 25.52 -17.40 25.81
C THR J 200 24.21 -16.64 26.09
N ILE J 201 23.79 -15.85 25.09
CA ILE J 201 22.43 -15.33 25.00
C ILE J 201 21.74 -16.05 23.85
N ASN J 202 20.65 -16.77 24.14
CA ASN J 202 19.90 -17.51 23.12
C ASN J 202 20.81 -18.40 22.27
N ASN J 203 21.79 -19.05 22.92
CA ASN J 203 22.71 -19.99 22.28
C ASN J 203 23.54 -19.35 21.16
N ARG J 204 23.61 -18.01 21.12
CA ARG J 204 24.34 -17.32 20.06
C ARG J 204 25.84 -17.28 20.35
N PRO J 205 26.66 -17.22 19.29
CA PRO J 205 28.11 -17.01 19.47
C PRO J 205 28.42 -15.72 20.21
N ALA J 206 29.59 -15.70 20.84
CA ALA J 206 29.94 -14.55 21.68
C ALA J 206 29.87 -13.26 20.87
N HIS J 207 29.36 -12.20 21.52
CA HIS J 207 29.30 -10.85 20.96
C HIS J 207 28.45 -10.78 19.70
N THR J 208 27.38 -11.54 19.65
CA THR J 208 26.50 -11.48 18.48
C THR J 208 25.08 -11.20 18.92
N GLY J 209 24.94 -10.37 19.94
CA GLY J 209 23.64 -10.01 20.42
C GLY J 209 22.91 -11.20 21.00
N PRO J 210 21.62 -11.33 20.68
CA PRO J 210 20.97 -10.59 19.60
C PRO J 210 20.55 -9.16 19.94
N ASN J 211 20.40 -8.34 18.92
CA ASN J 211 19.86 -6.99 19.07
C ASN J 211 18.38 -6.97 18.81
N PHE J 212 17.71 -5.98 19.40
CA PHE J 212 16.27 -5.80 19.24
C PHE J 212 16.01 -4.34 18.93
N GLU J 213 15.03 -4.09 18.06
CA GLU J 213 14.75 -2.74 17.60
C GLU J 213 13.43 -2.25 18.13
N ALA J 214 13.40 -0.98 18.50
CA ALA J 214 12.13 -0.37 18.84
C ALA J 214 12.20 1.09 18.43
N THR J 215 11.04 1.72 18.39
CA THR J 215 10.93 3.15 18.22
C THR J 215 10.64 3.77 19.57
N VAL J 216 11.23 4.94 19.84
CA VAL J 216 10.93 5.70 21.04
C VAL J 216 9.42 5.69 21.24
N GLY J 217 8.97 5.43 22.47
CA GLY J 217 7.57 5.38 22.80
C GLY J 217 6.96 3.99 22.80
N ASP J 218 7.51 3.06 22.03
CA ASP J 218 6.99 1.68 22.02
C ASP J 218 6.96 1.09 23.42
N ARG J 219 5.88 0.37 23.73
CA ARG J 219 5.80 -0.43 24.94
C ARG J 219 6.41 -1.81 24.65
N VAL J 220 7.63 -2.03 25.15
CA VAL J 220 8.40 -3.23 24.85
C VAL J 220 8.42 -4.16 26.06
N GLU J 221 8.07 -5.43 25.83
CA GLU J 221 8.10 -6.46 26.84
C GLU J 221 9.34 -7.35 26.65
N ILE J 222 10.02 -7.64 27.76
CA ILE J 222 11.17 -8.55 27.78
C ILE J 222 10.81 -9.73 28.66
N VAL J 223 10.95 -10.92 28.12
CA VAL J 223 10.95 -12.13 28.94
C VAL J 223 12.41 -12.53 29.12
N MET J 224 12.78 -12.83 30.36
CA MET J 224 14.19 -13.06 30.66
C MET J 224 14.29 -14.38 31.43
N ILE J 225 14.97 -15.35 30.81
CA ILE J 225 15.12 -16.70 31.34
C ILE J 225 16.60 -17.01 31.47
N THR J 226 16.95 -17.82 32.46
CA THR J 226 18.32 -18.25 32.68
C THR J 226 18.37 -19.77 32.71
N HIS J 227 19.46 -20.33 32.19
CA HIS J 227 19.60 -21.78 32.20
C HIS J 227 21.08 -22.13 32.37
N GLY J 228 21.34 -23.35 32.82
CA GLY J 228 22.69 -23.89 32.77
C GLY J 228 23.35 -24.09 34.11
N GLU J 229 24.59 -23.59 34.25
CA GLU J 229 25.41 -23.82 35.44
C GLU J 229 25.69 -22.57 36.24
N TYR J 230 25.52 -21.40 35.63
CA TYR J 230 26.09 -20.14 36.11
C TYR J 230 24.97 -19.23 36.58
N TYR J 231 25.26 -18.46 37.63
CA TYR J 231 24.45 -17.29 37.96
C TYR J 231 24.87 -16.14 37.06
N HIS J 232 23.96 -15.19 36.85
CA HIS J 232 24.25 -14.03 36.03
C HIS J 232 23.63 -12.79 36.68
N THR J 233 24.02 -11.62 36.19
CA THR J 233 23.32 -10.38 36.53
C THR J 233 22.91 -9.67 35.25
N PHE J 234 21.60 -9.57 35.02
CA PHE J 234 21.05 -8.96 33.82
C PHE J 234 20.86 -7.46 34.04
N HIS J 235 21.45 -6.66 33.15
CA HIS J 235 21.45 -5.21 33.23
C HIS J 235 21.05 -4.62 31.88
N MET J 236 20.22 -3.58 31.92
CA MET J 236 19.79 -2.85 30.74
C MET J 236 20.22 -1.40 30.88
N HIS J 237 21.06 -0.91 29.96
CA HIS J 237 21.39 0.51 30.04
C HIS J 237 20.13 1.34 29.75
N GLY J 238 20.00 2.45 30.46
CA GLY J 238 19.05 3.49 30.10
C GLY J 238 17.60 3.23 30.46
N HIS J 239 17.26 2.06 30.97
CA HIS J 239 15.88 1.69 31.26
C HIS J 239 15.85 0.88 32.55
N ALA J 240 14.80 1.08 33.36
CA ALA J 240 14.64 0.40 34.64
C ALA J 240 13.21 -0.10 34.77
N TRP J 241 12.98 -1.01 35.72
CA TRP J 241 11.69 -1.66 35.85
C TRP J 241 11.45 -2.03 37.32
N ALA J 242 10.23 -2.45 37.62
CA ALA J 242 9.83 -2.80 38.97
C ALA J 242 10.01 -4.30 39.20
N ASP J 243 10.57 -4.65 40.36
CA ASP J 243 10.82 -6.05 40.70
C ASP J 243 9.55 -6.65 41.31
N ASN J 244 8.55 -6.84 40.45
CA ASN J 244 7.29 -7.47 40.84
C ASN J 244 6.77 -8.28 39.65
N ARG J 245 5.53 -8.74 39.73
CA ARG J 245 5.04 -9.71 38.74
C ARG J 245 5.16 -9.15 37.32
N THR J 246 4.53 -8.00 37.07
CA THR J 246 4.41 -7.45 35.73
C THR J 246 5.62 -6.61 35.32
N GLY J 247 6.48 -6.24 36.27
CA GLY J 247 7.57 -5.34 36.00
C GLY J 247 7.21 -3.87 36.02
N MET J 248 5.95 -3.55 36.27
CA MET J 248 5.47 -2.17 36.40
C MET J 248 4.89 -1.98 37.80
N LEU J 249 5.21 -0.85 38.43
CA LEU J 249 4.59 -0.54 39.72
C LEU J 249 3.08 -0.47 39.55
N THR J 250 2.35 -0.98 40.56
CA THR J 250 0.89 -0.99 40.49
C THR J 250 0.28 0.39 40.70
N GLY J 251 1.04 1.32 41.28
CA GLY J 251 0.54 2.63 41.59
C GLY J 251 1.42 3.29 42.64
N PRO J 252 0.98 4.42 43.18
CA PRO J 252 1.75 5.07 44.27
C PRO J 252 2.00 4.16 45.48
N ASP J 253 1.24 3.08 45.65
CA ASP J 253 1.35 2.26 46.85
C ASP J 253 2.35 1.12 46.74
N ASP J 254 2.76 0.78 45.54
CA ASP J 254 3.58 -0.40 45.30
C ASP J 254 4.98 -0.16 45.82
N PRO J 255 5.44 -0.90 46.83
CA PRO J 255 6.79 -0.68 47.39
C PRO J 255 7.91 -1.47 46.73
N SER J 256 7.64 -2.27 45.70
CA SER J 256 8.69 -3.05 45.05
C SER J 256 9.84 -2.17 44.63
N GLN J 257 11.06 -2.69 44.75
CA GLN J 257 12.22 -1.92 44.38
C GLN J 257 12.23 -1.66 42.88
N VAL J 258 12.75 -0.50 42.48
CA VAL J 258 12.97 -0.17 41.08
C VAL J 258 14.44 -0.37 40.80
N ILE J 259 14.74 -1.20 39.80
CA ILE J 259 16.07 -1.74 39.56
C ILE J 259 16.37 -1.68 38.07
N ASP J 260 17.65 -1.78 37.75
CA ASP J 260 18.08 -1.96 36.37
C ASP J 260 19.08 -3.11 36.27
N ASN J 261 19.28 -3.87 37.35
CA ASN J 261 20.28 -4.93 37.44
C ASN J 261 19.63 -6.06 38.26
N LYS J 262 19.74 -7.30 37.81
CA LYS J 262 19.07 -8.35 38.59
C LYS J 262 19.84 -9.66 38.51
N ILE J 263 20.20 -10.19 39.69
CA ILE J 263 20.87 -11.48 39.73
C ILE J 263 19.86 -12.57 39.40
N CYS J 264 20.30 -13.59 38.67
CA CYS J 264 19.38 -14.65 38.24
C CYS J 264 20.17 -15.95 38.09
N GLY J 265 19.49 -17.07 38.36
CA GLY J 265 20.12 -18.36 38.28
C GLY J 265 19.37 -19.33 37.39
N PRO J 266 20.02 -20.45 37.08
CA PRO J 266 19.36 -21.49 36.26
C PRO J 266 17.90 -21.70 36.60
N ALA J 267 17.06 -21.42 35.59
CA ALA J 267 15.61 -21.64 35.54
C ALA J 267 14.84 -20.50 36.19
N ASP J 268 15.54 -19.43 36.52
CA ASP J 268 14.82 -18.23 36.94
C ASP J 268 14.14 -17.63 35.72
N SER J 269 12.95 -17.08 35.91
CA SER J 269 12.37 -16.32 34.83
C SER J 269 11.63 -15.13 35.40
N PHE J 270 11.78 -13.99 34.73
CA PHE J 270 11.01 -12.79 35.04
C PHE J 270 10.74 -12.08 33.74
N GLY J 271 9.83 -11.12 33.80
CA GLY J 271 9.59 -10.25 32.67
C GLY J 271 9.31 -8.84 33.13
N PHE J 272 9.33 -7.92 32.17
CA PHE J 272 8.95 -6.55 32.43
C PHE J 272 8.53 -5.88 31.14
N GLN J 273 7.92 -4.71 31.30
CA GLN J 273 7.53 -3.84 30.20
C GLN J 273 8.13 -2.48 30.47
N ILE J 274 8.81 -1.93 29.47
CA ILE J 274 9.41 -0.61 29.51
C ILE J 274 8.96 0.17 28.28
N ILE J 275 9.01 1.48 28.40
CA ILE J 275 8.69 2.39 27.31
C ILE J 275 10.01 2.77 26.65
N ALA J 276 10.17 2.41 25.37
CA ALA J 276 11.46 2.55 24.70
C ALA J 276 11.96 3.98 24.74
N GLY J 277 13.16 4.18 25.27
CA GLY J 277 13.77 5.49 25.37
C GLY J 277 13.16 6.45 26.37
N GLU J 278 12.21 6.02 27.20
CA GLU J 278 11.50 6.94 28.07
C GLU J 278 12.45 7.68 28.98
N GLY J 279 12.40 9.01 28.92
CA GLY J 279 13.31 9.85 29.67
C GLY J 279 14.73 9.85 29.17
N VAL J 280 15.09 8.98 28.24
CA VAL J 280 16.48 8.86 27.82
C VAL J 280 16.68 9.03 26.32
N GLY J 281 15.65 8.81 25.49
CA GLY J 281 15.76 9.10 24.07
C GLY J 281 16.34 7.94 23.26
N ALA J 282 16.50 8.20 21.95
CA ALA J 282 16.99 7.18 21.03
C ALA J 282 18.48 6.92 21.26
N GLY J 283 18.93 5.77 20.81
CA GLY J 283 20.33 5.41 20.91
C GLY J 283 20.51 3.90 20.90
N ALA J 284 21.76 3.48 20.77
CA ALA J 284 22.09 2.05 20.84
C ALA J 284 22.35 1.71 22.31
N TRP J 285 21.32 1.21 22.99
CA TRP J 285 21.35 0.97 24.43
C TRP J 285 21.79 -0.47 24.73
N MET J 286 22.94 -0.63 25.33
CA MET J 286 23.31 -1.97 25.60
C MET J 286 22.65 -2.64 26.77
N TYR J 287 22.42 -3.92 26.60
CA TYR J 287 22.08 -4.80 27.71
C TYR J 287 23.13 -5.91 27.74
N HIS J 288 23.44 -6.38 28.94
CA HIS J 288 24.47 -7.40 29.09
C HIS J 288 24.32 -8.05 30.45
N CYS J 289 24.97 -9.20 30.59
CA CYS J 289 25.31 -9.73 31.91
C CYS J 289 26.35 -8.81 32.53
N HIS J 290 26.17 -8.47 33.81
CA HIS J 290 27.12 -7.55 34.41
C HIS J 290 28.27 -8.25 35.16
N VAL J 291 28.25 -9.58 35.25
CA VAL J 291 29.45 -10.33 35.64
C VAL J 291 30.56 -9.99 34.66
N GLN J 292 31.65 -9.41 35.18
CA GLN J 292 32.57 -8.66 34.32
C GLN J 292 33.18 -9.55 33.24
N SER J 293 33.64 -10.74 33.61
CA SER J 293 34.19 -11.63 32.61
C SER J 293 33.12 -12.10 31.62
N HIS J 294 31.88 -12.23 32.08
CA HIS J 294 30.81 -12.66 31.17
C HIS J 294 30.56 -11.60 30.08
N SER J 295 30.51 -10.32 30.46
CA SER J 295 30.36 -9.28 29.45
C SER J 295 31.59 -9.23 28.54
N ASP J 296 32.78 -9.31 29.12
CA ASP J 296 34.01 -9.31 28.33
C ASP J 296 34.04 -10.45 27.33
N MET J 297 33.48 -11.62 27.68
CA MET J 297 33.55 -12.77 26.79
C MET J 297 32.26 -13.00 26.00
N GLY J 298 31.42 -11.98 25.85
CA GLY J 298 30.41 -12.04 24.80
C GLY J 298 28.96 -11.82 25.14
N MET J 299 28.59 -11.89 26.44
CA MET J 299 27.19 -11.82 26.86
C MET J 299 26.68 -10.37 26.81
N VAL J 300 26.68 -9.81 25.60
N VAL J 300 26.70 -9.80 25.61
CA VAL J 300 26.26 -8.44 25.36
CA VAL J 300 26.24 -8.44 25.38
C VAL J 300 25.36 -8.42 24.15
C VAL J 300 25.35 -8.42 24.16
N GLY J 301 24.33 -7.56 24.20
CA GLY J 301 23.48 -7.29 23.06
C GLY J 301 23.08 -5.84 23.10
N LEU J 302 22.25 -5.45 22.14
CA LEU J 302 21.88 -4.04 21.96
C LEU J 302 20.37 -3.90 21.89
N PHE J 303 19.83 -2.90 22.59
CA PHE J 303 18.43 -2.49 22.49
C PHE J 303 18.40 -1.22 21.64
N LEU J 304 18.18 -1.40 20.32
CA LEU J 304 18.28 -0.33 19.34
C LEU J 304 16.97 0.44 19.30
N VAL J 305 16.98 1.63 19.92
CA VAL J 305 15.83 2.52 20.03
C VAL J 305 15.99 3.61 18.98
N LYS J 306 15.03 3.68 18.06
CA LYS J 306 15.07 4.58 16.92
C LYS J 306 14.22 5.83 17.17
N LYS J 307 14.66 6.94 16.60
CA LYS J 307 13.83 8.13 16.48
C LYS J 307 12.62 7.81 15.57
N PRO J 308 11.58 8.65 15.55
CA PRO J 308 10.50 8.44 14.57
C PRO J 308 10.99 8.35 13.13
N ASP J 309 12.01 9.13 12.75
CA ASP J 309 12.52 8.99 11.39
C ASP J 309 13.27 7.69 11.17
N GLY J 310 13.45 6.88 12.21
CA GLY J 310 14.07 5.57 12.07
C GLY J 310 15.55 5.52 12.33
N THR J 311 16.15 6.60 12.79
CA THR J 311 17.60 6.65 12.97
C THR J 311 18.00 6.45 14.44
N ILE J 312 19.25 6.02 14.61
CA ILE J 312 19.83 5.71 15.91
C ILE J 312 21.08 6.55 16.07
N PRO J 313 20.98 7.74 16.65
CA PRO J 313 22.16 8.61 16.77
C PRO J 313 23.29 7.94 17.54
N GLY J 314 24.50 8.05 16.99
CA GLY J 314 25.69 7.54 17.65
C GLY J 314 25.98 6.08 17.43
N TYR J 315 25.06 5.33 16.83
CA TYR J 315 25.27 3.91 16.58
C TYR J 315 26.15 3.75 15.33
N ASP J 316 27.38 3.25 15.53
CA ASP J 316 28.32 3.06 14.43
C ASP J 316 29.18 1.85 14.73
N PRO J 317 28.70 0.64 14.39
CA PRO J 317 29.55 -0.54 14.65
C PRO J 317 30.56 -0.82 13.53
N ALA K 40 -9.58 -21.33 58.24
CA ALA K 40 -8.23 -21.83 58.46
C ALA K 40 -7.64 -21.36 59.78
N GLY K 41 -7.07 -22.32 60.53
CA GLY K 41 -6.51 -22.00 61.83
C GLY K 41 -5.31 -21.06 61.74
N ALA K 42 -5.25 -20.11 62.66
CA ALA K 42 -4.32 -18.98 62.61
C ALA K 42 -3.44 -18.94 63.85
N ALA K 43 -2.37 -18.19 63.73
CA ALA K 43 -1.46 -18.10 64.87
C ALA K 43 -2.06 -17.17 65.93
N PRO K 44 -1.95 -17.53 67.21
CA PRO K 44 -2.36 -16.60 68.28
C PRO K 44 -1.40 -15.43 68.40
N ALA K 45 -1.62 -14.54 69.36
CA ALA K 45 -0.63 -13.50 69.59
C ALA K 45 0.40 -13.98 70.61
N GLY K 46 1.57 -13.35 70.58
CA GLY K 46 2.70 -13.79 71.37
C GLY K 46 2.74 -13.15 72.74
N GLY K 47 3.88 -13.36 73.41
CA GLY K 47 4.14 -12.86 74.74
C GLY K 47 4.39 -13.95 75.76
N GLU K 48 4.69 -15.17 75.29
CA GLU K 48 5.03 -16.27 76.16
C GLU K 48 6.53 -16.33 76.34
N VAL K 49 6.98 -16.42 77.58
CA VAL K 49 8.38 -16.72 77.84
C VAL K 49 8.53 -18.24 77.88
N ARG K 50 9.46 -18.77 77.08
CA ARG K 50 9.56 -20.20 76.88
C ARG K 50 10.99 -20.69 77.07
N ARG K 51 11.11 -21.96 77.40
CA ARG K 51 12.40 -22.56 77.74
C ARG K 51 12.52 -23.90 77.01
N VAL K 52 13.75 -24.21 76.59
CA VAL K 52 14.08 -25.50 76.00
C VAL K 52 15.53 -25.81 76.39
N THR K 53 15.84 -27.10 76.45
CA THR K 53 17.23 -27.54 76.49
C THR K 53 17.69 -27.81 75.07
N MET K 54 18.94 -27.44 74.78
CA MET K 54 19.54 -27.82 73.51
C MET K 54 20.96 -28.31 73.75
N TYR K 55 21.33 -29.36 73.01
CA TYR K 55 22.66 -29.92 73.05
C TYR K 55 23.27 -29.90 71.64
N ALA K 56 24.58 -29.77 71.59
CA ALA K 56 25.35 -30.07 70.38
C ALA K 56 26.10 -31.37 70.62
N GLU K 57 25.92 -32.32 69.71
CA GLU K 57 26.51 -33.65 69.81
C GLU K 57 27.23 -34.00 68.52
N ARG K 58 28.29 -34.79 68.64
CA ARG K 58 28.85 -35.50 67.50
C ARG K 58 27.84 -36.55 67.06
N LEU K 59 27.63 -36.66 65.75
CA LEU K 59 26.78 -37.70 65.17
C LEU K 59 27.63 -38.62 64.30
N ALA K 60 27.01 -39.72 63.88
CA ALA K 60 27.67 -40.66 62.98
C ALA K 60 28.15 -39.96 61.72
N GLY K 61 29.28 -40.44 61.19
CA GLY K 61 29.82 -39.91 59.95
C GLY K 61 30.67 -38.67 60.10
N GLY K 62 31.16 -38.39 61.31
CA GLY K 62 31.87 -37.16 61.52
C GLY K 62 30.98 -35.94 61.52
N GLN K 63 29.69 -36.12 61.72
CA GLN K 63 28.77 -35.01 61.70
C GLN K 63 28.59 -34.44 63.11
N MET K 64 27.83 -33.35 63.16
CA MET K 64 27.55 -32.61 64.39
C MET K 64 26.13 -32.09 64.25
N GLY K 65 25.33 -32.22 65.32
CA GLY K 65 23.95 -31.77 65.27
C GLY K 65 23.50 -31.15 66.59
N TYR K 66 22.44 -30.36 66.47
CA TYR K 66 21.66 -29.87 67.58
C TYR K 66 20.50 -30.83 67.87
N GLY K 67 20.11 -30.90 69.14
CA GLY K 67 18.92 -31.66 69.50
C GLY K 67 18.33 -31.15 70.81
N LEU K 68 17.04 -31.46 71.00
CA LEU K 68 16.33 -31.05 72.20
C LEU K 68 16.51 -32.04 73.35
N GLU K 69 16.73 -33.32 73.04
CA GLU K 69 17.06 -34.31 74.04
C GLU K 69 18.47 -34.82 73.81
N LYS K 70 19.22 -34.98 74.90
CA LYS K 70 20.53 -35.63 74.87
C LYS K 70 20.47 -36.96 74.13
N GLY K 71 21.29 -37.07 73.09
CA GLY K 71 21.25 -38.25 72.23
C GLY K 71 20.17 -38.24 71.17
N LYS K 72 19.52 -37.10 70.91
CA LYS K 72 18.51 -37.00 69.87
C LYS K 72 18.81 -35.83 68.94
N ALA K 73 20.08 -35.51 68.73
CA ALA K 73 20.43 -34.48 67.78
C ALA K 73 20.08 -34.94 66.37
N SER K 74 19.79 -33.98 65.51
CA SER K 74 19.42 -34.30 64.14
C SER K 74 20.02 -33.23 63.23
N ILE K 75 20.06 -33.55 61.94
CA ILE K 75 20.43 -32.59 60.91
C ILE K 75 19.29 -32.65 59.91
N PRO K 76 18.53 -31.56 59.69
CA PRO K 76 18.67 -30.26 60.34
C PRO K 76 18.27 -30.29 61.82
N GLY K 77 18.69 -29.30 62.58
CA GLY K 77 18.35 -29.26 63.98
C GLY K 77 16.85 -29.13 64.19
N PRO K 78 16.41 -29.20 65.45
CA PRO K 78 14.97 -29.11 65.74
C PRO K 78 14.35 -27.82 65.21
N LEU K 79 13.12 -27.92 64.75
CA LEU K 79 12.36 -26.74 64.35
C LEU K 79 11.89 -25.97 65.59
N ILE K 80 12.20 -24.68 65.63
CA ILE K 80 11.75 -23.80 66.70
C ILE K 80 10.72 -22.84 66.13
N GLU K 81 9.50 -22.89 66.68
CA GLU K 81 8.39 -22.01 66.31
C GLU K 81 8.09 -21.04 67.44
N LEU K 82 8.00 -19.76 67.10
CA LEU K 82 7.62 -18.75 68.06
C LEU K 82 6.50 -17.89 67.47
N ASN K 83 5.72 -17.28 68.36
CA ASN K 83 4.79 -16.22 67.99
C ASN K 83 5.47 -14.89 68.32
N GLU K 84 5.24 -13.88 67.49
CA GLU K 84 5.84 -12.57 67.70
C GLU K 84 5.58 -12.03 69.11
N GLY K 85 6.64 -11.73 69.85
CA GLY K 85 6.55 -11.32 71.24
C GLY K 85 6.91 -12.39 72.26
N ASP K 86 6.92 -13.65 71.85
CA ASP K 86 7.49 -14.67 72.72
C ASP K 86 8.97 -14.40 72.95
N THR K 87 9.46 -14.90 74.07
CA THR K 87 10.89 -14.98 74.37
C THR K 87 11.27 -16.46 74.49
N LEU K 88 12.51 -16.77 74.14
CA LEU K 88 13.01 -18.12 74.26
C LEU K 88 14.34 -18.10 74.99
N HIS K 89 14.47 -18.97 75.98
CA HIS K 89 15.75 -19.24 76.63
C HIS K 89 16.18 -20.63 76.23
N VAL K 90 17.42 -20.75 75.80
CA VAL K 90 17.96 -22.05 75.37
C VAL K 90 18.99 -22.47 76.38
N GLU K 91 18.67 -23.51 77.16
CA GLU K 91 19.64 -24.09 78.08
C GLU K 91 20.56 -24.98 77.27
N PHE K 92 21.72 -24.44 76.94
CA PHE K 92 22.61 -25.03 75.95
C PHE K 92 23.74 -25.77 76.64
N GLU K 93 23.93 -27.02 76.26
CA GLU K 93 25.10 -27.80 76.65
C GLU K 93 25.86 -28.24 75.40
N ASN K 94 27.19 -28.14 75.45
CA ASN K 94 28.08 -28.63 74.41
C ASN K 94 28.70 -29.96 74.87
N THR K 95 28.26 -31.07 74.28
CA THR K 95 28.80 -32.37 74.66
C THR K 95 30.04 -32.75 73.87
N MET K 96 30.59 -31.85 73.06
CA MET K 96 31.66 -32.17 72.13
C MET K 96 33.01 -31.75 72.70
N ASP K 97 34.07 -32.17 72.02
CA ASP K 97 35.44 -31.87 72.42
C ASP K 97 36.02 -30.62 71.74
N VAL K 98 35.20 -29.82 71.07
CA VAL K 98 35.63 -28.51 70.57
C VAL K 98 34.57 -27.49 70.93
N PRO K 99 34.94 -26.21 71.00
CA PRO K 99 33.93 -25.16 71.20
C PRO K 99 32.90 -25.14 70.07
N VAL K 100 31.66 -24.83 70.45
CA VAL K 100 30.53 -24.70 69.55
C VAL K 100 29.80 -23.43 69.97
N SER K 101 28.80 -23.03 69.19
CA SER K 101 28.02 -21.86 69.57
C SER K 101 26.64 -21.96 68.94
N LEU K 102 25.79 -21.00 69.27
CA LEU K 102 24.42 -20.95 68.77
C LEU K 102 24.14 -19.52 68.35
N HIS K 103 23.91 -19.33 67.05
CA HIS K 103 23.72 -18.01 66.44
C HIS K 103 22.42 -18.06 65.65
N VAL K 104 21.55 -17.06 65.86
CA VAL K 104 20.22 -17.01 65.25
C VAL K 104 20.17 -15.84 64.29
N HIS K 105 19.53 -16.05 63.13
CA HIS K 105 19.20 -14.98 62.22
C HIS K 105 17.84 -14.37 62.59
N GLY K 106 17.69 -13.06 62.37
CA GLY K 106 16.41 -12.38 62.38
C GLY K 106 15.90 -11.92 63.74
N LEU K 107 16.21 -12.69 64.77
CA LEU K 107 15.62 -12.47 66.09
C LEU K 107 16.44 -11.47 66.89
N ASP K 108 15.80 -10.86 67.88
CA ASP K 108 16.47 -9.91 68.77
C ASP K 108 17.23 -10.66 69.87
N TYR K 109 18.52 -10.38 70.00
CA TYR K 109 19.29 -10.88 71.12
C TYR K 109 20.30 -9.81 71.49
N GLU K 110 20.86 -9.92 72.69
CA GLU K 110 21.97 -9.05 73.02
C GLU K 110 23.29 -9.67 72.57
N ILE K 111 24.33 -8.83 72.53
CA ILE K 111 25.66 -9.30 72.15
C ILE K 111 26.11 -10.52 72.95
N SER K 112 25.65 -10.65 74.20
CA SER K 112 25.90 -11.79 75.07
C SER K 112 25.23 -13.06 74.58
N SER K 113 24.41 -12.97 73.53
CA SER K 113 23.87 -14.15 72.87
C SER K 113 24.12 -14.13 71.37
N ASP K 114 25.04 -13.28 70.91
CA ASP K 114 25.57 -13.30 69.55
C ASP K 114 25.89 -14.72 69.10
N GLY K 115 26.59 -15.47 69.95
CA GLY K 115 27.12 -16.77 69.59
C GLY K 115 28.46 -16.71 68.89
N THR K 116 29.24 -15.68 69.15
CA THR K 116 30.52 -15.50 68.49
C THR K 116 31.65 -15.62 69.51
N LYS K 117 32.84 -16.01 69.01
CA LYS K 117 34.05 -15.92 69.81
C LYS K 117 34.48 -14.48 70.01
N GLN K 118 34.04 -13.57 69.13
CA GLN K 118 34.52 -12.18 69.12
C GLN K 118 33.95 -11.37 70.27
N ASN K 119 32.81 -11.75 70.81
CA ASN K 119 32.44 -11.24 72.12
C ASN K 119 32.02 -12.40 73.02
N LYS K 120 32.84 -13.45 73.01
CA LYS K 120 32.96 -14.39 74.10
C LYS K 120 31.68 -15.13 74.41
N SER K 121 30.74 -15.22 73.49
CA SER K 121 29.49 -15.90 73.79
C SER K 121 29.39 -17.27 73.11
N HIS K 122 30.54 -17.93 72.96
CA HIS K 122 30.61 -19.33 72.53
C HIS K 122 30.58 -20.24 73.76
N VAL K 123 30.64 -21.55 73.53
CA VAL K 123 30.45 -22.54 74.58
C VAL K 123 31.59 -23.54 74.50
N GLU K 124 32.47 -23.56 75.52
CA GLU K 124 33.64 -24.44 75.51
C GLU K 124 33.21 -25.90 75.63
N PRO K 125 34.12 -26.84 75.34
CA PRO K 125 33.77 -28.26 75.40
C PRO K 125 33.32 -28.68 76.78
N GLY K 126 32.20 -29.40 76.85
CA GLY K 126 31.61 -29.80 78.11
C GLY K 126 30.87 -28.69 78.84
N GLY K 127 31.04 -27.43 78.42
CA GLY K 127 30.43 -26.30 79.09
C GLY K 127 28.94 -26.14 78.81
N THR K 128 28.37 -25.11 79.43
CA THR K 128 26.95 -24.80 79.28
C THR K 128 26.77 -23.29 79.26
N ARG K 129 25.57 -22.86 78.87
CA ARG K 129 25.23 -21.44 78.72
C ARG K 129 23.76 -21.32 78.40
N THR K 130 23.15 -20.18 78.72
CA THR K 130 21.77 -19.92 78.35
C THR K 130 21.76 -18.82 77.30
N TYR K 131 21.23 -19.15 76.13
CA TYR K 131 20.99 -18.22 75.05
C TYR K 131 19.55 -17.75 75.12
N THR K 132 19.36 -16.44 74.99
CA THR K 132 18.03 -15.84 75.02
C THR K 132 17.75 -15.17 73.69
N TRP K 133 16.66 -15.55 73.06
CA TRP K 133 16.12 -14.84 71.91
C TRP K 133 14.79 -14.21 72.31
N ARG K 134 14.61 -12.95 71.92
CA ARG K 134 13.33 -12.28 72.05
C ARG K 134 12.83 -11.91 70.65
N THR K 135 11.54 -11.60 70.57
CA THR K 135 10.89 -11.24 69.32
C THR K 135 9.90 -10.13 69.59
N HIS K 136 9.44 -9.48 68.52
CA HIS K 136 8.58 -8.32 68.70
C HIS K 136 7.56 -8.22 67.58
N GLU K 137 6.37 -7.65 67.93
CA GLU K 137 5.30 -7.31 67.02
C GLU K 137 5.67 -6.04 66.22
N PRO K 138 5.12 -5.88 65.02
CA PRO K 138 5.37 -4.65 64.27
C PRO K 138 4.56 -3.52 64.88
N GLY K 139 5.07 -2.30 64.75
CA GLY K 139 4.37 -1.18 65.36
C GLY K 139 4.83 0.16 64.84
N ARG K 140 4.10 1.19 65.20
CA ARG K 140 4.41 2.54 64.83
C ARG K 140 5.32 3.11 65.84
N ARG K 141 6.37 3.74 65.35
CA ARG K 141 7.32 4.39 66.23
C ARG K 141 6.85 5.80 66.57
N ALA K 142 7.35 6.31 67.68
CA ALA K 142 7.01 7.61 68.16
C ALA K 142 7.40 8.66 67.19
N ASP K 143 8.29 8.32 66.26
CA ASP K 143 8.65 9.24 65.22
C ASP K 143 7.81 9.06 63.96
N GLY K 144 6.82 8.19 64.03
CA GLY K 144 5.94 7.93 62.91
C GLY K 144 6.33 6.82 61.96
N THR K 145 7.57 6.34 62.04
CA THR K 145 8.01 5.25 61.19
C THR K 145 7.44 3.93 61.63
N TRP K 146 7.41 2.98 60.72
CA TRP K 146 6.87 1.68 61.01
C TRP K 146 7.91 0.63 61.15
N ARG K 147 8.09 0.21 62.38
CA ARG K 147 9.04 -0.85 62.72
C ARG K 147 8.49 -2.22 62.29
N ALA K 148 9.27 -2.91 61.48
CA ALA K 148 8.96 -4.28 61.12
C ALA K 148 9.03 -5.18 62.34
N GLY K 149 8.15 -6.18 62.37
CA GLY K 149 8.22 -7.21 63.38
C GLY K 149 9.29 -8.25 63.07
N SER K 150 9.30 -9.28 63.90
CA SER K 150 10.21 -10.40 63.79
C SER K 150 9.66 -11.54 62.95
N ALA K 151 8.42 -11.43 62.47
CA ALA K 151 7.82 -12.55 61.77
C ALA K 151 8.62 -12.87 60.53
N GLY K 152 8.86 -14.16 60.31
CA GLY K 152 9.55 -14.61 59.12
C GLY K 152 10.11 -16.00 59.31
N TYR K 153 10.72 -16.49 58.23
CA TYR K 153 11.36 -17.80 58.16
C TYR K 153 12.86 -17.63 58.43
N TRP K 154 13.31 -18.09 59.59
CA TRP K 154 14.68 -17.86 60.01
C TRP K 154 15.43 -19.16 60.26
N HIS K 155 16.55 -19.08 60.98
CA HIS K 155 17.42 -20.23 61.13
C HIS K 155 18.53 -19.86 62.09
N TYR K 156 19.13 -20.89 62.67
CA TYR K 156 20.25 -20.77 63.59
C TYR K 156 21.35 -21.69 63.12
N HIS K 157 22.59 -21.34 63.47
CA HIS K 157 23.71 -22.20 63.14
C HIS K 157 24.86 -21.94 64.08
N ASP K 158 25.84 -22.85 64.05
CA ASP K 158 27.10 -22.63 64.76
C ASP K 158 27.93 -21.56 64.07
N HIS K 159 28.70 -20.83 64.89
CA HIS K 159 29.53 -19.73 64.42
C HIS K 159 31.02 -19.88 64.77
N VAL K 160 31.47 -21.02 65.31
CA VAL K 160 32.84 -21.10 65.79
C VAL K 160 33.57 -22.41 65.48
N VAL K 161 32.89 -23.45 65.01
CA VAL K 161 33.60 -24.69 64.66
C VAL K 161 34.38 -24.49 63.35
N GLY K 162 35.67 -24.83 63.35
CA GLY K 162 36.51 -24.66 62.19
C GLY K 162 37.04 -23.25 62.02
N THR K 163 36.15 -22.25 61.95
CA THR K 163 36.54 -20.85 61.85
C THR K 163 35.60 -20.02 62.71
N GLU K 164 35.96 -18.75 62.86
CA GLU K 164 35.17 -17.80 63.62
C GLU K 164 33.85 -17.45 62.92
N HIS K 165 33.53 -18.14 61.80
CA HIS K 165 32.25 -18.00 61.13
C HIS K 165 31.48 -19.31 61.04
N GLY K 166 31.90 -20.36 61.76
CA GLY K 166 31.19 -21.63 61.82
C GLY K 166 31.26 -22.51 60.57
N THR K 167 32.25 -22.30 59.70
CA THR K 167 32.30 -23.05 58.44
C THR K 167 32.34 -24.55 58.67
N GLY K 168 33.20 -25.03 59.57
CA GLY K 168 33.25 -26.45 59.85
C GLY K 168 32.00 -26.93 60.56
N GLY K 169 31.45 -26.11 61.46
CA GLY K 169 30.21 -26.48 62.13
C GLY K 169 29.04 -26.56 61.17
N ILE K 170 28.88 -25.53 60.33
CA ILE K 170 27.80 -25.53 59.34
C ILE K 170 27.94 -26.73 58.40
N ARG K 171 29.16 -26.98 57.92
CA ARG K 171 29.40 -28.12 57.05
C ARG K 171 29.07 -29.45 57.75
N ASN K 172 29.37 -29.56 59.06
CA ASN K 172 29.11 -30.79 59.78
C ASN K 172 27.63 -31.02 60.08
N GLY K 173 26.79 -29.99 59.97
CA GLY K 173 25.35 -30.13 60.21
C GLY K 173 24.77 -29.36 61.39
N LEU K 174 25.51 -28.38 61.90
CA LEU K 174 25.05 -27.55 63.00
C LEU K 174 24.22 -26.38 62.45
N TYR K 175 22.98 -26.69 62.08
CA TYR K 175 22.05 -25.69 61.61
C TYR K 175 20.63 -26.21 61.78
N GLY K 176 19.69 -25.28 61.81
CA GLY K 176 18.30 -25.64 62.02
C GLY K 176 17.40 -24.48 61.70
N PRO K 177 16.11 -24.73 61.51
CA PRO K 177 15.16 -23.66 61.21
C PRO K 177 14.46 -23.02 62.41
N VAL K 178 14.11 -21.73 62.29
CA VAL K 178 13.24 -21.03 63.24
C VAL K 178 12.14 -20.30 62.48
N ILE K 179 10.90 -20.46 62.93
CA ILE K 179 9.76 -19.76 62.32
C ILE K 179 9.14 -18.84 63.38
N VAL K 180 9.14 -17.56 63.10
CA VAL K 180 8.40 -16.59 63.91
C VAL K 180 7.14 -16.23 63.16
N ARG K 181 5.99 -16.59 63.71
CA ARG K 181 4.69 -16.32 63.12
C ARG K 181 4.07 -15.03 63.67
N ARG K 182 3.39 -14.29 62.80
CA ARG K 182 2.59 -13.14 63.20
C ARG K 182 1.15 -13.57 63.50
N LYS K 183 0.47 -12.79 64.36
CA LYS K 183 -0.91 -13.10 64.73
C LYS K 183 -1.78 -13.22 63.48
N GLY K 184 -2.60 -14.26 63.43
CA GLY K 184 -3.45 -14.49 62.29
C GLY K 184 -2.79 -15.14 61.09
N ASP K 185 -1.45 -15.31 61.09
CA ASP K 185 -0.78 -16.10 60.06
C ASP K 185 -1.40 -17.49 59.99
N VAL K 186 -1.63 -17.97 58.77
CA VAL K 186 -2.25 -19.27 58.61
C VAL K 186 -1.28 -20.35 59.07
N LEU K 187 -1.81 -21.37 59.77
CA LEU K 187 -1.04 -22.48 60.29
C LEU K 187 -1.10 -23.65 59.31
N PRO K 188 0.01 -24.41 59.17
CA PRO K 188 0.03 -25.52 58.20
C PRO K 188 -0.37 -26.83 58.83
N ASP K 189 -0.62 -27.86 57.99
CA ASP K 189 -0.73 -29.22 58.48
C ASP K 189 0.64 -29.84 58.77
N ALA K 190 1.68 -29.39 58.07
CA ALA K 190 3.01 -29.94 58.28
C ALA K 190 4.03 -28.93 57.81
N THR K 191 5.21 -29.00 58.40
CA THR K 191 6.35 -28.18 58.03
C THR K 191 7.50 -29.10 57.66
N HIS K 192 8.14 -28.82 56.51
CA HIS K 192 9.30 -29.58 56.09
C HIS K 192 10.44 -28.60 55.84
N THR K 193 11.63 -28.95 56.34
CA THR K 193 12.82 -28.10 56.20
C THR K 193 13.76 -28.69 55.14
N ILE K 194 14.10 -27.87 54.17
CA ILE K 194 14.96 -28.27 53.08
C ILE K 194 16.16 -27.36 53.14
N VAL K 195 17.34 -27.90 53.43
CA VAL K 195 18.55 -27.09 53.50
C VAL K 195 19.51 -27.50 52.40
N PHE K 196 19.90 -26.55 51.57
CA PHE K 196 20.92 -26.77 50.56
C PHE K 196 22.26 -26.43 51.21
N ASN K 197 23.00 -27.45 51.67
CA ASN K 197 24.25 -27.24 52.40
C ASN K 197 25.41 -27.69 51.56
N ASP K 198 26.17 -26.74 51.01
CA ASP K 198 27.11 -26.96 49.92
C ASP K 198 26.42 -27.82 48.88
N MET K 199 26.91 -29.04 48.60
CA MET K 199 26.33 -29.86 47.54
C MET K 199 25.40 -30.97 48.06
N THR K 200 24.88 -30.84 49.28
CA THR K 200 23.94 -31.81 49.81
C THR K 200 22.60 -31.14 50.09
N ILE K 201 21.57 -31.97 50.22
CA ILE K 201 20.33 -31.61 50.92
C ILE K 201 20.37 -32.22 52.32
N ASN K 202 20.36 -31.37 53.35
CA ASN K 202 20.31 -31.84 54.73
C ASN K 202 21.45 -32.82 55.04
N ASN K 203 22.64 -32.57 54.46
CA ASN K 203 23.85 -33.38 54.64
C ASN K 203 23.69 -34.81 54.13
N ARG K 204 22.72 -35.05 53.36
CA ARG K 204 22.53 -36.41 52.89
C ARG K 204 23.41 -36.70 51.69
N PRO K 205 23.73 -37.99 51.51
CA PRO K 205 24.40 -38.44 50.28
C PRO K 205 23.55 -38.20 49.04
N ALA K 206 24.23 -38.03 47.90
CA ALA K 206 23.56 -37.70 46.64
C ALA K 206 22.44 -38.69 46.31
N HIS K 207 21.33 -38.16 45.79
CA HIS K 207 20.18 -38.95 45.34
C HIS K 207 19.55 -39.78 46.46
N THR K 208 19.65 -39.33 47.72
CA THR K 208 18.93 -39.99 48.79
C THR K 208 17.88 -39.07 49.40
N GLY K 209 17.34 -38.16 48.59
CA GLY K 209 16.29 -37.27 49.05
C GLY K 209 16.79 -36.09 49.88
N PRO K 210 16.07 -35.77 50.98
CA PRO K 210 14.92 -36.53 51.51
C PRO K 210 13.60 -36.35 50.74
N ASN K 211 12.69 -37.30 50.91
CA ASN K 211 11.34 -37.20 50.38
C ASN K 211 10.38 -36.79 51.49
N PHE K 212 9.30 -36.10 51.10
CA PHE K 212 8.29 -35.66 52.04
C PHE K 212 6.91 -36.08 51.53
N GLU K 213 6.11 -36.69 52.42
CA GLU K 213 4.81 -37.23 52.04
C GLU K 213 3.69 -36.29 52.46
N ALA K 214 2.71 -36.13 51.57
CA ALA K 214 1.49 -35.42 51.88
C ALA K 214 0.35 -36.07 51.11
N THR K 215 -0.86 -35.71 51.51
CA THR K 215 -2.10 -36.04 50.82
C THR K 215 -2.59 -34.80 50.10
N VAL K 216 -3.22 -35.00 48.92
CA VAL K 216 -3.83 -33.90 48.20
C VAL K 216 -4.76 -33.13 49.13
N GLY K 217 -4.70 -31.80 49.08
CA GLY K 217 -5.45 -30.97 49.97
C GLY K 217 -4.66 -30.48 51.15
N ASP K 218 -3.63 -31.21 51.58
CA ASP K 218 -2.88 -30.80 52.76
C ASP K 218 -2.26 -29.42 52.54
N ARG K 219 -2.21 -28.62 53.62
CA ARG K 219 -1.56 -27.31 53.58
C ARG K 219 -0.14 -27.53 54.11
N VAL K 220 0.84 -27.50 53.21
CA VAL K 220 2.21 -27.89 53.55
C VAL K 220 3.07 -26.65 53.60
N GLU K 221 3.86 -26.53 54.65
CA GLU K 221 4.80 -25.44 54.83
C GLU K 221 6.21 -25.94 54.55
N ILE K 222 6.94 -25.20 53.71
CA ILE K 222 8.31 -25.55 53.33
C ILE K 222 9.23 -24.49 53.91
N VAL K 223 10.29 -24.91 54.59
CA VAL K 223 11.32 -24.00 55.06
C VAL K 223 12.58 -24.27 54.26
N MET K 224 13.10 -23.25 53.57
CA MET K 224 14.20 -23.39 52.63
C MET K 224 15.36 -22.54 53.13
N ILE K 225 16.45 -23.20 53.51
CA ILE K 225 17.68 -22.57 53.97
C ILE K 225 18.85 -23.04 53.10
N THR K 226 19.81 -22.15 52.87
CA THR K 226 20.98 -22.45 52.07
C THR K 226 22.23 -22.15 52.90
N HIS K 227 23.26 -22.99 52.77
CA HIS K 227 24.49 -22.84 53.54
C HIS K 227 25.70 -23.21 52.70
N GLY K 228 26.82 -22.61 53.07
CA GLY K 228 28.12 -23.07 52.61
C GLY K 228 28.81 -22.16 51.63
N GLU K 229 29.15 -22.69 50.45
CA GLU K 229 30.03 -21.99 49.52
C GLU K 229 29.36 -21.55 48.23
N TYR K 230 28.30 -22.25 47.79
CA TYR K 230 27.78 -22.14 46.42
C TYR K 230 26.40 -21.53 46.39
N TYR K 231 26.05 -20.91 45.26
CA TYR K 231 24.68 -20.49 45.02
C TYR K 231 23.87 -21.67 44.50
N HIS K 232 22.55 -21.56 44.59
CA HIS K 232 21.62 -22.63 44.18
C HIS K 232 20.39 -21.98 43.58
N THR K 233 19.51 -22.79 42.99
CA THR K 233 18.17 -22.34 42.64
C THR K 233 17.25 -23.44 43.09
N PHE K 234 16.39 -23.14 44.07
CA PHE K 234 15.41 -24.10 44.56
C PHE K 234 14.22 -24.13 43.60
N HIS K 235 13.84 -25.33 43.14
CA HIS K 235 12.70 -25.43 42.25
C HIS K 235 11.81 -26.57 42.72
N MET K 236 10.50 -26.35 42.70
CA MET K 236 9.56 -27.40 43.11
C MET K 236 8.56 -27.63 41.99
N HIS K 237 8.42 -28.89 41.56
CA HIS K 237 7.55 -29.19 40.42
C HIS K 237 6.09 -29.07 40.84
N GLY K 238 5.27 -28.59 39.90
CA GLY K 238 3.83 -28.56 40.06
C GLY K 238 3.26 -27.63 41.12
N HIS K 239 4.09 -26.90 41.83
CA HIS K 239 3.59 -26.00 42.85
C HIS K 239 4.36 -24.70 42.75
N ALA K 240 3.68 -23.59 43.02
CA ALA K 240 4.31 -22.28 43.01
C ALA K 240 3.94 -21.50 44.28
N TRP K 241 4.61 -20.37 44.51
CA TRP K 241 4.37 -19.61 45.72
C TRP K 241 4.74 -18.14 45.44
N ALA K 242 4.33 -17.27 46.35
CA ALA K 242 4.57 -15.84 46.22
C ALA K 242 5.90 -15.46 46.86
N ASP K 243 6.61 -14.52 46.25
CA ASP K 243 7.93 -14.15 46.75
C ASP K 243 7.79 -13.01 47.76
N ASN K 244 7.21 -13.33 48.92
CA ASN K 244 7.04 -12.35 50.00
C ASN K 244 7.29 -13.06 51.33
N ARG K 245 6.94 -12.37 52.43
CA ARG K 245 7.20 -12.91 53.77
C ARG K 245 6.64 -14.31 53.95
N THR K 246 5.38 -14.52 53.59
CA THR K 246 4.71 -15.77 53.92
C THR K 246 4.63 -16.76 52.75
N GLY K 247 4.95 -16.32 51.53
CA GLY K 247 4.77 -17.21 50.41
C GLY K 247 3.36 -17.29 49.89
N MET K 248 2.46 -16.49 50.45
CA MET K 248 1.07 -16.42 50.04
C MET K 248 0.73 -14.95 49.81
N LEU K 249 0.02 -14.68 48.72
CA LEU K 249 -0.37 -13.30 48.46
C LEU K 249 -1.37 -12.85 49.51
N THR K 250 -1.22 -11.61 49.97
CA THR K 250 -2.16 -11.04 50.94
C THR K 250 -3.57 -11.04 50.35
N GLY K 251 -3.70 -10.70 49.08
CA GLY K 251 -4.98 -10.72 48.43
C GLY K 251 -4.85 -10.30 46.99
N PRO K 252 -5.83 -9.54 46.50
CA PRO K 252 -5.80 -9.08 45.09
C PRO K 252 -4.96 -7.84 44.86
N ASP K 253 -4.35 -7.24 45.88
CA ASP K 253 -3.49 -6.07 45.68
C ASP K 253 -2.01 -6.33 45.94
N ASP K 254 -1.66 -7.52 46.40
CA ASP K 254 -0.25 -7.89 46.59
C ASP K 254 0.44 -8.11 45.24
N PRO K 255 1.43 -7.29 44.88
CA PRO K 255 2.08 -7.42 43.56
C PRO K 255 3.29 -8.35 43.50
N SER K 256 3.56 -9.10 44.57
CA SER K 256 4.70 -10.01 44.63
C SER K 256 4.70 -11.00 43.47
N GLN K 257 5.89 -11.27 42.92
CA GLN K 257 5.96 -12.19 41.79
C GLN K 257 5.66 -13.61 42.26
N VAL K 258 4.90 -14.33 41.46
CA VAL K 258 4.61 -15.74 41.72
C VAL K 258 5.67 -16.56 40.99
N ILE K 259 6.25 -17.55 41.68
CA ILE K 259 7.46 -18.22 41.22
C ILE K 259 7.40 -19.68 41.62
N ASP K 260 8.20 -20.49 40.92
CA ASP K 260 8.43 -21.86 41.36
C ASP K 260 9.91 -22.16 41.43
N ASN K 261 10.75 -21.13 41.38
CA ASN K 261 12.17 -21.23 41.13
C ASN K 261 12.80 -20.01 41.77
N LYS K 262 13.89 -20.20 42.51
CA LYS K 262 14.41 -19.08 43.31
C LYS K 262 15.89 -19.26 43.57
N ILE K 263 16.70 -18.28 43.14
CA ILE K 263 18.11 -18.29 43.49
C ILE K 263 18.28 -17.99 44.97
N CYS K 264 19.21 -18.69 45.62
CA CYS K 264 19.51 -18.46 47.04
C CYS K 264 20.99 -18.72 47.27
N GLY K 265 21.53 -18.04 48.28
CA GLY K 265 22.93 -18.14 48.62
C GLY K 265 23.15 -18.43 50.10
N PRO K 266 24.39 -18.64 50.47
CA PRO K 266 24.71 -19.06 51.84
C PRO K 266 24.09 -18.13 52.89
N ALA K 267 23.31 -18.74 53.79
CA ALA K 267 22.52 -18.18 54.89
C ALA K 267 21.19 -17.56 54.46
N ASP K 268 20.82 -17.61 53.17
CA ASP K 268 19.47 -17.20 52.79
C ASP K 268 18.45 -18.14 53.43
N SER K 269 17.34 -17.57 53.85
CA SER K 269 16.22 -18.36 54.33
C SER K 269 14.93 -17.77 53.77
N PHE K 270 14.02 -18.65 53.37
CA PHE K 270 12.70 -18.25 52.93
C PHE K 270 11.78 -19.45 53.08
N GLY K 271 10.48 -19.18 53.06
CA GLY K 271 9.55 -20.26 53.19
C GLY K 271 8.22 -19.82 52.62
N PHE K 272 7.27 -20.74 52.66
CA PHE K 272 6.01 -20.54 51.99
C PHE K 272 5.12 -21.73 52.35
N GLN K 273 3.83 -21.60 52.00
CA GLN K 273 2.92 -22.72 52.09
C GLN K 273 2.22 -22.93 50.76
N ILE K 274 1.97 -24.20 50.45
CA ILE K 274 1.21 -24.61 49.27
C ILE K 274 0.12 -25.57 49.69
N ILE K 275 -0.93 -25.64 48.89
CA ILE K 275 -1.92 -26.69 48.99
C ILE K 275 -1.44 -27.84 48.13
N ALA K 276 -1.06 -28.95 48.75
CA ALA K 276 -0.47 -30.06 48.01
C ALA K 276 -1.39 -30.53 46.88
N GLY K 277 -0.86 -30.55 45.67
CA GLY K 277 -1.62 -31.03 44.54
C GLY K 277 -2.68 -30.10 44.02
N GLU K 278 -2.71 -28.85 44.47
CA GLU K 278 -3.77 -27.92 44.07
C GLU K 278 -3.66 -27.59 42.57
N GLY K 279 -4.67 -28.00 41.81
CA GLY K 279 -4.68 -27.82 40.38
C GLY K 279 -3.89 -28.84 39.59
N VAL K 280 -3.14 -29.72 40.25
CA VAL K 280 -2.27 -30.66 39.55
C VAL K 280 -2.47 -32.11 39.93
N GLY K 281 -3.05 -32.45 41.09
CA GLY K 281 -3.33 -33.83 41.41
C GLY K 281 -2.20 -34.51 42.16
N ALA K 282 -2.44 -35.77 42.49
CA ALA K 282 -1.46 -36.59 43.19
C ALA K 282 -0.27 -36.90 42.27
N GLY K 283 0.81 -37.38 42.87
CA GLY K 283 1.98 -37.73 42.11
C GLY K 283 3.23 -37.56 42.94
N ALA K 284 4.35 -37.95 42.34
CA ALA K 284 5.68 -37.78 42.92
C ALA K 284 6.26 -36.51 42.32
N TRP K 285 6.09 -35.40 43.03
CA TRP K 285 6.45 -34.10 42.51
C TRP K 285 7.89 -33.79 42.89
N MET K 286 8.74 -33.61 41.89
CA MET K 286 10.15 -33.36 42.15
C MET K 286 10.38 -31.97 42.72
N TYR K 287 11.31 -31.87 43.63
CA TYR K 287 11.92 -30.61 43.99
C TYR K 287 13.42 -30.83 43.86
N HIS K 288 14.16 -29.81 43.41
CA HIS K 288 15.60 -30.01 43.29
C HIS K 288 16.25 -28.63 43.24
N CYS K 289 17.59 -28.61 43.33
CA CYS K 289 18.34 -27.49 42.78
C CYS K 289 18.32 -27.56 41.26
N HIS K 290 18.07 -26.41 40.61
CA HIS K 290 17.97 -26.39 39.16
C HIS K 290 19.28 -26.01 38.48
N VAL K 291 20.38 -25.84 39.22
CA VAL K 291 21.70 -25.81 38.60
C VAL K 291 21.95 -27.20 38.02
N GLN K 292 22.23 -27.26 36.71
CA GLN K 292 22.10 -28.54 36.02
C GLN K 292 23.04 -29.60 36.60
N SER K 293 24.31 -29.23 36.81
CA SER K 293 25.21 -30.18 37.42
C SER K 293 24.75 -30.59 38.82
N HIS K 294 24.07 -29.71 39.56
CA HIS K 294 23.71 -30.13 40.92
C HIS K 294 22.56 -31.12 40.93
N SER K 295 21.56 -30.91 40.08
CA SER K 295 20.52 -31.92 39.96
C SER K 295 21.08 -33.22 39.42
N ASP K 296 22.01 -33.13 38.46
CA ASP K 296 22.62 -34.33 37.92
C ASP K 296 23.43 -35.06 38.99
N MET K 297 24.14 -34.33 39.84
CA MET K 297 24.96 -34.91 40.88
C MET K 297 24.15 -35.31 42.12
N GLY K 298 22.84 -35.03 42.17
CA GLY K 298 22.00 -35.59 43.22
C GLY K 298 21.28 -34.67 44.20
N MET K 299 21.28 -33.36 43.95
CA MET K 299 20.50 -32.41 44.74
C MET K 299 19.01 -32.47 44.34
N VAL K 300 18.41 -33.62 44.54
CA VAL K 300 17.04 -33.87 44.12
C VAL K 300 16.32 -34.60 45.25
N GLY K 301 15.02 -34.30 45.40
CA GLY K 301 14.17 -35.02 46.33
C GLY K 301 12.77 -35.08 45.79
N LEU K 302 11.87 -35.70 46.56
CA LEU K 302 10.53 -35.95 46.06
C LEU K 302 9.48 -35.45 47.04
N PHE K 303 8.52 -34.69 46.53
CA PHE K 303 7.33 -34.29 47.26
C PHE K 303 6.25 -35.27 46.84
N LEU K 304 6.01 -36.29 47.66
CA LEU K 304 5.11 -37.40 47.30
C LEU K 304 3.70 -37.03 47.73
N VAL K 305 2.87 -36.63 46.78
CA VAL K 305 1.51 -36.17 47.06
C VAL K 305 0.55 -37.31 46.75
N LYS K 306 -0.04 -37.88 47.79
CA LYS K 306 -0.85 -39.08 47.66
C LYS K 306 -2.33 -38.72 47.47
N LYS K 307 -3.04 -39.58 46.72
CA LYS K 307 -4.49 -39.52 46.66
C LYS K 307 -5.07 -39.85 48.04
N PRO K 308 -6.36 -39.57 48.25
CA PRO K 308 -6.95 -39.89 49.57
C PRO K 308 -6.74 -41.33 50.00
N ASP K 309 -6.67 -42.28 49.07
CA ASP K 309 -6.46 -43.68 49.45
C ASP K 309 -4.98 -44.03 49.68
N GLY K 310 -4.10 -43.04 49.84
CA GLY K 310 -2.69 -43.29 50.13
C GLY K 310 -1.80 -43.62 48.95
N THR K 311 -2.36 -43.93 47.78
CA THR K 311 -1.55 -44.34 46.65
C THR K 311 -0.98 -43.13 45.93
N ILE K 312 -0.08 -43.38 44.98
CA ILE K 312 0.53 -42.30 44.21
C ILE K 312 0.64 -42.74 42.76
N PRO K 313 -0.06 -42.08 41.84
CA PRO K 313 0.02 -42.46 40.43
C PRO K 313 1.46 -42.41 39.92
N GLY K 314 1.83 -43.44 39.17
CA GLY K 314 3.13 -43.49 38.53
C GLY K 314 4.30 -43.44 39.47
N TYR K 315 4.13 -43.91 40.70
CA TYR K 315 5.23 -44.01 41.65
C TYR K 315 5.51 -45.48 42.00
N ASP K 316 6.77 -45.76 42.29
CA ASP K 316 7.29 -47.13 42.43
C ASP K 316 8.16 -47.27 43.67
N PRO K 317 7.57 -47.66 44.82
CA PRO K 317 8.36 -47.95 46.03
C PRO K 317 9.16 -49.25 45.92
N GLY L 41 13.65 14.82 60.10
CA GLY L 41 13.89 15.40 58.80
C GLY L 41 13.54 14.45 57.68
N ALA L 42 12.58 14.83 56.84
CA ALA L 42 12.20 14.06 55.65
C ALA L 42 12.74 14.74 54.40
N ALA L 43 12.64 14.02 53.24
CA ALA L 43 13.31 14.65 52.10
C ALA L 43 12.33 15.51 51.30
N PRO L 44 12.83 16.58 50.69
CA PRO L 44 11.95 17.47 49.91
C PRO L 44 11.73 16.97 48.49
N ALA L 45 10.71 17.52 47.85
CA ALA L 45 10.60 17.37 46.41
C ALA L 45 11.81 17.99 45.73
N GLY L 46 12.25 17.39 44.63
CA GLY L 46 13.42 17.86 43.93
C GLY L 46 13.09 18.93 42.91
N GLY L 47 14.14 19.41 42.24
CA GLY L 47 13.99 20.37 41.17
C GLY L 47 15.21 21.26 41.01
N GLU L 48 16.20 21.05 41.87
CA GLU L 48 17.43 21.83 41.80
C GLU L 48 18.29 21.35 40.64
N VAL L 49 18.99 22.29 40.02
CA VAL L 49 19.91 21.98 38.94
C VAL L 49 21.31 22.19 39.51
N ARG L 50 21.90 21.12 40.02
CA ARG L 50 23.19 21.18 40.68
C ARG L 50 24.33 20.94 39.70
N ARG L 51 25.55 21.20 40.17
CA ARG L 51 26.78 20.97 39.43
C ARG L 51 27.80 20.44 40.42
N VAL L 52 28.73 19.62 39.93
CA VAL L 52 29.83 19.10 40.74
C VAL L 52 30.98 18.78 39.79
N THR L 53 32.19 18.86 40.32
CA THR L 53 33.38 18.41 39.64
C THR L 53 33.62 16.94 39.96
N MET L 54 34.38 16.27 39.09
CA MET L 54 34.80 14.91 39.38
C MET L 54 36.06 14.62 38.62
N TYR L 55 36.97 13.92 39.27
CA TYR L 55 38.26 13.60 38.70
C TYR L 55 38.54 12.12 38.88
N ALA L 56 39.12 11.54 37.87
CA ALA L 56 39.63 10.17 37.93
C ALA L 56 41.12 10.27 38.13
N GLU L 57 41.62 9.65 39.18
CA GLU L 57 43.03 9.78 39.52
C GLU L 57 43.57 8.42 39.92
N ARG L 58 44.81 8.13 39.49
CA ARG L 58 45.49 6.96 39.99
C ARG L 58 45.69 7.07 41.50
N LEU L 59 45.69 5.94 42.17
CA LEU L 59 46.00 5.88 43.59
C LEU L 59 47.15 4.91 43.81
N ALA L 60 47.52 4.75 45.07
CA ALA L 60 48.70 3.96 45.42
C ALA L 60 48.51 2.50 45.04
N GLY L 61 49.53 1.90 44.44
CA GLY L 61 49.48 0.50 44.08
C GLY L 61 48.42 0.16 43.05
N GLY L 62 48.43 0.87 41.92
CA GLY L 62 47.58 0.53 40.81
C GLY L 62 46.09 0.74 41.03
N GLN L 63 45.67 1.23 42.18
CA GLN L 63 44.26 1.55 42.36
C GLN L 63 43.92 2.83 41.59
N MET L 64 42.62 3.10 41.48
CA MET L 64 42.11 4.23 40.72
C MET L 64 40.82 4.69 41.38
N GLY L 65 40.60 5.99 41.45
CA GLY L 65 39.40 6.46 42.11
C GLY L 65 38.83 7.74 41.54
N TYR L 66 37.55 7.95 41.86
CA TYR L 66 36.89 9.23 41.65
C TYR L 66 37.02 10.11 42.90
N GLY L 67 37.23 11.41 42.68
CA GLY L 67 37.18 12.38 43.76
C GLY L 67 36.35 13.60 43.36
N LEU L 68 36.04 14.42 44.37
CA LEU L 68 35.35 15.68 44.14
C LEU L 68 36.29 16.87 43.97
N GLU L 69 37.54 16.75 44.42
CA GLU L 69 38.60 17.71 44.14
C GLU L 69 39.89 16.92 43.92
N LYS L 70 40.78 17.47 43.11
CA LYS L 70 41.98 16.75 42.73
C LYS L 70 42.81 16.36 43.95
N GLY L 71 43.51 15.23 43.84
CA GLY L 71 44.25 14.66 44.94
C GLY L 71 43.41 13.96 45.98
N LYS L 72 42.10 14.20 46.02
CA LYS L 72 41.25 13.59 47.05
C LYS L 72 40.39 12.45 46.51
N ALA L 73 40.93 11.63 45.60
CA ALA L 73 40.19 10.47 45.12
C ALA L 73 39.95 9.48 46.26
N SER L 74 38.82 8.77 46.18
CA SER L 74 38.44 7.82 47.23
C SER L 74 37.79 6.58 46.62
N ILE L 75 37.95 5.46 47.33
CA ILE L 75 37.35 4.17 47.00
C ILE L 75 36.60 3.67 48.22
N PRO L 76 35.26 3.63 48.21
CA PRO L 76 34.39 4.03 47.11
C PRO L 76 34.43 5.53 46.90
N GLY L 77 34.08 5.96 45.69
CA GLY L 77 34.07 7.36 45.38
C GLY L 77 32.98 8.11 46.11
N PRO L 78 32.93 9.41 45.89
CA PRO L 78 32.00 10.27 46.64
C PRO L 78 30.55 9.85 46.46
N LEU L 79 29.82 9.86 47.56
CA LEU L 79 28.38 9.76 47.53
C LEU L 79 27.78 10.94 46.75
N ILE L 80 26.86 10.63 45.83
CA ILE L 80 26.04 11.62 45.16
C ILE L 80 24.63 11.51 45.73
N GLU L 81 24.07 12.64 46.16
CA GLU L 81 22.68 12.67 46.59
C GLU L 81 21.89 13.63 45.71
N LEU L 82 20.62 13.27 45.47
CA LEU L 82 19.70 14.06 44.66
C LEU L 82 18.29 13.76 45.15
N ASN L 83 17.39 14.71 44.95
CA ASN L 83 15.97 14.48 45.14
C ASN L 83 15.30 14.27 43.80
N GLU L 84 14.35 13.34 43.75
CA GLU L 84 13.60 13.04 42.54
C GLU L 84 13.15 14.32 41.86
N GLY L 85 13.63 14.53 40.64
CA GLY L 85 13.43 15.76 39.91
C GLY L 85 14.67 16.59 39.73
N ASP L 86 15.68 16.42 40.58
CA ASP L 86 16.93 17.16 40.42
C ASP L 86 17.60 16.82 39.08
N THR L 87 18.48 17.72 38.64
CA THR L 87 19.38 17.46 37.53
C THR L 87 20.79 17.80 37.98
N LEU L 88 21.75 16.93 37.66
CA LEU L 88 23.13 17.11 38.06
C LEU L 88 24.04 17.08 36.85
N HIS L 89 24.90 18.09 36.71
CA HIS L 89 25.92 18.16 35.66
C HIS L 89 27.28 17.88 36.29
N VAL L 90 27.95 16.82 35.83
CA VAL L 90 29.25 16.44 36.34
C VAL L 90 30.28 16.94 35.32
N GLU L 91 30.79 18.15 35.57
CA GLU L 91 32.01 18.60 34.91
C GLU L 91 33.12 17.66 35.34
N PHE L 92 33.66 16.87 34.40
CA PHE L 92 34.49 15.71 34.71
C PHE L 92 35.85 15.84 34.03
N GLU L 93 36.90 15.47 34.75
CA GLU L 93 38.25 15.51 34.18
C GLU L 93 39.00 14.22 34.51
N ASN L 94 39.58 13.61 33.49
CA ASN L 94 40.42 12.44 33.64
C ASN L 94 41.86 12.90 33.81
N THR L 95 42.54 12.39 34.85
CA THR L 95 43.93 12.77 35.09
C THR L 95 44.90 11.59 34.98
N MET L 96 44.50 10.48 34.37
CA MET L 96 45.39 9.34 34.22
C MET L 96 45.95 9.26 32.79
N ASP L 97 46.85 8.31 32.57
CA ASP L 97 47.42 8.11 31.24
C ASP L 97 46.66 7.07 30.42
N VAL L 98 45.51 6.62 30.89
CA VAL L 98 44.64 5.75 30.09
C VAL L 98 43.24 6.35 30.10
N PRO L 99 42.42 6.05 29.10
CA PRO L 99 41.05 6.59 29.07
C PRO L 99 40.16 6.02 30.15
N VAL L 100 39.15 6.80 30.50
CA VAL L 100 38.25 6.50 31.62
C VAL L 100 36.86 7.01 31.23
N SER L 101 35.87 6.70 32.07
CA SER L 101 34.52 7.14 31.79
C SER L 101 33.69 7.05 33.07
N LEU L 102 32.53 7.69 33.04
CA LEU L 102 31.58 7.64 34.14
C LEU L 102 30.24 7.19 33.61
N HIS L 103 29.72 6.11 34.19
CA HIS L 103 28.46 5.53 33.77
C HIS L 103 27.64 5.23 35.02
N VAL L 104 26.34 5.50 34.96
CA VAL L 104 25.50 5.46 36.14
C VAL L 104 24.30 4.56 35.91
N HIS L 105 23.75 4.03 37.01
CA HIS L 105 22.60 3.13 37.01
C HIS L 105 21.36 3.88 37.48
N GLY L 106 20.24 3.64 36.81
CA GLY L 106 18.95 4.08 37.29
C GLY L 106 18.54 5.49 36.92
N LEU L 107 19.51 6.37 36.70
CA LEU L 107 19.20 7.76 36.45
C LEU L 107 18.91 7.97 34.97
N ASP L 108 18.06 8.96 34.68
CA ASP L 108 17.90 9.41 33.29
C ASP L 108 19.20 10.02 32.79
N TYR L 109 19.65 9.56 31.62
CA TYR L 109 20.71 10.26 30.88
C TYR L 109 20.49 9.99 29.40
N GLU L 110 21.09 10.81 28.57
CA GLU L 110 21.05 10.58 27.13
C GLU L 110 22.29 9.80 26.70
N ILE L 111 22.17 9.20 25.51
CA ILE L 111 23.19 8.30 24.97
C ILE L 111 24.56 8.95 24.99
N SER L 112 24.61 10.28 24.87
CA SER L 112 25.87 11.01 24.92
C SER L 112 26.50 10.95 26.31
N SER L 113 25.69 10.80 27.35
CA SER L 113 26.15 10.73 28.73
C SER L 113 26.19 9.30 29.27
N ASP L 114 26.25 8.30 28.40
CA ASP L 114 26.22 6.94 28.90
C ASP L 114 27.59 6.43 29.31
N GLY L 115 28.65 7.17 28.99
CA GLY L 115 29.96 6.82 29.48
C GLY L 115 30.54 5.54 28.93
N THR L 116 30.21 5.18 27.70
CA THR L 116 30.83 4.01 27.10
C THR L 116 31.75 4.45 25.97
N LYS L 117 32.78 3.66 25.72
CA LYS L 117 33.55 3.79 24.50
C LYS L 117 32.68 3.58 23.27
N GLN L 118 31.66 2.73 23.41
CA GLN L 118 30.84 2.33 22.27
C GLN L 118 30.06 3.52 21.70
N ASN L 119 29.64 4.45 22.54
CA ASN L 119 29.02 5.69 22.08
C ASN L 119 30.00 6.86 22.04
N LYS L 120 31.29 6.56 22.00
CA LYS L 120 32.35 7.57 22.03
C LYS L 120 32.08 8.61 23.12
N SER L 121 31.61 8.12 24.27
CA SER L 121 31.13 8.92 25.39
C SER L 121 32.09 8.86 26.57
N HIS L 122 33.33 8.54 26.32
CA HIS L 122 34.33 8.42 27.36
C HIS L 122 35.20 9.69 27.36
N VAL L 123 36.31 9.63 28.11
CA VAL L 123 37.18 10.77 28.34
C VAL L 123 38.62 10.33 28.15
N GLU L 124 39.33 10.98 27.23
CA GLU L 124 40.72 10.64 26.91
C GLU L 124 41.65 11.13 28.03
N PRO L 125 42.86 10.57 28.11
CA PRO L 125 43.78 10.96 29.18
C PRO L 125 43.98 12.46 29.23
N GLY L 126 43.84 13.03 30.43
CA GLY L 126 43.88 14.46 30.57
C GLY L 126 42.71 15.19 29.96
N GLY L 127 41.73 14.47 29.41
CA GLY L 127 40.63 15.09 28.72
C GLY L 127 39.60 15.65 29.66
N THR L 128 38.56 16.22 29.07
CA THR L 128 37.48 16.84 29.83
C THR L 128 36.17 16.63 29.12
N ARG L 129 35.12 16.43 29.92
CA ARG L 129 33.78 16.20 29.42
C ARG L 129 32.82 16.61 30.52
N THR L 130 31.58 16.91 30.14
CA THR L 130 30.52 17.09 31.12
C THR L 130 29.48 15.98 30.92
N TYR L 131 29.12 15.32 32.02
CA TYR L 131 28.06 14.32 32.04
C TYR L 131 26.83 14.96 32.66
N THR L 132 25.65 14.53 32.21
CA THR L 132 24.41 15.08 32.73
C THR L 132 23.48 13.93 33.11
N TRP L 133 23.03 13.93 34.36
CA TRP L 133 22.05 12.97 34.85
C TRP L 133 20.80 13.72 35.24
N ARG L 134 19.65 13.23 34.79
CA ARG L 134 18.37 13.74 35.25
C ARG L 134 17.66 12.71 36.12
N THR L 135 16.62 13.15 36.80
CA THR L 135 15.77 12.25 37.58
C THR L 135 14.34 12.76 37.47
N HIS L 136 13.39 11.90 37.80
CA HIS L 136 12.00 12.20 37.61
C HIS L 136 11.20 11.64 38.77
N GLU L 137 10.02 12.16 38.94
CA GLU L 137 9.14 11.71 39.99
C GLU L 137 8.19 10.66 39.45
N PRO L 138 7.60 9.82 40.31
CA PRO L 138 6.55 8.92 39.85
C PRO L 138 5.37 9.70 39.32
N GLY L 139 4.44 8.99 38.71
CA GLY L 139 3.23 9.61 38.17
C GLY L 139 2.68 8.79 37.03
N ARG L 140 1.43 9.09 36.70
CA ARG L 140 0.70 8.33 35.68
C ARG L 140 1.03 8.82 34.28
N ARG L 141 1.32 7.89 33.37
CA ARG L 141 1.52 8.20 31.97
C ARG L 141 0.18 8.50 31.28
N ALA L 142 0.29 9.08 30.10
CA ALA L 142 -0.89 9.26 29.26
C ALA L 142 -1.62 7.96 29.04
N ASP L 143 -0.90 6.84 28.96
CA ASP L 143 -1.55 5.56 28.69
C ASP L 143 -2.18 4.94 29.95
N GLY L 144 -2.16 5.64 31.08
CA GLY L 144 -2.88 5.20 32.27
C GLY L 144 -2.08 4.37 33.25
N THR L 145 -0.87 3.94 32.87
CA THR L 145 0.01 3.16 33.72
C THR L 145 0.81 4.07 34.65
N TRP L 146 1.40 3.46 35.66
CA TRP L 146 2.15 4.17 36.68
C TRP L 146 3.62 4.14 36.31
N ARG L 147 4.19 5.31 36.03
CA ARG L 147 5.62 5.41 35.78
C ARG L 147 6.34 5.58 37.11
N ALA L 148 7.38 4.79 37.32
CA ALA L 148 8.13 4.83 38.57
C ALA L 148 9.07 6.02 38.58
N GLY L 149 9.37 6.50 39.80
CA GLY L 149 10.34 7.55 39.97
C GLY L 149 11.76 7.01 40.04
N SER L 150 12.71 7.93 39.97
CA SER L 150 14.14 7.59 40.00
C SER L 150 14.63 7.16 41.38
N ALA L 151 13.82 7.34 42.43
CA ALA L 151 14.33 7.15 43.78
C ALA L 151 14.79 5.72 43.98
N GLY L 152 15.92 5.57 44.65
CA GLY L 152 16.43 4.25 44.96
C GLY L 152 17.92 4.34 45.27
N TYR L 153 18.52 3.17 45.43
CA TYR L 153 19.94 3.07 45.72
C TYR L 153 20.66 2.61 44.47
N TRP L 154 21.58 3.44 43.98
CA TRP L 154 22.25 3.23 42.71
C TRP L 154 23.75 3.37 42.94
N HIS L 155 24.49 3.50 41.84
CA HIS L 155 25.95 3.52 41.84
C HIS L 155 26.41 3.99 40.46
N TYR L 156 27.67 4.43 40.37
CA TYR L 156 28.31 4.78 39.10
C TYR L 156 29.65 4.07 39.05
N HIS L 157 30.13 3.80 37.84
CA HIS L 157 31.41 3.10 37.72
C HIS L 157 32.01 3.39 36.35
N ASP L 158 33.29 3.03 36.21
CA ASP L 158 33.96 3.19 34.94
C ASP L 158 33.52 2.12 33.95
N HIS L 159 33.70 2.43 32.66
CA HIS L 159 33.26 1.53 31.60
C HIS L 159 34.29 1.32 30.49
N VAL L 160 35.53 1.79 30.64
CA VAL L 160 36.48 1.64 29.53
C VAL L 160 37.88 1.26 29.98
N VAL L 161 38.15 1.22 31.28
CA VAL L 161 39.48 0.85 31.75
C VAL L 161 39.62 -0.67 31.70
N GLY L 162 40.73 -1.15 31.16
CA GLY L 162 40.98 -2.60 31.02
C GLY L 162 40.24 -3.29 29.87
N THR L 163 38.93 -3.08 29.78
CA THR L 163 38.05 -3.65 28.77
C THR L 163 36.96 -2.63 28.47
N GLU L 164 36.17 -2.90 27.43
CA GLU L 164 35.08 -2.01 27.08
C GLU L 164 33.90 -2.10 28.03
N HIS L 165 33.98 -2.95 29.05
CA HIS L 165 32.97 -2.98 30.09
C HIS L 165 33.52 -2.52 31.43
N GLY L 166 34.72 -1.96 31.44
CA GLY L 166 35.28 -1.34 32.63
C GLY L 166 35.78 -2.34 33.65
N THR L 167 36.16 -3.55 33.20
CA THR L 167 36.57 -4.61 34.11
C THR L 167 37.79 -4.18 34.92
N GLY L 168 38.75 -3.51 34.27
CA GLY L 168 39.92 -3.03 34.98
C GLY L 168 39.62 -1.84 35.88
N GLY L 169 38.79 -0.91 35.39
CA GLY L 169 38.42 0.24 36.19
C GLY L 169 37.69 -0.13 37.47
N ILE L 170 36.69 -1.02 37.35
CA ILE L 170 35.95 -1.46 38.53
C ILE L 170 36.87 -2.20 39.50
N ARG L 171 37.71 -3.10 38.96
CA ARG L 171 38.71 -3.78 39.78
C ARG L 171 39.55 -2.76 40.56
N ASN L 172 40.01 -1.70 39.88
CA ASN L 172 40.96 -0.76 40.46
C ASN L 172 40.34 0.07 41.58
N GLY L 173 39.10 0.51 41.39
CA GLY L 173 38.41 1.21 42.48
C GLY L 173 37.44 2.25 41.96
N LEU L 174 37.18 2.23 40.64
CA LEU L 174 36.41 3.27 39.97
C LEU L 174 34.92 2.94 40.04
N TYR L 175 34.35 3.17 41.21
CA TYR L 175 32.93 2.95 41.48
C TYR L 175 32.54 3.85 42.65
N GLY L 176 31.26 4.20 42.72
CA GLY L 176 30.78 5.05 43.79
C GLY L 176 29.27 5.02 43.96
N PRO L 177 28.80 5.30 45.18
CA PRO L 177 27.36 5.23 45.46
C PRO L 177 26.60 6.47 45.00
N VAL L 178 25.32 6.25 44.64
CA VAL L 178 24.39 7.30 44.28
C VAL L 178 23.06 7.03 44.96
N ILE L 179 22.59 7.94 45.79
CA ILE L 179 21.25 7.84 46.36
C ILE L 179 20.38 8.91 45.71
N VAL L 180 19.15 8.53 45.37
CA VAL L 180 18.13 9.45 44.90
C VAL L 180 16.92 9.29 45.82
N ARG L 181 16.50 10.39 46.45
CA ARG L 181 15.47 10.36 47.46
C ARG L 181 14.16 10.89 46.91
N ARG L 182 13.06 10.29 47.38
CA ARG L 182 11.71 10.67 47.05
C ARG L 182 11.14 11.59 48.11
N LYS L 183 10.33 12.55 47.67
CA LYS L 183 9.58 13.43 48.56
C LYS L 183 9.05 12.65 49.76
N GLY L 184 9.48 13.06 50.96
CA GLY L 184 9.00 12.46 52.18
C GLY L 184 9.79 11.26 52.69
N ASP L 185 10.73 10.74 51.92
CA ASP L 185 11.64 9.72 52.44
C ASP L 185 12.29 10.22 53.73
N VAL L 186 12.22 9.41 54.78
CA VAL L 186 12.90 9.77 56.02
C VAL L 186 14.40 9.85 55.79
N LEU L 187 15.05 10.87 56.39
CA LEU L 187 16.48 11.03 56.23
C LEU L 187 17.23 10.35 57.36
N PRO L 188 18.51 10.00 57.15
CA PRO L 188 19.26 9.29 58.18
C PRO L 188 20.28 10.14 58.91
N ASP L 189 20.65 9.71 60.12
CA ASP L 189 21.72 10.37 60.84
C ASP L 189 23.07 10.09 60.19
N ALA L 190 23.21 8.92 59.57
CA ALA L 190 24.48 8.52 58.96
C ALA L 190 24.21 7.63 57.76
N THR L 191 25.10 7.72 56.78
CA THR L 191 25.07 6.90 55.56
C THR L 191 26.46 6.31 55.33
N HIS L 192 26.54 4.98 55.23
CA HIS L 192 27.78 4.27 54.96
C HIS L 192 27.64 3.37 53.74
N THR L 193 28.72 3.27 52.96
CA THR L 193 28.71 2.52 51.71
C THR L 193 29.61 1.30 51.84
N ILE L 194 29.04 0.12 51.65
CA ILE L 194 29.76 -1.15 51.70
C ILE L 194 29.73 -1.75 50.30
N VAL L 195 30.88 -1.87 49.66
CA VAL L 195 30.97 -2.43 48.31
C VAL L 195 31.71 -3.76 48.37
N PHE L 196 31.04 -4.83 47.94
CA PHE L 196 31.68 -6.13 47.70
C PHE L 196 32.24 -6.14 46.28
N ASN L 197 33.54 -5.79 46.16
CA ASN L 197 34.23 -5.77 44.86
C ASN L 197 35.15 -6.98 44.74
N ASP L 198 34.75 -7.95 43.92
CA ASP L 198 35.33 -9.29 44.00
C ASP L 198 35.42 -9.72 45.46
N MET L 199 36.60 -10.06 45.95
CA MET L 199 36.74 -10.61 47.31
C MET L 199 37.08 -9.57 48.36
N THR L 200 36.79 -8.30 48.13
CA THR L 200 37.17 -7.26 49.07
C THR L 200 35.95 -6.46 49.48
N ILE L 201 36.10 -5.71 50.57
CA ILE L 201 35.16 -4.67 50.95
C ILE L 201 35.83 -3.34 50.68
N ASN L 202 35.22 -2.53 49.80
CA ASN L 202 35.73 -1.21 49.42
C ASN L 202 37.21 -1.22 49.05
N ASN L 203 37.64 -2.30 48.38
CA ASN L 203 39.02 -2.50 47.90
C ASN L 203 40.05 -2.54 49.02
N ARG L 204 39.63 -2.75 50.26
CA ARG L 204 40.58 -2.85 51.35
C ARG L 204 41.20 -4.24 51.38
N PRO L 205 42.39 -4.41 51.95
CA PRO L 205 42.97 -5.74 52.06
C PRO L 205 42.22 -6.57 53.09
N ALA L 206 42.39 -7.88 52.97
CA ALA L 206 41.58 -8.80 53.76
C ALA L 206 41.65 -8.47 55.25
N HIS L 207 40.52 -8.65 55.93
CA HIS L 207 40.46 -8.55 57.39
C HIS L 207 40.82 -7.16 57.89
N THR L 208 40.36 -6.12 57.18
CA THR L 208 40.55 -4.74 57.63
C THR L 208 39.24 -3.97 57.62
N GLY L 209 38.13 -4.64 57.88
CA GLY L 209 36.85 -3.97 57.89
C GLY L 209 36.41 -3.58 56.49
N PRO L 210 35.82 -2.39 56.31
CA PRO L 210 35.75 -1.26 57.27
C PRO L 210 34.82 -1.47 58.44
N ASN L 211 35.10 -0.73 59.50
CA ASN L 211 34.20 -0.63 60.64
C ASN L 211 33.54 0.73 60.60
N PHE L 212 32.27 0.76 60.99
CA PHE L 212 31.48 1.98 61.04
C PHE L 212 30.92 2.13 62.45
N GLU L 213 30.79 3.37 62.90
CA GLU L 213 30.39 3.66 64.27
C GLU L 213 29.07 4.42 64.32
N ALA L 214 28.24 4.04 65.29
CA ALA L 214 26.99 4.73 65.57
C ALA L 214 26.73 4.62 67.07
N THR L 215 25.64 5.25 67.53
CA THR L 215 25.17 5.15 68.90
C THR L 215 23.75 4.59 68.89
N VAL L 216 23.39 3.85 69.94
CA VAL L 216 22.04 3.28 70.02
C VAL L 216 21.03 4.37 69.68
N GLY L 217 20.03 4.02 68.86
CA GLY L 217 19.02 4.96 68.47
C GLY L 217 19.30 5.67 67.15
N ASP L 218 20.57 5.85 66.76
CA ASP L 218 20.87 6.49 65.47
C ASP L 218 20.21 5.74 64.31
N ARG L 219 19.43 6.45 63.52
CA ARG L 219 18.94 5.88 62.27
C ARG L 219 20.07 5.85 61.26
N VAL L 220 20.53 4.63 60.91
CA VAL L 220 21.72 4.44 60.09
C VAL L 220 21.29 3.92 58.72
N GLU L 221 21.89 4.47 57.66
CA GLU L 221 21.59 4.12 56.28
C GLU L 221 22.81 3.43 55.68
N ILE L 222 22.58 2.28 55.05
CA ILE L 222 23.64 1.52 54.37
C ILE L 222 23.33 1.48 52.88
N VAL L 223 24.32 1.78 52.06
CA VAL L 223 24.26 1.54 50.62
C VAL L 223 25.22 0.40 50.32
N MET L 224 24.71 -0.64 49.66
CA MET L 224 25.38 -1.93 49.47
C MET L 224 25.51 -2.19 47.98
N ILE L 225 26.73 -2.14 47.46
CA ILE L 225 26.97 -2.32 46.03
C ILE L 225 27.88 -3.54 45.85
N THR L 226 27.65 -4.30 44.78
CA THR L 226 28.51 -5.43 44.44
C THR L 226 29.14 -5.20 43.08
N HIS L 227 30.37 -5.72 42.90
CA HIS L 227 31.09 -5.58 41.64
C HIS L 227 32.03 -6.74 41.42
N GLY L 228 32.37 -6.98 40.15
CA GLY L 228 33.37 -7.98 39.75
C GLY L 228 32.86 -9.27 39.15
N GLU L 229 33.25 -10.41 39.74
CA GLU L 229 32.94 -11.74 39.22
C GLU L 229 32.00 -12.56 40.07
N TYR L 230 31.94 -12.31 41.38
CA TYR L 230 31.34 -13.24 42.32
C TYR L 230 29.97 -12.77 42.78
N TYR L 231 29.09 -13.74 43.00
CA TYR L 231 27.95 -13.54 43.87
C TYR L 231 28.42 -13.47 45.34
N HIS L 232 27.65 -12.76 46.15
CA HIS L 232 27.91 -12.66 47.58
C HIS L 232 26.56 -12.80 48.28
N THR L 233 26.59 -12.82 49.63
CA THR L 233 25.41 -12.69 50.48
C THR L 233 25.73 -11.73 51.62
N PHE L 234 25.13 -10.54 51.60
CA PHE L 234 25.38 -9.53 52.61
C PHE L 234 24.57 -9.83 53.86
N HIS L 235 25.20 -9.74 55.03
CA HIS L 235 24.60 -10.15 56.28
C HIS L 235 25.04 -9.23 57.42
N MET L 236 24.08 -8.80 58.24
CA MET L 236 24.35 -7.99 59.43
C MET L 236 23.81 -8.69 60.65
N HIS L 237 24.64 -8.81 61.68
CA HIS L 237 24.18 -9.35 62.95
C HIS L 237 23.30 -8.33 63.65
N GLY L 238 22.26 -8.82 64.32
CA GLY L 238 21.40 -8.03 65.19
C GLY L 238 20.49 -7.02 64.53
N HIS L 239 20.50 -6.89 63.21
CA HIS L 239 19.72 -5.85 62.55
C HIS L 239 19.16 -6.41 61.26
N ALA L 240 17.85 -6.35 61.10
CA ALA L 240 17.15 -6.79 59.90
C ALA L 240 16.53 -5.60 59.18
N TRP L 241 16.06 -5.83 57.95
CA TRP L 241 15.49 -4.76 57.16
C TRP L 241 14.44 -5.33 56.20
N ALA L 242 13.75 -4.44 55.51
CA ALA L 242 12.71 -4.82 54.56
C ALA L 242 13.30 -4.87 53.14
N ASP L 243 12.94 -5.90 52.39
CA ASP L 243 13.51 -6.09 51.04
C ASP L 243 12.66 -5.30 50.05
N ASN L 244 12.89 -3.99 50.03
CA ASN L 244 12.21 -3.10 49.11
C ASN L 244 13.09 -1.86 48.94
N ARG L 245 12.48 -0.76 48.47
CA ARG L 245 13.27 0.39 48.01
C ARG L 245 13.99 1.10 49.15
N THR L 246 13.30 1.32 50.27
CA THR L 246 13.83 2.06 51.41
C THR L 246 14.47 1.17 52.47
N GLY L 247 14.17 -0.12 52.48
CA GLY L 247 14.59 -0.98 53.56
C GLY L 247 13.61 -1.01 54.72
N MET L 248 12.51 -0.27 54.63
CA MET L 248 11.55 -0.12 55.70
C MET L 248 10.16 -0.38 55.15
N LEU L 249 9.38 -1.17 55.90
CA LEU L 249 8.00 -1.41 55.51
C LEU L 249 7.21 -0.11 55.49
N THR L 250 6.44 0.09 54.40
CA THR L 250 5.62 1.29 54.27
C THR L 250 4.53 1.34 55.35
N GLY L 251 4.06 0.17 55.77
CA GLY L 251 3.13 0.06 56.86
C GLY L 251 2.64 -1.37 57.03
N PRO L 252 1.51 -1.54 57.71
CA PRO L 252 1.00 -2.89 57.98
C PRO L 252 0.41 -3.61 56.78
N ASP L 253 0.41 -2.99 55.59
CA ASP L 253 -0.04 -3.61 54.36
C ASP L 253 1.10 -3.94 53.41
N ASP L 254 2.34 -3.90 53.89
CA ASP L 254 3.51 -4.11 53.06
C ASP L 254 4.01 -5.53 53.22
N PRO L 255 3.88 -6.39 52.21
CA PRO L 255 4.27 -7.80 52.37
C PRO L 255 5.75 -8.08 52.10
N SER L 256 6.57 -7.05 51.93
CA SER L 256 7.99 -7.27 51.69
C SER L 256 8.56 -8.19 52.75
N GLN L 257 9.30 -9.20 52.30
CA GLN L 257 9.91 -10.12 53.23
C GLN L 257 10.94 -9.35 54.07
N VAL L 258 10.96 -9.64 55.37
CA VAL L 258 11.95 -9.06 56.28
C VAL L 258 13.17 -9.97 56.36
N ILE L 259 14.37 -9.41 56.20
CA ILE L 259 15.57 -10.20 55.98
C ILE L 259 16.76 -9.56 56.69
N ASP L 260 17.75 -10.39 56.97
CA ASP L 260 19.06 -9.89 57.40
C ASP L 260 20.17 -10.51 56.58
N ASN L 261 19.83 -11.09 55.43
CA ASN L 261 20.75 -11.80 54.55
C ASN L 261 20.16 -11.69 53.15
N LYS L 262 20.99 -11.33 52.18
CA LYS L 262 20.53 -11.00 50.83
C LYS L 262 21.61 -11.39 49.83
N ILE L 263 21.25 -12.21 48.84
CA ILE L 263 22.18 -12.53 47.77
C ILE L 263 22.30 -11.33 46.82
N CYS L 264 23.52 -11.05 46.38
CA CYS L 264 23.78 -10.03 45.40
C CYS L 264 24.84 -10.51 44.43
N GLY L 265 24.84 -9.95 43.22
CA GLY L 265 25.89 -10.22 42.27
C GLY L 265 26.40 -8.93 41.67
N PRO L 266 27.30 -9.03 40.69
CA PRO L 266 27.92 -7.83 40.11
C PRO L 266 26.92 -6.79 39.60
N ALA L 267 27.16 -5.55 40.04
CA ALA L 267 26.38 -4.34 39.80
C ALA L 267 25.00 -4.34 40.43
N ASP L 268 24.69 -5.28 41.33
CA ASP L 268 23.54 -5.12 42.19
C ASP L 268 23.77 -3.96 43.16
N SER L 269 22.71 -3.23 43.45
CA SER L 269 22.79 -2.18 44.46
C SER L 269 21.47 -2.12 45.21
N PHE L 270 21.58 -1.88 46.51
CA PHE L 270 20.37 -1.75 47.30
C PHE L 270 20.74 -1.05 48.59
N GLY L 271 19.72 -0.61 49.31
CA GLY L 271 19.99 0.13 50.52
C GLY L 271 18.87 -0.06 51.51
N PHE L 272 19.14 0.36 52.74
CA PHE L 272 18.18 0.23 53.82
C PHE L 272 18.59 1.19 54.94
N GLN L 273 17.68 1.35 55.89
CA GLN L 273 17.99 2.12 57.09
C GLN L 273 17.52 1.35 58.32
N ILE L 274 18.36 1.35 59.36
CA ILE L 274 18.09 0.64 60.60
C ILE L 274 18.24 1.61 61.77
N ILE L 275 17.65 1.24 62.91
CA ILE L 275 17.86 1.96 64.16
C ILE L 275 18.94 1.20 64.91
N ALA L 276 20.15 1.76 64.93
CA ALA L 276 21.28 1.12 65.59
C ALA L 276 20.87 0.66 66.97
N GLY L 277 21.05 -0.63 67.23
CA GLY L 277 20.77 -1.22 68.52
C GLY L 277 19.32 -1.52 68.82
N GLU L 278 18.41 -1.36 67.87
CA GLU L 278 16.99 -1.44 68.17
C GLU L 278 16.61 -2.87 68.54
N GLY L 279 16.11 -3.06 69.77
CA GLY L 279 15.80 -4.37 70.29
C GLY L 279 16.99 -5.21 70.67
N VAL L 280 18.22 -4.73 70.40
CA VAL L 280 19.39 -5.57 70.56
C VAL L 280 20.46 -4.93 71.40
N GLY L 281 20.47 -3.61 71.51
CA GLY L 281 21.40 -2.90 72.36
C GLY L 281 22.75 -2.71 71.70
N ALA L 282 23.67 -2.17 72.50
CA ALA L 282 25.00 -1.81 72.04
C ALA L 282 25.90 -3.05 71.88
N GLY L 283 27.04 -2.83 71.24
CA GLY L 283 28.01 -3.89 71.00
C GLY L 283 28.70 -3.80 69.65
N ALA L 284 29.67 -4.67 69.46
CA ALA L 284 30.35 -4.81 68.17
C ALA L 284 29.55 -5.81 67.34
N TRP L 285 28.74 -5.31 66.41
CA TRP L 285 27.89 -6.15 65.57
C TRP L 285 28.62 -6.47 64.26
N MET L 286 28.88 -7.75 64.02
CA MET L 286 29.56 -8.15 62.80
C MET L 286 28.64 -7.94 61.61
N TYR L 287 29.25 -7.52 60.50
CA TYR L 287 28.67 -7.67 59.18
C TYR L 287 29.70 -8.36 58.28
N HIS L 288 29.22 -9.19 57.37
CA HIS L 288 30.14 -9.94 56.53
C HIS L 288 29.40 -10.54 55.32
N CYS L 289 30.15 -10.89 54.29
CA CYS L 289 29.62 -11.82 53.31
C CYS L 289 29.39 -13.15 53.99
N HIS L 290 28.29 -13.82 53.67
CA HIS L 290 28.04 -15.08 54.36
C HIS L 290 28.48 -16.31 53.57
N VAL L 291 28.94 -16.14 52.33
CA VAL L 291 29.64 -17.22 51.66
C VAL L 291 30.86 -17.58 52.50
N GLN L 292 31.01 -18.86 52.83
CA GLN L 292 31.84 -19.18 54.00
C GLN L 292 33.32 -18.95 53.72
N SER L 293 33.79 -19.27 52.52
CA SER L 293 35.17 -18.94 52.21
C SER L 293 35.43 -17.45 52.14
N HIS L 294 34.39 -16.63 51.93
CA HIS L 294 34.57 -15.19 51.77
C HIS L 294 34.73 -14.50 53.12
N SER L 295 33.83 -14.76 54.08
CA SER L 295 34.06 -14.28 55.45
C SER L 295 35.41 -14.76 55.98
N ASP L 296 35.71 -16.06 55.84
CA ASP L 296 36.95 -16.64 56.37
C ASP L 296 38.18 -15.99 55.78
N MET L 297 38.08 -15.45 54.56
CA MET L 297 39.20 -14.77 53.90
C MET L 297 39.16 -13.26 54.05
N GLY L 298 38.22 -12.71 54.81
CA GLY L 298 38.33 -11.30 55.13
C GLY L 298 37.15 -10.38 54.85
N MET L 299 36.16 -10.82 54.08
CA MET L 299 34.97 -9.99 53.89
C MET L 299 34.15 -9.95 55.17
N VAL L 300 34.67 -9.23 56.16
CA VAL L 300 34.10 -9.16 57.50
C VAL L 300 34.32 -7.74 58.03
N GLY L 301 33.34 -7.21 58.75
CA GLY L 301 33.48 -5.90 59.33
C GLY L 301 32.70 -5.80 60.63
N LEU L 302 32.74 -4.61 61.24
CA LEU L 302 32.07 -4.38 62.51
C LEU L 302 31.25 -3.11 62.44
N PHE L 303 29.98 -3.22 62.83
CA PHE L 303 29.10 -2.08 63.06
C PHE L 303 29.16 -1.81 64.56
N LEU L 304 29.98 -0.83 64.96
CA LEU L 304 30.23 -0.53 66.38
C LEU L 304 29.13 0.38 66.91
N VAL L 305 28.20 -0.18 67.68
CA VAL L 305 27.06 0.55 68.21
C VAL L 305 27.37 0.90 69.66
N LYS L 306 27.54 2.20 69.93
CA LYS L 306 28.02 2.68 71.22
C LYS L 306 26.88 2.98 72.19
N LYS L 307 27.20 2.90 73.46
CA LYS L 307 26.31 3.31 74.50
C LYS L 307 26.32 4.83 74.49
N PRO L 308 25.27 5.44 74.98
CA PRO L 308 25.27 6.90 74.93
C PRO L 308 26.52 7.54 75.53
N ASP L 309 27.21 6.82 76.42
CA ASP L 309 28.46 7.31 77.00
C ASP L 309 29.69 6.95 76.17
N GLY L 310 29.52 6.30 75.02
CA GLY L 310 30.64 6.03 74.15
C GLY L 310 31.31 4.68 74.35
N THR L 311 30.92 3.91 75.35
CA THR L 311 31.48 2.58 75.55
C THR L 311 30.79 1.57 74.63
N ILE L 312 31.58 0.66 74.09
CA ILE L 312 31.08 -0.51 73.37
C ILE L 312 31.30 -1.73 74.28
N PRO L 313 30.23 -2.32 74.81
CA PRO L 313 30.39 -3.42 75.78
C PRO L 313 30.83 -4.71 75.11
N GLY L 314 31.97 -5.25 75.55
CA GLY L 314 32.54 -6.44 74.97
C GLY L 314 33.62 -6.18 73.95
N TYR L 315 34.03 -4.94 73.76
CA TYR L 315 34.93 -4.60 72.68
C TYR L 315 36.19 -3.89 73.16
CU CU M . -9.57 0.65 -29.42
CU CU N . -21.61 -2.60 -29.75
CU CU O . -23.50 -1.21 -32.82
CU CU P . 0.06 16.77 -32.00
CU CU Q . 3.97 5.75 -37.91
CU CU R . 4.07 17.28 -33.05
CU CU S . 0.97 19.56 -34.00
CU CU T . -0.60 -1.66 -54.70
C1 GOL U . 4.72 12.96 -67.64
O1 GOL U . 4.98 14.34 -67.97
C2 GOL U . 5.79 12.47 -66.66
O2 GOL U . 6.07 13.51 -65.71
C3 GOL U . 7.05 12.11 -67.42
O3 GOL U . 8.03 11.62 -66.50
CU CU V . -21.07 -3.38 -33.92
CU CU W . -5.50 -6.76 -43.79
CU CU X . -2.00 -5.50 -55.82
CU CU Y . -2.96 -2.18 -57.19
C1 GOL Z . -34.58 -9.61 -46.72
O1 GOL Z . -33.69 -10.50 -47.33
C2 GOL Z . -35.09 -8.64 -47.79
O2 GOL Z . -34.17 -7.61 -48.01
C3 GOL Z . -36.44 -8.12 -47.26
O3 GOL Z . -36.90 -7.24 -48.23
O1 OXY AA . -21.35 -3.78 -31.50
O2 OXY AA . -21.84 -2.86 -32.13
CU CU BA . -38.50 22.24 14.42
CU CU CA . -39.94 10.37 10.77
CU CU DA . -36.83 8.18 11.29
CU CU EA . -24.55 35.10 13.24
CU CU FA . -21.25 36.09 13.88
CU CU GA . -30.55 32.98 24.62
CU CU HA . -23.80 38.40 15.50
CU CU IA . -26.88 20.99 38.54
O1 PER JA . -28.79 19.51 40.33
O2 PER JA . -27.59 19.62 39.50
C1 GOL KA . -9.21 27.52 43.17
O1 GOL KA . -8.72 28.56 42.40
C2 GOL KA . -8.46 27.56 44.46
O2 GOL KA . -9.20 28.26 45.44
C3 GOL KA . -8.14 26.16 44.87
O3 GOL KA . -6.96 25.83 44.18
CU CU LA . -38.25 9.34 14.36
CU CU MA . -36.91 18.70 30.56
CU CU NA . -29.61 17.82 40.64
CU CU OA . -25.68 17.77 39.73
CU CU PA . 11.39 -1.43 -19.83
CU CU QA . 21.40 3.90 -14.37
CU CU RA . 1.90 -17.73 -17.89
CU CU SA . 5.58 -13.60 -29.79
CU CU TA . -0.76 -19.95 -20.72
CU CU UA . 1.71 -21.31 -18.01
CU CU VA . 21.36 -16.58 -39.63
O1 OXY WA . 0.58 -19.13 -19.33
O2 OXY WA . 0.02 -18.07 -19.55
CU CU XA . 23.68 1.86 -17.09
CU CU YA . 24.27 1.39 -13.65
CU CU ZA . 19.28 -5.00 -34.03
CU CU AB . 24.01 -13.68 -41.67
CU CU BB . 24.86 -17.08 -39.83
CU CU CB . 26.76 -13.89 33.19
CU CU DB . 27.22 -1.72 31.08
CU CU EB . 24.60 0.55 33.15
CU CU FB . 12.90 -26.63 35.04
O1 OXY GB . 27.64 -1.20 33.21
O2 OXY GB . 26.54 -0.69 33.08
CU CU HB . 22.61 -26.27 43.71
CU CU IB . 12.90 -30.35 37.01
CU CU JB . 9.90 -27.76 36.67
CU CU KB . 24.67 -16.67 59.87
CU CU LB . 26.95 -1.09 35.34
CU CU MB . 31.16 -12.92 49.18
CU CU NB . 27.99 -14.22 61.17
CU CU OB . 24.24 -13.78 61.78
#